data_8G9S
#
_entry.id   8G9S
#
_cell.length_a   1.00
_cell.length_b   1.00
_cell.length_c   1.00
_cell.angle_alpha   90.00
_cell.angle_beta   90.00
_cell.angle_gamma   90.00
#
_symmetry.space_group_name_H-M   'P 1'
#
loop_
_entity.id
_entity.type
_entity.pdbx_description
1 polymer Cas7
2 polymer Cas11
3 polymer Cas5
4 polymer 'RNA (42-MER)'
5 polymer Cas8
6 polymer AcrIC8
#
loop_
_entity_poly.entity_id
_entity_poly.type
_entity_poly.pdbx_seq_one_letter_code
_entity_poly.pdbx_strand_id
1 'polypeptide(L)'
;TIEKRYDFVFLFDVQDGNPNGDPDAGNLPRIDPQTGEGLVTDVCLKRKVRNFIQMTQNDEHHDIFIREKGILNNLIDEAH
EQENVKGKEKGEKTEAARQYMCSRYYDIRTFGAVMTTGKNAGQVRGPVQLTFSRSIDPIMTLEHSITRMAVTNEKDASET
GDNRTMGRKFTVPYGLYRCHGFISTHFAKQTGFSENDLELFWQALVNMFDHDHSAARGQMNARGLYVFEHSNNLGDAPAD
SLFKRIQVVKKDGVEVVRSFDDYLVSVDDKNLEETKLLRKLGG
;
B,C,D,E,F,G,M
2 'polypeptide(L)'
;GLDRNRQDIGYVLGRLFAVLEKIQAEANPGLNATIADRYFGSASSTPIAVFGTLMRLLPHHLNKLEFEGRAVQLQWEIRQ
ILEHCQRFPNHLNLEQQGLFAIGYYHETQFLFTKDALKNLFNEA
;
H,I,J,L
3 'polypeptide(L)'
;RFILEISGDLACFTRSELKVERVSYPVITPAAARNILMAILWKPAIRWKVLKIEILKPIQWTNIRRNEVGTKMSERSGSL
YIEDNRQQRASMLLKDVAYRIHADFDMTSEAGESDNYVKFAEMFKRRAKKGQYFHQPYLGCREFPCDFRLLEKAEDGLPL
EDITQDFGFMLYDMDFSKSDPRDSNNAEPMFYQCKAVNGVITVPP
;
N
4 'polyribonucleotide' AUUGAAACAGGGUCAGCUUGCCGUAGGUGGCAUCGCCCUCGU O
5 'polypeptide(L)'
;MILHALTQYYQRKAESAQKGICLVTGKAAPIARLHNAVKGVNAKPAPFASVNLSAFESYGKEQGFAFPIGEQAMFEYTTA
LNTLLAGENRFRIGDVTTVCWGAKRTPLEESLASMINGGGKDKPDEHIDAVKTLYKSLYNGQYQKPDGKEKFYLLGLSPN
SARIVVRFWHETTVAALSESIAAWYDDLQMVRGENSPYPEYMPLPRLLGNLVLDGKMENLPSDLIAQITDAALNNRVLPV
SLLQAALRRNKAEQKITYGRASLLKAYINRAIRAGRLKNMKELTMGLDRNRQDIGYVLGRLFAVLEKIQAEANPGLNATI
ADRYFGSASSTPIAVFGTLMRLLPHHLNKLEFEGRAVQLQWEIRQILEHCQRFPNHLNLEQQGLFAIGYYHETQFLFTKD
ALKNLFNEA
;
K
6 'polypeptide(L)' SMYAIRKIQFFYGPTDKKSYVGEEAGGRRELFKTRAEAQARIEDLEEGVYYLAHNESGRPDYKIVWVRGE A
#
# COMPACT_ATOMS: atom_id res chain seq x y z
N THR A 1 20.55 -12.60 62.10
CA THR A 1 19.70 -12.17 61.02
C THR A 1 20.26 -10.91 60.36
N ILE A 2 19.56 -10.41 59.34
CA ILE A 2 20.05 -9.27 58.59
C ILE A 2 20.00 -8.03 59.45
N GLU A 3 20.60 -6.94 58.96
CA GLU A 3 20.74 -5.77 59.79
C GLU A 3 19.84 -4.64 59.34
N LYS A 4 19.91 -4.29 58.06
CA LYS A 4 19.41 -3.01 57.59
C LYS A 4 18.35 -3.22 56.54
N ARG A 5 17.26 -2.47 56.66
CA ARG A 5 16.14 -2.57 55.73
C ARG A 5 16.60 -2.21 54.32
N TYR A 6 16.08 -2.95 53.32
CA TYR A 6 16.37 -2.71 51.91
C TYR A 6 15.13 -2.51 51.07
N ASP A 7 15.27 -1.70 50.02
CA ASP A 7 14.25 -1.55 48.99
C ASP A 7 14.93 -1.51 47.64
N PHE A 8 14.18 -1.83 46.58
CA PHE A 8 14.84 -1.91 45.29
C PHE A 8 13.85 -1.83 44.14
N VAL A 9 14.39 -1.54 42.96
CA VAL A 9 13.64 -1.40 41.73
C VAL A 9 14.27 -2.27 40.65
N PHE A 10 13.42 -2.96 39.88
CA PHE A 10 13.83 -4.03 38.98
C PHE A 10 13.24 -3.82 37.60
N LEU A 11 14.04 -4.07 36.56
CA LEU A 11 13.71 -3.74 35.18
C LEU A 11 14.09 -4.88 34.25
N PHE A 12 13.09 -5.48 33.60
CA PHE A 12 13.33 -6.58 32.68
C PHE A 12 12.36 -6.47 31.51
N ASP A 13 12.74 -7.06 30.37
CA ASP A 13 11.92 -6.96 29.18
C ASP A 13 11.74 -8.32 28.53
N VAL A 14 10.75 -8.40 27.65
CA VAL A 14 10.43 -9.62 26.91
C VAL A 14 10.71 -9.35 25.43
N GLN A 15 11.38 -10.29 24.78
CA GLN A 15 11.77 -10.08 23.39
C GLN A 15 10.71 -10.55 22.42
N ASP A 16 10.20 -11.77 22.60
CA ASP A 16 9.26 -12.38 21.66
C ASP A 16 8.52 -13.51 22.34
N GLY A 17 7.21 -13.36 22.47
CA GLY A 17 6.40 -14.35 23.13
C GLY A 17 5.83 -13.82 24.44
N ASN A 18 4.98 -14.66 25.04
CA ASN A 18 4.11 -14.20 26.12
C ASN A 18 4.75 -14.45 27.47
N PRO A 19 4.86 -13.44 28.32
CA PRO A 19 5.44 -13.68 29.66
C PRO A 19 4.49 -14.40 30.59
N ASN A 20 3.22 -14.03 30.59
CA ASN A 20 2.26 -14.69 31.46
C ASN A 20 0.93 -14.75 30.74
N GLY A 21 0.31 -15.93 30.78
CA GLY A 21 -0.88 -16.13 29.98
C GLY A 21 -2.12 -16.36 30.81
N ASP A 22 -3.16 -15.58 30.54
CA ASP A 22 -4.36 -15.64 31.34
C ASP A 22 -5.08 -16.96 31.14
N PRO A 23 -5.30 -17.74 32.20
CA PRO A 23 -6.11 -18.94 32.05
C PRO A 23 -7.57 -18.65 31.84
N ASP A 24 -7.95 -17.40 31.60
CA ASP A 24 -9.34 -17.12 31.31
C ASP A 24 -9.56 -16.90 29.83
N ALA A 25 -8.53 -16.44 29.11
CA ALA A 25 -8.64 -16.17 27.67
C ALA A 25 -7.44 -16.80 26.95
N GLY A 26 -7.58 -18.07 26.60
CA GLY A 26 -6.51 -18.74 25.88
C GLY A 26 -5.22 -18.62 26.66
N ASN A 27 -4.18 -18.16 25.99
CA ASN A 27 -2.96 -17.74 26.65
C ASN A 27 -2.62 -16.30 26.28
N LEU A 28 -3.63 -15.46 26.11
CA LEU A 28 -3.37 -14.05 25.87
C LEU A 28 -2.52 -13.50 26.99
N PRO A 29 -1.43 -12.79 26.68
CA PRO A 29 -0.67 -12.15 27.74
C PRO A 29 -1.57 -11.23 28.54
N ARG A 30 -1.37 -11.21 29.85
CA ARG A 30 -2.25 -10.42 30.70
C ARG A 30 -2.16 -8.97 30.31
N ILE A 31 -3.31 -8.31 30.26
CA ILE A 31 -3.40 -6.96 29.74
C ILE A 31 -4.33 -6.13 30.62
N ASP A 32 -3.92 -4.91 30.90
CA ASP A 32 -4.82 -3.98 31.56
C ASP A 32 -5.96 -3.63 30.60
N PRO A 33 -7.20 -3.64 31.08
CA PRO A 33 -8.32 -3.34 30.16
C PRO A 33 -8.27 -1.94 29.59
N GLN A 34 -7.81 -0.94 30.35
CA GLN A 34 -7.93 0.43 29.88
C GLN A 34 -6.63 0.95 29.26
N THR A 35 -5.57 1.02 30.04
CA THR A 35 -4.35 1.66 29.53
C THR A 35 -3.74 0.85 28.41
N GLY A 36 -4.04 -0.45 28.36
CA GLY A 36 -3.44 -1.29 27.35
C GLY A 36 -2.04 -1.75 27.67
N GLU A 37 -1.65 -1.75 28.94
CA GLU A 37 -0.32 -2.20 29.32
C GLU A 37 -0.37 -3.61 29.89
N GLY A 38 0.77 -4.30 29.82
CA GLY A 38 0.85 -5.72 30.14
C GLY A 38 1.20 -5.93 31.60
N LEU A 39 0.61 -6.97 32.18
CA LEU A 39 0.76 -7.27 33.60
C LEU A 39 1.38 -8.65 33.76
N VAL A 40 2.32 -8.77 34.69
CA VAL A 40 2.94 -10.03 35.04
C VAL A 40 2.82 -10.20 36.54
N THR A 41 1.88 -11.05 36.97
CA THR A 41 1.66 -11.20 38.40
C THR A 41 2.91 -11.73 39.09
N ASP A 42 3.04 -11.36 40.36
CA ASP A 42 4.28 -11.64 41.09
C ASP A 42 4.54 -13.13 41.18
N VAL A 43 3.49 -13.92 41.44
CA VAL A 43 3.69 -15.33 41.72
C VAL A 43 4.49 -15.99 40.62
N CYS A 44 4.33 -15.52 39.38
CA CYS A 44 5.12 -16.04 38.29
C CYS A 44 6.60 -15.85 38.55
N LEU A 45 6.98 -14.62 38.90
CA LEU A 45 8.40 -14.35 39.13
C LEU A 45 8.89 -15.11 40.35
N LYS A 46 8.07 -15.17 41.39
CA LYS A 46 8.43 -15.98 42.54
C LYS A 46 8.69 -17.42 42.12
N ARG A 47 7.82 -17.98 41.30
CA ARG A 47 7.99 -19.34 40.85
C ARG A 47 9.30 -19.51 40.12
N LYS A 48 9.67 -18.50 39.34
CA LYS A 48 10.93 -18.60 38.63
C LYS A 48 12.11 -18.63 39.59
N VAL A 49 12.06 -17.82 40.64
CA VAL A 49 13.15 -17.86 41.61
C VAL A 49 13.21 -19.21 42.31
N ARG A 50 12.06 -19.74 42.68
CA ARG A 50 12.04 -21.06 43.28
C ARG A 50 12.68 -22.08 42.37
N ASN A 51 12.37 -22.01 41.08
CA ASN A 51 12.95 -22.97 40.15
C ASN A 51 14.45 -22.82 40.11
N PHE A 52 14.94 -21.59 40.14
CA PHE A 52 16.40 -21.42 40.13
C PHE A 52 17.02 -22.08 41.33
N ILE A 53 16.44 -21.87 42.50
CA ILE A 53 16.99 -22.52 43.69
C ILE A 53 16.97 -24.03 43.52
N GLN A 54 15.85 -24.58 43.05
CA GLN A 54 15.78 -26.02 42.82
C GLN A 54 16.93 -26.47 41.94
N MET A 55 17.26 -25.69 40.93
CA MET A 55 18.32 -26.12 40.04
C MET A 55 19.67 -26.08 40.73
N THR A 56 19.89 -25.11 41.59
CA THR A 56 21.24 -24.71 41.93
C THR A 56 21.82 -25.35 43.18
N GLN A 57 21.00 -25.85 44.11
CA GLN A 57 21.54 -26.20 45.42
C GLN A 57 21.50 -27.70 45.73
N ASN A 58 20.33 -28.33 45.70
CA ASN A 58 20.20 -29.75 45.99
C ASN A 58 20.85 -30.10 47.33
N ASP A 59 20.51 -29.33 48.35
CA ASP A 59 21.04 -29.60 49.68
C ASP A 59 19.95 -29.33 50.70
N GLU A 60 20.05 -30.02 51.84
CA GLU A 60 19.16 -29.72 52.94
C GLU A 60 19.47 -28.32 53.47
N HIS A 61 18.45 -27.69 54.03
CA HIS A 61 18.36 -26.28 54.39
C HIS A 61 18.01 -25.44 53.17
N HIS A 62 17.75 -26.04 52.02
CA HIS A 62 17.41 -25.26 50.84
C HIS A 62 16.32 -25.91 50.02
N ASP A 63 15.67 -26.94 50.55
CA ASP A 63 14.55 -27.51 49.84
C ASP A 63 13.41 -26.50 49.79
N ILE A 64 12.44 -26.76 48.92
CA ILE A 64 11.36 -25.82 48.67
C ILE A 64 10.04 -26.50 48.98
N PHE A 65 9.17 -25.79 49.69
CA PHE A 65 7.92 -26.37 50.13
C PHE A 65 7.01 -26.74 48.97
N ILE A 66 7.14 -26.06 47.85
CA ILE A 66 6.29 -26.31 46.70
C ILE A 66 7.14 -26.88 45.58
N ARG A 67 6.71 -28.01 45.01
CA ARG A 67 7.45 -28.63 43.93
C ARG A 67 6.51 -29.18 42.88
N GLU A 68 7.11 -29.85 41.90
CA GLU A 68 6.41 -30.19 40.67
C GLU A 68 5.26 -31.15 40.94
N LYS A 69 5.46 -32.12 41.82
CA LYS A 69 4.40 -33.05 42.19
C LYS A 69 4.73 -33.59 43.57
N GLY A 70 4.06 -33.08 44.59
CA GLY A 70 4.25 -33.57 45.94
C GLY A 70 3.02 -33.30 46.76
N ILE A 71 2.74 -34.18 47.71
CA ILE A 71 1.61 -34.01 48.61
C ILE A 71 2.05 -33.07 49.71
N LEU A 72 1.54 -31.84 49.70
CA LEU A 72 1.88 -30.91 50.76
C LEU A 72 1.57 -31.51 52.13
N ASN A 73 0.37 -32.06 52.28
CA ASN A 73 -0.06 -32.55 53.58
C ASN A 73 0.91 -33.59 54.11
N ASN A 74 1.44 -34.44 53.23
CA ASN A 74 2.44 -35.41 53.64
C ASN A 74 3.70 -34.72 54.13
N LEU A 75 4.13 -33.65 53.47
CA LEU A 75 5.30 -32.92 53.93
C LEU A 75 5.06 -32.34 55.31
N ILE A 76 3.89 -31.77 55.54
CA ILE A 76 3.58 -31.21 56.85
C ILE A 76 3.62 -32.30 57.90
N ASP A 77 3.00 -33.45 57.62
CA ASP A 77 3.00 -34.53 58.60
C ASP A 77 4.42 -35.00 58.88
N GLU A 78 5.22 -35.18 57.84
CA GLU A 78 6.60 -35.59 58.05
C GLU A 78 7.31 -34.62 58.98
N ALA A 79 7.18 -33.32 58.71
CA ALA A 79 7.81 -32.34 59.58
C ALA A 79 7.21 -32.40 60.98
N HIS A 80 5.99 -32.90 61.09
CA HIS A 80 5.27 -32.83 62.35
C HIS A 80 5.83 -33.82 63.36
N GLU A 81 6.15 -35.03 62.93
CA GLU A 81 6.63 -36.05 63.85
C GLU A 81 8.16 -36.00 63.95
N GLN A 82 8.61 -35.04 64.72
CA GLN A 82 10.01 -34.96 65.14
C GLN A 82 10.04 -34.62 66.62
N GLU A 83 11.21 -34.82 67.23
CA GLU A 83 11.30 -34.89 68.69
C GLU A 83 10.79 -33.62 69.36
N ASN A 84 11.19 -32.45 68.84
CA ASN A 84 10.75 -31.20 69.45
C ASN A 84 9.24 -31.05 69.35
N VAL A 85 8.68 -31.36 68.18
CA VAL A 85 7.24 -31.21 67.99
C VAL A 85 6.51 -32.27 68.80
N LYS A 86 7.05 -33.48 68.87
CA LYS A 86 6.41 -34.52 69.66
C LYS A 86 6.35 -34.15 71.14
N GLY A 87 7.43 -33.60 71.67
CA GLY A 87 7.52 -33.37 73.10
C GLY A 87 6.46 -32.42 73.61
N LYS A 88 6.29 -31.28 72.94
CA LYS A 88 5.38 -30.27 73.44
C LYS A 88 3.93 -30.71 73.29
N GLU A 89 3.05 -30.02 74.00
CA GLU A 89 1.62 -30.22 73.84
C GLU A 89 1.13 -29.36 72.68
N LYS A 90 -0.19 -29.30 72.50
CA LYS A 90 -0.76 -28.70 71.29
C LYS A 90 -0.42 -27.23 71.19
N GLY A 91 -0.50 -26.49 72.30
CA GLY A 91 -0.35 -25.05 72.24
C GLY A 91 1.01 -24.63 71.70
N GLU A 92 2.07 -25.30 72.15
CA GLU A 92 3.40 -25.01 71.65
C GLU A 92 3.77 -25.84 70.43
N LYS A 93 2.95 -26.84 70.12
CA LYS A 93 3.26 -27.73 69.00
C LYS A 93 3.30 -26.97 67.69
N THR A 94 2.34 -26.07 67.48
CA THR A 94 2.33 -25.31 66.24
C THR A 94 3.59 -24.47 66.10
N GLU A 95 4.01 -23.82 67.18
CA GLU A 95 5.20 -23.00 67.11
C GLU A 95 6.43 -23.84 66.83
N ALA A 96 6.52 -25.02 67.46
CA ALA A 96 7.65 -25.89 67.19
C ALA A 96 7.68 -26.31 65.73
N ALA A 97 6.51 -26.65 65.18
CA ALA A 97 6.45 -27.04 63.77
C ALA A 97 6.90 -25.90 62.87
N ARG A 98 6.41 -24.69 63.16
CA ARG A 98 6.87 -23.52 62.43
C ARG A 98 8.39 -23.42 62.47
N GLN A 99 8.96 -23.58 63.65
CA GLN A 99 10.40 -23.37 63.77
C GLN A 99 11.17 -24.40 62.98
N TYR A 100 10.74 -25.66 63.03
CA TYR A 100 11.43 -26.68 62.26
C TYR A 100 11.33 -26.39 60.77
N MET A 101 10.10 -26.18 60.28
CA MET A 101 9.94 -25.95 58.86
C MET A 101 10.78 -24.77 58.40
N CYS A 102 10.70 -23.66 59.13
CA CYS A 102 11.51 -22.51 58.78
C CYS A 102 12.99 -22.85 58.79
N SER A 103 13.41 -23.76 59.66
CA SER A 103 14.79 -24.17 59.61
C SER A 103 15.10 -24.87 58.30
N ARG A 104 14.15 -25.65 57.78
CA ARG A 104 14.47 -26.53 56.67
C ARG A 104 14.42 -25.82 55.32
N TYR A 105 13.24 -25.36 54.91
CA TYR A 105 13.01 -24.97 53.53
C TYR A 105 13.36 -23.50 53.32
N TYR A 106 14.35 -23.27 52.46
CA TYR A 106 14.76 -21.90 52.14
C TYR A 106 13.59 -21.07 51.64
N ASP A 107 12.71 -21.65 50.84
CA ASP A 107 11.60 -20.90 50.29
C ASP A 107 10.79 -20.25 51.39
N ILE A 108 10.35 -21.03 52.36
CA ILE A 108 9.49 -20.49 53.40
C ILE A 108 10.23 -19.39 54.15
N ARG A 109 11.53 -19.57 54.35
CA ARG A 109 12.31 -18.53 55.01
C ARG A 109 12.25 -17.23 54.24
N THR A 110 12.37 -17.30 52.91
CA THR A 110 12.45 -16.05 52.17
C THR A 110 11.09 -15.42 51.93
N PHE A 111 10.23 -16.07 51.18
CA PHE A 111 8.92 -15.55 50.89
C PHE A 111 7.99 -15.89 52.05
N GLY A 112 6.69 -15.72 51.85
CA GLY A 112 5.75 -16.14 52.85
C GLY A 112 5.51 -17.63 52.83
N ALA A 113 4.52 -18.07 53.60
CA ALA A 113 4.04 -19.45 53.52
C ALA A 113 2.81 -19.63 54.41
N VAL A 114 1.94 -20.54 53.99
CA VAL A 114 0.73 -20.89 54.74
C VAL A 114 0.73 -22.39 54.95
N MET A 115 0.40 -22.84 56.18
CA MET A 115 0.31 -24.27 56.44
C MET A 115 -0.64 -24.51 57.61
N THR A 116 -1.88 -24.86 57.29
CA THR A 116 -2.88 -25.18 58.31
C THR A 116 -3.74 -26.36 57.91
N THR A 117 -3.27 -27.19 56.96
CA THR A 117 -4.16 -28.13 56.30
C THR A 117 -4.51 -29.31 57.19
N GLY A 118 -3.52 -30.10 57.57
CA GLY A 118 -3.77 -31.28 58.38
C GLY A 118 -3.44 -31.01 59.82
N LYS A 119 -2.29 -31.49 60.28
CA LYS A 119 -1.74 -31.06 61.55
C LYS A 119 -1.20 -29.65 61.34
N ASN A 120 -1.98 -28.66 61.77
CA ASN A 120 -1.67 -27.28 61.45
C ASN A 120 -0.28 -26.92 61.94
N ALA A 121 0.44 -26.14 61.14
CA ALA A 121 1.75 -25.65 61.51
C ALA A 121 1.90 -24.15 61.25
N GLY A 122 0.80 -23.40 61.27
CA GLY A 122 0.88 -21.97 61.34
C GLY A 122 1.02 -21.26 60.01
N GLN A 123 1.22 -19.95 60.13
CA GLN A 123 1.29 -19.03 59.01
C GLN A 123 2.54 -18.19 59.20
N VAL A 124 3.23 -17.87 58.12
CA VAL A 124 4.40 -17.01 58.21
C VAL A 124 4.33 -15.97 57.10
N ARG A 125 4.53 -14.70 57.47
CA ARG A 125 4.39 -13.62 56.50
C ARG A 125 5.59 -13.53 55.58
N GLY A 126 6.78 -13.76 56.12
CA GLY A 126 7.96 -13.81 55.30
C GLY A 126 8.44 -12.43 54.91
N PRO A 127 9.76 -12.25 54.93
CA PRO A 127 10.30 -10.92 54.67
C PRO A 127 10.05 -10.39 53.27
N VAL A 128 10.53 -11.07 52.24
CA VAL A 128 10.74 -10.42 50.93
C VAL A 128 9.41 -10.50 50.18
N GLN A 129 8.53 -9.56 50.49
CA GLN A 129 7.36 -9.39 49.66
C GLN A 129 7.74 -8.68 48.38
N LEU A 130 6.89 -8.80 47.37
CA LEU A 130 7.22 -8.30 46.05
C LEU A 130 5.94 -8.00 45.29
N THR A 131 5.97 -6.91 44.52
CA THR A 131 4.76 -6.31 43.97
C THR A 131 4.54 -6.77 42.53
N PHE A 132 3.47 -6.28 41.93
CA PHE A 132 3.23 -6.55 40.53
C PHE A 132 4.31 -5.93 39.66
N SER A 133 4.21 -6.20 38.36
CA SER A 133 5.10 -5.61 37.40
C SER A 133 4.30 -5.04 36.24
N ARG A 134 4.65 -3.84 35.81
CA ARG A 134 3.90 -3.21 34.74
C ARG A 134 4.78 -2.97 33.53
N SER A 135 4.11 -2.68 32.43
CA SER A 135 4.77 -2.46 31.15
C SER A 135 4.68 -0.98 30.79
N ILE A 136 5.81 -0.41 30.37
CA ILE A 136 5.91 1.03 30.25
C ILE A 136 4.94 1.58 29.22
N ASP A 137 4.89 0.96 28.05
CA ASP A 137 4.11 1.49 26.93
C ASP A 137 3.31 0.38 26.29
N PRO A 138 2.09 0.69 25.85
CA PRO A 138 1.15 -0.38 25.49
C PRO A 138 1.73 -1.29 24.43
N ILE A 139 1.36 -2.56 24.52
CA ILE A 139 1.95 -3.61 23.69
C ILE A 139 0.86 -4.22 22.82
N MET A 140 1.28 -4.83 21.72
CA MET A 140 0.37 -5.48 20.79
C MET A 140 0.71 -6.95 20.69
N THR A 141 -0.30 -7.77 20.45
CA THR A 141 -0.15 -9.21 20.44
C THR A 141 -0.40 -9.72 19.03
N LEU A 142 0.50 -10.56 18.53
CA LEU A 142 0.44 -11.04 17.15
C LEU A 142 -0.08 -12.47 17.13
N GLU A 143 -1.37 -12.64 16.86
CA GLU A 143 -2.03 -13.93 17.02
C GLU A 143 -1.51 -14.88 15.95
N HIS A 144 -0.51 -15.68 16.27
CA HIS A 144 0.01 -16.59 15.28
C HIS A 144 -0.75 -17.91 15.29
N SER A 145 -0.78 -18.55 14.13
CA SER A 145 -1.48 -19.81 13.94
C SER A 145 -0.56 -20.85 13.32
N ILE A 146 -0.66 -22.10 13.80
CA ILE A 146 0.19 -23.18 13.31
C ILE A 146 -0.61 -24.46 13.12
N THR A 147 0.04 -25.46 12.53
CA THR A 147 -0.57 -26.69 12.07
C THR A 147 0.21 -27.90 12.55
N ARG A 148 -0.49 -28.98 12.87
CA ARG A 148 0.12 -30.26 13.15
C ARG A 148 -0.02 -31.19 11.94
N MET A 149 0.98 -32.03 11.72
CA MET A 149 0.94 -32.96 10.61
C MET A 149 0.68 -34.39 11.05
N ALA A 150 0.10 -34.59 12.22
CA ALA A 150 -0.46 -35.87 12.62
C ALA A 150 -1.79 -35.60 13.29
N VAL A 151 -2.45 -36.64 13.78
CA VAL A 151 -3.69 -36.50 14.52
C VAL A 151 -3.61 -37.34 15.79
N THR A 152 -4.09 -36.75 16.88
CA THR A 152 -3.82 -37.31 18.20
C THR A 152 -4.32 -38.74 18.33
N ASN A 153 -5.59 -38.96 18.03
CA ASN A 153 -6.20 -40.25 18.25
C ASN A 153 -6.52 -40.94 16.93
N GLU A 154 -6.91 -42.20 17.04
CA GLU A 154 -7.25 -43.00 15.87
C GLU A 154 -8.67 -42.76 15.40
N LYS A 155 -9.42 -41.91 16.11
CA LYS A 155 -10.83 -41.71 15.79
C LYS A 155 -11.01 -41.25 14.35
N ASP A 156 -10.16 -40.34 13.88
CA ASP A 156 -10.27 -39.77 12.54
C ASP A 156 -8.91 -39.81 11.87
N ALA A 157 -8.74 -40.76 10.95
CA ALA A 157 -7.61 -40.69 10.03
C ALA A 157 -7.74 -39.46 9.13
N SER A 158 -8.96 -39.18 8.67
CA SER A 158 -9.26 -37.99 7.88
C SER A 158 -10.41 -37.23 8.53
N GLU A 159 -10.23 -35.92 8.68
CA GLU A 159 -11.23 -35.04 9.27
C GLU A 159 -12.33 -34.74 8.25
N THR A 160 -13.41 -34.09 8.72
CA THR A 160 -14.45 -33.63 7.80
C THR A 160 -13.86 -32.82 6.66
N GLY A 161 -12.97 -31.88 6.98
CA GLY A 161 -12.09 -31.27 6.00
C GLY A 161 -10.70 -31.88 6.07
N ASP A 162 -9.70 -31.01 6.00
CA ASP A 162 -8.38 -31.44 6.41
C ASP A 162 -8.36 -31.56 7.93
N ASN A 163 -7.33 -32.24 8.45
CA ASN A 163 -7.16 -32.31 9.89
C ASN A 163 -7.12 -30.90 10.45
N ARG A 164 -7.91 -30.66 11.50
CA ARG A 164 -8.08 -29.28 11.97
C ARG A 164 -6.74 -28.72 12.44
N THR A 165 -6.20 -29.25 13.52
CA THR A 165 -4.81 -29.04 13.92
C THR A 165 -4.37 -27.59 13.83
N MET A 166 -5.32 -26.66 13.96
CA MET A 166 -5.02 -25.24 13.91
C MET A 166 -4.56 -24.80 15.28
N GLY A 167 -3.24 -24.65 15.44
CA GLY A 167 -2.72 -24.26 16.73
C GLY A 167 -2.32 -22.80 16.75
N ARG A 168 -2.56 -22.13 17.87
CA ARG A 168 -2.28 -20.71 18.01
C ARG A 168 -1.18 -20.53 19.03
N LYS A 169 -0.21 -19.68 18.71
CA LYS A 169 0.92 -19.41 19.59
C LYS A 169 1.15 -17.91 19.65
N PHE A 170 0.67 -17.27 20.72
CA PHE A 170 0.71 -15.82 20.80
C PHE A 170 2.13 -15.34 21.08
N THR A 171 2.41 -14.11 20.64
CA THR A 171 3.69 -13.46 20.93
C THR A 171 3.50 -11.95 21.06
N VAL A 172 4.50 -11.35 21.71
CA VAL A 172 4.58 -9.91 21.98
C VAL A 172 5.94 -9.41 21.51
N PRO A 173 6.00 -8.32 20.79
CA PRO A 173 7.27 -7.89 20.18
C PRO A 173 8.23 -7.19 21.11
N TYR A 174 7.76 -6.38 22.05
CA TYR A 174 8.68 -5.71 22.96
C TYR A 174 7.91 -5.04 24.07
N GLY A 175 8.63 -4.70 25.13
CA GLY A 175 8.06 -3.93 26.22
C GLY A 175 8.90 -4.06 27.46
N LEU A 176 9.11 -2.94 28.14
CA LEU A 176 9.86 -2.91 29.38
C LEU A 176 8.92 -3.04 30.55
N TYR A 177 9.23 -3.97 31.43
CA TYR A 177 8.50 -4.24 32.64
C TYR A 177 9.32 -3.79 33.84
N ARG A 178 8.67 -3.12 34.77
CA ARG A 178 9.31 -2.71 36.01
C ARG A 178 8.50 -3.21 37.18
N CYS A 179 9.22 -3.49 38.28
CA CYS A 179 8.60 -3.91 39.52
C CYS A 179 9.39 -3.39 40.71
N HIS A 180 8.73 -3.36 41.86
CA HIS A 180 9.27 -2.77 43.07
C HIS A 180 9.26 -3.80 44.19
N GLY A 181 10.37 -3.91 44.92
CA GLY A 181 10.50 -4.93 45.95
C GLY A 181 11.03 -4.38 47.25
N PHE A 182 10.54 -4.97 48.34
CA PHE A 182 10.89 -4.56 49.69
C PHE A 182 11.50 -5.71 50.46
N ILE A 183 12.24 -5.39 51.51
CA ILE A 183 12.71 -6.37 52.48
C ILE A 183 12.59 -5.76 53.86
N SER A 184 12.18 -6.56 54.85
CA SER A 184 11.91 -6.04 56.18
C SER A 184 12.88 -6.65 57.17
N THR A 185 13.46 -5.81 58.03
CA THR A 185 14.38 -6.32 59.05
C THR A 185 13.63 -7.02 60.17
N HIS A 186 12.62 -6.35 60.72
CA HIS A 186 11.98 -6.90 61.91
C HIS A 186 11.31 -8.22 61.61
N PHE A 187 10.52 -8.28 60.54
CA PHE A 187 9.95 -9.57 60.17
C PHE A 187 11.02 -10.61 59.91
N ALA A 188 12.20 -10.17 59.46
CA ALA A 188 13.28 -11.11 59.21
C ALA A 188 13.75 -11.77 60.49
N LYS A 189 13.85 -11.00 61.57
CA LYS A 189 14.37 -11.58 62.81
C LYS A 189 13.54 -12.77 63.26
N GLN A 190 12.26 -12.79 62.92
CA GLN A 190 11.39 -13.86 63.39
C GLN A 190 11.75 -15.20 62.77
N THR A 191 12.00 -15.24 61.47
CA THR A 191 12.27 -16.51 60.81
C THR A 191 13.74 -16.74 60.53
N GLY A 192 14.61 -15.85 60.97
CA GLY A 192 16.03 -16.12 60.85
C GLY A 192 16.61 -15.96 59.46
N PHE A 193 15.92 -15.25 58.58
CA PHE A 193 16.48 -14.99 57.26
C PHE A 193 17.81 -14.28 57.41
N SER A 194 18.88 -14.97 57.11
CA SER A 194 20.21 -14.49 57.42
C SER A 194 20.80 -13.74 56.23
N GLU A 195 21.91 -13.06 56.49
CA GLU A 195 22.53 -12.22 55.48
C GLU A 195 22.95 -13.03 54.26
N ASN A 196 23.61 -14.17 54.47
CA ASN A 196 24.11 -14.95 53.35
C ASN A 196 22.98 -15.34 52.40
N ASP A 197 21.81 -15.63 52.97
CA ASP A 197 20.68 -15.97 52.12
C ASP A 197 20.24 -14.77 51.29
N LEU A 198 20.35 -13.57 51.84
CA LEU A 198 20.08 -12.40 51.03
C LEU A 198 21.08 -12.30 49.89
N GLU A 199 22.34 -12.64 50.16
CA GLU A 199 23.31 -12.65 49.07
C GLU A 199 22.89 -13.60 47.96
N LEU A 200 22.46 -14.79 48.35
CA LEU A 200 21.98 -15.75 47.36
C LEU A 200 20.80 -15.17 46.59
N PHE A 201 19.92 -14.44 47.26
CA PHE A 201 18.76 -13.89 46.58
C PHE A 201 19.17 -12.86 45.54
N TRP A 202 20.13 -11.99 45.88
CA TRP A 202 20.60 -11.03 44.89
C TRP A 202 21.18 -11.75 43.68
N GLN A 203 22.03 -12.74 43.93
CA GLN A 203 22.57 -13.51 42.81
C GLN A 203 21.45 -14.08 41.96
N ALA A 204 20.41 -14.59 42.61
CA ALA A 204 19.27 -15.14 41.89
C ALA A 204 18.72 -14.11 40.92
N LEU A 205 18.22 -12.99 41.45
CA LEU A 205 17.57 -12.04 40.54
C LEU A 205 18.50 -11.57 39.45
N VAL A 206 19.79 -11.42 39.73
CA VAL A 206 20.68 -10.97 38.66
C VAL A 206 20.74 -12.02 37.56
N ASN A 207 20.83 -13.29 37.92
CA ASN A 207 20.96 -14.34 36.92
C ASN A 207 19.74 -15.23 36.85
N MET A 208 18.54 -14.67 36.91
CA MET A 208 17.36 -15.50 37.12
C MET A 208 16.85 -16.11 35.83
N PHE A 209 16.87 -15.35 34.73
CA PHE A 209 16.11 -15.75 33.55
C PHE A 209 16.84 -16.77 32.70
N ASP A 210 18.17 -16.71 32.67
CA ASP A 210 18.92 -17.56 31.76
C ASP A 210 18.59 -19.03 31.98
N HIS A 211 18.15 -19.38 33.18
CA HIS A 211 17.88 -20.78 33.46
C HIS A 211 16.40 -21.12 33.37
N ASP A 212 15.59 -20.30 32.72
CA ASP A 212 14.20 -20.61 32.45
C ASP A 212 13.89 -20.36 30.99
N HIS A 213 13.83 -21.43 30.19
CA HIS A 213 13.54 -21.31 28.79
C HIS A 213 12.40 -22.25 28.43
N SER A 214 11.67 -21.92 27.37
CA SER A 214 10.47 -22.66 27.03
C SER A 214 10.11 -22.36 25.59
N ALA A 215 9.14 -23.11 25.08
CA ALA A 215 8.65 -22.81 23.75
C ALA A 215 7.94 -21.47 23.71
N ALA A 216 7.01 -21.25 24.62
CA ALA A 216 6.16 -20.08 24.51
C ALA A 216 6.88 -18.79 24.91
N ARG A 217 7.84 -18.87 25.82
CA ARG A 217 8.39 -17.65 26.39
C ARG A 217 9.17 -16.84 25.37
N GLY A 218 10.06 -17.49 24.65
CA GLY A 218 10.97 -16.76 23.82
C GLY A 218 12.06 -16.11 24.66
N GLN A 219 12.84 -15.26 24.00
CA GLN A 219 14.02 -14.70 24.66
C GLN A 219 13.58 -13.68 25.70
N MET A 220 14.12 -13.79 26.91
CA MET A 220 13.93 -12.81 27.95
C MET A 220 15.29 -12.47 28.53
N ASN A 221 15.37 -11.37 29.26
CA ASN A 221 16.58 -10.97 29.96
C ASN A 221 16.29 -9.75 30.82
N ALA A 222 17.17 -9.50 31.77
CA ALA A 222 16.96 -8.49 32.79
C ALA A 222 17.99 -7.40 32.65
N ARG A 223 17.55 -6.15 32.76
CA ARG A 223 18.42 -4.99 32.55
C ARG A 223 18.80 -4.28 33.83
N GLY A 224 17.84 -3.84 34.61
CA GLY A 224 18.15 -2.93 35.71
C GLY A 224 17.86 -3.43 37.09
N LEU A 225 18.77 -3.21 38.02
CA LEU A 225 18.54 -3.49 39.44
C LEU A 225 19.17 -2.39 40.26
N TYR A 226 18.35 -1.52 40.82
CA TYR A 226 18.83 -0.39 41.62
C TYR A 226 18.35 -0.55 43.05
N VAL A 227 19.28 -0.45 44.00
CA VAL A 227 19.03 -0.86 45.38
C VAL A 227 19.25 0.32 46.29
N PHE A 228 18.25 0.59 47.14
CA PHE A 228 18.35 1.59 48.18
C PHE A 228 18.51 0.90 49.51
N GLU A 229 19.57 1.24 50.21
CA GLU A 229 19.96 0.63 51.47
C GLU A 229 19.77 1.66 52.58
N HIS A 230 18.74 1.43 53.40
CA HIS A 230 18.49 2.29 54.54
C HIS A 230 19.61 2.15 55.55
N SER A 231 19.80 3.19 56.37
CA SER A 231 20.87 3.19 57.35
C SER A 231 20.40 2.68 58.71
N ASN A 232 19.42 3.34 59.31
CA ASN A 232 18.93 2.88 60.60
C ASN A 232 17.82 1.86 60.42
N ASN A 233 17.49 1.17 61.51
CA ASN A 233 16.41 0.19 61.48
C ASN A 233 15.12 0.80 60.96
N LEU A 234 14.70 1.90 61.54
CA LEU A 234 13.50 2.54 61.04
C LEU A 234 13.84 3.28 59.75
N GLY A 235 12.80 3.69 59.03
CA GLY A 235 13.02 4.28 57.72
C GLY A 235 13.73 5.62 57.81
N ASP A 236 14.57 5.89 56.80
CA ASP A 236 15.13 7.22 56.66
C ASP A 236 14.10 8.18 56.08
N ALA A 237 13.35 7.75 55.08
CA ALA A 237 12.32 8.56 54.45
C ALA A 237 11.35 7.62 53.74
N PRO A 238 10.18 8.10 53.35
CA PRO A 238 9.25 7.24 52.60
C PRO A 238 9.88 6.77 51.30
N ALA A 239 9.48 5.57 50.88
CA ALA A 239 10.10 4.94 49.72
C ALA A 239 9.78 5.69 48.44
N ASP A 240 8.58 6.26 48.37
CA ASP A 240 8.07 6.80 47.11
C ASP A 240 9.07 7.74 46.46
N SER A 241 9.68 8.63 47.24
CA SER A 241 10.70 9.50 46.68
C SER A 241 11.84 8.69 46.10
N LEU A 242 12.29 7.68 46.84
CA LEU A 242 13.41 6.88 46.37
C LEU A 242 13.10 6.24 45.03
N PHE A 243 11.89 5.71 44.87
CA PHE A 243 11.51 5.19 43.57
C PHE A 243 11.52 6.29 42.51
N LYS A 244 10.94 7.44 42.83
CA LYS A 244 10.82 8.49 41.83
C LYS A 244 12.15 9.03 41.39
N ARG A 245 13.22 8.74 42.12
CA ARG A 245 14.52 9.26 41.71
C ARG A 245 14.97 8.68 40.38
N ILE A 246 14.73 7.38 40.14
CA ILE A 246 15.12 6.80 38.85
C ILE A 246 13.90 6.67 37.97
N GLN A 247 14.09 6.88 36.67
CA GLN A 247 12.97 6.89 35.74
C GLN A 247 13.42 6.45 34.36
N VAL A 248 12.45 6.03 33.55
CA VAL A 248 12.70 5.59 32.19
C VAL A 248 11.66 6.25 31.29
N VAL A 249 12.07 6.59 30.08
CA VAL A 249 11.20 7.34 29.19
C VAL A 249 11.57 7.04 27.75
N LYS A 250 10.59 7.18 26.86
CA LYS A 250 10.83 6.97 25.44
C LYS A 250 11.66 8.10 24.86
N LYS A 251 12.65 7.74 24.07
CA LYS A 251 13.34 8.74 23.28
C LYS A 251 12.34 9.36 22.30
N ASP A 252 12.51 10.64 22.01
CA ASP A 252 11.48 11.39 21.32
C ASP A 252 11.30 10.92 19.89
N GLY A 253 12.38 10.45 19.26
CA GLY A 253 12.33 10.17 17.83
C GLY A 253 11.33 9.09 17.47
N VAL A 254 11.35 7.97 18.17
CA VAL A 254 10.62 6.80 17.72
C VAL A 254 9.17 6.87 18.14
N GLU A 255 8.34 6.02 17.53
CA GLU A 255 6.98 5.79 17.97
C GLU A 255 6.59 4.31 17.95
N VAL A 256 7.49 3.42 17.55
CA VAL A 256 7.28 1.99 17.61
C VAL A 256 8.46 1.38 18.34
N VAL A 257 8.26 1.00 19.58
CA VAL A 257 9.36 0.61 20.44
C VAL A 257 9.79 -0.80 20.10
N ARG A 258 11.06 -1.00 19.80
CA ARG A 258 11.53 -2.28 19.29
C ARG A 258 12.87 -2.72 19.85
N SER A 259 13.40 -2.06 20.87
CA SER A 259 14.70 -2.40 21.40
C SER A 259 14.90 -1.65 22.70
N PHE A 260 16.04 -1.88 23.34
CA PHE A 260 16.35 -1.11 24.54
C PHE A 260 16.76 0.31 24.18
N ASP A 261 17.48 0.48 23.08
CA ASP A 261 18.00 1.80 22.74
C ASP A 261 16.89 2.79 22.44
N ASP A 262 15.67 2.31 22.23
CA ASP A 262 14.54 3.21 22.15
C ASP A 262 14.33 3.94 23.46
N TYR A 263 14.54 3.25 24.57
CA TYR A 263 14.25 3.81 25.88
C TYR A 263 15.48 4.48 26.47
N LEU A 264 15.25 5.27 27.52
CA LEU A 264 16.31 5.95 28.22
C LEU A 264 16.07 5.87 29.72
N VAL A 265 17.13 5.57 30.46
CA VAL A 265 17.09 5.39 31.90
C VAL A 265 17.95 6.46 32.55
N SER A 266 17.39 7.15 33.54
CA SER A 266 18.14 8.14 34.28
C SER A 266 18.00 7.91 35.77
N VAL A 267 19.12 8.04 36.47
CA VAL A 267 19.21 7.79 37.90
C VAL A 267 19.50 9.10 38.61
N ASP A 268 18.84 9.32 39.74
CA ASP A 268 19.02 10.54 40.52
C ASP A 268 19.82 10.25 41.78
N ASP A 269 20.97 10.92 41.92
CA ASP A 269 21.82 10.73 43.08
C ASP A 269 22.34 12.04 43.65
N LYS A 270 21.67 13.16 43.40
CA LYS A 270 22.20 14.44 43.86
C LYS A 270 21.96 14.64 45.34
N ASN A 271 20.69 14.66 45.75
CA ASN A 271 20.33 14.76 47.15
C ASN A 271 20.55 13.45 47.89
N LEU A 272 21.23 12.49 47.28
CA LEU A 272 21.50 11.19 47.85
C LEU A 272 22.23 11.26 49.18
N GLU A 273 23.01 12.31 49.42
CA GLU A 273 23.95 12.35 50.54
C GLU A 273 23.33 11.96 51.88
N GLU A 274 21.99 11.91 51.96
CA GLU A 274 21.34 11.34 53.11
C GLU A 274 21.86 9.92 53.34
N THR A 275 21.64 9.41 54.55
CA THR A 275 22.29 8.17 54.96
C THR A 275 21.88 6.99 54.08
N LYS A 276 20.78 7.10 53.35
CA LYS A 276 20.43 6.06 52.40
C LYS A 276 21.54 5.90 51.39
N LEU A 277 21.89 4.65 51.10
CA LEU A 277 22.91 4.35 50.11
C LEU A 277 22.25 3.86 48.84
N LEU A 278 22.78 4.29 47.70
CA LEU A 278 22.36 3.76 46.41
C LEU A 278 23.45 2.84 45.90
N ARG A 279 23.14 1.56 45.77
CA ARG A 279 24.05 0.62 45.13
C ARG A 279 23.38 0.11 43.86
N LYS A 280 24.14 0.07 42.78
CA LYS A 280 23.63 -0.33 41.48
C LYS A 280 24.28 -1.64 41.07
N LEU A 281 23.46 -2.56 40.57
CA LEU A 281 23.94 -3.88 40.18
C LEU A 281 23.65 -4.21 38.73
N GLY A 282 22.45 -3.88 38.24
CA GLY A 282 22.08 -4.28 36.89
C GLY A 282 23.07 -3.77 35.86
N GLY A 283 23.45 -2.51 35.97
CA GLY A 283 24.37 -1.91 35.03
C GLY A 283 23.96 -0.54 34.57
N THR B 1 25.80 -37.37 29.58
CA THR B 1 25.06 -36.13 29.41
C THR B 1 26.03 -34.98 29.19
N ILE B 2 25.56 -33.94 28.50
CA ILE B 2 26.41 -32.80 28.22
C ILE B 2 26.81 -32.09 29.50
N GLU B 3 28.09 -31.81 29.62
CA GLU B 3 28.67 -31.22 30.82
C GLU B 3 28.98 -29.74 30.65
N LYS B 4 28.45 -29.12 29.60
CA LYS B 4 28.63 -27.70 29.38
C LYS B 4 27.25 -27.09 29.17
N ARG B 5 27.24 -25.87 28.65
CA ARG B 5 25.99 -25.18 28.39
C ARG B 5 26.20 -24.18 27.26
N TYR B 6 25.32 -24.21 26.26
CA TYR B 6 25.59 -23.57 24.99
C TYR B 6 24.55 -22.51 24.65
N ASP B 7 25.02 -21.42 24.03
CA ASP B 7 24.13 -20.41 23.47
C ASP B 7 24.66 -19.98 22.11
N PHE B 8 23.78 -19.88 21.13
CA PHE B 8 24.28 -19.72 19.77
C PHE B 8 23.39 -18.82 18.95
N VAL B 9 23.96 -18.30 17.88
CA VAL B 9 23.26 -17.42 16.95
C VAL B 9 23.39 -17.97 15.55
N PHE B 10 22.36 -17.73 14.74
CA PHE B 10 22.16 -18.41 13.46
C PHE B 10 21.71 -17.39 12.42
N LEU B 11 22.21 -17.50 11.20
CA LEU B 11 21.98 -16.47 10.19
C LEU B 11 21.66 -17.11 8.85
N PHE B 12 20.42 -16.98 8.40
CA PHE B 12 19.99 -17.61 7.16
C PHE B 12 19.12 -16.68 6.33
N ASP B 13 19.21 -16.80 5.01
CA ASP B 13 18.55 -15.91 4.07
C ASP B 13 17.60 -16.67 3.16
N VAL B 14 16.80 -15.92 2.42
CA VAL B 14 15.85 -16.47 1.47
C VAL B 14 15.99 -15.70 0.17
N GLN B 15 15.84 -16.39 -0.96
CA GLN B 15 16.06 -15.71 -2.24
C GLN B 15 14.76 -15.37 -2.96
N ASP B 16 13.93 -16.34 -3.31
CA ASP B 16 12.76 -15.96 -4.09
C ASP B 16 11.52 -16.77 -3.72
N GLY B 17 11.28 -16.98 -2.43
CA GLY B 17 10.16 -17.84 -2.10
C GLY B 17 9.62 -17.64 -0.71
N ASN B 18 8.37 -18.06 -0.55
CA ASN B 18 7.63 -17.84 0.69
C ASN B 18 8.18 -18.76 1.76
N PRO B 19 8.84 -18.23 2.79
CA PRO B 19 9.45 -19.12 3.79
C PRO B 19 8.43 -19.88 4.62
N ASN B 20 7.44 -19.20 5.19
CA ASN B 20 6.33 -19.90 5.81
C ASN B 20 5.15 -18.95 5.84
N GLY B 21 4.01 -19.44 5.40
CA GLY B 21 2.88 -18.57 5.07
C GLY B 21 1.80 -18.63 6.13
N ASP B 22 1.12 -17.50 6.31
CA ASP B 22 0.04 -17.45 7.28
C ASP B 22 -0.99 -18.51 6.96
N PRO B 23 -1.30 -19.40 7.90
CA PRO B 23 -2.38 -20.36 7.64
C PRO B 23 -3.72 -19.68 7.44
N ASP B 24 -3.81 -18.39 7.72
CA ASP B 24 -5.08 -17.70 7.52
C ASP B 24 -5.01 -16.71 6.37
N ALA B 25 -4.00 -15.83 6.37
CA ALA B 25 -3.93 -14.78 5.35
C ALA B 25 -3.53 -15.39 4.02
N GLY B 26 -4.45 -16.13 3.43
CA GLY B 26 -4.16 -16.79 2.18
C GLY B 26 -2.97 -17.71 2.36
N ASN B 27 -1.84 -17.30 1.78
CA ASN B 27 -0.59 -17.98 2.05
C ASN B 27 0.57 -17.00 2.10
N LEU B 28 0.26 -15.72 2.23
CA LEU B 28 1.28 -14.69 2.15
C LEU B 28 2.25 -14.78 3.33
N PRO B 29 3.47 -14.28 3.17
CA PRO B 29 4.48 -14.48 4.21
C PRO B 29 4.11 -13.76 5.50
N ARG B 30 4.67 -14.24 6.61
CA ARG B 30 4.37 -13.64 7.91
C ARG B 30 5.24 -12.42 8.14
N ILE B 31 4.60 -11.26 8.30
CA ILE B 31 5.31 -10.00 8.45
C ILE B 31 4.80 -9.24 9.66
N ASP B 32 5.64 -8.35 10.17
CA ASP B 32 5.31 -7.55 11.33
C ASP B 32 4.61 -6.26 10.90
N PRO B 33 3.31 -6.12 11.14
CA PRO B 33 2.58 -5.01 10.51
C PRO B 33 3.15 -3.63 10.83
N GLN B 34 3.58 -3.39 12.06
CA GLN B 34 4.00 -2.04 12.42
C GLN B 34 5.33 -1.69 11.81
N THR B 35 6.27 -2.62 11.80
CA THR B 35 7.61 -2.32 11.32
C THR B 35 7.90 -2.93 9.96
N GLY B 36 7.00 -3.75 9.45
CA GLY B 36 7.20 -4.34 8.14
C GLY B 36 8.43 -5.20 8.03
N GLU B 37 8.62 -6.09 9.01
CA GLU B 37 9.74 -7.03 8.99
C GLU B 37 9.20 -8.45 8.91
N GLY B 38 10.08 -9.37 8.53
CA GLY B 38 9.65 -10.73 8.28
C GLY B 38 9.65 -11.58 9.54
N LEU B 39 8.93 -12.69 9.49
CA LEU B 39 8.87 -13.63 10.61
C LEU B 39 8.95 -15.05 10.10
N VAL B 40 9.65 -15.90 10.84
CA VAL B 40 9.75 -17.32 10.57
C VAL B 40 9.52 -18.04 11.88
N THR B 41 8.31 -18.58 12.07
CA THR B 41 8.02 -19.23 13.34
C THR B 41 8.93 -20.43 13.57
N ASP B 42 9.27 -20.65 14.83
CA ASP B 42 10.29 -21.65 15.16
C ASP B 42 9.87 -23.04 14.72
N VAL B 43 8.60 -23.39 14.97
CA VAL B 43 8.15 -24.74 14.69
C VAL B 43 8.51 -25.14 13.27
N CYS B 44 8.49 -24.17 12.34
CA CYS B 44 8.86 -24.47 10.97
C CYS B 44 10.29 -24.99 10.88
N LEU B 45 11.23 -24.23 11.44
CA LEU B 45 12.62 -24.64 11.33
C LEU B 45 12.84 -25.96 12.07
N LYS B 46 12.18 -26.12 13.21
CA LYS B 46 12.32 -27.36 13.95
C LYS B 46 11.82 -28.54 13.13
N ARG B 47 10.71 -28.34 12.44
CA ARG B 47 10.17 -29.40 11.61
C ARG B 47 11.13 -29.75 10.49
N LYS B 48 11.83 -28.75 9.97
CA LYS B 48 12.86 -29.07 9.00
C LYS B 48 13.94 -29.95 9.60
N VAL B 49 14.30 -29.69 10.86
CA VAL B 49 15.27 -30.57 11.51
C VAL B 49 14.76 -31.99 11.52
N ARG B 50 13.51 -32.17 11.93
CA ARG B 50 12.97 -33.52 12.05
C ARG B 50 12.98 -34.22 10.70
N ASN B 51 12.62 -33.51 9.64
CA ASN B 51 12.64 -34.13 8.32
C ASN B 51 14.05 -34.55 7.95
N PHE B 52 15.04 -33.72 8.24
CA PHE B 52 16.41 -34.10 7.94
C PHE B 52 16.76 -35.39 8.63
N ILE B 53 16.44 -35.51 9.92
CA ILE B 53 16.78 -36.74 10.62
C ILE B 53 16.06 -37.93 10.00
N GLN B 54 14.77 -37.77 9.69
CA GLN B 54 14.06 -38.88 9.06
C GLN B 54 14.81 -39.39 7.86
N MET B 55 15.33 -38.48 7.03
CA MET B 55 16.03 -38.98 5.86
C MET B 55 17.36 -39.61 6.22
N THR B 56 18.04 -39.11 7.24
CA THR B 56 19.41 -39.54 7.39
C THR B 56 19.59 -40.85 8.17
N GLN B 57 18.91 -41.02 9.30
CA GLN B 57 19.34 -42.03 10.27
C GLN B 57 18.69 -43.38 10.05
N ASN B 58 17.35 -43.40 9.98
CA ASN B 58 16.51 -44.56 9.66
C ASN B 58 17.01 -45.87 10.31
N ASP B 59 17.06 -45.87 11.63
CA ASP B 59 17.17 -47.10 12.38
C ASP B 59 16.44 -46.93 13.69
N GLU B 60 16.73 -47.80 14.64
CA GLU B 60 16.23 -47.56 15.99
C GLU B 60 17.27 -46.76 16.77
N HIS B 61 16.79 -46.08 17.81
CA HIS B 61 17.50 -45.11 18.65
C HIS B 61 17.66 -43.79 17.91
N HIS B 62 17.07 -43.67 16.73
CA HIS B 62 16.90 -42.35 16.13
C HIS B 62 15.56 -42.23 15.42
N ASP B 63 14.60 -43.10 15.71
CA ASP B 63 13.28 -42.94 15.15
C ASP B 63 12.67 -41.63 15.65
N ILE B 64 11.70 -41.12 14.91
CA ILE B 64 11.11 -39.81 15.17
C ILE B 64 9.65 -39.97 15.51
N PHE B 65 9.21 -39.20 16.50
CA PHE B 65 7.88 -39.39 17.07
C PHE B 65 6.79 -38.90 16.12
N ILE B 66 6.96 -37.73 15.55
CA ILE B 66 5.96 -37.19 14.65
C ILE B 66 6.22 -37.68 13.23
N ARG B 67 5.17 -38.15 12.57
CA ARG B 67 5.32 -38.71 11.24
C ARG B 67 4.34 -38.06 10.29
N GLU B 68 4.43 -38.45 9.02
CA GLU B 68 3.58 -37.86 7.98
C GLU B 68 2.12 -38.20 8.21
N LYS B 69 1.84 -39.42 8.65
CA LYS B 69 0.46 -39.85 8.89
C LYS B 69 0.49 -40.98 9.90
N GLY B 70 0.06 -40.70 11.12
CA GLY B 70 0.10 -41.69 12.17
C GLY B 70 -0.86 -41.34 13.28
N ILE B 71 -1.05 -42.29 14.18
CA ILE B 71 -1.92 -42.11 15.33
C ILE B 71 -1.06 -42.03 16.57
N LEU B 72 -1.21 -40.94 17.31
CA LEU B 72 -0.33 -40.72 18.46
C LEU B 72 -0.65 -41.72 19.57
N ASN B 73 -1.93 -41.87 19.90
CA ASN B 73 -2.32 -42.79 20.96
C ASN B 73 -1.81 -44.19 20.67
N ASN B 74 -1.71 -44.55 19.40
CA ASN B 74 -1.13 -45.85 19.08
C ASN B 74 0.32 -45.92 19.54
N LEU B 75 1.09 -44.86 19.30
CA LEU B 75 2.48 -44.87 19.72
C LEU B 75 2.60 -44.89 21.23
N ILE B 76 1.74 -44.18 21.94
CA ILE B 76 1.76 -44.25 23.40
C ILE B 76 1.44 -45.67 23.87
N ASP B 77 0.34 -46.23 23.37
CA ASP B 77 -0.09 -47.53 23.83
C ASP B 77 0.98 -48.57 23.56
N GLU B 78 1.57 -48.55 22.37
CA GLU B 78 2.63 -49.50 22.06
C GLU B 78 3.71 -49.46 23.11
N ALA B 79 4.07 -48.27 23.58
CA ALA B 79 5.02 -48.19 24.68
C ALA B 79 4.45 -48.80 25.94
N HIS B 80 3.13 -48.73 26.13
CA HIS B 80 2.56 -49.29 27.35
C HIS B 80 2.62 -50.82 27.43
N GLU B 81 2.97 -51.51 26.35
CA GLU B 81 3.23 -52.94 26.44
C GLU B 81 4.70 -53.27 26.34
N GLN B 82 5.57 -52.47 26.93
CA GLN B 82 6.95 -52.87 27.07
C GLN B 82 7.07 -53.74 28.31
N GLU B 83 8.29 -54.01 28.77
CA GLU B 83 8.50 -54.91 29.91
C GLU B 83 7.69 -54.47 31.12
N ASN B 84 7.63 -53.16 31.38
CA ASN B 84 7.04 -52.62 32.61
C ASN B 84 5.52 -52.57 32.49
N VAL B 85 4.94 -53.72 32.15
CA VAL B 85 3.53 -53.78 31.78
C VAL B 85 2.66 -53.18 32.88
N LYS B 86 2.87 -53.60 34.12
CA LYS B 86 2.19 -52.96 35.24
C LYS B 86 3.08 -52.88 36.47
N GLY B 87 4.33 -53.31 36.39
CA GLY B 87 5.13 -53.48 37.60
C GLY B 87 5.33 -52.20 38.37
N LYS B 88 5.09 -51.06 37.75
CA LYS B 88 5.28 -49.78 38.41
C LYS B 88 3.98 -49.23 38.99
N GLU B 89 2.85 -49.90 38.73
CA GLU B 89 1.61 -49.68 39.46
C GLU B 89 1.21 -48.21 39.49
N LYS B 90 1.20 -47.59 38.31
CA LYS B 90 0.56 -46.30 38.07
C LYS B 90 1.24 -45.17 38.83
N GLY B 91 2.20 -45.51 39.70
CA GLY B 91 2.91 -44.48 40.42
C GLY B 91 4.02 -43.88 39.59
N GLU B 92 4.89 -44.73 39.08
CA GLU B 92 5.89 -44.33 38.11
C GLU B 92 5.73 -45.08 36.80
N LYS B 93 4.61 -45.79 36.62
CA LYS B 93 4.28 -46.32 35.31
C LYS B 93 4.35 -45.23 34.26
N THR B 94 3.78 -44.07 34.56
CA THR B 94 3.95 -42.92 33.68
C THR B 94 5.41 -42.55 33.56
N GLU B 95 6.14 -42.58 34.66
CA GLU B 95 7.56 -42.25 34.59
C GLU B 95 8.32 -43.27 33.75
N ALA B 96 7.97 -44.54 33.88
CA ALA B 96 8.61 -45.55 33.04
C ALA B 96 8.28 -45.30 31.58
N ALA B 97 7.05 -44.89 31.29
CA ALA B 97 6.69 -44.53 29.92
C ALA B 97 7.56 -43.40 29.41
N ARG B 98 7.75 -42.36 30.22
CA ARG B 98 8.64 -41.28 29.82
C ARG B 98 10.02 -41.83 29.51
N GLN B 99 10.56 -42.68 30.36
CA GLN B 99 11.91 -43.15 30.14
C GLN B 99 12.01 -43.96 28.85
N TYR B 100 11.03 -44.81 28.59
CA TYR B 100 11.09 -45.59 27.36
C TYR B 100 10.99 -44.69 26.13
N MET B 101 10.00 -43.80 26.11
CA MET B 101 9.85 -42.90 24.99
C MET B 101 11.15 -42.16 24.74
N CYS B 102 11.69 -41.53 25.77
CA CYS B 102 12.94 -40.78 25.57
C CYS B 102 14.07 -41.71 25.21
N SER B 103 13.94 -43.00 25.50
CA SER B 103 14.95 -43.94 25.09
C SER B 103 14.93 -44.15 23.58
N ARG B 104 13.75 -44.11 22.98
CA ARG B 104 13.69 -44.40 21.55
C ARG B 104 13.73 -43.16 20.66
N TYR B 105 12.76 -42.27 20.78
CA TYR B 105 12.51 -41.27 19.76
C TYR B 105 13.39 -40.05 19.95
N TYR B 106 14.38 -39.89 19.08
CA TYR B 106 15.32 -38.78 19.19
C TYR B 106 14.61 -37.44 19.22
N ASP B 107 13.48 -37.31 18.54
CA ASP B 107 12.73 -36.06 18.61
C ASP B 107 12.44 -35.68 20.04
N ILE B 108 11.85 -36.60 20.80
CA ILE B 108 11.48 -36.27 22.17
C ILE B 108 12.72 -36.07 23.02
N ARG B 109 13.76 -36.87 22.80
CA ARG B 109 14.98 -36.71 23.57
C ARG B 109 15.59 -35.34 23.37
N THR B 110 15.40 -34.73 22.19
CA THR B 110 15.98 -33.42 21.95
C THR B 110 15.02 -32.27 22.20
N PHE B 111 13.93 -32.18 21.46
CA PHE B 111 12.97 -31.13 21.70
C PHE B 111 11.91 -31.65 22.66
N GLY B 112 11.16 -30.73 23.23
CA GLY B 112 10.17 -31.11 24.21
C GLY B 112 9.05 -31.90 23.60
N ALA B 113 8.23 -32.51 24.45
CA ALA B 113 7.07 -33.23 23.95
C ALA B 113 6.03 -33.39 25.04
N VAL B 114 4.80 -33.65 24.60
CA VAL B 114 3.64 -33.81 25.46
C VAL B 114 2.98 -35.13 25.12
N MET B 115 2.97 -36.09 26.05
CA MET B 115 2.30 -37.35 25.81
C MET B 115 1.40 -37.66 27.00
N THR B 116 0.21 -37.08 26.99
CA THR B 116 -0.78 -37.29 28.04
C THR B 116 -2.17 -37.44 27.47
N THR B 117 -2.31 -37.98 26.26
CA THR B 117 -3.61 -38.05 25.62
C THR B 117 -4.43 -39.20 26.16
N GLY B 118 -3.96 -40.44 25.97
CA GLY B 118 -4.71 -41.60 26.38
C GLY B 118 -4.22 -42.10 27.71
N LYS B 119 -3.44 -43.16 27.70
CA LYS B 119 -2.72 -43.58 28.90
C LYS B 119 -1.52 -42.67 29.06
N ASN B 120 -1.68 -41.61 29.85
CA ASN B 120 -0.71 -40.53 29.87
C ASN B 120 0.69 -41.04 30.14
N ALA B 121 1.64 -40.54 29.36
CA ALA B 121 3.01 -41.03 29.42
C ALA B 121 4.02 -39.96 29.83
N GLY B 122 3.57 -38.74 30.11
CA GLY B 122 4.43 -37.71 30.67
C GLY B 122 4.59 -36.45 29.84
N GLN B 123 5.58 -35.67 30.23
CA GLN B 123 5.90 -34.38 29.63
C GLN B 123 7.40 -34.21 29.66
N VAL B 124 7.96 -33.55 28.66
CA VAL B 124 9.38 -33.19 28.72
C VAL B 124 9.54 -31.77 28.19
N ARG B 125 10.26 -30.94 28.94
CA ARG B 125 10.46 -29.56 28.54
C ARG B 125 11.38 -29.47 27.33
N GLY B 126 12.51 -30.17 27.37
CA GLY B 126 13.38 -30.22 26.21
C GLY B 126 14.62 -29.41 26.40
N PRO B 127 15.77 -30.07 26.29
CA PRO B 127 17.04 -29.38 26.54
C PRO B 127 17.34 -28.26 25.57
N VAL B 128 16.74 -28.27 24.39
CA VAL B 128 17.05 -27.29 23.34
C VAL B 128 15.84 -26.42 23.10
N GLN B 129 16.05 -25.12 22.97
CA GLN B 129 14.97 -24.23 22.63
C GLN B 129 15.41 -23.21 21.60
N LEU B 130 14.45 -22.75 20.80
CA LEU B 130 14.69 -21.81 19.73
C LEU B 130 13.65 -20.70 19.77
N THR B 131 14.06 -19.51 19.35
CA THR B 131 13.25 -18.33 19.31
C THR B 131 12.67 -18.12 17.93
N PHE B 132 11.60 -17.32 17.86
CA PHE B 132 11.19 -16.79 16.56
C PHE B 132 12.39 -16.16 15.89
N SER B 133 12.35 -16.07 14.58
CA SER B 133 13.42 -15.42 13.86
C SER B 133 12.85 -14.44 12.86
N ARG B 134 13.46 -13.26 12.77
CA ARG B 134 12.86 -12.17 12.05
C ARG B 134 13.90 -11.49 11.17
N SER B 135 13.41 -10.62 10.31
CA SER B 135 14.22 -10.05 9.25
C SER B 135 14.96 -8.81 9.71
N ILE B 136 16.20 -8.67 9.28
CA ILE B 136 16.98 -7.50 9.63
C ILE B 136 16.31 -6.24 9.09
N ASP B 137 15.96 -6.24 7.81
CA ASP B 137 15.45 -5.07 7.13
C ASP B 137 14.15 -5.43 6.43
N PRO B 138 13.26 -4.46 6.23
CA PRO B 138 11.94 -4.77 5.70
C PRO B 138 12.02 -5.48 4.38
N ILE B 139 10.98 -6.24 4.08
CA ILE B 139 10.87 -6.97 2.82
C ILE B 139 9.53 -6.63 2.18
N MET B 140 9.45 -6.80 0.87
CA MET B 140 8.24 -6.49 0.12
C MET B 140 7.81 -7.70 -0.70
N THR B 141 6.60 -8.17 -0.47
CA THR B 141 6.10 -9.40 -1.06
C THR B 141 5.60 -9.12 -2.47
N LEU B 142 6.03 -9.93 -3.42
CA LEU B 142 5.62 -9.78 -4.83
C LEU B 142 4.56 -10.83 -5.13
N GLU B 143 3.31 -10.43 -5.06
CA GLU B 143 2.23 -11.32 -5.45
C GLU B 143 2.38 -11.68 -6.93
N HIS B 144 1.85 -12.83 -7.32
CA HIS B 144 1.87 -13.20 -8.73
C HIS B 144 0.51 -13.74 -9.13
N SER B 145 0.39 -14.09 -10.41
CA SER B 145 -0.75 -14.83 -10.90
C SER B 145 -0.30 -15.80 -11.97
N ILE B 146 -0.83 -17.02 -11.94
CA ILE B 146 -0.48 -18.08 -12.87
C ILE B 146 -1.73 -18.84 -13.26
N THR B 147 -1.60 -19.69 -14.28
CA THR B 147 -2.76 -20.30 -14.91
C THR B 147 -2.50 -21.76 -15.21
N ARG B 148 -3.54 -22.57 -15.09
CA ARG B 148 -3.47 -24.01 -15.33
C ARG B 148 -4.23 -24.36 -16.60
N MET B 149 -3.66 -25.27 -17.39
CA MET B 149 -4.21 -25.55 -18.72
C MET B 149 -5.62 -26.12 -18.64
N ALA B 150 -5.86 -27.06 -17.74
CA ALA B 150 -7.08 -27.85 -17.77
C ALA B 150 -7.82 -27.76 -16.45
N VAL B 151 -9.14 -27.91 -16.52
CA VAL B 151 -10.01 -27.72 -15.36
C VAL B 151 -10.05 -29.00 -14.53
N THR B 152 -10.06 -28.82 -13.20
CA THR B 152 -10.05 -29.96 -12.29
C THR B 152 -11.26 -30.85 -12.47
N ASN B 153 -12.43 -30.24 -12.56
CA ASN B 153 -13.68 -30.96 -12.46
C ASN B 153 -14.48 -30.79 -13.75
N GLU B 154 -15.73 -31.25 -13.69
CA GLU B 154 -16.68 -30.94 -14.74
C GLU B 154 -17.75 -29.98 -14.27
N LYS B 155 -17.74 -29.60 -12.99
CA LYS B 155 -18.75 -28.67 -12.48
C LYS B 155 -18.65 -27.33 -13.20
N ASP B 156 -17.44 -26.85 -13.41
CA ASP B 156 -17.20 -25.75 -14.34
C ASP B 156 -16.88 -26.34 -15.70
N ALA B 157 -17.89 -27.05 -16.25
CA ALA B 157 -17.71 -27.70 -17.54
C ALA B 157 -17.35 -26.70 -18.63
N SER B 158 -18.11 -25.62 -18.74
CA SER B 158 -17.86 -24.62 -19.76
C SER B 158 -16.53 -23.91 -19.50
N GLU B 159 -15.87 -23.54 -20.58
CA GLU B 159 -14.60 -22.81 -20.53
C GLU B 159 -14.81 -21.43 -21.13
N THR B 160 -14.65 -20.40 -20.30
CA THR B 160 -14.82 -19.02 -20.74
C THR B 160 -13.61 -18.21 -20.31
N GLY B 161 -13.67 -16.91 -20.58
CA GLY B 161 -12.58 -16.03 -20.19
C GLY B 161 -12.38 -15.96 -18.69
N ASP B 162 -13.49 -15.78 -17.95
CA ASP B 162 -13.39 -15.76 -16.49
C ASP B 162 -13.07 -17.16 -15.95
N ASN B 163 -13.34 -18.19 -16.74
CA ASN B 163 -12.96 -19.54 -16.36
C ASN B 163 -11.44 -19.69 -16.37
N ARG B 164 -10.98 -20.91 -16.09
CA ARG B 164 -9.56 -21.17 -15.89
C ARG B 164 -9.02 -20.26 -14.79
N THR B 165 -9.66 -20.34 -13.61
CA THR B 165 -9.34 -19.44 -12.52
C THR B 165 -7.85 -19.49 -12.20
N MET B 166 -7.27 -18.31 -12.03
CA MET B 166 -5.82 -18.21 -12.05
C MET B 166 -5.18 -18.88 -10.84
N GLY B 167 -5.52 -18.41 -9.65
CA GLY B 167 -4.76 -18.79 -8.48
C GLY B 167 -3.38 -18.17 -8.52
N ARG B 168 -2.73 -18.15 -7.36
CA ARG B 168 -1.63 -17.22 -7.15
C ARG B 168 -0.43 -17.92 -6.54
N LYS B 169 0.65 -17.16 -6.45
CA LYS B 169 1.88 -17.60 -5.81
C LYS B 169 2.61 -16.37 -5.29
N PHE B 170 3.24 -16.50 -4.13
CA PHE B 170 3.87 -15.37 -3.46
C PHE B 170 5.37 -15.59 -3.38
N THR B 171 6.10 -14.49 -3.38
CA THR B 171 7.56 -14.56 -3.29
C THR B 171 8.07 -13.33 -2.56
N VAL B 172 9.35 -13.41 -2.18
CA VAL B 172 10.05 -12.33 -1.50
C VAL B 172 11.38 -12.13 -2.21
N PRO B 173 11.70 -10.93 -2.65
CA PRO B 173 12.90 -10.75 -3.47
C PRO B 173 14.19 -11.02 -2.73
N TYR B 174 14.25 -10.73 -1.44
CA TYR B 174 15.45 -11.01 -0.67
C TYR B 174 15.17 -10.77 0.80
N GLY B 175 16.16 -11.08 1.63
CA GLY B 175 16.03 -10.84 3.04
C GLY B 175 17.26 -11.35 3.77
N LEU B 176 17.08 -11.57 5.07
CA LEU B 176 18.09 -12.14 5.94
C LEU B 176 17.43 -12.31 7.29
N TYR B 177 17.93 -13.26 8.06
CA TYR B 177 17.16 -13.67 9.23
C TYR B 177 18.09 -14.14 10.35
N ARG B 178 17.77 -13.68 11.55
CA ARG B 178 18.54 -13.92 12.76
C ARG B 178 17.79 -14.89 13.65
N CYS B 179 18.48 -15.91 14.13
CA CYS B 179 17.91 -16.92 15.02
C CYS B 179 18.74 -17.02 16.29
N HIS B 180 18.07 -17.21 17.41
CA HIS B 180 18.70 -17.27 18.72
C HIS B 180 18.34 -18.59 19.37
N GLY B 181 19.34 -19.37 19.75
CA GLY B 181 19.11 -20.69 20.28
C GLY B 181 19.81 -20.92 21.61
N PHE B 182 19.13 -21.64 22.49
CA PHE B 182 19.60 -21.93 23.83
C PHE B 182 19.64 -23.42 24.07
N ILE B 183 20.63 -23.88 24.84
CA ILE B 183 20.74 -25.27 25.22
C ILE B 183 20.88 -25.33 26.74
N SER B 184 20.02 -26.12 27.38
CA SER B 184 20.05 -26.28 28.83
C SER B 184 20.92 -27.48 29.17
N THR B 185 21.43 -27.51 30.41
CA THR B 185 22.13 -28.69 30.88
C THR B 185 21.31 -29.45 31.89
N HIS B 186 20.84 -28.76 32.92
CA HIS B 186 20.12 -29.45 33.97
C HIS B 186 18.90 -30.15 33.42
N PHE B 187 18.24 -29.54 32.45
CA PHE B 187 17.18 -30.28 31.77
C PHE B 187 17.74 -31.47 31.00
N ALA B 188 18.95 -31.34 30.47
CA ALA B 188 19.51 -32.44 29.69
C ALA B 188 19.69 -33.68 30.53
N LYS B 189 20.13 -33.51 31.78
CA LYS B 189 20.39 -34.69 32.61
C LYS B 189 19.16 -35.58 32.74
N GLN B 190 17.96 -35.00 32.64
CA GLN B 190 16.77 -35.81 32.81
C GLN B 190 16.60 -36.81 31.67
N THR B 191 16.67 -36.36 30.43
CA THR B 191 16.34 -37.21 29.29
C THR B 191 17.57 -37.68 28.52
N GLY B 192 18.73 -37.71 29.16
CA GLY B 192 19.85 -38.41 28.58
C GLY B 192 20.36 -37.87 27.26
N PHE B 193 19.99 -36.66 26.90
CA PHE B 193 20.58 -36.03 25.73
C PHE B 193 22.09 -36.14 25.82
N SER B 194 22.70 -36.65 24.77
CA SER B 194 24.11 -36.99 24.83
C SER B 194 24.89 -36.15 23.84
N GLU B 195 26.20 -36.11 24.08
CA GLU B 195 27.09 -35.33 23.22
C GLU B 195 26.93 -35.70 21.75
N ASN B 196 26.82 -37.00 21.47
CA ASN B 196 26.71 -37.44 20.08
C ASN B 196 25.49 -36.82 19.43
N ASP B 197 24.39 -36.72 20.17
CA ASP B 197 23.22 -36.07 19.64
C ASP B 197 23.53 -34.61 19.28
N LEU B 198 24.35 -33.95 20.10
CA LEU B 198 24.68 -32.57 19.81
C LEU B 198 25.48 -32.46 18.52
N GLU B 199 26.44 -33.35 18.32
CA GLU B 199 27.20 -33.30 17.08
C GLU B 199 26.29 -33.48 15.88
N LEU B 200 25.41 -34.49 15.96
CA LEU B 200 24.42 -34.66 14.91
C LEU B 200 23.61 -33.39 14.72
N PHE B 201 23.31 -32.69 15.81
CA PHE B 201 22.47 -31.51 15.70
C PHE B 201 23.17 -30.39 14.95
N TRP B 202 24.46 -30.18 15.22
CA TRP B 202 25.15 -29.13 14.46
C TRP B 202 25.17 -29.48 12.99
N GLN B 203 25.49 -30.74 12.66
CA GLN B 203 25.45 -31.10 11.25
C GLN B 203 24.05 -30.96 10.68
N ALA B 204 23.03 -31.12 11.51
CA ALA B 204 21.67 -30.91 11.03
C ALA B 204 21.47 -29.46 10.66
N LEU B 205 21.97 -28.55 11.48
CA LEU B 205 21.75 -27.15 11.20
C LEU B 205 22.49 -26.71 9.96
N VAL B 206 23.76 -27.06 9.82
CA VAL B 206 24.53 -26.53 8.70
C VAL B 206 24.01 -27.06 7.38
N ASN B 207 23.58 -28.31 7.35
CA ASN B 207 23.11 -28.93 6.11
C ASN B 207 21.62 -29.15 6.09
N MET B 208 20.83 -28.20 6.57
CA MET B 208 19.41 -28.47 6.68
C MET B 208 18.71 -28.28 5.35
N PHE B 209 19.07 -27.24 4.62
CA PHE B 209 18.17 -26.73 3.60
C PHE B 209 18.38 -27.41 2.26
N ASP B 210 19.62 -27.82 1.97
CA ASP B 210 19.87 -28.53 0.72
C ASP B 210 18.95 -29.74 0.59
N HIS B 211 18.71 -30.44 1.69
CA HIS B 211 17.84 -31.60 1.66
C HIS B 211 16.38 -31.26 1.77
N ASP B 212 15.96 -30.05 1.43
CA ASP B 212 14.55 -29.66 1.48
C ASP B 212 14.28 -28.59 0.43
N HIS B 213 13.75 -29.01 -0.72
CA HIS B 213 13.41 -28.12 -1.81
C HIS B 213 12.02 -28.44 -2.31
N SER B 214 11.13 -27.47 -2.25
CA SER B 214 9.78 -27.65 -2.73
C SER B 214 9.56 -26.73 -3.90
N ALA B 215 8.31 -26.66 -4.36
CA ALA B 215 7.97 -25.70 -5.40
C ALA B 215 8.01 -24.29 -4.86
N ALA B 216 7.37 -24.05 -3.72
CA ALA B 216 7.16 -22.68 -3.27
C ALA B 216 8.45 -22.05 -2.77
N ARG B 217 9.25 -22.77 -2.00
CA ARG B 217 10.31 -22.12 -1.25
C ARG B 217 11.34 -21.48 -2.16
N GLY B 218 11.77 -22.17 -3.18
CA GLY B 218 12.91 -21.67 -3.89
C GLY B 218 14.13 -21.73 -3.00
N GLN B 219 15.20 -21.13 -3.48
CA GLN B 219 16.49 -21.32 -2.84
C GLN B 219 16.54 -20.66 -1.48
N MET B 220 17.08 -21.37 -0.49
CA MET B 220 17.43 -20.83 0.82
C MET B 220 18.82 -21.34 1.15
N ASN B 221 19.43 -20.78 2.19
CA ASN B 221 20.79 -21.17 2.52
C ASN B 221 21.07 -21.05 4.00
N ALA B 222 22.35 -21.04 4.34
CA ALA B 222 22.81 -20.85 5.70
C ALA B 222 24.03 -19.96 5.70
N ARG B 223 23.89 -18.72 6.18
CA ARG B 223 24.97 -17.76 6.05
C ARG B 223 25.95 -17.85 7.22
N GLY B 224 25.45 -18.13 8.42
CA GLY B 224 26.34 -18.17 9.57
C GLY B 224 25.81 -18.99 10.72
N LEU B 225 26.72 -19.58 11.48
CA LEU B 225 26.40 -20.29 12.70
C LEU B 225 27.52 -20.09 13.70
N TYR B 226 27.25 -19.32 14.75
CA TYR B 226 28.25 -19.00 15.76
C TYR B 226 27.81 -19.57 17.10
N VAL B 227 28.72 -20.19 17.82
CA VAL B 227 28.39 -20.83 19.08
C VAL B 227 29.24 -20.25 20.20
N PHE B 228 28.59 -19.73 21.23
CA PHE B 228 29.22 -19.33 22.47
C PHE B 228 29.06 -20.42 23.49
N GLU B 229 30.17 -20.82 24.09
CA GLU B 229 30.25 -21.96 25.00
C GLU B 229 30.57 -21.46 26.40
N HIS B 230 29.65 -21.68 27.32
CA HIS B 230 29.88 -21.38 28.72
C HIS B 230 31.05 -22.18 29.25
N SER B 231 31.45 -21.89 30.48
CA SER B 231 32.48 -22.66 31.16
C SER B 231 32.01 -23.23 32.48
N ASN B 232 30.76 -22.97 32.86
CA ASN B 232 30.19 -23.51 34.08
C ASN B 232 28.76 -23.93 33.82
N ASN B 233 28.29 -24.92 34.57
CA ASN B 233 26.85 -25.13 34.65
C ASN B 233 26.17 -23.82 35.00
N LEU B 234 26.75 -23.07 35.92
CA LEU B 234 26.27 -21.73 36.20
C LEU B 234 26.52 -20.83 35.01
N GLY B 235 25.57 -19.93 34.75
CA GLY B 235 25.69 -18.99 33.65
C GLY B 235 26.84 -18.03 33.89
N ASP B 236 27.88 -18.14 33.06
CA ASP B 236 29.09 -17.34 33.27
C ASP B 236 28.80 -15.86 33.11
N ALA B 237 28.21 -15.46 32.00
CA ALA B 237 27.86 -14.08 31.73
C ALA B 237 26.45 -14.09 31.16
N PRO B 238 25.71 -12.99 31.31
CA PRO B 238 24.34 -12.98 30.80
C PRO B 238 24.33 -13.05 29.29
N ALA B 239 23.11 -13.18 28.75
CA ALA B 239 22.95 -13.42 27.32
C ALA B 239 23.37 -12.21 26.49
N ASP B 240 22.87 -11.03 26.81
CA ASP B 240 23.04 -9.90 25.90
C ASP B 240 24.49 -9.53 25.74
N SER B 241 25.25 -9.54 26.83
CA SER B 241 26.66 -9.18 26.71
C SER B 241 27.38 -10.16 25.81
N LEU B 242 26.75 -11.32 25.56
CA LEU B 242 27.23 -12.19 24.50
C LEU B 242 26.73 -11.72 23.14
N PHE B 243 25.41 -11.66 22.97
CA PHE B 243 24.84 -11.52 21.63
C PHE B 243 25.24 -10.21 20.98
N LYS B 244 25.45 -9.16 21.75
CA LYS B 244 25.71 -7.89 21.08
C LYS B 244 27.05 -7.89 20.40
N ARG B 245 27.88 -8.91 20.62
CA ARG B 245 29.20 -8.91 19.99
C ARG B 245 29.15 -9.37 18.55
N ILE B 246 28.00 -9.83 18.07
CA ILE B 246 27.87 -10.26 16.69
C ILE B 246 26.84 -9.38 15.99
N GLN B 247 27.33 -8.33 15.36
CA GLN B 247 26.47 -7.28 14.86
C GLN B 247 26.47 -7.30 13.34
N VAL B 248 25.29 -7.30 12.76
CA VAL B 248 25.13 -7.34 11.31
C VAL B 248 24.41 -6.06 10.90
N VAL B 249 24.94 -5.40 9.88
CA VAL B 249 24.55 -4.04 9.56
C VAL B 249 24.38 -3.90 8.06
N LYS B 250 23.34 -3.16 7.68
CA LYS B 250 23.17 -2.77 6.29
C LYS B 250 24.33 -1.88 5.84
N LYS B 251 24.93 -2.20 4.71
CA LYS B 251 25.98 -1.32 4.20
C LYS B 251 25.37 -0.01 3.75
N ASP B 252 26.21 1.02 3.67
CA ASP B 252 25.71 2.37 3.42
C ASP B 252 25.28 2.56 1.97
N GLY B 253 26.08 2.03 1.03
CA GLY B 253 25.97 2.49 -0.35
C GLY B 253 24.59 2.27 -0.95
N VAL B 254 23.99 1.12 -0.69
CA VAL B 254 22.75 0.73 -1.35
C VAL B 254 21.60 1.17 -0.48
N GLU B 255 20.52 1.61 -1.12
CA GLU B 255 19.30 1.89 -0.38
C GLU B 255 18.39 0.67 -0.35
N VAL B 256 18.36 -0.09 -1.45
CA VAL B 256 17.58 -1.32 -1.54
C VAL B 256 18.54 -2.49 -1.58
N VAL B 257 18.29 -3.47 -0.73
CA VAL B 257 19.18 -4.61 -0.57
C VAL B 257 18.70 -5.72 -1.49
N ARG B 258 19.64 -6.47 -2.06
CA ARG B 258 19.28 -7.55 -2.96
C ARG B 258 20.08 -8.83 -2.78
N SER B 259 21.22 -8.80 -2.09
CA SER B 259 22.03 -10.00 -1.98
C SER B 259 22.99 -9.85 -0.80
N PHE B 260 23.56 -10.99 -0.40
CA PHE B 260 24.34 -11.02 0.84
C PHE B 260 25.56 -10.12 0.77
N ASP B 261 26.04 -9.79 -0.43
CA ASP B 261 27.19 -8.90 -0.52
C ASP B 261 26.87 -7.55 0.10
N ASP B 262 25.60 -7.15 0.09
CA ASP B 262 25.22 -5.86 0.64
C ASP B 262 25.47 -5.81 2.14
N TYR B 263 24.99 -6.80 2.87
CA TYR B 263 25.07 -6.78 4.32
C TYR B 263 26.51 -6.92 4.78
N LEU B 264 26.74 -6.56 6.03
CA LEU B 264 28.06 -6.66 6.63
C LEU B 264 27.96 -7.32 7.99
N VAL B 265 28.87 -8.24 8.27
CA VAL B 265 28.87 -9.04 9.49
C VAL B 265 30.12 -8.70 10.29
N SER B 266 29.93 -8.46 11.58
CA SER B 266 31.00 -8.06 12.49
C SER B 266 30.96 -8.96 13.71
N VAL B 267 32.09 -9.57 14.04
CA VAL B 267 32.21 -10.42 15.21
C VAL B 267 33.15 -9.75 16.20
N ASP B 268 32.71 -9.63 17.45
CA ASP B 268 33.46 -8.94 18.48
C ASP B 268 33.91 -9.91 19.55
N ASP B 269 35.22 -9.99 19.78
CA ASP B 269 35.82 -10.95 20.69
C ASP B 269 36.81 -10.26 21.61
N LYS B 270 36.35 -9.17 22.23
CA LYS B 270 37.24 -8.33 23.03
C LYS B 270 37.93 -9.12 24.14
N ASN B 271 37.16 -9.62 25.10
CA ASN B 271 37.76 -10.27 26.27
C ASN B 271 36.96 -11.46 26.76
N LEU B 272 35.90 -11.85 26.05
CA LEU B 272 35.09 -13.00 26.43
C LEU B 272 35.90 -14.28 26.44
N GLU B 273 37.06 -14.28 25.78
CA GLU B 273 37.88 -15.48 25.66
C GLU B 273 38.37 -15.99 27.01
N GLU B 274 38.33 -15.16 28.06
CA GLU B 274 38.95 -15.56 29.31
C GLU B 274 38.27 -16.79 29.90
N THR B 275 36.94 -16.83 29.88
CA THR B 275 36.22 -18.01 30.35
C THR B 275 35.37 -18.59 29.24
N LYS B 276 34.54 -17.74 28.65
CA LYS B 276 33.66 -18.17 27.57
C LYS B 276 34.48 -18.57 26.36
N LEU B 277 33.87 -19.34 25.47
CA LEU B 277 34.49 -19.64 24.21
C LEU B 277 33.58 -19.25 23.06
N LEU B 278 34.19 -18.92 21.93
CA LEU B 278 33.46 -18.68 20.69
C LEU B 278 34.03 -19.60 19.63
N ARG B 279 33.16 -20.42 19.04
CA ARG B 279 33.54 -21.24 17.90
C ARG B 279 32.73 -20.81 16.70
N LYS B 280 33.39 -20.79 15.55
CA LYS B 280 32.79 -20.40 14.29
C LYS B 280 32.39 -21.67 13.55
N LEU B 281 31.13 -21.72 13.09
CA LEU B 281 30.67 -22.84 12.30
C LEU B 281 30.17 -22.43 10.92
N GLY B 282 29.31 -21.42 10.85
CA GLY B 282 28.80 -21.01 9.55
C GLY B 282 29.89 -20.66 8.58
N GLY B 283 30.87 -19.87 9.03
CA GLY B 283 31.99 -19.48 8.20
C GLY B 283 32.60 -18.16 8.59
N THR C 1 17.08 -47.36 -9.61
CA THR C 1 16.61 -46.03 -9.28
C THR C 1 17.79 -45.10 -9.02
N ILE C 2 17.68 -43.87 -9.52
CA ILE C 2 18.81 -42.94 -9.55
C ILE C 2 19.38 -42.76 -8.16
N GLU C 3 20.67 -42.47 -8.10
CA GLU C 3 21.41 -42.57 -6.85
C GLU C 3 22.01 -41.22 -6.52
N LYS C 4 22.77 -40.60 -7.41
CA LYS C 4 23.59 -39.46 -7.02
C LYS C 4 22.80 -38.18 -7.19
N ARG C 5 22.73 -37.36 -6.14
CA ARG C 5 21.99 -36.11 -6.23
C ARG C 5 22.74 -35.11 -7.10
N TYR C 6 21.98 -34.28 -7.83
CA TYR C 6 22.55 -33.39 -8.83
C TYR C 6 22.14 -31.95 -8.56
N ASP C 7 22.98 -31.01 -9.01
CA ASP C 7 22.60 -29.60 -9.09
C ASP C 7 23.02 -29.05 -10.44
N PHE C 8 22.30 -28.04 -10.91
CA PHE C 8 22.64 -27.52 -12.23
C PHE C 8 22.21 -26.09 -12.39
N VAL C 9 22.91 -25.39 -13.28
CA VAL C 9 22.66 -24.00 -13.62
C VAL C 9 22.29 -23.92 -15.09
N PHE C 10 21.33 -23.08 -15.41
CA PHE C 10 20.71 -22.99 -16.73
C PHE C 10 20.72 -21.54 -17.17
N LEU C 11 21.02 -21.30 -18.45
CA LEU C 11 21.13 -19.95 -18.99
C LEU C 11 20.48 -19.87 -20.35
N PHE C 12 19.37 -19.15 -20.44
CA PHE C 12 18.66 -19.06 -21.71
C PHE C 12 18.27 -17.63 -21.98
N ASP C 13 18.35 -17.21 -23.25
CA ASP C 13 18.17 -15.83 -23.65
C ASP C 13 16.99 -15.69 -24.59
N VAL C 14 16.17 -14.69 -24.35
CA VAL C 14 15.04 -14.37 -25.21
C VAL C 14 15.48 -13.29 -26.19
N GLN C 15 15.18 -13.49 -27.47
CA GLN C 15 15.72 -12.59 -28.48
C GLN C 15 14.87 -11.34 -28.65
N ASP C 16 13.64 -11.51 -29.15
CA ASP C 16 12.86 -10.34 -29.53
C ASP C 16 11.39 -10.45 -29.19
N GLY C 17 11.05 -10.98 -28.03
CA GLY C 17 9.64 -11.14 -27.78
C GLY C 17 9.34 -11.47 -26.33
N ASN C 18 8.06 -11.32 -26.00
CA ASN C 18 7.57 -11.60 -24.67
C ASN C 18 8.11 -12.95 -24.19
N PRO C 19 9.07 -12.97 -23.27
CA PRO C 19 9.64 -14.27 -22.90
C PRO C 19 8.71 -15.06 -22.02
N ASN C 20 8.13 -14.41 -21.02
CA ASN C 20 7.12 -15.05 -20.21
C ASN C 20 5.86 -14.24 -20.38
N GLY C 21 4.75 -14.83 -19.99
CA GLY C 21 3.48 -14.22 -20.29
C GLY C 21 3.21 -13.01 -19.45
N ASP C 22 2.13 -12.32 -19.81
CA ASP C 22 1.70 -11.16 -19.08
C ASP C 22 1.27 -11.58 -17.68
N PRO C 23 1.49 -10.74 -16.69
CA PRO C 23 1.14 -11.11 -15.31
C PRO C 23 -0.33 -11.30 -15.09
N ASP C 24 -1.15 -11.26 -16.12
CA ASP C 24 -2.60 -11.45 -16.06
C ASP C 24 -3.27 -10.27 -15.36
N ALA C 25 -2.51 -9.35 -14.79
CA ALA C 25 -3.04 -8.10 -14.26
C ALA C 25 -2.08 -6.99 -14.68
N GLY C 26 -2.28 -6.47 -15.87
CA GLY C 26 -1.38 -5.48 -16.44
C GLY C 26 -0.43 -6.20 -17.36
N ASN C 27 -0.72 -6.19 -18.65
CA ASN C 27 -0.11 -7.16 -19.54
C ASN C 27 1.22 -6.66 -20.07
N LEU C 28 2.30 -7.13 -19.46
CA LEU C 28 3.66 -6.83 -19.89
C LEU C 28 4.51 -8.06 -19.66
N PRO C 29 5.77 -8.05 -20.06
CA PRO C 29 6.67 -9.06 -19.55
C PRO C 29 6.76 -8.94 -18.04
N ARG C 30 7.00 -10.05 -17.37
CA ARG C 30 7.13 -10.01 -15.91
C ARG C 30 8.36 -9.21 -15.53
N ILE C 31 8.19 -8.26 -14.63
CA ILE C 31 9.25 -7.31 -14.34
C ILE C 31 9.36 -7.09 -12.85
N ASP C 32 10.59 -6.95 -12.38
CA ASP C 32 10.81 -6.52 -11.01
C ASP C 32 10.43 -5.06 -10.85
N PRO C 33 9.49 -4.75 -9.96
CA PRO C 33 9.08 -3.34 -9.85
C PRO C 33 10.24 -2.42 -9.51
N GLN C 34 11.21 -2.91 -8.75
CA GLN C 34 12.21 -1.97 -8.25
C GLN C 34 13.50 -2.02 -9.05
N THR C 35 14.15 -3.19 -9.12
CA THR C 35 15.51 -3.22 -9.64
C THR C 35 15.55 -2.94 -11.14
N GLY C 36 14.45 -3.20 -11.84
CA GLY C 36 14.46 -3.16 -13.29
C GLY C 36 14.82 -4.46 -13.95
N GLU C 37 15.07 -5.52 -13.19
CA GLU C 37 15.38 -6.82 -13.73
C GLU C 37 14.11 -7.52 -14.18
N GLY C 38 14.28 -8.62 -14.90
CA GLY C 38 13.17 -9.36 -15.46
C GLY C 38 13.14 -10.78 -14.94
N LEU C 39 11.93 -11.32 -14.81
CA LEU C 39 11.71 -12.67 -14.32
C LEU C 39 10.90 -13.47 -15.30
N VAL C 40 11.16 -14.77 -15.33
CA VAL C 40 10.27 -15.75 -15.96
C VAL C 40 9.88 -16.77 -14.90
N THR C 41 8.58 -16.97 -14.76
CA THR C 41 8.09 -17.93 -13.78
C THR C 41 8.56 -19.32 -14.17
N ASP C 42 8.92 -20.12 -13.17
CA ASP C 42 9.40 -21.46 -13.46
C ASP C 42 8.34 -22.29 -14.16
N VAL C 43 7.09 -22.14 -13.74
CA VAL C 43 6.01 -22.97 -14.25
C VAL C 43 6.01 -22.97 -15.77
N CYS C 44 6.31 -21.82 -16.38
CA CYS C 44 6.37 -21.78 -17.84
C CYS C 44 7.43 -22.73 -18.38
N LEU C 45 8.63 -22.69 -17.83
CA LEU C 45 9.68 -23.57 -18.29
C LEU C 45 9.28 -25.03 -18.12
N LYS C 46 8.64 -25.34 -16.99
CA LYS C 46 8.14 -26.69 -16.78
C LYS C 46 7.15 -27.10 -17.85
N ARG C 47 6.21 -26.21 -18.18
CA ARG C 47 5.21 -26.56 -19.17
C ARG C 47 5.84 -26.77 -20.53
N LYS C 48 6.89 -26.02 -20.83
CA LYS C 48 7.57 -26.25 -22.09
C LYS C 48 8.11 -27.67 -22.16
N VAL C 49 8.75 -28.14 -21.09
CA VAL C 49 9.28 -29.50 -21.18
C VAL C 49 8.15 -30.52 -21.23
N ARG C 50 7.04 -30.24 -20.56
CA ARG C 50 5.91 -31.14 -20.66
C ARG C 50 5.43 -31.27 -22.11
N ASN C 51 5.31 -30.16 -22.81
CA ASN C 51 4.90 -30.23 -24.20
C ASN C 51 5.89 -31.04 -25.02
N PHE C 52 7.17 -30.83 -24.80
CA PHE C 52 8.15 -31.56 -25.59
C PHE C 52 7.99 -33.05 -25.39
N ILE C 53 7.78 -33.49 -24.15
CA ILE C 53 7.47 -34.90 -23.91
C ILE C 53 6.24 -35.31 -24.70
N GLN C 54 5.15 -34.55 -24.57
CA GLN C 54 3.90 -34.99 -25.19
C GLN C 54 4.10 -35.19 -26.69
N MET C 55 4.98 -34.43 -27.30
CA MET C 55 5.20 -34.58 -28.73
C MET C 55 6.36 -35.49 -29.07
N THR C 56 7.09 -36.03 -28.10
CA THR C 56 8.26 -36.80 -28.45
C THR C 56 8.05 -38.30 -28.30
N GLN C 57 7.57 -38.77 -27.15
CA GLN C 57 7.54 -40.21 -26.91
C GLN C 57 6.30 -40.86 -27.50
N ASN C 58 5.13 -40.47 -27.02
CA ASN C 58 3.87 -41.09 -27.45
C ASN C 58 3.85 -42.59 -27.19
N ASP C 59 3.87 -42.95 -25.92
CA ASP C 59 3.86 -44.34 -25.49
C ASP C 59 3.27 -44.39 -24.09
N GLU C 60 2.68 -45.54 -23.76
CA GLU C 60 2.33 -45.76 -22.37
C GLU C 60 3.59 -45.83 -21.53
N HIS C 61 3.47 -45.45 -20.27
CA HIS C 61 4.55 -45.13 -19.35
C HIS C 61 5.09 -43.74 -19.64
N HIS C 62 4.46 -42.98 -20.53
CA HIS C 62 4.91 -41.62 -20.79
C HIS C 62 3.75 -40.68 -21.06
N ASP C 63 2.57 -40.98 -20.52
CA ASP C 63 1.44 -40.07 -20.61
C ASP C 63 1.67 -38.86 -19.71
N ILE C 64 0.94 -37.78 -19.98
CA ILE C 64 1.33 -36.46 -19.50
C ILE C 64 0.42 -35.88 -18.43
N PHE C 65 -0.83 -36.33 -18.34
CA PHE C 65 -1.71 -36.06 -17.20
C PHE C 65 -2.28 -34.65 -17.10
N ILE C 66 -1.80 -33.69 -17.89
CA ILE C 66 -2.46 -32.39 -18.01
C ILE C 66 -2.44 -32.00 -19.46
N ARG C 67 -3.57 -32.12 -20.12
CA ARG C 67 -3.69 -31.82 -21.53
C ARG C 67 -4.78 -30.79 -21.73
N GLU C 68 -4.74 -30.14 -22.89
CA GLU C 68 -5.49 -28.90 -23.08
C GLU C 68 -6.97 -29.07 -22.82
N LYS C 69 -7.49 -30.29 -22.97
CA LYS C 69 -8.92 -30.50 -22.78
C LYS C 69 -9.20 -31.58 -21.75
N GLY C 70 -8.17 -32.13 -21.10
CA GLY C 70 -8.40 -33.11 -20.06
C GLY C 70 -9.18 -32.53 -18.90
N ILE C 71 -9.91 -33.41 -18.22
CA ILE C 71 -10.64 -33.04 -17.01
C ILE C 71 -10.12 -33.94 -15.89
N LEU C 72 -9.62 -33.32 -14.83
CA LEU C 72 -8.81 -34.05 -13.86
C LEU C 72 -9.63 -35.12 -13.14
N ASN C 73 -10.86 -34.81 -12.77
CA ASN C 73 -11.62 -35.75 -11.94
C ASN C 73 -11.81 -37.09 -12.64
N ASN C 74 -12.13 -37.07 -13.93
CA ASN C 74 -12.33 -38.34 -14.61
C ASN C 74 -11.01 -39.11 -14.73
N LEU C 75 -9.91 -38.39 -14.94
CA LEU C 75 -8.62 -39.08 -15.01
C LEU C 75 -8.28 -39.72 -13.68
N ILE C 76 -8.60 -39.07 -12.58
CA ILE C 76 -8.38 -39.69 -11.27
C ILE C 76 -9.28 -40.89 -11.12
N ASP C 77 -10.57 -40.74 -11.44
CA ASP C 77 -11.52 -41.81 -11.19
C ASP C 77 -11.15 -43.06 -11.96
N GLU C 78 -10.78 -42.91 -13.23
CA GLU C 78 -10.49 -44.08 -14.05
C GLU C 78 -9.37 -44.91 -13.45
N ALA C 79 -8.47 -44.26 -12.71
CA ALA C 79 -7.42 -45.01 -12.04
C ALA C 79 -7.98 -45.89 -10.93
N HIS C 80 -9.20 -45.60 -10.47
CA HIS C 80 -9.80 -46.43 -9.44
C HIS C 80 -10.36 -47.72 -10.00
N GLU C 81 -10.20 -47.97 -11.29
CA GLU C 81 -10.68 -49.20 -11.90
C GLU C 81 -9.59 -50.20 -12.22
N GLN C 82 -8.35 -49.95 -11.81
CA GLN C 82 -7.32 -50.96 -11.98
C GLN C 82 -7.55 -52.10 -10.99
N GLU C 83 -6.99 -53.27 -11.33
CA GLU C 83 -7.26 -54.46 -10.52
C GLU C 83 -6.72 -54.30 -9.10
N ASN C 84 -5.54 -53.71 -8.96
CA ASN C 84 -4.91 -53.60 -7.64
C ASN C 84 -5.79 -52.80 -6.68
N VAL C 85 -6.38 -51.70 -7.17
CA VAL C 85 -7.19 -50.85 -6.33
C VAL C 85 -8.62 -51.35 -6.17
N LYS C 86 -8.98 -52.47 -6.82
CA LYS C 86 -10.31 -53.01 -6.62
C LYS C 86 -10.59 -53.36 -5.17
N GLY C 87 -9.89 -54.35 -4.64
CA GLY C 87 -10.10 -54.69 -3.25
C GLY C 87 -8.95 -54.23 -2.38
N LYS C 88 -9.13 -53.08 -1.72
CA LYS C 88 -8.16 -52.56 -0.78
C LYS C 88 -8.94 -51.81 0.28
N GLU C 89 -8.24 -50.97 1.05
CA GLU C 89 -8.86 -50.22 2.14
C GLU C 89 -8.38 -48.78 2.11
N LYS C 90 -8.95 -47.96 3.01
CA LYS C 90 -8.80 -46.51 3.04
C LYS C 90 -7.39 -46.07 2.75
N GLY C 91 -6.43 -46.44 3.60
CA GLY C 91 -5.05 -46.14 3.29
C GLY C 91 -4.58 -46.89 2.06
N GLU C 92 -5.00 -48.15 1.93
CA GLU C 92 -4.50 -48.99 0.85
C GLU C 92 -5.01 -48.50 -0.51
N LYS C 93 -6.28 -48.09 -0.55
CA LYS C 93 -6.80 -47.43 -1.75
C LYS C 93 -5.84 -46.36 -2.24
N THR C 94 -5.56 -45.38 -1.38
CA THR C 94 -4.74 -44.24 -1.78
C THR C 94 -3.35 -44.68 -2.19
N GLU C 95 -2.76 -45.58 -1.41
CA GLU C 95 -1.39 -45.96 -1.72
C GLU C 95 -1.30 -46.65 -3.08
N ALA C 96 -2.22 -47.57 -3.35
CA ALA C 96 -2.20 -48.23 -4.64
C ALA C 96 -2.48 -47.24 -5.76
N ALA C 97 -3.37 -46.28 -5.52
CA ALA C 97 -3.65 -45.27 -6.52
C ALA C 97 -2.38 -44.51 -6.88
N ARG C 98 -1.63 -44.07 -5.86
CA ARG C 98 -0.40 -43.38 -6.14
C ARG C 98 0.56 -44.26 -6.91
N GLN C 99 0.65 -45.54 -6.54
CA GLN C 99 1.56 -46.41 -7.25
C GLN C 99 1.21 -46.51 -8.72
N TYR C 100 -0.08 -46.67 -9.02
CA TYR C 100 -0.47 -46.80 -10.42
C TYR C 100 -0.24 -45.50 -11.19
N MET C 101 -0.64 -44.37 -10.61
CA MET C 101 -0.45 -43.10 -11.28
C MET C 101 1.00 -42.89 -11.61
N CYS C 102 1.88 -43.05 -10.63
CA CYS C 102 3.30 -42.92 -10.90
C CYS C 102 3.77 -43.97 -11.90
N SER C 103 3.07 -45.11 -11.95
CA SER C 103 3.47 -46.14 -12.90
C SER C 103 3.28 -45.67 -14.33
N ARG C 104 2.15 -45.01 -14.61
CA ARG C 104 1.86 -44.81 -16.03
C ARG C 104 2.38 -43.48 -16.58
N TYR C 105 2.50 -42.46 -15.76
CA TYR C 105 2.85 -41.16 -16.30
C TYR C 105 4.35 -40.89 -16.21
N TYR C 106 4.75 -39.78 -16.80
CA TYR C 106 6.08 -39.23 -16.64
C TYR C 106 6.07 -37.84 -16.02
N ASP C 107 5.05 -37.05 -16.33
CA ASP C 107 4.84 -35.79 -15.65
C ASP C 107 4.81 -35.99 -14.14
N ILE C 108 3.98 -36.91 -13.67
CA ILE C 108 3.90 -37.14 -12.23
C ILE C 108 5.23 -37.63 -11.70
N ARG C 109 5.86 -38.57 -12.40
CA ARG C 109 7.10 -39.14 -11.89
C ARG C 109 8.18 -38.10 -11.74
N THR C 110 8.13 -37.03 -12.52
CA THR C 110 9.23 -36.09 -12.42
C THR C 110 8.89 -34.83 -11.64
N PHE C 111 7.68 -34.31 -11.75
CA PHE C 111 7.28 -33.17 -10.95
C PHE C 111 6.08 -33.58 -10.13
N GLY C 112 5.96 -32.98 -8.96
CA GLY C 112 4.93 -33.39 -8.02
C GLY C 112 3.53 -33.16 -8.55
N ALA C 113 2.56 -33.45 -7.69
CA ALA C 113 1.16 -33.24 -8.06
C ALA C 113 0.28 -33.42 -6.85
N VAL C 114 -0.97 -32.97 -7.01
CA VAL C 114 -2.01 -33.02 -6.00
C VAL C 114 -3.19 -33.78 -6.59
N MET C 115 -3.63 -34.83 -5.89
CA MET C 115 -4.61 -35.75 -6.39
C MET C 115 -5.64 -36.02 -5.30
N THR C 116 -6.20 -34.95 -4.74
CA THR C 116 -7.18 -35.05 -3.66
C THR C 116 -8.53 -34.43 -4.01
N THR C 117 -8.83 -34.26 -5.30
CA THR C 117 -10.06 -33.56 -5.66
C THR C 117 -11.29 -34.40 -5.35
N GLY C 118 -11.43 -35.54 -6.01
CA GLY C 118 -12.59 -36.39 -5.83
C GLY C 118 -12.27 -37.63 -5.03
N LYS C 119 -12.42 -38.81 -5.62
CA LYS C 119 -11.86 -39.99 -5.00
C LYS C 119 -10.36 -39.78 -4.84
N ASN C 120 -9.93 -39.63 -3.60
CA ASN C 120 -8.59 -39.11 -3.33
C ASN C 120 -7.51 -40.05 -3.84
N ALA C 121 -6.34 -39.48 -4.12
CA ALA C 121 -5.17 -40.27 -4.44
C ALA C 121 -3.90 -39.80 -3.73
N GLY C 122 -3.82 -38.54 -3.29
CA GLY C 122 -2.75 -38.16 -2.41
C GLY C 122 -1.95 -36.99 -2.95
N GLN C 123 -0.64 -37.02 -2.66
CA GLN C 123 0.27 -36.01 -3.16
C GLN C 123 1.59 -36.66 -3.52
N VAL C 124 2.38 -35.98 -4.32
CA VAL C 124 3.77 -36.37 -4.51
C VAL C 124 4.61 -35.10 -4.48
N ARG C 125 5.91 -35.24 -4.24
CA ARG C 125 6.76 -34.06 -4.14
C ARG C 125 7.72 -33.89 -5.30
N GLY C 126 8.10 -34.95 -5.99
CA GLY C 126 8.83 -34.77 -7.21
C GLY C 126 10.30 -34.61 -6.95
N PRO C 127 11.09 -35.52 -7.50
CA PRO C 127 12.53 -35.49 -7.28
C PRO C 127 13.23 -34.28 -7.87
N VAL C 128 12.59 -33.60 -8.81
CA VAL C 128 13.24 -32.59 -9.63
C VAL C 128 12.57 -31.26 -9.34
N GLN C 129 13.35 -30.26 -8.98
CA GLN C 129 12.74 -28.97 -8.68
C GLN C 129 13.53 -27.82 -9.28
N LEU C 130 12.80 -26.77 -9.65
CA LEU C 130 13.35 -25.64 -10.37
C LEU C 130 12.89 -24.35 -9.71
N THR C 131 13.72 -23.33 -9.81
CA THR C 131 13.43 -22.04 -9.21
C THR C 131 12.96 -21.03 -10.26
N PHE C 132 12.63 -19.84 -9.80
CA PHE C 132 12.43 -18.73 -10.72
C PHE C 132 13.73 -18.39 -11.40
N SER C 133 13.65 -17.78 -12.56
CA SER C 133 14.85 -17.26 -13.18
C SER C 133 14.79 -15.74 -13.20
N ARG C 134 15.95 -15.12 -13.32
CA ARG C 134 16.06 -13.68 -13.23
C ARG C 134 16.99 -13.18 -14.31
N SER C 135 16.76 -11.93 -14.71
CA SER C 135 17.54 -11.34 -15.78
C SER C 135 18.85 -10.78 -15.24
N ILE C 136 19.93 -10.97 -15.99
CA ILE C 136 21.22 -10.49 -15.52
C ILE C 136 21.23 -8.97 -15.45
N ASP C 137 20.76 -8.29 -16.48
CA ASP C 137 20.78 -6.84 -16.52
C ASP C 137 19.42 -6.30 -16.88
N PRO C 138 19.08 -5.10 -16.40
CA PRO C 138 17.70 -4.64 -16.52
C PRO C 138 17.24 -4.58 -17.95
N ILE C 139 15.99 -4.95 -18.18
CA ILE C 139 15.41 -5.01 -19.51
C ILE C 139 14.60 -3.75 -19.74
N MET C 140 14.61 -3.27 -20.97
CA MET C 140 13.95 -2.03 -21.32
C MET C 140 12.83 -2.35 -22.29
N THR C 141 11.61 -2.41 -21.76
CA THR C 141 10.44 -2.83 -22.51
C THR C 141 10.28 -1.99 -23.77
N LEU C 142 9.52 -2.52 -24.72
CA LEU C 142 9.01 -1.73 -25.83
C LEU C 142 7.55 -2.10 -26.00
N GLU C 143 6.73 -1.12 -26.31
CA GLU C 143 5.32 -1.35 -26.56
C GLU C 143 5.04 -1.01 -28.01
N HIS C 144 4.29 -1.86 -28.69
CA HIS C 144 3.95 -1.66 -30.08
C HIS C 144 2.44 -1.70 -30.26
N SER C 145 1.94 -0.84 -31.14
CA SER C 145 0.53 -0.84 -31.48
C SER C 145 0.38 -1.24 -32.94
N ILE C 146 -0.55 -2.15 -33.21
CA ILE C 146 -0.79 -2.65 -34.55
C ILE C 146 -2.29 -2.78 -34.78
N THR C 147 -2.67 -2.76 -36.06
CA THR C 147 -4.05 -2.65 -36.48
C THR C 147 -4.58 -3.99 -36.98
N ARG C 148 -5.90 -4.07 -37.07
CA ARG C 148 -6.56 -5.25 -37.61
C ARG C 148 -7.22 -4.90 -38.93
N MET C 149 -7.03 -5.75 -39.94
CA MET C 149 -7.54 -5.42 -41.26
C MET C 149 -9.05 -5.32 -41.28
N ALA C 150 -9.74 -6.17 -40.52
CA ALA C 150 -11.19 -6.25 -40.56
C ALA C 150 -11.75 -6.24 -39.15
N VAL C 151 -13.02 -5.86 -39.03
CA VAL C 151 -13.65 -5.80 -37.73
C VAL C 151 -13.69 -7.20 -37.12
N THR C 152 -13.53 -7.25 -35.80
CA THR C 152 -13.56 -8.53 -35.10
C THR C 152 -14.90 -9.22 -35.27
N ASN C 153 -15.98 -8.46 -35.20
CA ASN C 153 -17.32 -9.03 -35.21
C ASN C 153 -18.27 -8.02 -35.83
N GLU C 154 -19.41 -8.51 -36.30
CA GLU C 154 -20.51 -7.66 -36.74
C GLU C 154 -21.26 -7.15 -35.51
N LYS C 155 -20.48 -6.59 -34.59
CA LYS C 155 -20.96 -6.09 -33.32
C LYS C 155 -21.34 -4.62 -33.46
N ASP C 156 -21.51 -3.93 -32.34
CA ASP C 156 -21.66 -2.49 -32.38
C ASP C 156 -20.53 -1.84 -33.17
N ALA C 157 -19.33 -2.42 -33.08
CA ALA C 157 -18.20 -1.98 -33.90
C ALA C 157 -18.23 -2.68 -35.27
N SER C 158 -19.39 -2.57 -35.93
CA SER C 158 -19.55 -3.02 -37.30
C SER C 158 -19.21 -1.93 -38.29
N GLU C 159 -18.70 -0.80 -37.83
CA GLU C 159 -18.34 0.30 -38.70
C GLU C 159 -17.15 -0.11 -39.58
N THR C 160 -16.99 0.62 -40.69
CA THR C 160 -15.98 0.25 -41.67
C THR C 160 -14.57 0.32 -41.10
N GLY C 161 -14.26 1.37 -40.33
CA GLY C 161 -12.91 1.54 -39.84
C GLY C 161 -12.65 0.71 -38.59
N ASP C 162 -11.40 0.26 -38.44
CA ASP C 162 -10.91 -0.32 -37.21
C ASP C 162 -9.93 0.62 -36.50
N ASN C 163 -9.90 1.89 -36.90
CA ASN C 163 -8.95 2.83 -36.31
C ASN C 163 -9.28 3.17 -34.87
N ARG C 164 -10.47 2.77 -34.40
CA ARG C 164 -10.85 3.06 -33.03
C ARG C 164 -10.10 2.19 -32.02
N THR C 165 -9.98 0.90 -32.30
CA THR C 165 -9.27 -0.04 -31.43
C THR C 165 -8.26 -0.81 -32.26
N MET C 166 -7.03 -0.92 -31.73
CA MET C 166 -5.96 -1.58 -32.46
C MET C 166 -5.40 -2.78 -31.73
N GLY C 167 -5.21 -2.70 -30.42
CA GLY C 167 -4.53 -3.75 -29.70
C GLY C 167 -3.02 -3.65 -29.86
N ARG C 168 -2.32 -4.17 -28.86
CA ARG C 168 -0.88 -3.94 -28.74
C ARG C 168 -0.15 -5.26 -28.59
N LYS C 169 1.14 -5.22 -28.93
CA LYS C 169 2.05 -6.36 -28.87
C LYS C 169 3.33 -5.90 -28.20
N PHE C 170 3.50 -6.26 -26.93
CA PHE C 170 4.70 -5.87 -26.20
C PHE C 170 5.88 -6.67 -26.66
N THR C 171 7.08 -6.20 -26.34
CA THR C 171 8.28 -6.96 -26.66
C THR C 171 9.48 -6.47 -25.85
N VAL C 172 10.55 -7.25 -25.94
CA VAL C 172 11.77 -7.04 -25.20
C VAL C 172 12.92 -7.10 -26.18
N PRO C 173 13.84 -6.15 -26.17
CA PRO C 173 14.88 -6.16 -27.21
C PRO C 173 15.89 -7.28 -27.03
N TYR C 174 16.24 -7.63 -25.80
CA TYR C 174 17.24 -8.67 -25.56
C TYR C 174 17.39 -8.88 -24.06
N GLY C 175 18.10 -9.94 -23.70
CA GLY C 175 18.40 -10.20 -22.31
C GLY C 175 18.99 -11.59 -22.15
N LEU C 176 19.19 -11.96 -20.88
CA LEU C 176 19.56 -13.30 -20.48
C LEU C 176 18.78 -13.64 -19.23
N TYR C 177 18.60 -14.93 -19.00
CA TYR C 177 17.88 -15.38 -17.83
C TYR C 177 18.61 -16.57 -17.20
N ARG C 178 18.78 -16.50 -15.89
CA ARG C 178 19.57 -17.46 -15.13
C ARG C 178 18.67 -18.27 -14.21
N CYS C 179 18.79 -19.60 -14.25
CA CYS C 179 17.91 -20.50 -13.52
C CYS C 179 18.71 -21.57 -12.78
N HIS C 180 18.21 -22.00 -11.63
CA HIS C 180 18.86 -23.02 -10.82
C HIS C 180 17.96 -24.23 -10.71
N GLY C 181 18.55 -25.42 -10.58
CA GLY C 181 17.74 -26.62 -10.47
C GLY C 181 18.42 -27.69 -9.64
N PHE C 182 17.58 -28.47 -8.95
CA PHE C 182 18.03 -29.49 -8.02
C PHE C 182 17.42 -30.86 -8.34
N ILE C 183 18.22 -31.89 -8.10
CA ILE C 183 17.83 -33.29 -8.28
C ILE C 183 18.14 -34.02 -6.98
N SER C 184 17.11 -34.55 -6.33
CA SER C 184 17.27 -35.13 -4.99
C SER C 184 16.90 -36.61 -5.04
N THR C 185 17.84 -37.47 -4.66
CA THR C 185 17.59 -38.90 -4.76
C THR C 185 16.66 -39.38 -3.66
N HIS C 186 16.62 -38.68 -2.52
CA HIS C 186 15.88 -39.19 -1.38
C HIS C 186 14.41 -39.38 -1.71
N PHE C 187 13.93 -38.71 -2.74
CA PHE C 187 12.55 -38.89 -3.13
C PHE C 187 12.37 -39.86 -4.27
N ALA C 188 13.43 -40.17 -5.01
CA ALA C 188 13.30 -41.05 -6.15
C ALA C 188 12.68 -42.39 -5.75
N LYS C 189 12.97 -42.84 -4.53
CA LYS C 189 12.43 -44.13 -4.10
C LYS C 189 10.92 -44.10 -4.04
N GLN C 190 10.32 -42.94 -3.76
CA GLN C 190 8.89 -42.91 -3.52
C GLN C 190 8.11 -42.87 -4.81
N THR C 191 8.79 -42.70 -5.94
CA THR C 191 8.09 -42.51 -7.19
C THR C 191 8.66 -43.35 -8.33
N GLY C 192 9.90 -43.80 -8.23
CA GLY C 192 10.45 -44.65 -9.26
C GLY C 192 11.15 -43.91 -10.37
N PHE C 193 11.56 -42.67 -10.14
CA PHE C 193 12.38 -41.96 -11.10
C PHE C 193 13.58 -42.82 -11.47
N SER C 194 13.80 -43.00 -12.76
CA SER C 194 14.82 -43.94 -13.23
C SER C 194 15.85 -43.21 -14.09
N GLU C 195 16.98 -43.88 -14.30
CA GLU C 195 18.09 -43.24 -15.00
C GLU C 195 17.70 -42.82 -16.40
N ASN C 196 16.97 -43.68 -17.12
CA ASN C 196 16.51 -43.32 -18.45
C ASN C 196 15.70 -42.03 -18.40
N ASP C 197 14.90 -41.87 -17.35
CA ASP C 197 14.11 -40.65 -17.23
C ASP C 197 15.00 -39.43 -17.09
N LEU C 198 16.08 -39.54 -16.32
CA LEU C 198 17.00 -38.42 -16.19
C LEU C 198 17.67 -38.10 -17.51
N GLU C 199 18.04 -39.13 -18.27
CA GLU C 199 18.60 -38.87 -19.59
C GLU C 199 17.61 -38.13 -20.46
N LEU C 200 16.33 -38.50 -20.37
CA LEU C 200 15.31 -37.76 -21.08
C LEU C 200 15.29 -36.31 -20.64
N PHE C 201 15.42 -36.06 -19.35
CA PHE C 201 15.41 -34.67 -18.89
C PHE C 201 16.54 -33.88 -19.51
N TRP C 202 17.75 -34.44 -19.48
CA TRP C 202 18.90 -33.70 -20.03
C TRP C 202 18.72 -33.45 -21.51
N GLN C 203 18.30 -34.47 -22.25
CA GLN C 203 18.09 -34.27 -23.68
C GLN C 203 16.95 -33.27 -23.92
N ALA C 204 15.99 -33.22 -23.01
CA ALA C 204 14.84 -32.36 -23.21
C ALA C 204 15.22 -30.89 -23.09
N LEU C 205 15.97 -30.53 -22.05
CA LEU C 205 16.28 -29.11 -21.90
C LEU C 205 16.95 -28.55 -23.14
N VAL C 206 18.02 -29.19 -23.60
CA VAL C 206 18.83 -28.59 -24.65
C VAL C 206 18.00 -28.37 -25.91
N ASN C 207 17.01 -29.22 -26.14
CA ASN C 207 16.15 -29.07 -27.31
C ASN C 207 14.72 -28.74 -26.95
N MET C 208 14.51 -28.00 -25.86
CA MET C 208 13.15 -27.65 -25.50
C MET C 208 12.58 -26.65 -26.47
N PHE C 209 13.41 -25.72 -26.94
CA PHE C 209 12.89 -24.50 -27.58
C PHE C 209 12.64 -24.72 -29.06
N ASP C 210 13.63 -25.26 -29.78
CA ASP C 210 13.51 -25.36 -31.23
C ASP C 210 12.21 -26.02 -31.63
N HIS C 211 11.80 -27.05 -30.90
CA HIS C 211 10.54 -27.72 -31.18
C HIS C 211 9.33 -26.98 -30.63
N ASP C 212 9.47 -25.70 -30.28
CA ASP C 212 8.35 -24.91 -29.78
C ASP C 212 8.48 -23.45 -30.22
N HIS C 213 7.56 -23.00 -31.06
CA HIS C 213 7.53 -21.62 -31.50
C HIS C 213 6.11 -21.10 -31.46
N SER C 214 5.98 -19.78 -31.57
CA SER C 214 4.67 -19.15 -31.64
C SER C 214 4.88 -17.71 -32.08
N ALA C 215 3.78 -17.05 -32.41
CA ALA C 215 3.89 -15.66 -32.86
C ALA C 215 4.36 -14.76 -31.74
N ALA C 216 3.68 -14.82 -30.59
CA ALA C 216 3.98 -13.89 -29.52
C ALA C 216 5.39 -14.07 -28.98
N ARG C 217 5.83 -15.32 -28.83
CA ARG C 217 7.11 -15.60 -28.19
C ARG C 217 8.26 -14.96 -28.96
N GLY C 218 8.26 -15.09 -30.27
CA GLY C 218 9.43 -14.72 -31.03
C GLY C 218 10.58 -15.64 -30.71
N GLN C 219 11.69 -15.41 -31.39
CA GLN C 219 12.84 -16.30 -31.26
C GLN C 219 13.31 -16.37 -29.82
N MET C 220 13.60 -17.59 -29.36
CA MET C 220 14.35 -17.84 -28.14
C MET C 220 15.34 -18.95 -28.39
N ASN C 221 16.32 -19.09 -27.52
CA ASN C 221 17.30 -20.15 -27.62
C ASN C 221 18.04 -20.30 -26.30
N ALA C 222 18.66 -21.45 -26.11
CA ALA C 222 19.29 -21.77 -24.84
C ALA C 222 20.81 -21.77 -25.01
N ARG C 223 21.51 -21.12 -24.08
CA ARG C 223 22.96 -21.01 -24.17
C ARG C 223 23.69 -21.99 -23.27
N GLY C 224 23.45 -21.93 -21.97
CA GLY C 224 24.32 -22.64 -21.04
C GLY C 224 23.57 -23.63 -20.18
N LEU C 225 24.24 -24.72 -19.85
CA LEU C 225 23.69 -25.74 -18.97
C LEU C 225 24.85 -26.50 -18.34
N TYR C 226 25.14 -26.23 -17.07
CA TYR C 226 26.25 -26.86 -16.38
C TYR C 226 25.72 -27.68 -15.22
N VAL C 227 26.18 -28.92 -15.11
CA VAL C 227 25.67 -29.83 -14.08
C VAL C 227 26.82 -30.25 -13.18
N PHE C 228 26.63 -30.07 -11.88
CA PHE C 228 27.48 -30.65 -10.85
C PHE C 228 26.80 -31.90 -10.32
N GLU C 229 27.57 -32.96 -10.15
CA GLU C 229 27.07 -34.15 -9.51
C GLU C 229 27.92 -34.43 -8.29
N HIS C 230 27.26 -34.80 -7.20
CA HIS C 230 27.92 -35.13 -5.96
C HIS C 230 28.40 -36.57 -5.98
N SER C 231 29.33 -36.90 -5.07
CA SER C 231 29.83 -38.26 -5.00
C SER C 231 28.92 -39.16 -4.17
N ASN C 232 28.32 -38.62 -3.12
CA ASN C 232 27.57 -39.42 -2.18
C ASN C 232 26.22 -38.79 -1.91
N ASN C 233 25.30 -39.62 -1.38
CA ASN C 233 23.94 -39.16 -1.11
C ASN C 233 23.90 -37.97 -0.18
N LEU C 234 25.02 -37.54 0.35
CA LEU C 234 25.08 -36.32 1.14
C LEU C 234 25.92 -35.29 0.40
N GLY C 235 25.41 -34.05 0.37
CA GLY C 235 26.08 -32.99 -0.35
C GLY C 235 27.50 -32.77 0.14
N ASP C 236 28.46 -32.76 -0.77
CA ASP C 236 29.84 -32.56 -0.38
C ASP C 236 30.08 -31.12 0.07
N ALA C 237 29.46 -30.17 -0.61
CA ALA C 237 29.51 -28.77 -0.23
C ALA C 237 28.12 -28.20 -0.40
N PRO C 238 27.79 -27.15 0.34
CA PRO C 238 26.48 -26.52 0.14
C PRO C 238 26.39 -25.90 -1.24
N ALA C 239 25.18 -25.48 -1.60
CA ALA C 239 24.91 -25.08 -2.97
C ALA C 239 25.72 -23.86 -3.38
N ASP C 240 25.65 -22.79 -2.60
CA ASP C 240 26.18 -21.51 -3.05
C ASP C 240 27.67 -21.60 -3.33
N SER C 241 28.39 -22.35 -2.50
CA SER C 241 29.82 -22.49 -2.73
C SER C 241 30.07 -23.12 -4.09
N LEU C 242 29.07 -23.81 -4.64
CA LEU C 242 29.18 -24.26 -6.01
C LEU C 242 28.76 -23.18 -6.99
N PHE C 243 27.56 -22.62 -6.79
CA PHE C 243 26.99 -21.73 -7.80
C PHE C 243 27.89 -20.55 -8.09
N LYS C 244 28.68 -20.12 -7.11
CA LYS C 244 29.58 -19.01 -7.39
C LYS C 244 30.66 -19.40 -8.37
N ARG C 245 30.81 -20.69 -8.65
CA ARG C 245 31.84 -21.11 -9.61
C ARG C 245 31.50 -20.68 -11.02
N ILE C 246 30.22 -20.49 -11.32
CA ILE C 246 29.77 -20.14 -12.66
C ILE C 246 29.26 -18.70 -12.64
N GLN C 247 29.98 -17.80 -13.28
CA GLN C 247 29.61 -16.40 -13.23
C GLN C 247 29.66 -15.76 -14.60
N VAL C 248 28.68 -14.92 -14.88
CA VAL C 248 28.59 -14.20 -16.14
C VAL C 248 28.58 -12.72 -15.83
N VAL C 249 29.28 -11.95 -16.64
CA VAL C 249 29.48 -10.52 -16.40
C VAL C 249 29.29 -9.77 -17.71
N LYS C 250 28.64 -8.62 -17.62
CA LYS C 250 28.55 -7.72 -18.76
C LYS C 250 29.95 -7.23 -19.15
N LYS C 251 30.17 -7.13 -20.45
CA LYS C 251 31.50 -6.81 -20.94
C LYS C 251 31.94 -5.45 -20.41
N ASP C 252 33.24 -5.20 -20.49
CA ASP C 252 33.83 -4.01 -19.88
C ASP C 252 33.35 -2.72 -20.55
N GLY C 253 33.43 -2.66 -21.88
CA GLY C 253 33.26 -1.39 -22.55
C GLY C 253 31.94 -1.22 -23.27
N VAL C 254 30.87 -1.79 -22.72
CA VAL C 254 29.57 -1.74 -23.36
C VAL C 254 28.59 -1.08 -22.39
N GLU C 255 27.76 -0.18 -22.91
CA GLU C 255 26.77 0.48 -22.07
C GLU C 255 25.43 -0.22 -22.14
N VAL C 256 25.11 -0.84 -23.26
CA VAL C 256 23.85 -1.54 -23.43
C VAL C 256 24.12 -2.86 -24.14
N VAL C 257 23.54 -3.93 -23.62
CA VAL C 257 23.75 -5.27 -24.15
C VAL C 257 22.72 -5.52 -25.23
N ARG C 258 23.15 -6.06 -26.36
CA ARG C 258 22.24 -6.22 -27.48
C ARG C 258 22.35 -7.59 -28.13
N SER C 259 23.17 -8.49 -27.60
CA SER C 259 23.34 -9.82 -28.16
C SER C 259 24.08 -10.69 -27.16
N PHE C 260 24.24 -11.97 -27.50
CA PHE C 260 25.01 -12.84 -26.64
C PHE C 260 26.48 -12.44 -26.60
N ASP C 261 26.95 -11.73 -27.61
CA ASP C 261 28.35 -11.34 -27.64
C ASP C 261 28.66 -10.44 -26.45
N ASP C 262 27.73 -9.57 -26.09
CA ASP C 262 28.00 -8.58 -25.05
C ASP C 262 28.41 -9.25 -23.74
N TYR C 263 27.61 -10.21 -23.27
CA TYR C 263 27.92 -10.84 -21.99
C TYR C 263 29.15 -11.73 -22.12
N LEU C 264 29.71 -12.10 -20.98
CA LEU C 264 30.91 -12.92 -20.90
C LEU C 264 30.70 -13.98 -19.83
N VAL C 265 31.14 -15.19 -20.10
CA VAL C 265 30.90 -16.33 -19.22
C VAL C 265 32.24 -16.81 -18.70
N SER C 266 32.27 -17.22 -17.43
CA SER C 266 33.49 -17.74 -16.84
C SER C 266 33.18 -18.85 -15.84
N VAL C 267 34.07 -19.83 -15.82
CA VAL C 267 33.89 -21.09 -15.12
C VAL C 267 35.05 -21.27 -14.14
N ASP C 268 34.76 -21.78 -12.96
CA ASP C 268 35.75 -21.98 -11.92
C ASP C 268 35.84 -23.46 -11.58
N ASP C 269 37.01 -24.05 -11.77
CA ASP C 269 37.23 -25.45 -11.44
C ASP C 269 38.60 -25.65 -10.81
N LYS C 270 39.02 -24.70 -9.98
CA LYS C 270 40.36 -24.78 -9.38
C LYS C 270 40.48 -25.99 -8.47
N ASN C 271 39.46 -26.25 -7.66
CA ASN C 271 39.55 -27.34 -6.70
C ASN C 271 38.36 -28.28 -6.84
N LEU C 272 37.36 -27.88 -7.64
CA LEU C 272 36.05 -28.53 -7.68
C LEU C 272 36.13 -30.04 -7.82
N GLU C 273 37.29 -30.57 -8.16
CA GLU C 273 37.51 -31.99 -8.40
C GLU C 273 37.65 -32.81 -7.13
N GLU C 274 37.19 -32.32 -5.98
CA GLU C 274 37.30 -33.11 -4.75
C GLU C 274 36.54 -34.42 -4.90
N THR C 275 35.21 -34.34 -4.96
CA THR C 275 34.39 -35.52 -5.15
C THR C 275 33.21 -35.19 -6.06
N LYS C 276 33.35 -34.15 -6.87
CA LYS C 276 32.24 -33.64 -7.64
C LYS C 276 32.62 -33.63 -9.11
N LEU C 277 31.64 -33.91 -9.95
CA LEU C 277 31.88 -33.93 -11.38
C LEU C 277 31.16 -32.76 -12.02
N LEU C 278 31.86 -32.04 -12.88
CA LEU C 278 31.35 -30.87 -13.57
C LEU C 278 31.18 -31.28 -15.04
N ARG C 279 29.96 -31.61 -15.42
CA ARG C 279 29.70 -31.93 -16.82
C ARG C 279 29.14 -30.69 -17.50
N LYS C 280 29.76 -30.34 -18.63
CA LYS C 280 29.41 -29.16 -19.39
C LYS C 280 28.47 -29.58 -20.50
N LEU C 281 27.28 -28.99 -20.54
CA LEU C 281 26.30 -29.40 -21.53
C LEU C 281 25.99 -28.31 -22.55
N GLY C 282 25.55 -27.14 -22.08
CA GLY C 282 25.10 -26.12 -23.00
C GLY C 282 26.18 -25.69 -23.98
N GLY C 283 27.38 -25.45 -23.48
CA GLY C 283 28.49 -25.04 -24.32
C GLY C 283 29.46 -24.13 -23.60
N THR D 1 1.41 -35.10 -45.20
CA THR D 1 1.70 -33.74 -44.76
C THR D 1 3.17 -33.44 -44.91
N ILE D 2 3.70 -32.71 -43.93
CA ILE D 2 5.08 -32.28 -44.04
C ILE D 2 6.01 -33.46 -43.87
N GLU D 3 7.27 -33.25 -44.24
CA GLU D 3 8.26 -34.31 -44.24
C GLU D 3 9.47 -34.00 -43.36
N LYS D 4 9.96 -32.78 -43.40
CA LYS D 4 11.14 -32.46 -42.61
C LYS D 4 11.03 -31.06 -42.03
N ARG D 5 11.59 -30.90 -40.85
CA ARG D 5 11.67 -29.61 -40.20
C ARG D 5 12.39 -28.62 -41.10
N TYR D 6 11.89 -27.39 -41.17
CA TYR D 6 12.38 -26.41 -42.12
C TYR D 6 12.72 -25.10 -41.44
N ASP D 7 13.83 -24.47 -41.82
CA ASP D 7 14.21 -23.17 -41.32
C ASP D 7 14.62 -22.28 -42.49
N PHE D 8 14.49 -20.97 -42.32
CA PHE D 8 14.89 -20.09 -43.40
C PHE D 8 15.24 -18.70 -42.91
N VAL D 9 16.23 -18.11 -43.56
CA VAL D 9 16.66 -16.74 -43.31
C VAL D 9 16.21 -15.91 -44.50
N PHE D 10 15.80 -14.68 -44.24
CA PHE D 10 15.16 -13.84 -45.24
C PHE D 10 15.71 -12.42 -45.18
N LEU D 11 15.95 -11.82 -46.34
CA LEU D 11 16.50 -10.48 -46.44
C LEU D 11 15.64 -9.66 -47.39
N PHE D 12 15.56 -8.36 -47.14
CA PHE D 12 14.88 -7.46 -48.07
C PHE D 12 15.18 -6.01 -47.75
N ASP D 13 15.16 -5.15 -48.78
CA ASP D 13 15.56 -3.76 -48.62
C ASP D 13 14.54 -2.82 -49.25
N VAL D 14 14.67 -1.55 -48.86
CA VAL D 14 13.77 -0.47 -49.27
C VAL D 14 14.61 0.69 -49.77
N GLN D 15 14.24 1.24 -50.93
CA GLN D 15 14.98 2.37 -51.49
C GLN D 15 14.44 3.69 -51.01
N ASP D 16 13.11 3.82 -50.92
CA ASP D 16 12.49 5.01 -50.35
C ASP D 16 11.09 4.68 -49.89
N GLY D 17 10.55 5.54 -49.03
CA GLY D 17 9.24 5.34 -48.48
C GLY D 17 9.28 4.88 -47.03
N ASN D 18 8.12 4.47 -46.56
CA ASN D 18 7.96 4.11 -45.16
C ASN D 18 7.71 2.62 -45.06
N PRO D 19 8.72 1.80 -44.75
CA PRO D 19 8.46 0.36 -44.65
C PRO D 19 7.30 0.01 -43.75
N ASN D 20 7.35 0.38 -42.48
CA ASN D 20 6.18 0.21 -41.64
C ASN D 20 5.86 1.52 -40.96
N GLY D 21 4.58 1.83 -40.88
CA GLY D 21 4.17 3.07 -40.25
C GLY D 21 3.86 2.89 -38.79
N ASP D 22 4.65 3.48 -37.92
CA ASP D 22 4.35 3.38 -36.51
C ASP D 22 3.18 4.29 -36.17
N PRO D 23 2.07 3.76 -35.67
CA PRO D 23 0.96 4.61 -35.24
C PRO D 23 1.16 5.19 -33.85
N ASP D 24 2.30 4.91 -33.20
CA ASP D 24 2.59 5.58 -31.95
C ASP D 24 2.76 7.07 -32.15
N ALA D 25 3.64 7.46 -33.07
CA ALA D 25 4.01 8.85 -33.28
C ALA D 25 3.92 9.15 -34.76
N GLY D 26 2.91 9.90 -35.15
CA GLY D 26 2.76 10.22 -36.56
C GLY D 26 2.77 8.95 -37.35
N ASN D 27 3.67 8.86 -38.31
CA ASN D 27 3.88 7.64 -39.06
C ASN D 27 5.36 7.34 -39.21
N LEU D 28 6.15 7.66 -38.20
CA LEU D 28 7.58 7.44 -38.30
C LEU D 28 7.86 5.97 -38.53
N PRO D 29 8.96 5.62 -39.17
CA PRO D 29 9.40 4.22 -39.18
C PRO D 29 9.51 3.71 -37.76
N ARG D 30 9.00 2.50 -37.52
CA ARG D 30 9.22 1.87 -36.24
C ARG D 30 10.72 1.74 -35.99
N ILE D 31 11.21 2.41 -34.95
CA ILE D 31 12.64 2.53 -34.73
C ILE D 31 12.98 2.13 -33.31
N ASP D 32 14.10 1.46 -33.15
CA ASP D 32 14.62 1.12 -31.83
C ASP D 32 15.18 2.37 -31.16
N PRO D 33 14.67 2.76 -30.01
CA PRO D 33 15.14 4.03 -29.41
C PRO D 33 16.63 4.08 -29.20
N GLN D 34 17.17 3.16 -28.41
CA GLN D 34 18.56 3.32 -27.98
C GLN D 34 19.52 3.19 -29.14
N THR D 35 19.40 2.12 -29.92
CA THR D 35 20.42 1.82 -30.92
C THR D 35 20.17 2.51 -32.25
N GLY D 36 19.02 3.15 -32.43
CA GLY D 36 18.74 3.78 -33.70
C GLY D 36 18.62 2.81 -34.86
N GLU D 37 17.90 1.71 -34.66
CA GLU D 37 17.64 0.73 -35.69
C GLU D 37 16.14 0.60 -35.89
N GLY D 38 15.73 0.15 -37.07
CA GLY D 38 14.34 0.16 -37.47
C GLY D 38 13.75 -1.24 -37.53
N LEU D 39 12.74 -1.47 -36.70
CA LEU D 39 12.04 -2.74 -36.66
C LEU D 39 10.93 -2.74 -37.71
N VAL D 40 10.91 -3.77 -38.53
CA VAL D 40 9.80 -4.02 -39.43
C VAL D 40 8.93 -5.12 -38.84
N THR D 41 7.72 -4.77 -38.47
CA THR D 41 6.83 -5.70 -37.80
C THR D 41 6.53 -6.87 -38.70
N ASP D 42 6.50 -8.08 -38.12
CA ASP D 42 6.29 -9.28 -38.93
C ASP D 42 4.87 -9.33 -39.51
N VAL D 43 3.90 -8.88 -38.72
CA VAL D 43 2.51 -8.99 -39.14
C VAL D 43 2.32 -8.34 -40.51
N CYS D 44 3.16 -7.34 -40.82
CA CYS D 44 3.18 -6.77 -42.15
C CYS D 44 3.57 -7.81 -43.20
N LEU D 45 4.67 -8.51 -42.98
CA LEU D 45 5.06 -9.56 -43.91
C LEU D 45 3.91 -10.52 -44.15
N LYS D 46 3.31 -10.99 -43.06
CA LYS D 46 2.27 -11.99 -43.20
C LYS D 46 1.08 -11.44 -43.99
N ARG D 47 0.71 -10.19 -43.72
CA ARG D 47 -0.37 -9.59 -44.48
C ARG D 47 -0.04 -9.48 -45.95
N LYS D 48 1.20 -9.14 -46.28
CA LYS D 48 1.56 -9.06 -47.69
C LYS D 48 1.39 -10.41 -48.35
N VAL D 49 1.87 -11.48 -47.71
CA VAL D 49 1.72 -12.80 -48.33
C VAL D 49 0.25 -13.14 -48.51
N ARG D 50 -0.58 -12.85 -47.51
CA ARG D 50 -2.00 -13.11 -47.65
C ARG D 50 -2.57 -12.36 -48.84
N ASN D 51 -2.18 -11.11 -49.00
CA ASN D 51 -2.71 -10.32 -50.10
C ASN D 51 -2.33 -10.93 -51.44
N PHE D 52 -1.07 -11.34 -51.58
CA PHE D 52 -0.64 -11.94 -52.83
C PHE D 52 -1.46 -13.17 -53.15
N ILE D 53 -1.63 -14.05 -52.18
CA ILE D 53 -2.39 -15.27 -52.43
C ILE D 53 -3.81 -14.93 -52.82
N GLN D 54 -4.45 -14.01 -52.09
CA GLN D 54 -5.78 -13.57 -52.48
C GLN D 54 -5.78 -13.05 -53.90
N MET D 55 -4.67 -12.48 -54.33
CA MET D 55 -4.62 -11.93 -55.68
C MET D 55 -4.59 -13.02 -56.73
N THR D 56 -3.75 -14.04 -56.55
CA THR D 56 -3.50 -14.95 -57.66
C THR D 56 -4.44 -16.16 -57.69
N GLN D 57 -4.54 -16.91 -56.59
CA GLN D 57 -5.16 -18.23 -56.68
C GLN D 57 -6.65 -18.15 -56.90
N ASN D 58 -7.39 -17.61 -55.93
CA ASN D 58 -8.84 -17.43 -56.05
C ASN D 58 -9.53 -18.74 -56.43
N ASP D 59 -9.44 -19.72 -55.54
CA ASP D 59 -10.08 -21.01 -55.72
C ASP D 59 -10.41 -21.58 -54.34
N GLU D 60 -11.40 -22.47 -54.31
CA GLU D 60 -11.74 -23.11 -53.05
C GLU D 60 -10.54 -23.88 -52.53
N HIS D 61 -10.49 -24.03 -51.20
CA HIS D 61 -9.38 -24.55 -50.42
C HIS D 61 -8.27 -23.52 -50.35
N HIS D 62 -8.43 -22.37 -50.99
CA HIS D 62 -7.40 -21.34 -50.97
C HIS D 62 -8.02 -19.97 -50.73
N ASP D 63 -9.22 -19.94 -50.14
CA ASP D 63 -9.79 -18.68 -49.74
C ASP D 63 -8.98 -18.08 -48.59
N ILE D 64 -8.95 -16.75 -48.54
CA ILE D 64 -8.13 -16.02 -47.59
C ILE D 64 -9.01 -15.56 -46.44
N PHE D 65 -8.51 -15.74 -45.22
CA PHE D 65 -9.37 -15.60 -44.05
C PHE D 65 -9.75 -14.15 -43.79
N ILE D 66 -8.77 -13.26 -43.80
CA ILE D 66 -8.98 -11.86 -43.44
C ILE D 66 -9.03 -11.06 -44.74
N ARG D 67 -10.23 -10.82 -45.23
CA ARG D 67 -10.41 -10.02 -46.43
C ARG D 67 -10.42 -8.55 -46.05
N GLU D 68 -10.78 -7.70 -47.02
CA GLU D 68 -10.75 -6.26 -46.77
C GLU D 68 -11.73 -5.87 -45.69
N LYS D 69 -12.95 -6.40 -45.74
CA LYS D 69 -14.04 -5.89 -44.93
C LYS D 69 -14.77 -7.01 -44.19
N GLY D 70 -14.34 -8.25 -44.38
CA GLY D 70 -15.10 -9.38 -43.87
C GLY D 70 -15.33 -9.27 -42.37
N ILE D 71 -16.56 -9.51 -41.97
CA ILE D 71 -16.94 -9.63 -40.56
C ILE D 71 -16.78 -11.09 -40.15
N LEU D 72 -15.97 -11.33 -39.12
CA LEU D 72 -15.51 -12.70 -38.85
C LEU D 72 -16.65 -13.59 -38.38
N ASN D 73 -17.52 -13.04 -37.54
CA ASN D 73 -18.54 -13.89 -36.92
C ASN D 73 -19.49 -14.45 -37.97
N ASN D 74 -19.70 -13.73 -39.07
CA ASN D 74 -20.51 -14.31 -40.12
C ASN D 74 -19.85 -15.56 -40.68
N LEU D 75 -18.52 -15.52 -40.85
CA LEU D 75 -17.82 -16.69 -41.36
C LEU D 75 -17.90 -17.85 -40.39
N ILE D 76 -17.69 -17.59 -39.10
CA ILE D 76 -17.70 -18.70 -38.15
C ILE D 76 -19.11 -19.30 -38.05
N ASP D 77 -20.14 -18.45 -38.02
CA ASP D 77 -21.49 -18.97 -37.94
C ASP D 77 -21.87 -19.69 -39.22
N GLU D 78 -21.38 -19.21 -40.36
CA GLU D 78 -21.59 -19.89 -41.62
C GLU D 78 -20.99 -21.28 -41.58
N ALA D 79 -19.78 -21.41 -41.06
CA ALA D 79 -19.18 -22.73 -40.94
C ALA D 79 -19.99 -23.61 -40.00
N HIS D 80 -20.43 -23.05 -38.87
CA HIS D 80 -21.18 -23.85 -37.91
C HIS D 80 -22.48 -24.36 -38.50
N GLU D 81 -23.17 -23.51 -39.25
CA GLU D 81 -24.38 -23.95 -39.95
C GLU D 81 -24.05 -24.98 -41.01
N GLN D 82 -22.93 -24.78 -41.72
CA GLN D 82 -22.44 -25.80 -42.62
C GLN D 82 -22.22 -27.12 -41.91
N GLU D 83 -21.65 -27.07 -40.70
CA GLU D 83 -21.47 -28.30 -39.93
C GLU D 83 -22.54 -28.44 -38.86
N ASN D 84 -23.59 -27.64 -38.91
CA ASN D 84 -24.82 -28.06 -38.24
C ASN D 84 -25.38 -29.29 -38.92
N VAL D 85 -24.87 -29.59 -40.12
CA VAL D 85 -25.02 -30.92 -40.67
C VAL D 85 -24.53 -31.96 -39.67
N LYS D 86 -23.41 -31.68 -39.00
CA LYS D 86 -23.05 -32.49 -37.84
C LYS D 86 -24.06 -32.32 -36.71
N GLY D 87 -24.18 -31.10 -36.19
CA GLY D 87 -25.12 -30.81 -35.13
C GLY D 87 -24.92 -31.74 -33.94
N LYS D 88 -23.67 -31.96 -33.55
CA LYS D 88 -23.37 -33.03 -32.61
C LYS D 88 -22.65 -32.42 -31.41
N GLU D 89 -22.16 -33.27 -30.50
CA GLU D 89 -21.53 -32.87 -29.25
C GLU D 89 -20.56 -31.71 -29.43
N LYS D 90 -20.49 -30.88 -28.39
CA LYS D 90 -19.74 -29.63 -28.43
C LYS D 90 -18.28 -29.85 -28.79
N GLY D 91 -17.62 -30.82 -28.14
CA GLY D 91 -16.25 -31.11 -28.51
C GLY D 91 -16.12 -31.52 -29.97
N GLU D 92 -16.98 -32.44 -30.41
CA GLU D 92 -16.99 -32.84 -31.81
C GLU D 92 -17.35 -31.67 -32.71
N LYS D 93 -18.33 -30.87 -32.31
CA LYS D 93 -18.72 -29.74 -33.14
C LYS D 93 -17.56 -28.79 -33.35
N THR D 94 -16.86 -28.44 -32.27
CA THR D 94 -15.72 -27.55 -32.37
C THR D 94 -14.64 -28.15 -33.26
N GLU D 95 -14.35 -29.44 -33.07
CA GLU D 95 -13.29 -30.05 -33.87
C GLU D 95 -13.67 -30.08 -35.34
N ALA D 96 -14.93 -30.37 -35.64
CA ALA D 96 -15.37 -30.37 -37.03
C ALA D 96 -15.28 -28.97 -37.62
N ALA D 97 -15.62 -27.96 -36.82
CA ALA D 97 -15.46 -26.58 -37.30
C ALA D 97 -14.01 -26.32 -37.64
N ARG D 98 -13.10 -26.70 -36.76
CA ARG D 98 -11.68 -26.58 -37.06
C ARG D 98 -11.35 -27.24 -38.38
N GLN D 99 -11.83 -28.46 -38.57
CA GLN D 99 -11.46 -29.20 -39.77
C GLN D 99 -11.97 -28.51 -41.02
N TYR D 100 -13.21 -28.05 -40.99
CA TYR D 100 -13.78 -27.38 -42.15
C TYR D 100 -13.01 -26.11 -42.46
N MET D 101 -12.72 -25.33 -41.41
CA MET D 101 -11.86 -24.17 -41.59
C MET D 101 -10.56 -24.55 -42.29
N CYS D 102 -9.77 -25.40 -41.64
CA CYS D 102 -8.45 -25.76 -42.18
C CYS D 102 -8.58 -26.24 -43.62
N SER D 103 -9.67 -26.93 -43.92
CA SER D 103 -9.92 -27.33 -45.29
C SER D 103 -10.09 -26.13 -46.19
N ARG D 104 -10.68 -25.05 -45.67
CA ARG D 104 -11.16 -24.00 -46.56
C ARG D 104 -10.13 -22.92 -46.81
N TYR D 105 -9.59 -22.29 -45.77
CA TYR D 105 -8.82 -21.06 -45.92
C TYR D 105 -7.32 -21.33 -45.83
N TYR D 106 -6.59 -20.94 -46.88
CA TYR D 106 -5.15 -21.11 -46.90
C TYR D 106 -4.48 -20.43 -45.73
N ASP D 107 -5.01 -19.30 -45.29
CA ASP D 107 -4.44 -18.61 -44.16
C ASP D 107 -4.41 -19.52 -42.94
N ILE D 108 -5.52 -20.18 -42.67
CA ILE D 108 -5.62 -20.93 -41.43
C ILE D 108 -4.64 -22.08 -41.41
N ARG D 109 -4.59 -22.87 -42.49
CA ARG D 109 -3.57 -23.90 -42.56
C ARG D 109 -2.18 -23.31 -42.47
N THR D 110 -2.02 -22.08 -42.93
CA THR D 110 -0.68 -21.52 -42.99
C THR D 110 -0.30 -20.88 -41.66
N PHE D 111 -1.24 -20.16 -41.05
CA PHE D 111 -1.03 -19.55 -39.74
C PHE D 111 -2.33 -19.65 -38.96
N GLY D 112 -2.22 -19.59 -37.64
CA GLY D 112 -3.37 -19.80 -36.78
C GLY D 112 -4.32 -18.63 -36.78
N ALA D 113 -5.33 -18.73 -35.91
CA ALA D 113 -6.24 -17.62 -35.66
C ALA D 113 -7.10 -17.97 -34.46
N VAL D 114 -7.51 -16.93 -33.73
CA VAL D 114 -8.43 -17.11 -32.62
C VAL D 114 -9.86 -16.99 -33.10
N MET D 115 -10.42 -18.08 -33.58
CA MET D 115 -11.79 -18.06 -34.06
C MET D 115 -12.80 -18.06 -32.94
N THR D 116 -12.40 -18.51 -31.75
CA THR D 116 -13.37 -18.84 -30.72
C THR D 116 -14.09 -17.64 -30.14
N THR D 117 -13.84 -16.44 -30.67
CA THR D 117 -14.43 -15.24 -30.09
C THR D 117 -15.96 -15.28 -30.12
N GLY D 118 -16.53 -15.70 -31.24
CA GLY D 118 -17.98 -15.84 -31.30
C GLY D 118 -18.38 -17.24 -30.89
N LYS D 119 -19.27 -17.87 -31.66
CA LYS D 119 -19.50 -19.30 -31.50
C LYS D 119 -18.18 -20.03 -31.65
N ASN D 120 -17.77 -20.69 -30.57
CA ASN D 120 -16.40 -21.15 -30.44
C ASN D 120 -16.01 -22.06 -31.61
N ALA D 121 -14.78 -21.88 -32.09
CA ALA D 121 -14.24 -22.72 -33.14
C ALA D 121 -12.81 -23.16 -32.85
N GLY D 122 -12.20 -22.69 -31.76
CA GLY D 122 -10.93 -23.22 -31.32
C GLY D 122 -9.77 -22.30 -31.56
N GLN D 123 -8.59 -22.82 -31.26
CA GLN D 123 -7.33 -22.10 -31.41
C GLN D 123 -6.41 -22.95 -32.26
N VAL D 124 -6.17 -22.53 -33.49
CA VAL D 124 -5.19 -23.23 -34.31
C VAL D 124 -3.83 -22.71 -33.89
N ARG D 125 -2.78 -23.37 -34.32
CA ARG D 125 -1.43 -22.99 -33.92
C ARG D 125 -0.57 -22.52 -35.08
N GLY D 126 -0.71 -23.13 -36.25
CA GLY D 126 0.01 -22.70 -37.41
C GLY D 126 1.43 -23.22 -37.38
N PRO D 127 1.86 -23.85 -38.46
CA PRO D 127 3.19 -24.45 -38.51
C PRO D 127 4.28 -23.58 -39.10
N VAL D 128 3.95 -22.36 -39.51
CA VAL D 128 4.91 -21.42 -40.06
C VAL D 128 4.93 -20.19 -39.17
N GLN D 129 6.11 -19.83 -38.69
CA GLN D 129 6.21 -18.64 -37.85
C GLN D 129 7.43 -17.81 -38.25
N LEU D 130 7.27 -16.49 -38.12
CA LEU D 130 8.27 -15.50 -38.51
C LEU D 130 8.50 -14.53 -37.37
N THR D 131 9.72 -14.01 -37.28
CA THR D 131 10.06 -13.09 -36.21
C THR D 131 10.13 -11.66 -36.72
N PHE D 132 10.24 -10.70 -35.79
CA PHE D 132 10.44 -9.32 -36.19
C PHE D 132 11.75 -9.16 -36.95
N SER D 133 11.75 -8.22 -37.88
CA SER D 133 12.94 -7.92 -38.64
C SER D 133 13.43 -6.52 -38.28
N ARG D 134 14.74 -6.39 -38.12
CA ARG D 134 15.37 -5.15 -37.70
C ARG D 134 16.48 -4.78 -38.67
N SER D 135 16.65 -3.48 -38.88
CA SER D 135 17.66 -3.00 -39.80
C SER D 135 19.06 -3.43 -39.36
N ILE D 136 19.86 -3.85 -40.32
CA ILE D 136 21.22 -4.28 -40.01
C ILE D 136 22.06 -3.10 -39.54
N ASP D 137 21.85 -1.93 -40.13
CA ASP D 137 22.59 -0.72 -39.78
C ASP D 137 21.62 0.39 -39.44
N PRO D 138 22.06 1.38 -38.68
CA PRO D 138 21.12 2.43 -38.25
C PRO D 138 20.46 3.11 -39.43
N ILE D 139 19.18 3.40 -39.26
CA ILE D 139 18.39 4.00 -40.33
C ILE D 139 18.65 5.50 -40.38
N MET D 140 18.17 6.12 -41.45
CA MET D 140 18.25 7.57 -41.62
C MET D 140 16.89 8.10 -42.06
N THR D 141 16.26 8.89 -41.21
CA THR D 141 14.93 9.42 -41.51
C THR D 141 15.08 10.84 -42.04
N LEU D 142 14.35 11.15 -43.12
CA LEU D 142 14.39 12.46 -43.76
C LEU D 142 12.97 12.94 -43.94
N GLU D 143 12.47 13.67 -42.95
CA GLU D 143 11.10 14.15 -43.02
C GLU D 143 10.91 15.00 -44.27
N HIS D 144 9.68 15.01 -44.77
CA HIS D 144 9.33 15.85 -45.90
C HIS D 144 7.96 16.48 -45.69
N SER D 145 7.79 17.65 -46.27
CA SER D 145 6.54 18.39 -46.21
C SER D 145 6.21 18.91 -47.60
N ILE D 146 4.92 18.94 -47.91
CA ILE D 146 4.44 19.20 -49.26
C ILE D 146 3.17 20.03 -49.20
N THR D 147 2.67 20.42 -50.37
CA THR D 147 1.59 21.38 -50.48
C THR D 147 0.40 20.79 -51.19
N ARG D 148 -0.78 21.20 -50.76
CA ARG D 148 -2.04 20.81 -51.38
C ARG D 148 -2.47 21.90 -52.35
N MET D 149 -2.90 21.49 -53.54
CA MET D 149 -3.41 22.48 -54.49
C MET D 149 -4.72 23.08 -54.02
N ALA D 150 -5.55 22.30 -53.33
CA ALA D 150 -6.85 22.75 -52.89
C ALA D 150 -7.07 22.37 -51.45
N VAL D 151 -7.95 23.12 -50.77
CA VAL D 151 -8.27 22.80 -49.39
C VAL D 151 -9.11 21.53 -49.35
N THR D 152 -9.00 20.79 -48.26
CA THR D 152 -9.73 19.54 -48.13
C THR D 152 -11.24 19.77 -48.08
N ASN D 153 -11.67 20.82 -47.40
CA ASN D 153 -13.08 21.03 -47.14
C ASN D 153 -13.40 22.52 -47.12
N GLU D 154 -14.66 22.85 -47.41
CA GLU D 154 -15.11 24.24 -47.49
C GLU D 154 -15.37 24.80 -46.09
N LYS D 155 -14.28 25.02 -45.37
CA LYS D 155 -14.40 25.46 -43.98
C LYS D 155 -13.61 26.74 -43.78
N ASP D 156 -13.40 27.13 -42.53
CA ASP D 156 -12.58 28.30 -42.23
C ASP D 156 -11.19 28.18 -42.83
N ALA D 157 -10.71 26.94 -43.05
CA ALA D 157 -9.40 26.73 -43.66
C ALA D 157 -9.38 27.19 -45.12
N SER D 158 -10.52 27.50 -45.72
CA SER D 158 -10.58 27.96 -47.10
C SER D 158 -10.17 29.42 -47.20
N GLU D 159 -8.94 29.71 -46.78
CA GLU D 159 -8.29 30.98 -47.02
C GLU D 159 -7.06 30.73 -47.88
N THR D 160 -6.83 31.61 -48.86
CA THR D 160 -5.73 31.40 -49.79
C THR D 160 -4.39 31.76 -49.15
N GLY D 161 -4.38 32.76 -48.27
CA GLY D 161 -3.12 33.28 -47.76
C GLY D 161 -2.36 32.26 -46.92
N ASP D 162 -3.07 31.54 -46.05
CA ASP D 162 -2.45 30.61 -45.11
C ASP D 162 -2.78 29.17 -45.50
N ASN D 163 -1.75 28.36 -45.66
CA ASN D 163 -1.88 26.94 -45.93
C ASN D 163 -1.04 26.19 -44.90
N ARG D 164 -1.65 25.21 -44.24
CA ARG D 164 -0.98 24.50 -43.15
C ARG D 164 -0.86 23.00 -43.39
N THR D 165 -1.53 22.46 -44.42
CA THR D 165 -1.52 21.03 -44.69
C THR D 165 -0.19 20.60 -45.31
N MET D 166 0.87 20.81 -44.54
CA MET D 166 2.22 20.59 -45.06
C MET D 166 2.46 19.11 -45.35
N GLY D 167 1.71 18.23 -44.71
CA GLY D 167 1.83 16.81 -44.97
C GLY D 167 3.16 16.25 -44.52
N ARG D 168 3.19 14.93 -44.40
CA ARG D 168 4.39 14.24 -43.97
C ARG D 168 4.51 12.90 -44.70
N LYS D 169 5.58 12.74 -45.46
CA LYS D 169 5.87 11.49 -46.16
C LYS D 169 7.31 11.11 -45.86
N PHE D 170 7.53 10.38 -44.78
CA PHE D 170 8.89 10.06 -44.39
C PHE D 170 9.46 9.05 -45.37
N THR D 171 10.76 8.80 -45.25
CA THR D 171 11.41 7.80 -46.08
C THR D 171 12.75 7.43 -45.51
N VAL D 172 13.42 6.52 -46.21
CA VAL D 172 14.73 6.03 -45.84
C VAL D 172 15.60 6.04 -47.09
N PRO D 173 16.78 6.65 -47.07
CA PRO D 173 17.65 6.54 -48.25
C PRO D 173 18.01 5.12 -48.63
N TYR D 174 18.25 4.25 -47.65
CA TYR D 174 18.61 2.87 -47.94
C TYR D 174 18.72 2.09 -46.65
N GLY D 175 18.76 0.77 -46.79
CA GLY D 175 18.96 -0.10 -45.65
C GLY D 175 18.84 -1.56 -46.06
N LEU D 176 18.61 -2.39 -45.06
CA LEU D 176 18.27 -3.80 -45.24
C LEU D 176 17.55 -4.30 -44.00
N TYR D 177 16.89 -5.44 -44.14
CA TYR D 177 16.20 -6.05 -43.02
C TYR D 177 16.30 -7.57 -43.12
N ARG D 178 16.38 -8.19 -41.95
CA ARG D 178 16.69 -9.60 -41.79
C ARG D 178 15.62 -10.26 -40.92
N CYS D 179 15.19 -11.45 -41.31
CA CYS D 179 14.15 -12.16 -40.60
C CYS D 179 14.46 -13.65 -40.56
N HIS D 180 13.95 -14.32 -39.53
CA HIS D 180 14.12 -15.75 -39.37
C HIS D 180 12.75 -16.41 -39.29
N GLY D 181 12.62 -17.60 -39.87
CA GLY D 181 11.34 -18.26 -39.93
C GLY D 181 11.48 -19.76 -39.80
N PHE D 182 10.46 -20.36 -39.18
CA PHE D 182 10.48 -21.76 -38.79
C PHE D 182 9.24 -22.44 -39.32
N ILE D 183 9.41 -23.66 -39.83
CA ILE D 183 8.31 -24.51 -40.25
C ILE D 183 8.46 -25.83 -39.52
N SER D 184 7.57 -26.07 -38.56
CA SER D 184 7.61 -27.26 -37.71
C SER D 184 6.59 -28.26 -38.21
N THR D 185 7.06 -29.44 -38.61
CA THR D 185 6.19 -30.41 -39.25
C THR D 185 5.03 -30.78 -38.35
N HIS D 186 5.31 -31.04 -37.07
CA HIS D 186 4.36 -31.74 -36.23
C HIS D 186 3.01 -31.05 -36.22
N PHE D 187 3.00 -29.73 -36.04
CA PHE D 187 1.74 -29.02 -35.88
C PHE D 187 0.84 -29.21 -37.08
N ALA D 188 1.41 -29.55 -38.24
CA ALA D 188 0.61 -29.70 -39.43
C ALA D 188 -0.50 -30.72 -39.23
N LYS D 189 -0.18 -31.81 -38.52
CA LYS D 189 -1.13 -32.92 -38.41
C LYS D 189 -2.45 -32.45 -37.82
N GLN D 190 -2.42 -31.46 -36.94
CA GLN D 190 -3.67 -30.91 -36.43
C GLN D 190 -4.42 -30.16 -37.51
N THR D 191 -3.69 -29.54 -38.43
CA THR D 191 -4.30 -28.70 -39.45
C THR D 191 -4.17 -29.27 -40.85
N GLY D 192 -3.39 -30.31 -41.04
CA GLY D 192 -3.27 -30.92 -42.35
C GLY D 192 -2.60 -30.05 -43.39
N PHE D 193 -1.49 -29.42 -43.02
CA PHE D 193 -0.68 -28.72 -44.00
C PHE D 193 -0.22 -29.70 -45.07
N SER D 194 -0.21 -29.23 -46.31
CA SER D 194 0.08 -30.08 -47.45
C SER D 194 1.31 -29.57 -48.17
N GLU D 195 1.93 -30.46 -48.94
CA GLU D 195 3.17 -30.12 -49.62
C GLU D 195 2.97 -28.97 -50.59
N ASN D 196 1.88 -28.98 -51.35
CA ASN D 196 1.66 -27.93 -52.33
C ASN D 196 1.53 -26.57 -51.66
N ASP D 197 0.84 -26.50 -50.53
CA ASP D 197 0.67 -25.21 -49.86
C ASP D 197 2.02 -24.62 -49.48
N LEU D 198 2.91 -25.46 -48.93
CA LEU D 198 4.26 -25.02 -48.65
C LEU D 198 4.94 -24.54 -49.92
N GLU D 199 4.75 -25.25 -51.02
CA GLU D 199 5.39 -24.84 -52.26
C GLU D 199 4.91 -23.47 -52.70
N LEU D 200 3.60 -23.24 -52.65
CA LEU D 200 3.09 -21.91 -52.99
C LEU D 200 3.64 -20.86 -52.06
N PHE D 201 3.83 -21.19 -50.78
CA PHE D 201 4.48 -20.24 -49.89
C PHE D 201 5.87 -19.87 -50.39
N TRP D 202 6.68 -20.88 -50.70
CA TRP D 202 8.00 -20.62 -51.23
C TRP D 202 7.93 -19.73 -52.45
N GLN D 203 6.92 -19.96 -53.29
CA GLN D 203 6.77 -19.13 -54.47
C GLN D 203 6.39 -17.71 -54.10
N ALA D 204 5.49 -17.55 -53.14
CA ALA D 204 4.93 -16.24 -52.85
C ALA D 204 5.97 -15.31 -52.29
N LEU D 205 6.90 -15.85 -51.51
CA LEU D 205 7.93 -14.98 -50.95
C LEU D 205 8.73 -14.29 -52.05
N VAL D 206 9.47 -15.06 -52.85
CA VAL D 206 10.42 -14.47 -53.78
C VAL D 206 9.72 -13.57 -54.78
N ASN D 207 8.44 -13.77 -55.00
CA ASN D 207 7.67 -12.87 -55.83
C ASN D 207 6.54 -12.30 -54.99
N MET D 208 6.89 -11.25 -54.26
CA MET D 208 5.92 -10.47 -53.49
C MET D 208 5.96 -8.98 -53.72
N PHE D 209 7.13 -8.36 -53.75
CA PHE D 209 7.16 -6.91 -53.69
C PHE D 209 6.66 -6.30 -55.00
N ASP D 210 6.77 -7.04 -56.09
CA ASP D 210 6.30 -6.53 -57.37
C ASP D 210 4.81 -6.27 -57.35
N HIS D 211 4.04 -7.07 -56.61
CA HIS D 211 2.61 -6.87 -56.57
C HIS D 211 2.15 -5.97 -55.44
N ASP D 212 3.05 -5.31 -54.73
CA ASP D 212 2.64 -4.40 -53.66
C ASP D 212 3.42 -3.09 -53.77
N HIS D 213 2.85 -2.13 -54.49
CA HIS D 213 3.37 -0.78 -54.55
C HIS D 213 2.30 0.19 -54.06
N SER D 214 2.73 1.21 -53.33
CA SER D 214 1.87 2.29 -52.88
C SER D 214 2.65 3.58 -52.96
N ALA D 215 1.91 4.68 -53.00
CA ALA D 215 2.55 5.99 -53.01
C ALA D 215 3.47 6.14 -51.81
N ALA D 216 2.90 6.02 -50.61
CA ALA D 216 3.70 6.21 -49.40
C ALA D 216 4.79 5.15 -49.28
N ARG D 217 4.63 4.03 -49.97
CA ARG D 217 5.49 2.89 -49.70
C ARG D 217 6.82 3.00 -50.44
N GLY D 218 6.77 3.14 -51.76
CA GLY D 218 7.99 3.21 -52.53
C GLY D 218 8.57 1.86 -52.84
N GLN D 219 9.70 1.89 -53.54
CA GLN D 219 10.33 0.66 -54.03
C GLN D 219 10.86 -0.19 -52.88
N MET D 220 10.67 -1.52 -52.99
CA MET D 220 11.38 -2.49 -52.16
C MET D 220 11.80 -3.64 -53.04
N ASN D 221 12.79 -4.40 -52.61
CA ASN D 221 13.23 -5.59 -53.33
C ASN D 221 13.79 -6.61 -52.35
N ALA D 222 13.48 -7.88 -52.58
CA ALA D 222 14.14 -8.93 -51.80
C ALA D 222 15.50 -9.23 -52.39
N ARG D 223 16.50 -9.36 -51.52
CA ARG D 223 17.85 -9.67 -51.98
C ARG D 223 18.14 -11.17 -51.97
N GLY D 224 18.04 -11.80 -50.80
CA GLY D 224 18.40 -13.20 -50.75
C GLY D 224 17.72 -13.96 -49.63
N LEU D 225 17.10 -15.08 -49.99
CA LEU D 225 16.43 -15.97 -49.05
C LEU D 225 17.16 -17.31 -49.09
N TYR D 226 17.49 -17.84 -47.92
CA TYR D 226 18.18 -19.12 -47.83
C TYR D 226 17.33 -20.08 -47.02
N VAL D 227 17.26 -21.35 -47.45
CA VAL D 227 16.48 -22.35 -46.74
C VAL D 227 17.39 -23.46 -46.27
N PHE D 228 17.31 -23.76 -44.98
CA PHE D 228 17.90 -24.94 -44.37
C PHE D 228 16.82 -25.99 -44.22
N GLU D 229 17.13 -27.21 -44.66
CA GLU D 229 16.23 -28.34 -44.58
C GLU D 229 16.81 -29.34 -43.60
N HIS D 230 16.02 -29.70 -42.60
CA HIS D 230 16.49 -30.61 -41.57
C HIS D 230 16.56 -32.02 -42.12
N SER D 231 17.54 -32.78 -41.64
CA SER D 231 17.71 -34.16 -42.10
C SER D 231 16.54 -35.02 -41.66
N ASN D 232 16.21 -35.01 -40.38
CA ASN D 232 15.16 -35.85 -39.83
C ASN D 232 14.24 -35.02 -38.95
N ASN D 233 13.14 -35.64 -38.52
CA ASN D 233 12.06 -34.90 -37.88
C ASN D 233 12.55 -34.11 -36.68
N LEU D 234 13.56 -34.62 -35.98
CA LEU D 234 14.16 -33.85 -34.90
C LEU D 234 15.35 -33.07 -35.42
N GLY D 235 15.50 -31.85 -34.90
CA GLY D 235 16.57 -30.98 -35.33
C GLY D 235 17.95 -31.54 -35.08
N ASP D 236 18.77 -31.66 -36.12
CA ASP D 236 20.10 -32.22 -35.96
C ASP D 236 21.05 -31.24 -35.30
N ALA D 237 20.81 -29.95 -35.47
CA ALA D 237 21.66 -28.92 -34.89
C ALA D 237 20.77 -27.82 -34.34
N PRO D 238 21.27 -27.04 -33.40
CA PRO D 238 20.50 -25.89 -32.90
C PRO D 238 20.34 -24.84 -33.99
N ALA D 239 19.24 -24.10 -33.91
CA ALA D 239 18.97 -23.08 -34.91
C ALA D 239 20.08 -22.04 -34.96
N ASP D 240 20.63 -21.71 -33.79
CA ASP D 240 21.55 -20.58 -33.71
C ASP D 240 22.75 -20.78 -34.62
N SER D 241 23.33 -21.98 -34.60
CA SER D 241 24.50 -22.22 -35.45
C SER D 241 24.15 -22.02 -36.91
N LEU D 242 23.02 -22.58 -37.34
CA LEU D 242 22.60 -22.47 -38.72
C LEU D 242 22.42 -21.01 -39.12
N PHE D 243 21.72 -20.25 -38.29
CA PHE D 243 21.49 -18.84 -38.62
C PHE D 243 22.79 -18.07 -38.69
N LYS D 244 23.68 -18.29 -37.74
CA LYS D 244 24.91 -17.50 -37.73
C LYS D 244 25.91 -17.99 -38.77
N ARG D 245 25.60 -19.08 -39.49
CA ARG D 245 26.42 -19.40 -40.66
C ARG D 245 26.34 -18.30 -41.72
N ILE D 246 25.27 -17.52 -41.72
CA ILE D 246 25.09 -16.47 -42.72
C ILE D 246 25.45 -15.12 -42.11
N GLN D 247 26.29 -14.34 -42.80
CA GLN D 247 26.73 -13.09 -42.20
C GLN D 247 26.65 -11.96 -43.20
N VAL D 248 26.44 -10.75 -42.68
CA VAL D 248 26.35 -9.53 -43.46
C VAL D 248 27.34 -8.52 -42.88
N VAL D 249 28.17 -7.93 -43.73
CA VAL D 249 29.19 -6.99 -43.28
C VAL D 249 29.12 -5.72 -44.10
N LYS D 250 29.13 -4.58 -43.41
CA LYS D 250 29.28 -3.31 -44.10
C LYS D 250 30.64 -3.23 -44.75
N LYS D 251 30.68 -2.74 -45.98
CA LYS D 251 31.95 -2.57 -46.67
C LYS D 251 32.84 -1.62 -45.88
N ASP D 252 34.12 -1.98 -45.78
CA ASP D 252 35.07 -1.14 -45.05
C ASP D 252 35.20 0.23 -45.70
N GLY D 253 35.22 0.27 -47.03
CA GLY D 253 35.45 1.53 -47.71
C GLY D 253 34.40 2.57 -47.39
N VAL D 254 33.14 2.15 -47.32
CA VAL D 254 32.05 3.10 -47.10
C VAL D 254 31.86 3.33 -45.61
N GLU D 255 31.45 4.56 -45.27
CA GLU D 255 30.99 4.88 -43.94
C GLU D 255 29.49 5.13 -43.89
N VAL D 256 28.88 5.47 -45.02
CA VAL D 256 27.43 5.58 -45.14
C VAL D 256 26.99 4.63 -46.24
N VAL D 257 25.88 3.95 -46.01
CA VAL D 257 25.40 2.89 -46.89
C VAL D 257 24.21 3.41 -47.68
N ARG D 258 24.31 3.36 -49.00
CA ARG D 258 23.26 3.86 -49.87
C ARG D 258 22.82 2.85 -50.91
N SER D 259 23.49 1.71 -51.00
CA SER D 259 23.16 0.74 -52.04
C SER D 259 23.59 -0.65 -51.60
N PHE D 260 23.05 -1.65 -52.30
CA PHE D 260 23.39 -3.03 -52.00
C PHE D 260 24.89 -3.27 -52.11
N ASP D 261 25.56 -2.54 -53.01
CA ASP D 261 26.98 -2.74 -53.20
C ASP D 261 27.78 -2.42 -51.95
N ASP D 262 27.24 -1.55 -51.10
CA ASP D 262 27.94 -1.18 -49.89
C ASP D 262 27.97 -2.30 -48.86
N TYR D 263 27.23 -3.37 -49.10
CA TYR D 263 27.17 -4.51 -48.18
C TYR D 263 27.73 -5.75 -48.83
N LEU D 264 28.26 -6.65 -47.99
CA LEU D 264 28.83 -7.91 -48.45
C LEU D 264 28.19 -9.05 -47.68
N VAL D 265 27.72 -10.06 -48.40
CA VAL D 265 27.07 -11.22 -47.82
C VAL D 265 28.06 -12.38 -47.85
N SER D 266 28.23 -13.04 -46.72
CA SER D 266 29.12 -14.19 -46.60
C SER D 266 28.30 -15.42 -46.24
N VAL D 267 28.44 -16.46 -47.05
CA VAL D 267 27.74 -17.72 -46.87
C VAL D 267 28.78 -18.81 -46.66
N ASP D 268 28.57 -19.65 -45.65
CA ASP D 268 29.54 -20.65 -45.25
C ASP D 268 28.83 -21.97 -44.97
N ASP D 269 29.20 -23.02 -45.70
CA ASP D 269 28.61 -24.34 -45.50
C ASP D 269 29.61 -25.46 -45.71
N LYS D 270 30.83 -25.34 -45.19
CA LYS D 270 31.78 -26.43 -45.39
C LYS D 270 31.27 -27.74 -44.78
N ASN D 271 30.89 -27.73 -43.51
CA ASN D 271 30.61 -28.98 -42.83
C ASN D 271 29.24 -29.07 -42.17
N LEU D 272 28.67 -27.98 -41.67
CA LEU D 272 27.39 -28.08 -41.00
C LEU D 272 26.27 -28.48 -41.94
N GLU D 273 26.56 -28.69 -43.22
CA GLU D 273 25.63 -29.30 -44.14
C GLU D 273 25.76 -30.81 -44.18
N GLU D 274 26.44 -31.41 -43.20
CA GLU D 274 26.69 -32.85 -43.25
C GLU D 274 25.40 -33.65 -43.29
N THR D 275 24.36 -33.15 -42.62
CA THR D 275 23.02 -33.73 -42.74
C THR D 275 21.97 -32.71 -43.14
N LYS D 276 22.26 -31.42 -43.04
CA LYS D 276 21.31 -30.41 -43.49
C LYS D 276 21.35 -30.28 -45.00
N LEU D 277 20.28 -29.73 -45.55
CA LEU D 277 20.22 -29.41 -46.97
C LEU D 277 20.09 -27.90 -47.11
N LEU D 278 21.14 -27.26 -47.60
CA LEU D 278 21.12 -25.83 -47.86
C LEU D 278 20.66 -25.62 -49.29
N ARG D 279 19.55 -24.94 -49.47
CA ARG D 279 19.16 -24.49 -50.79
C ARG D 279 19.24 -22.98 -50.81
N LYS D 280 20.03 -22.46 -51.76
CA LYS D 280 20.22 -21.03 -51.94
C LYS D 280 19.11 -20.56 -52.87
N LEU D 281 17.91 -20.46 -52.29
CA LEU D 281 16.70 -20.35 -53.11
C LEU D 281 16.75 -19.10 -53.99
N GLY D 282 17.24 -17.99 -53.45
CA GLY D 282 17.29 -16.76 -54.21
C GLY D 282 18.55 -15.98 -53.88
N GLY D 283 18.75 -14.90 -54.62
CA GLY D 283 19.93 -14.08 -54.43
C GLY D 283 21.22 -14.80 -54.72
N THR E 1 -9.75 -3.20 -68.95
CA THR E 1 -8.52 -3.38 -68.21
C THR E 1 -7.45 -4.03 -69.09
N ILE E 2 -6.26 -3.43 -69.10
CA ILE E 2 -5.18 -3.93 -69.93
C ILE E 2 -4.69 -5.26 -69.38
N GLU E 3 -4.59 -6.26 -70.25
CA GLU E 3 -4.14 -7.57 -69.82
C GLU E 3 -2.69 -7.54 -69.36
N LYS E 4 -1.91 -6.58 -69.87
CA LYS E 4 -0.48 -6.65 -69.69
C LYS E 4 -0.04 -5.92 -68.43
N ARG E 5 1.28 -5.80 -68.29
CA ARG E 5 1.92 -5.16 -67.15
C ARG E 5 3.18 -4.46 -67.64
N TYR E 6 3.49 -3.30 -67.05
CA TYR E 6 4.57 -2.46 -67.56
C TYR E 6 5.40 -1.86 -66.43
N ASP E 7 6.68 -1.62 -66.74
CA ASP E 7 7.60 -0.95 -65.83
C ASP E 7 8.48 0.02 -66.61
N PHE E 8 8.47 1.29 -66.21
CA PHE E 8 9.09 2.32 -67.04
C PHE E 8 10.12 3.14 -66.26
N VAL E 9 11.23 3.41 -66.93
CA VAL E 9 12.35 4.18 -66.40
C VAL E 9 12.39 5.51 -67.12
N PHE E 10 12.61 6.58 -66.36
CA PHE E 10 12.46 7.94 -66.88
C PHE E 10 13.70 8.76 -66.52
N LEU E 11 14.15 9.57 -67.46
CA LEU E 11 15.31 10.44 -67.24
C LEU E 11 14.99 11.84 -67.76
N PHE E 12 15.28 12.86 -66.95
CA PHE E 12 15.02 14.22 -67.39
C PHE E 12 16.07 15.17 -66.85
N ASP E 13 16.04 16.40 -67.37
CA ASP E 13 17.09 17.38 -67.20
C ASP E 13 16.52 18.68 -66.67
N VAL E 14 17.31 19.37 -65.86
CA VAL E 14 17.03 20.73 -65.44
C VAL E 14 18.27 21.56 -65.73
N GLN E 15 18.08 22.66 -66.45
CA GLN E 15 19.21 23.55 -66.71
C GLN E 15 19.31 24.61 -65.64
N ASP E 16 18.21 25.31 -65.37
CA ASP E 16 18.22 26.46 -64.47
C ASP E 16 16.90 26.52 -63.72
N GLY E 17 16.93 27.17 -62.57
CA GLY E 17 15.77 27.30 -61.73
C GLY E 17 15.81 26.34 -60.57
N ASN E 18 14.72 26.34 -59.81
CA ASN E 18 14.55 25.43 -58.70
C ASN E 18 13.41 24.47 -59.01
N PRO E 19 13.67 23.18 -59.14
CA PRO E 19 12.58 22.25 -59.49
C PRO E 19 11.49 22.20 -58.44
N ASN E 20 11.85 22.07 -57.16
CA ASN E 20 10.85 22.08 -56.11
C ASN E 20 11.48 22.58 -54.83
N GLY E 21 10.71 23.40 -54.09
CA GLY E 21 11.22 24.03 -52.89
C GLY E 21 10.40 23.76 -51.65
N ASP E 22 11.01 23.11 -50.67
CA ASP E 22 10.29 22.73 -49.45
C ASP E 22 10.01 23.95 -48.60
N PRO E 23 8.87 23.98 -47.89
CA PRO E 23 8.66 25.06 -46.91
C PRO E 23 9.67 25.07 -45.77
N ASP E 24 10.34 23.94 -45.54
CA ASP E 24 11.15 23.82 -44.34
C ASP E 24 12.39 24.70 -44.39
N ALA E 25 13.09 24.70 -45.52
CA ALA E 25 14.36 25.43 -45.65
C ALA E 25 14.19 26.48 -46.74
N GLY E 26 13.65 27.63 -46.37
CA GLY E 26 13.41 28.68 -47.34
C GLY E 26 12.60 28.15 -48.50
N ASN E 27 13.18 28.24 -49.69
CA ASN E 27 12.68 27.55 -50.87
C ASN E 27 13.80 26.77 -51.52
N LEU E 28 14.69 26.21 -50.71
CA LEU E 28 15.86 25.54 -51.23
C LEU E 28 15.46 24.31 -52.04
N PRO E 29 16.32 23.87 -52.95
CA PRO E 29 16.15 22.53 -53.51
C PRO E 29 16.32 21.49 -52.42
N ARG E 30 15.32 20.63 -52.26
CA ARG E 30 15.43 19.56 -51.29
C ARG E 30 16.57 18.63 -51.70
N ILE E 31 17.52 18.41 -50.79
CA ILE E 31 18.72 17.69 -51.15
C ILE E 31 19.05 16.63 -50.10
N ASP E 32 20.02 15.80 -50.45
CA ASP E 32 20.49 14.74 -49.57
C ASP E 32 21.51 15.32 -48.59
N PRO E 33 21.17 15.43 -47.31
CA PRO E 33 22.15 15.97 -46.36
C PRO E 33 23.44 15.17 -46.31
N GLN E 34 23.37 13.86 -46.52
CA GLN E 34 24.57 13.05 -46.44
C GLN E 34 25.41 13.15 -47.70
N THR E 35 24.87 12.70 -48.83
CA THR E 35 25.67 12.62 -50.04
C THR E 35 25.73 13.97 -50.76
N GLY E 36 24.64 14.73 -50.71
CA GLY E 36 24.58 15.98 -51.43
C GLY E 36 23.76 15.94 -52.70
N GLU E 37 23.13 14.82 -53.02
CA GLU E 37 22.20 14.78 -54.12
C GLU E 37 20.97 15.62 -53.78
N GLY E 38 20.25 16.03 -54.82
CA GLY E 38 19.03 16.80 -54.66
C GLY E 38 17.81 15.92 -54.91
N LEU E 39 16.79 16.09 -54.09
CA LEU E 39 15.61 15.24 -54.15
C LEU E 39 14.41 16.07 -54.59
N VAL E 40 13.64 15.51 -55.52
CA VAL E 40 12.45 16.17 -56.06
C VAL E 40 11.25 15.31 -55.72
N THR E 41 10.25 15.92 -55.10
CA THR E 41 9.06 15.19 -54.71
C THR E 41 8.31 14.68 -55.93
N ASP E 42 8.13 13.35 -55.97
CA ASP E 42 7.43 12.73 -57.10
C ASP E 42 6.04 13.31 -57.27
N VAL E 43 5.42 13.72 -56.17
CA VAL E 43 4.08 14.29 -56.25
C VAL E 43 4.09 15.52 -57.14
N CYS E 44 5.23 16.21 -57.22
CA CYS E 44 5.34 17.33 -58.14
C CYS E 44 5.19 16.84 -59.58
N LEU E 45 5.84 15.74 -59.92
CA LEU E 45 5.70 15.19 -61.26
C LEU E 45 4.27 14.78 -61.54
N LYS E 46 3.63 14.16 -60.55
CA LYS E 46 2.24 13.78 -60.75
C LYS E 46 1.37 15.01 -61.00
N ARG E 47 1.61 16.08 -60.25
CA ARG E 47 0.82 17.29 -60.44
C ARG E 47 1.07 17.87 -61.82
N LYS E 48 2.31 17.84 -62.30
CA LYS E 48 2.60 18.37 -63.63
C LYS E 48 1.85 17.60 -64.69
N VAL E 49 1.84 16.27 -64.59
CA VAL E 49 1.11 15.48 -65.59
C VAL E 49 -0.40 15.74 -65.46
N ARG E 50 -0.88 15.89 -64.24
CA ARG E 50 -2.28 16.28 -64.05
C ARG E 50 -2.58 17.57 -64.81
N ASN E 51 -1.69 18.55 -64.71
CA ASN E 51 -1.94 19.83 -65.37
C ASN E 51 -1.95 19.65 -66.88
N PHE E 52 -1.00 18.90 -67.42
CA PHE E 52 -0.99 18.65 -68.86
C PHE E 52 -2.31 18.04 -69.31
N ILE E 53 -2.77 17.02 -68.61
CA ILE E 53 -4.01 16.36 -69.00
C ILE E 53 -5.19 17.31 -68.89
N GLN E 54 -5.25 18.05 -67.77
CA GLN E 54 -6.28 19.06 -67.62
C GLN E 54 -6.30 20.00 -68.80
N MET E 55 -5.13 20.35 -69.29
CA MET E 55 -5.04 21.39 -70.32
C MET E 55 -5.36 20.83 -71.70
N THR E 56 -5.18 19.52 -71.89
CA THR E 56 -5.37 18.97 -73.23
C THR E 56 -6.79 18.46 -73.51
N GLN E 57 -7.27 17.49 -72.72
CA GLN E 57 -8.54 16.84 -73.08
C GLN E 57 -9.73 17.71 -72.73
N ASN E 58 -9.91 18.00 -71.44
CA ASN E 58 -10.99 18.87 -70.97
C ASN E 58 -12.37 18.31 -71.35
N ASP E 59 -12.52 17.00 -71.24
CA ASP E 59 -13.76 16.32 -71.58
C ASP E 59 -14.24 15.52 -70.38
N GLU E 60 -15.52 15.11 -70.44
CA GLU E 60 -16.01 14.18 -69.44
C GLU E 60 -15.26 12.86 -69.57
N HIS E 61 -15.11 12.16 -68.45
CA HIS E 61 -14.22 11.02 -68.27
C HIS E 61 -12.78 11.50 -68.33
N HIS E 62 -12.56 12.81 -68.21
CA HIS E 62 -11.21 13.35 -68.13
C HIS E 62 -11.11 14.53 -67.18
N ASP E 63 -11.97 14.60 -66.17
CA ASP E 63 -11.84 15.59 -65.11
C ASP E 63 -10.61 15.28 -64.25
N ILE E 64 -10.18 16.27 -63.48
CA ILE E 64 -8.89 16.21 -62.82
C ILE E 64 -9.02 16.10 -61.30
N PHE E 65 -10.01 16.76 -60.71
CA PHE E 65 -10.39 16.68 -59.30
C PHE E 65 -9.44 17.44 -58.38
N ILE E 66 -8.31 17.95 -58.88
CA ILE E 66 -7.39 18.72 -58.06
C ILE E 66 -7.09 20.02 -58.76
N ARG E 67 -7.80 21.08 -58.39
CA ARG E 67 -7.62 22.39 -58.99
C ARG E 67 -7.25 23.39 -57.91
N GLU E 68 -6.94 24.61 -58.36
CA GLU E 68 -6.46 25.65 -57.45
C GLU E 68 -7.56 26.10 -56.51
N LYS E 69 -8.77 26.26 -57.00
CA LYS E 69 -9.87 26.78 -56.21
C LYS E 69 -10.87 25.71 -55.81
N GLY E 70 -10.66 24.46 -56.23
CA GLY E 70 -11.63 23.42 -55.96
C GLY E 70 -11.71 23.07 -54.50
N ILE E 71 -12.84 22.47 -54.12
CA ILE E 71 -13.06 21.99 -52.77
C ILE E 71 -13.42 20.51 -52.86
N LEU E 72 -12.65 19.66 -52.18
CA LEU E 72 -12.79 18.23 -52.36
C LEU E 72 -14.11 17.73 -51.79
N ASN E 73 -14.47 18.18 -50.59
CA ASN E 73 -15.67 17.67 -49.93
C ASN E 73 -16.91 17.95 -50.76
N ASN E 74 -16.95 19.11 -51.41
CA ASN E 74 -18.06 19.41 -52.31
C ASN E 74 -18.17 18.38 -53.41
N LEU E 75 -17.04 18.00 -54.00
CA LEU E 75 -17.06 17.01 -55.06
C LEU E 75 -17.53 15.66 -54.55
N ILE E 76 -17.10 15.28 -53.34
CA ILE E 76 -17.57 14.01 -52.78
C ILE E 76 -19.08 14.04 -52.60
N ASP E 77 -19.60 15.15 -52.06
CA ASP E 77 -21.04 15.28 -51.95
C ASP E 77 -21.71 15.13 -53.32
N GLU E 78 -21.22 15.86 -54.31
CA GLU E 78 -21.78 15.77 -55.66
C GLU E 78 -21.82 14.32 -56.12
N ALA E 79 -20.79 13.55 -55.78
CA ALA E 79 -20.82 12.13 -56.07
C ALA E 79 -21.96 11.44 -55.33
N HIS E 80 -22.24 11.88 -54.09
CA HIS E 80 -23.32 11.25 -53.33
C HIS E 80 -24.66 11.38 -54.05
N GLU E 81 -24.99 12.58 -54.53
CA GLU E 81 -26.30 12.81 -55.12
C GLU E 81 -26.25 12.39 -56.59
N GLN E 82 -26.28 11.08 -56.79
CA GLN E 82 -26.43 10.51 -58.12
C GLN E 82 -27.74 9.73 -58.14
N GLU E 83 -27.97 9.01 -59.23
CA GLU E 83 -29.17 8.19 -59.32
C GLU E 83 -29.20 7.13 -58.22
N ASN E 84 -28.04 6.75 -57.71
CA ASN E 84 -27.97 5.88 -56.53
C ASN E 84 -27.85 6.72 -55.26
N VAL E 85 -28.92 7.47 -54.97
CA VAL E 85 -29.01 8.10 -53.65
C VAL E 85 -29.02 7.04 -52.56
N LYS E 86 -29.88 6.03 -52.72
CA LYS E 86 -29.91 4.85 -51.86
C LYS E 86 -29.68 3.58 -52.67
N GLY E 87 -28.91 3.67 -53.76
CA GLY E 87 -28.80 2.55 -54.68
C GLY E 87 -28.27 1.29 -54.01
N LYS E 88 -27.38 1.45 -53.05
CA LYS E 88 -26.83 0.31 -52.31
C LYS E 88 -26.79 0.57 -50.80
N GLU E 89 -27.87 1.15 -50.26
CA GLU E 89 -28.09 1.33 -48.81
C GLU E 89 -26.88 1.97 -48.12
N LYS E 90 -26.02 2.59 -48.92
CA LYS E 90 -24.89 3.39 -48.44
C LYS E 90 -23.82 2.51 -47.81
N GLY E 91 -24.14 1.23 -47.58
CA GLY E 91 -23.10 0.29 -47.18
C GLY E 91 -22.24 -0.10 -48.35
N GLU E 92 -22.83 -0.13 -49.55
CA GLU E 92 -22.11 -0.41 -50.77
C GLU E 92 -22.16 0.75 -51.75
N LYS E 93 -23.11 1.67 -51.57
CA LYS E 93 -23.15 2.88 -52.40
C LYS E 93 -21.80 3.56 -52.42
N THR E 94 -20.99 3.34 -51.40
CA THR E 94 -19.58 3.71 -51.46
C THR E 94 -18.94 3.16 -52.72
N GLU E 95 -19.18 1.88 -53.03
CA GLU E 95 -18.57 1.29 -54.21
C GLU E 95 -19.10 1.93 -55.48
N ALA E 96 -20.40 2.22 -55.53
CA ALA E 96 -20.96 2.90 -56.69
C ALA E 96 -20.33 4.27 -56.89
N ALA E 97 -20.17 5.01 -55.79
CA ALA E 97 -19.55 6.32 -55.89
C ALA E 97 -18.10 6.21 -56.33
N ARG E 98 -17.40 5.18 -55.88
CA ARG E 98 -16.02 4.99 -56.31
C ARG E 98 -15.98 4.69 -57.81
N GLN E 99 -16.96 3.92 -58.30
CA GLN E 99 -17.05 3.68 -59.73
C GLN E 99 -17.33 4.98 -60.47
N TYR E 100 -18.20 5.81 -59.91
CA TYR E 100 -18.52 7.09 -60.52
C TYR E 100 -17.28 7.97 -60.61
N MET E 101 -16.49 8.00 -59.53
CA MET E 101 -15.18 8.62 -59.58
C MET E 101 -14.34 8.06 -60.72
N CYS E 102 -14.19 6.74 -60.77
CA CYS E 102 -13.33 6.13 -61.77
C CYS E 102 -13.75 6.56 -63.17
N SER E 103 -15.06 6.58 -63.42
CA SER E 103 -15.56 7.01 -64.71
C SER E 103 -15.25 8.48 -64.97
N ARG E 104 -15.43 9.33 -63.96
CA ARG E 104 -15.42 10.77 -64.23
C ARG E 104 -14.00 11.34 -64.26
N TYR E 105 -13.30 11.25 -63.14
CA TYR E 105 -12.06 11.99 -62.95
C TYR E 105 -10.88 11.13 -63.38
N TYR E 106 -10.31 11.44 -64.54
CA TYR E 106 -9.27 10.60 -65.11
C TYR E 106 -8.10 10.43 -64.16
N ASP E 107 -7.88 11.41 -63.28
CA ASP E 107 -6.82 11.30 -62.30
C ASP E 107 -7.03 10.10 -61.39
N ILE E 108 -8.25 9.92 -60.89
CA ILE E 108 -8.50 8.85 -59.93
C ILE E 108 -8.19 7.50 -60.56
N ARG E 109 -8.62 7.28 -61.80
CA ARG E 109 -8.22 6.07 -62.49
C ARG E 109 -6.71 6.01 -62.64
N THR E 110 -6.09 7.13 -62.96
CA THR E 110 -4.64 7.11 -63.16
C THR E 110 -3.92 6.97 -61.84
N PHE E 111 -4.34 7.71 -60.82
CA PHE E 111 -3.73 7.63 -59.50
C PHE E 111 -4.84 7.56 -58.48
N GLY E 112 -4.63 6.80 -57.42
CA GLY E 112 -5.66 6.61 -56.42
C GLY E 112 -6.05 7.91 -55.74
N ALA E 113 -7.12 7.83 -54.97
CA ALA E 113 -7.66 8.98 -54.26
C ALA E 113 -8.09 8.56 -52.87
N VAL E 114 -8.22 9.54 -51.98
CA VAL E 114 -8.75 9.32 -50.65
C VAL E 114 -10.01 10.16 -50.50
N MET E 115 -11.12 9.51 -50.17
CA MET E 115 -12.38 10.22 -49.96
C MET E 115 -12.87 10.12 -48.53
N THR E 116 -11.97 9.79 -47.60
CA THR E 116 -12.39 9.54 -46.22
C THR E 116 -12.98 10.78 -45.57
N THR E 117 -12.61 11.97 -46.03
CA THR E 117 -13.01 13.19 -45.33
C THR E 117 -14.53 13.33 -45.30
N GLY E 118 -15.20 13.03 -46.41
CA GLY E 118 -16.64 12.90 -46.43
C GLY E 118 -17.04 11.45 -46.30
N LYS E 119 -18.27 11.17 -46.70
CA LYS E 119 -18.70 9.77 -46.75
C LYS E 119 -17.90 9.07 -47.83
N ASN E 120 -16.95 8.26 -47.41
CA ASN E 120 -15.86 7.83 -48.28
C ASN E 120 -16.41 7.02 -49.45
N ALA E 121 -15.94 7.35 -50.66
CA ALA E 121 -16.24 6.52 -51.81
C ALA E 121 -15.34 5.29 -51.85
N GLY E 122 -14.14 5.40 -51.30
CA GLY E 122 -13.24 4.26 -51.24
C GLY E 122 -11.79 4.72 -51.20
N GLN E 123 -10.91 3.75 -51.35
CA GLN E 123 -9.48 4.01 -51.45
C GLN E 123 -8.98 3.28 -52.69
N VAL E 124 -9.12 3.92 -53.84
CA VAL E 124 -8.52 3.37 -55.03
C VAL E 124 -7.02 3.48 -54.90
N ARG E 125 -6.29 2.56 -55.52
CA ARG E 125 -4.85 2.52 -55.32
C ARG E 125 -4.10 3.01 -56.55
N GLY E 126 -4.67 2.84 -57.72
CA GLY E 126 -4.11 3.43 -58.92
C GLY E 126 -3.10 2.51 -59.57
N PRO E 127 -3.42 2.08 -60.80
CA PRO E 127 -2.55 1.10 -61.46
C PRO E 127 -1.13 1.56 -61.69
N VAL E 128 -0.90 2.84 -61.93
CA VAL E 128 0.44 3.36 -62.19
C VAL E 128 0.91 4.09 -60.95
N GLN E 129 2.15 3.84 -60.56
CA GLN E 129 2.75 4.52 -59.42
C GLN E 129 4.18 4.91 -59.77
N LEU E 130 4.63 6.01 -59.15
CA LEU E 130 5.97 6.53 -59.35
C LEU E 130 6.74 6.49 -58.04
N THR E 131 8.06 6.50 -58.17
CA THR E 131 8.94 6.61 -57.01
C THR E 131 9.46 8.04 -56.89
N PHE E 132 10.21 8.29 -55.82
CA PHE E 132 10.71 9.63 -55.57
C PHE E 132 11.84 9.98 -56.53
N SER E 133 11.80 11.22 -57.02
CA SER E 133 12.78 11.68 -57.98
C SER E 133 14.10 12.00 -57.28
N ARG E 134 15.20 11.51 -57.85
CA ARG E 134 16.52 11.73 -57.29
C ARG E 134 17.49 12.14 -58.39
N SER E 135 18.42 13.02 -58.03
CA SER E 135 19.46 13.42 -58.97
C SER E 135 20.44 12.27 -59.20
N ILE E 136 21.32 12.46 -60.17
CA ILE E 136 22.36 11.46 -60.41
C ILE E 136 23.69 11.92 -59.83
N ASP E 137 23.91 13.21 -59.74
CA ASP E 137 25.17 13.79 -59.33
C ASP E 137 24.89 14.88 -58.31
N PRO E 138 25.83 15.17 -57.41
CA PRO E 138 25.60 16.25 -56.45
C PRO E 138 25.36 17.57 -57.16
N ILE E 139 24.50 18.39 -56.56
CA ILE E 139 24.08 19.66 -57.16
C ILE E 139 24.58 20.80 -56.28
N MET E 140 25.05 21.86 -56.92
CA MET E 140 25.56 23.04 -56.24
C MET E 140 24.77 24.26 -56.68
N THR E 141 24.01 24.85 -55.77
CA THR E 141 23.09 25.93 -56.09
C THR E 141 23.76 27.28 -55.83
N LEU E 142 23.53 28.23 -56.73
CA LEU E 142 24.05 29.59 -56.60
C LEU E 142 22.90 30.49 -56.19
N GLU E 143 22.87 30.88 -54.92
CA GLU E 143 21.86 31.82 -54.48
C GLU E 143 22.05 33.15 -55.19
N HIS E 144 20.94 33.74 -55.62
CA HIS E 144 20.97 35.02 -56.31
C HIS E 144 19.93 35.96 -55.71
N SER E 145 20.29 37.22 -55.56
CA SER E 145 19.37 38.25 -55.14
C SER E 145 19.45 39.42 -56.12
N ILE E 146 18.36 40.18 -56.20
CA ILE E 146 18.33 41.33 -57.09
C ILE E 146 17.16 42.25 -56.73
N THR E 165 17.86 44.51 -50.46
CA THR E 165 17.41 43.13 -50.46
C THR E 165 16.71 42.79 -51.77
N MET E 166 15.38 42.90 -51.75
CA MET E 166 14.54 42.75 -52.93
C MET E 166 14.70 41.35 -53.54
N GLY E 167 14.29 40.35 -52.78
CA GLY E 167 14.12 39.01 -53.29
C GLY E 167 15.38 38.17 -53.21
N ARG E 168 15.18 36.88 -52.98
CA ARG E 168 16.23 35.88 -53.02
C ARG E 168 15.86 34.83 -54.06
N LYS E 169 16.86 34.22 -54.67
CA LYS E 169 16.62 33.23 -55.70
C LYS E 169 17.74 32.22 -55.74
N PHE E 170 17.47 31.09 -56.38
CA PHE E 170 18.42 30.00 -56.48
C PHE E 170 18.42 29.49 -57.91
N THR E 171 19.39 28.63 -58.20
CA THR E 171 19.52 28.07 -59.54
C THR E 171 20.39 26.83 -59.46
N VAL E 172 20.21 25.94 -60.42
CA VAL E 172 21.16 24.87 -60.62
C VAL E 172 21.92 25.17 -61.90
N PRO E 173 23.22 24.90 -61.99
CA PRO E 173 23.89 24.99 -63.29
C PRO E 173 23.45 23.91 -64.25
N TYR E 174 23.40 22.67 -63.78
CA TYR E 174 22.93 21.54 -64.58
C TYR E 174 22.58 20.39 -63.65
N GLY E 175 21.52 19.67 -63.99
CA GLY E 175 21.14 18.52 -63.20
C GLY E 175 20.38 17.50 -64.01
N LEU E 176 20.64 16.23 -63.71
CA LEU E 176 19.96 15.11 -64.35
C LEU E 176 19.30 14.26 -63.29
N TYR E 177 18.11 13.76 -63.60
CA TYR E 177 17.30 13.05 -62.64
C TYR E 177 16.70 11.80 -63.25
N ARG E 178 16.51 10.79 -62.39
CA ARG E 178 16.01 9.48 -62.77
C ARG E 178 14.77 9.14 -61.94
N CYS E 179 13.80 8.50 -62.57
CA CYS E 179 12.55 8.13 -61.91
C CYS E 179 12.11 6.76 -62.39
N HIS E 180 11.26 6.11 -61.57
CA HIS E 180 10.79 4.76 -61.86
C HIS E 180 9.30 4.66 -61.61
N GLY E 181 8.61 3.90 -62.46
CA GLY E 181 7.18 3.70 -62.30
C GLY E 181 6.76 2.29 -62.68
N PHE E 182 5.65 1.87 -62.10
CA PHE E 182 5.13 0.53 -62.32
C PHE E 182 3.63 0.54 -62.57
N ILE E 183 3.15 -0.48 -63.27
CA ILE E 183 1.74 -0.65 -63.61
C ILE E 183 1.25 -1.94 -62.96
N SER E 184 0.04 -1.91 -62.41
CA SER E 184 -0.55 -3.09 -61.78
C SER E 184 -1.89 -3.40 -62.42
N THR E 185 -1.99 -4.57 -63.04
CA THR E 185 -3.20 -4.92 -63.78
C THR E 185 -4.36 -5.25 -62.85
N HIS E 186 -4.07 -5.99 -61.77
CA HIS E 186 -5.16 -6.43 -60.90
C HIS E 186 -5.92 -5.26 -60.34
N PHE E 187 -5.21 -4.21 -59.92
CA PHE E 187 -5.89 -3.01 -59.47
C PHE E 187 -6.69 -2.39 -60.61
N ALA E 188 -6.12 -2.39 -61.81
CA ALA E 188 -6.83 -1.84 -62.95
C ALA E 188 -8.19 -2.51 -63.13
N LYS E 189 -8.25 -3.82 -62.86
CA LYS E 189 -9.55 -4.49 -62.90
C LYS E 189 -10.50 -3.89 -61.88
N GLN E 190 -9.99 -3.54 -60.69
CA GLN E 190 -10.86 -2.95 -59.68
C GLN E 190 -11.35 -1.58 -60.14
N THR E 191 -10.52 -0.82 -60.83
CA THR E 191 -10.83 0.56 -61.15
C THR E 191 -11.27 0.77 -62.58
N GLY E 192 -11.17 -0.24 -63.44
CA GLY E 192 -11.55 -0.04 -64.83
C GLY E 192 -10.61 0.88 -65.59
N PHE E 193 -9.32 0.75 -65.35
CA PHE E 193 -8.32 1.44 -66.16
C PHE E 193 -8.36 0.89 -67.59
N SER E 194 -8.08 1.74 -68.55
CA SER E 194 -8.33 1.43 -69.96
C SER E 194 -7.11 1.75 -70.81
N GLU E 195 -7.09 1.15 -72.00
CA GLU E 195 -5.94 1.27 -72.90
C GLU E 195 -5.70 2.71 -73.33
N ASN E 196 -6.77 3.41 -73.70
CA ASN E 196 -6.61 4.80 -74.12
C ASN E 196 -5.97 5.62 -73.02
N ASP E 197 -6.31 5.32 -71.76
CA ASP E 197 -5.69 6.02 -70.65
C ASP E 197 -4.19 5.78 -70.65
N LEU E 198 -3.76 4.55 -70.90
CA LEU E 198 -2.34 4.26 -70.91
C LEU E 198 -1.62 5.00 -72.03
N GLU E 199 -2.20 5.02 -73.22
CA GLU E 199 -1.53 5.69 -74.33
C GLU E 199 -1.52 7.20 -74.14
N LEU E 200 -2.58 7.75 -73.56
CA LEU E 200 -2.55 9.16 -73.16
C LEU E 200 -1.43 9.41 -72.16
N PHE E 201 -1.27 8.49 -71.22
CA PHE E 201 -0.18 8.60 -70.25
C PHE E 201 1.17 8.66 -70.94
N TRP E 202 1.39 7.75 -71.90
CA TRP E 202 2.64 7.77 -72.64
C TRP E 202 2.85 9.12 -73.31
N GLN E 203 1.85 9.59 -74.05
CA GLN E 203 2.01 10.83 -74.79
C GLN E 203 2.30 11.99 -73.85
N ALA E 204 1.51 12.12 -72.78
CA ALA E 204 1.66 13.24 -71.87
C ALA E 204 3.02 13.25 -71.22
N LEU E 205 3.47 12.09 -70.71
CA LEU E 205 4.79 12.06 -70.09
C LEU E 205 5.87 12.36 -71.11
N VAL E 206 5.67 11.96 -72.36
CA VAL E 206 6.64 12.32 -73.39
C VAL E 206 6.71 13.84 -73.53
N ASN E 207 5.56 14.51 -73.49
CA ASN E 207 5.50 15.92 -73.82
C ASN E 207 5.08 16.81 -72.65
N MET E 208 5.35 16.41 -71.41
CA MET E 208 4.96 17.24 -70.28
C MET E 208 5.86 18.46 -70.15
N PHE E 209 7.17 18.27 -70.27
CA PHE E 209 8.12 19.30 -69.85
C PHE E 209 8.07 20.52 -70.75
N ASP E 210 8.13 20.31 -72.07
CA ASP E 210 8.19 21.44 -72.99
C ASP E 210 7.02 22.38 -72.80
N HIS E 211 5.88 21.85 -72.38
CA HIS E 211 4.72 22.70 -72.23
C HIS E 211 4.56 23.25 -70.82
N ASP E 212 5.64 23.31 -70.03
CA ASP E 212 5.61 23.84 -68.67
C ASP E 212 6.92 24.56 -68.38
N HIS E 213 6.94 25.87 -68.61
CA HIS E 213 8.06 26.72 -68.26
C HIS E 213 7.59 27.79 -67.28
N SER E 214 8.34 27.96 -66.20
CA SER E 214 8.05 29.03 -65.25
C SER E 214 9.36 29.67 -64.82
N ALA E 215 9.27 30.95 -64.47
CA ALA E 215 10.45 31.67 -64.01
C ALA E 215 11.00 31.05 -62.74
N ALA E 216 10.11 30.72 -61.80
CA ALA E 216 10.56 30.06 -60.58
C ALA E 216 11.21 28.72 -60.90
N ARG E 217 10.63 27.98 -61.84
CA ARG E 217 11.18 26.68 -62.21
C ARG E 217 12.35 26.79 -63.18
N GLY E 218 12.53 27.91 -63.85
CA GLY E 218 13.58 27.97 -64.84
C GLY E 218 13.30 27.06 -66.02
N GLN E 219 14.23 26.17 -66.34
CA GLN E 219 14.22 25.41 -67.59
C GLN E 219 14.43 23.93 -67.32
N MET E 220 13.57 23.09 -67.90
CA MET E 220 13.66 21.64 -67.76
C MET E 220 13.40 20.96 -69.10
N ASN E 221 14.01 19.80 -69.31
CA ASN E 221 13.86 19.05 -70.56
C ASN E 221 13.61 17.58 -70.24
N ALA E 222 12.53 17.03 -70.82
CA ALA E 222 12.40 15.59 -70.84
C ALA E 222 13.49 15.01 -71.73
N ARG E 223 14.12 13.93 -71.27
CA ARG E 223 15.31 13.41 -71.94
C ARG E 223 15.14 12.00 -72.48
N GLY E 224 14.73 11.06 -71.65
CA GLY E 224 14.65 9.67 -72.09
C GLY E 224 13.58 8.90 -71.35
N LEU E 225 13.00 7.93 -72.04
CA LEU E 225 11.99 7.07 -71.45
C LEU E 225 12.17 5.66 -72.00
N TYR E 226 11.97 4.68 -71.12
CA TYR E 226 12.15 3.28 -71.47
C TYR E 226 10.98 2.51 -70.87
N VAL E 227 10.38 1.60 -71.63
CA VAL E 227 9.24 0.85 -71.13
C VAL E 227 9.48 -0.64 -71.30
N PHE E 228 9.18 -1.39 -70.24
CA PHE E 228 9.21 -2.84 -70.26
C PHE E 228 7.79 -3.38 -70.19
N GLU E 229 7.48 -4.32 -71.08
CA GLU E 229 6.17 -4.96 -71.16
C GLU E 229 6.29 -6.44 -70.81
N HIS E 230 5.70 -6.81 -69.68
CA HIS E 230 5.54 -8.22 -69.34
C HIS E 230 4.64 -8.90 -70.36
N SER E 231 4.93 -10.16 -70.66
CA SER E 231 3.99 -10.94 -71.45
C SER E 231 2.94 -11.58 -70.55
N ASN E 232 3.38 -12.31 -69.53
CA ASN E 232 2.47 -12.94 -68.59
C ASN E 232 1.74 -11.89 -67.77
N ASN E 233 0.51 -12.23 -67.38
CA ASN E 233 -0.25 -11.37 -66.48
C ASN E 233 0.49 -11.17 -65.16
N LEU E 234 1.38 -12.09 -64.82
CA LEU E 234 2.17 -11.96 -63.61
C LEU E 234 3.65 -11.83 -63.96
N GLY E 235 4.41 -11.30 -63.01
CA GLY E 235 5.81 -11.01 -63.28
C GLY E 235 6.58 -12.26 -63.65
N ASP E 236 7.36 -12.16 -64.72
CA ASP E 236 8.24 -13.24 -65.14
C ASP E 236 9.70 -12.96 -64.83
N ALA E 237 10.02 -11.76 -64.35
CA ALA E 237 11.41 -11.38 -64.12
C ALA E 237 11.46 -10.45 -62.92
N PRO E 238 12.63 -10.28 -62.31
CA PRO E 238 12.74 -9.34 -61.20
C PRO E 238 12.93 -7.92 -61.71
N ALA E 239 12.04 -7.02 -61.28
CA ALA E 239 12.07 -5.64 -61.74
C ALA E 239 13.41 -4.99 -61.44
N ASP E 240 14.03 -5.37 -60.32
CA ASP E 240 15.33 -4.84 -59.98
C ASP E 240 16.35 -5.13 -61.06
N SER E 241 16.34 -6.36 -61.58
CA SER E 241 17.19 -6.66 -62.72
C SER E 241 16.88 -5.74 -63.89
N LEU E 242 15.60 -5.65 -64.26
CA LEU E 242 15.20 -4.84 -65.42
C LEU E 242 15.79 -3.44 -65.31
N PHE E 243 15.72 -2.84 -64.14
CA PHE E 243 16.27 -1.50 -64.00
C PHE E 243 17.79 -1.53 -63.99
N LYS E 244 18.39 -2.64 -63.55
CA LYS E 244 19.83 -2.75 -63.60
C LYS E 244 20.35 -2.73 -65.04
N ARG E 245 19.57 -3.26 -65.98
CA ARG E 245 20.00 -3.28 -67.37
C ARG E 245 20.24 -1.88 -67.92
N ILE E 246 19.65 -0.87 -67.31
CA ILE E 246 19.82 0.51 -67.74
C ILE E 246 20.96 1.12 -66.95
N GLN E 247 21.85 1.85 -67.64
CA GLN E 247 22.96 2.51 -66.94
C GLN E 247 23.18 3.91 -67.52
N VAL E 248 23.59 4.83 -66.65
CA VAL E 248 24.03 6.16 -67.05
C VAL E 248 25.29 6.47 -66.26
N VAL E 249 26.27 7.07 -66.93
CA VAL E 249 27.59 7.30 -66.34
C VAL E 249 28.05 8.70 -66.66
N LYS E 250 28.76 9.32 -65.71
CA LYS E 250 29.42 10.59 -65.96
C LYS E 250 30.61 10.40 -66.87
N LYS E 251 30.79 11.31 -67.81
CA LYS E 251 32.00 11.28 -68.63
C LYS E 251 33.20 11.72 -67.81
N ASP E 252 34.36 11.14 -68.14
CA ASP E 252 35.56 11.35 -67.34
C ASP E 252 35.99 12.82 -67.33
N GLY E 253 35.95 13.47 -68.51
CA GLY E 253 36.43 14.83 -68.59
C GLY E 253 35.62 15.81 -67.76
N VAL E 254 34.30 15.61 -67.73
CA VAL E 254 33.43 16.53 -67.00
C VAL E 254 33.35 16.12 -65.54
N GLU E 255 34.29 16.61 -64.74
CA GLU E 255 34.20 16.42 -63.30
C GLU E 255 33.02 17.19 -62.74
N VAL E 256 32.69 18.33 -63.34
CA VAL E 256 31.42 19.00 -63.12
C VAL E 256 30.70 19.02 -64.46
N VAL E 257 29.45 18.56 -64.46
CA VAL E 257 28.73 18.28 -65.70
C VAL E 257 27.74 19.41 -65.97
N ARG E 258 27.89 20.06 -67.12
CA ARG E 258 27.08 21.22 -67.47
C ARG E 258 26.09 20.97 -68.60
N SER E 259 26.28 19.92 -69.38
CA SER E 259 25.41 19.69 -70.52
C SER E 259 24.81 18.29 -70.43
N PHE E 260 23.62 18.15 -71.00
CA PHE E 260 22.97 16.85 -71.09
C PHE E 260 23.79 15.90 -71.94
N ASP E 261 24.68 16.44 -72.78
CA ASP E 261 25.48 15.59 -73.66
C ASP E 261 26.56 14.83 -72.89
N ASP E 262 27.01 15.40 -71.76
CA ASP E 262 28.22 14.88 -71.12
C ASP E 262 28.07 13.43 -70.70
N TYR E 263 26.94 13.08 -70.09
CA TYR E 263 26.74 11.70 -69.65
C TYR E 263 26.64 10.75 -70.81
N LEU E 264 26.87 9.48 -70.51
CA LEU E 264 26.77 8.39 -71.47
C LEU E 264 25.78 7.37 -70.95
N VAL E 265 24.83 6.97 -71.79
CA VAL E 265 23.76 6.06 -71.42
C VAL E 265 23.97 4.74 -72.15
N SER E 266 23.82 3.64 -71.43
CA SER E 266 24.04 2.31 -71.96
C SER E 266 22.85 1.42 -71.64
N VAL E 267 22.31 0.78 -72.68
CA VAL E 267 21.22 -0.17 -72.55
C VAL E 267 21.62 -1.44 -73.29
N ASP E 268 21.41 -2.59 -72.65
CA ASP E 268 21.80 -3.88 -73.21
C ASP E 268 20.62 -4.83 -73.13
N ASP E 269 20.41 -5.60 -74.20
CA ASP E 269 19.28 -6.52 -74.30
C ASP E 269 19.82 -7.89 -74.68
N LYS E 270 20.16 -8.68 -73.67
CA LYS E 270 20.71 -10.01 -73.94
C LYS E 270 19.59 -11.01 -74.20
N ASN E 271 18.78 -11.29 -73.19
CA ASN E 271 17.77 -12.32 -73.25
C ASN E 271 16.43 -11.88 -72.68
N LEU E 272 16.37 -10.70 -72.07
CA LEU E 272 15.22 -10.29 -71.28
C LEU E 272 13.96 -10.05 -72.09
N GLU E 273 13.97 -10.29 -73.40
CA GLU E 273 12.80 -10.00 -74.20
C GLU E 273 11.91 -11.23 -74.41
N GLU E 274 12.23 -12.35 -73.75
CA GLU E 274 11.46 -13.56 -73.97
C GLU E 274 10.00 -13.34 -73.60
N THR E 275 9.75 -12.53 -72.58
CA THR E 275 8.42 -12.15 -72.15
C THR E 275 8.29 -10.68 -71.86
N LYS E 276 9.40 -9.95 -71.84
CA LYS E 276 9.41 -8.54 -71.48
C LYS E 276 9.94 -7.76 -72.66
N LEU E 277 9.03 -7.17 -73.42
CA LEU E 277 9.37 -6.35 -74.57
C LEU E 277 10.02 -5.07 -74.08
N LEU E 278 11.20 -4.77 -74.62
CA LEU E 278 11.90 -3.51 -74.33
C LEU E 278 11.56 -2.53 -75.42
N ARG E 279 10.86 -1.45 -75.08
CA ARG E 279 10.32 -0.54 -76.08
C ARG E 279 10.71 0.90 -75.74
N LYS E 280 11.04 1.65 -76.80
CA LYS E 280 11.62 2.98 -76.69
C LYS E 280 10.63 4.02 -77.23
N LEU E 281 9.87 4.61 -76.31
CA LEU E 281 8.98 5.69 -76.72
C LEU E 281 9.70 7.04 -76.76
N GLY E 282 10.68 7.22 -75.87
CA GLY E 282 11.23 8.56 -75.68
C GLY E 282 12.04 9.05 -76.86
N GLY E 283 12.42 8.16 -77.76
CA GLY E 283 13.27 8.51 -78.87
C GLY E 283 14.66 8.91 -78.41
N THR F 1 -7.11 34.74 -78.19
CA THR F 1 -5.70 34.38 -77.97
C THR F 1 -4.92 34.32 -79.27
N ILE F 2 -3.59 34.41 -79.15
CA ILE F 2 -2.72 34.18 -80.28
C ILE F 2 -2.87 32.74 -80.72
N GLU F 3 -3.02 32.54 -82.03
CA GLU F 3 -3.27 31.19 -82.54
C GLU F 3 -2.06 30.29 -82.34
N LYS F 4 -0.87 30.88 -82.22
CA LYS F 4 0.37 30.12 -82.17
C LYS F 4 1.04 30.28 -80.82
N ARG F 5 1.74 29.24 -80.38
CA ARG F 5 2.73 29.39 -79.32
C ARG F 5 4.03 29.88 -79.94
N TYR F 6 4.97 30.32 -79.12
CA TYR F 6 6.19 30.91 -79.67
C TYR F 6 7.39 30.59 -78.81
N ASP F 7 8.52 30.36 -79.47
CA ASP F 7 9.78 30.09 -78.79
C ASP F 7 10.87 30.94 -79.45
N PHE F 8 11.53 31.80 -78.68
CA PHE F 8 12.49 32.71 -79.27
C PHE F 8 13.84 32.64 -78.58
N VAL F 9 14.89 32.68 -79.40
CA VAL F 9 16.27 32.71 -78.94
C VAL F 9 16.82 34.10 -79.21
N PHE F 10 17.36 34.75 -78.18
CA PHE F 10 17.73 36.14 -78.26
C PHE F 10 19.16 36.32 -77.74
N LEU F 11 19.83 37.36 -78.25
CA LEU F 11 21.22 37.60 -77.90
C LEU F 11 21.55 39.08 -78.08
N PHE F 12 22.26 39.65 -77.11
CA PHE F 12 22.46 41.08 -77.04
C PHE F 12 23.86 41.41 -76.52
N ASP F 13 24.27 42.65 -76.75
CA ASP F 13 25.58 43.16 -76.39
C ASP F 13 25.47 44.23 -75.32
N VAL F 14 26.41 44.21 -74.36
CA VAL F 14 26.45 45.19 -73.29
C VAL F 14 27.90 45.62 -73.09
N GLN F 15 28.08 46.94 -72.92
CA GLN F 15 29.38 47.55 -72.70
C GLN F 15 29.68 47.67 -71.21
N ASP F 16 30.66 48.51 -70.86
CA ASP F 16 31.18 48.62 -69.49
C ASP F 16 30.07 49.07 -68.56
N GLY F 17 29.56 48.14 -67.76
CA GLY F 17 28.59 48.47 -66.74
C GLY F 17 28.11 47.21 -66.04
N ASN F 18 27.76 47.38 -64.77
CA ASN F 18 27.20 46.26 -64.03
C ASN F 18 25.85 45.87 -64.64
N PRO F 19 25.49 44.58 -64.61
CA PRO F 19 24.17 44.19 -65.09
C PRO F 19 23.03 44.88 -64.35
N ASN F 20 23.18 45.14 -63.05
CA ASN F 20 22.15 45.78 -62.28
C ASN F 20 22.58 47.18 -61.82
N GLY F 21 21.58 48.03 -61.60
CA GLY F 21 21.86 49.36 -61.10
C GLY F 21 22.49 49.34 -59.72
N ASP F 22 22.06 48.41 -58.88
CA ASP F 22 22.68 48.18 -57.58
C ASP F 22 22.60 46.69 -57.26
N PRO F 23 23.70 45.96 -57.29
CA PRO F 23 23.65 44.55 -56.89
C PRO F 23 23.72 44.40 -55.39
N ASP F 24 22.86 43.56 -54.82
CA ASP F 24 22.99 43.24 -53.41
C ASP F 24 24.07 42.19 -53.18
N ALA F 25 24.52 41.54 -54.26
CA ALA F 25 25.61 40.57 -54.20
C ALA F 25 26.93 41.30 -54.48
N GLY F 26 27.22 42.27 -53.61
CA GLY F 26 28.37 43.11 -53.83
C GLY F 26 28.23 43.90 -55.12
N ASN F 27 29.31 43.94 -55.91
CA ASN F 27 29.30 44.68 -57.16
C ASN F 27 29.89 43.94 -58.34
N LEU F 28 30.75 42.95 -58.12
CA LEU F 28 31.33 42.22 -59.23
C LEU F 28 30.23 41.51 -60.00
N PRO F 29 30.26 41.52 -61.33
CA PRO F 29 29.22 40.84 -62.10
C PRO F 29 29.15 39.36 -61.77
N ARG F 30 27.93 38.85 -61.62
CA ARG F 30 27.73 37.45 -61.31
C ARG F 30 28.20 36.60 -62.47
N ILE F 31 29.09 35.65 -62.17
CA ILE F 31 29.74 34.85 -63.19
C ILE F 31 29.74 33.38 -62.76
N ASP F 32 30.00 32.52 -63.73
CA ASP F 32 30.02 31.10 -63.46
C ASP F 32 31.24 30.76 -62.61
N PRO F 33 31.06 30.16 -61.43
CA PRO F 33 32.23 29.80 -60.61
C PRO F 33 33.15 28.81 -61.29
N GLN F 34 32.61 27.93 -62.14
CA GLN F 34 33.44 26.94 -62.79
C GLN F 34 34.16 27.52 -63.99
N THR F 35 33.42 28.17 -64.89
CA THR F 35 34.00 28.62 -66.15
C THR F 35 34.02 30.13 -66.30
N GLY F 36 33.08 30.85 -65.71
CA GLY F 36 33.14 32.30 -65.72
C GLY F 36 32.24 33.00 -66.71
N GLU F 37 31.13 32.40 -67.10
CA GLU F 37 30.24 33.03 -68.05
C GLU F 37 29.42 34.13 -67.38
N GLY F 38 29.11 35.17 -68.15
CA GLY F 38 28.28 36.24 -67.63
C GLY F 38 26.89 35.73 -67.26
N LEU F 39 26.42 36.10 -66.08
CA LEU F 39 25.14 35.68 -65.58
C LEU F 39 24.24 36.90 -65.45
N VAL F 40 23.04 36.81 -66.02
CA VAL F 40 22.13 37.94 -66.09
C VAL F 40 20.83 37.58 -65.42
N THR F 41 20.43 38.39 -64.45
CA THR F 41 19.10 38.24 -63.87
C THR F 41 18.05 38.65 -64.88
N ASP F 42 17.19 37.69 -65.25
CA ASP F 42 16.13 38.00 -66.20
C ASP F 42 15.15 39.02 -65.63
N VAL F 43 15.05 39.10 -64.30
CA VAL F 43 14.21 40.11 -63.69
C VAL F 43 14.70 41.49 -64.09
N CYS F 44 16.02 41.68 -64.17
CA CYS F 44 16.55 42.98 -64.57
C CYS F 44 16.17 43.30 -66.01
N LEU F 45 16.24 42.31 -66.91
CA LEU F 45 15.81 42.52 -68.29
C LEU F 45 14.35 42.92 -68.35
N LYS F 46 13.50 42.24 -67.57
CA LYS F 46 12.08 42.58 -67.56
C LYS F 46 11.86 43.99 -67.00
N ARG F 47 12.59 44.36 -65.96
CA ARG F 47 12.46 45.71 -65.42
C ARG F 47 12.85 46.75 -66.46
N LYS F 48 13.95 46.51 -67.19
CA LYS F 48 14.39 47.43 -68.23
C LYS F 48 13.34 47.56 -69.32
N VAL F 49 12.78 46.45 -69.77
CA VAL F 49 11.80 46.53 -70.86
C VAL F 49 10.52 47.19 -70.36
N ARG F 50 10.19 47.00 -69.08
CA ARG F 50 9.03 47.67 -68.53
C ARG F 50 9.24 49.17 -68.51
N ASN F 51 10.44 49.62 -68.16
CA ASN F 51 10.76 51.04 -68.22
C ASN F 51 10.67 51.55 -69.65
N PHE F 52 11.20 50.79 -70.60
CA PHE F 52 11.08 51.16 -72.00
C PHE F 52 9.63 51.36 -72.39
N ILE F 53 8.77 50.40 -72.03
CA ILE F 53 7.38 50.47 -72.42
C ILE F 53 6.70 51.67 -71.79
N GLN F 54 6.98 51.91 -70.51
CA GLN F 54 6.37 53.05 -69.83
C GLN F 54 6.74 54.36 -70.50
N MET F 55 8.02 54.56 -70.82
CA MET F 55 8.41 55.82 -71.45
C MET F 55 8.06 55.83 -72.93
N THR F 56 7.66 54.67 -73.47
CA THR F 56 7.42 54.55 -74.91
C THR F 56 5.94 54.73 -75.22
N GLN F 57 5.11 53.87 -74.65
CA GLN F 57 3.68 53.88 -74.98
C GLN F 57 2.90 54.81 -74.08
N ASN F 58 3.27 54.85 -72.79
CA ASN F 58 2.75 55.78 -71.78
C ASN F 58 1.28 56.11 -71.98
N ASP F 59 0.47 55.07 -72.10
CA ASP F 59 -0.97 55.21 -72.30
C ASP F 59 -1.70 54.27 -71.36
N GLU F 60 -2.95 54.64 -71.04
CA GLU F 60 -3.82 53.69 -70.38
C GLU F 60 -4.08 52.52 -71.32
N HIS F 61 -4.27 51.34 -70.74
CA HIS F 61 -4.41 50.05 -71.41
C HIS F 61 -3.02 49.57 -71.85
N HIS F 62 -2.00 50.43 -71.79
CA HIS F 62 -0.61 50.00 -71.91
C HIS F 62 0.24 50.58 -70.80
N ASP F 63 -0.31 50.66 -69.59
CA ASP F 63 0.44 51.09 -68.44
C ASP F 63 1.36 49.97 -67.96
N ILE F 64 2.28 50.32 -67.07
CA ILE F 64 3.38 49.43 -66.69
C ILE F 64 3.38 49.29 -65.17
N PHE F 65 4.11 48.28 -64.70
CA PHE F 65 4.36 48.16 -63.27
C PHE F 65 5.73 48.74 -62.92
N ILE F 66 5.85 49.11 -61.65
CA ILE F 66 7.08 49.72 -61.14
C ILE F 66 8.21 48.70 -61.12
N ARG F 67 9.41 49.14 -61.50
CA ARG F 67 10.53 48.22 -61.63
C ARG F 67 11.00 47.69 -60.27
N GLU F 68 11.26 48.60 -59.33
CA GLU F 68 11.79 48.18 -58.03
C GLU F 68 11.22 48.96 -56.85
N LYS F 69 10.30 49.89 -57.05
CA LYS F 69 9.73 50.62 -55.94
C LYS F 69 8.93 49.68 -55.04
N GLY F 70 8.76 50.06 -53.78
CA GLY F 70 8.16 49.20 -52.78
C GLY F 70 6.70 49.43 -52.44
N ILE F 71 6.05 50.43 -53.03
CA ILE F 71 4.66 50.72 -52.74
C ILE F 71 3.81 50.06 -53.82
N LEU F 72 2.90 49.18 -53.40
CA LEU F 72 2.03 48.47 -54.33
C LEU F 72 0.59 48.35 -53.87
N ASN F 73 0.28 48.60 -52.60
CA ASN F 73 -1.07 48.36 -52.10
C ASN F 73 -2.08 49.30 -52.76
N ASN F 74 -1.68 50.54 -53.03
CA ASN F 74 -2.56 51.48 -53.72
C ASN F 74 -2.89 50.99 -55.12
N LEU F 75 -1.91 50.38 -55.78
CA LEU F 75 -2.12 49.90 -57.14
C LEU F 75 -3.24 48.87 -57.20
N ILE F 76 -3.33 48.01 -56.17
CA ILE F 76 -4.38 47.00 -56.14
C ILE F 76 -5.66 47.59 -55.55
N ASP F 77 -5.51 48.57 -54.66
CA ASP F 77 -6.67 49.33 -54.22
C ASP F 77 -7.42 49.95 -55.38
N GLU F 78 -6.69 50.31 -56.44
CA GLU F 78 -7.36 50.77 -57.65
C GLU F 78 -8.44 49.78 -58.07
N ALA F 79 -8.11 48.48 -58.10
CA ALA F 79 -9.12 47.47 -58.37
C ALA F 79 -10.14 47.40 -57.24
N HIS F 80 -9.68 47.50 -55.99
CA HIS F 80 -10.62 47.48 -54.86
C HIS F 80 -11.67 48.58 -54.98
N GLU F 81 -11.28 49.73 -55.53
CA GLU F 81 -12.21 50.81 -55.77
C GLU F 81 -12.41 51.10 -57.26
N GLN F 82 -12.47 50.06 -58.09
CA GLN F 82 -12.94 50.17 -59.45
C GLN F 82 -14.47 50.19 -59.45
N GLU F 83 -15.06 49.99 -60.62
CA GLU F 83 -16.50 49.77 -60.69
C GLU F 83 -16.92 48.61 -59.80
N ASN F 84 -16.01 47.65 -59.62
CA ASN F 84 -16.25 46.51 -58.73
C ASN F 84 -15.65 46.76 -57.35
N VAL F 85 -16.13 47.81 -56.69
CA VAL F 85 -15.84 47.98 -55.27
C VAL F 85 -16.37 46.76 -54.51
N LYS F 86 -17.62 46.41 -54.77
CA LYS F 86 -18.15 45.09 -54.45
C LYS F 86 -19.02 44.59 -55.60
N GLY F 87 -18.56 44.80 -56.84
CA GLY F 87 -19.36 44.43 -57.98
C GLY F 87 -19.63 42.94 -58.06
N LYS F 88 -18.66 42.12 -57.63
CA LYS F 88 -18.77 40.68 -57.70
C LYS F 88 -18.50 40.09 -56.31
N GLU F 89 -18.67 38.77 -56.22
CA GLU F 89 -18.30 38.07 -55.01
C GLU F 89 -16.79 38.14 -54.81
N LYS F 90 -16.35 38.15 -53.54
CA LYS F 90 -14.96 38.42 -53.23
C LYS F 90 -14.01 37.43 -53.92
N GLY F 91 -14.35 36.14 -53.88
CA GLY F 91 -13.57 35.18 -54.63
C GLY F 91 -13.61 35.45 -56.12
N GLU F 92 -14.79 35.84 -56.62
CA GLU F 92 -14.86 36.29 -58.01
C GLU F 92 -14.26 37.69 -58.16
N LYS F 93 -14.28 38.48 -57.07
CA LYS F 93 -13.60 39.77 -57.12
C LYS F 93 -12.11 39.59 -57.34
N THR F 94 -11.57 38.43 -56.96
CA THR F 94 -10.19 38.12 -57.32
C THR F 94 -10.00 38.19 -58.82
N GLU F 95 -10.86 37.50 -59.58
CA GLU F 95 -10.77 37.55 -61.03
C GLU F 95 -11.10 38.93 -61.57
N ALA F 96 -12.05 39.62 -60.93
CA ALA F 96 -12.40 40.97 -61.37
C ALA F 96 -11.19 41.89 -61.28
N ALA F 97 -10.49 41.85 -60.15
CA ALA F 97 -9.26 42.59 -59.98
C ALA F 97 -8.21 42.13 -60.97
N ARG F 98 -8.15 40.83 -61.24
CA ARG F 98 -7.18 40.32 -62.20
C ARG F 98 -7.39 40.91 -63.59
N GLN F 99 -8.64 40.94 -64.05
CA GLN F 99 -8.93 41.50 -65.36
C GLN F 99 -8.76 43.02 -65.36
N TYR F 100 -9.04 43.68 -64.24
CA TYR F 100 -8.77 45.11 -64.20
C TYR F 100 -7.26 45.37 -64.23
N MET F 101 -6.47 44.48 -63.65
CA MET F 101 -5.02 44.58 -63.80
C MET F 101 -4.62 44.38 -65.25
N CYS F 102 -5.21 43.38 -65.91
CA CYS F 102 -4.87 43.11 -67.31
C CYS F 102 -5.19 44.32 -68.19
N SER F 103 -6.41 44.84 -68.09
CA SER F 103 -6.78 46.02 -68.87
C SER F 103 -5.96 47.24 -68.47
N ARG F 104 -5.78 47.45 -67.16
CA ARG F 104 -5.12 48.64 -66.65
C ARG F 104 -3.66 48.68 -67.06
N TYR F 105 -2.93 47.59 -66.83
CA TYR F 105 -1.52 47.50 -67.17
C TYR F 105 -1.32 46.46 -68.26
N TYR F 106 -0.60 46.86 -69.32
CA TYR F 106 -0.24 45.91 -70.37
C TYR F 106 0.63 44.79 -69.81
N ASP F 107 1.57 45.11 -68.94
CA ASP F 107 2.55 44.13 -68.50
C ASP F 107 1.89 43.02 -67.67
N ILE F 108 0.87 43.35 -66.89
CA ILE F 108 0.28 42.36 -66.00
C ILE F 108 -0.26 41.19 -66.79
N ARG F 109 -1.07 41.47 -67.81
CA ARG F 109 -1.51 40.39 -68.69
C ARG F 109 -0.34 39.88 -69.52
N THR F 110 0.65 40.73 -69.80
CA THR F 110 1.84 40.27 -70.50
C THR F 110 2.70 39.41 -69.60
N PHE F 111 2.94 39.86 -68.37
CA PHE F 111 3.79 39.16 -67.42
C PHE F 111 3.18 39.27 -66.04
N GLY F 112 3.00 38.13 -65.38
CA GLY F 112 2.42 38.14 -64.06
C GLY F 112 3.42 38.54 -63.00
N ALA F 113 2.89 38.77 -61.81
CA ALA F 113 3.69 39.05 -60.63
C ALA F 113 3.10 38.30 -59.45
N VAL F 114 3.59 38.60 -58.26
CA VAL F 114 2.91 38.13 -57.06
C VAL F 114 1.91 39.19 -56.65
N MET F 115 0.73 39.20 -57.30
CA MET F 115 -0.25 40.22 -56.95
C MET F 115 -0.82 40.00 -55.56
N THR F 116 -1.26 38.79 -55.26
CA THR F 116 -1.96 38.53 -54.00
C THR F 116 -0.94 38.49 -52.85
N THR F 117 -0.35 39.64 -52.60
CA THR F 117 0.51 39.78 -51.44
C THR F 117 -0.29 39.73 -50.15
N GLY F 118 -1.19 40.69 -49.98
CA GLY F 118 -2.08 40.72 -48.84
C GLY F 118 -3.51 40.46 -49.26
N LYS F 119 -4.27 41.54 -49.44
CA LYS F 119 -5.62 41.44 -49.98
C LYS F 119 -5.64 40.63 -51.27
N ASN F 120 -6.79 40.04 -51.57
CA ASN F 120 -6.94 39.23 -52.76
C ASN F 120 -6.60 40.05 -54.01
N ALA F 121 -5.63 39.56 -54.77
CA ALA F 121 -5.21 40.23 -56.00
C ALA F 121 -4.92 39.26 -57.14
N GLY F 122 -5.17 37.97 -56.96
CA GLY F 122 -4.94 37.01 -58.02
C GLY F 122 -3.48 36.61 -58.14
N GLN F 123 -3.25 35.61 -58.97
CA GLN F 123 -1.91 35.10 -59.24
C GLN F 123 -1.83 34.68 -60.69
N VAL F 124 -0.77 35.10 -61.36
CA VAL F 124 -0.60 34.85 -62.78
C VAL F 124 0.78 34.25 -63.00
N ARG F 125 0.83 33.14 -63.74
CA ARG F 125 2.11 32.55 -64.10
C ARG F 125 2.83 33.38 -65.14
N GLY F 126 2.10 34.00 -66.05
CA GLY F 126 2.70 34.84 -67.06
C GLY F 126 2.82 34.12 -68.38
N PRO F 127 1.98 34.51 -69.35
CA PRO F 127 1.94 33.78 -70.62
C PRO F 127 3.25 33.80 -71.37
N VAL F 128 4.11 34.76 -71.07
CA VAL F 128 5.46 34.83 -71.64
C VAL F 128 6.46 34.75 -70.50
N GLN F 129 7.50 33.96 -70.69
CA GLN F 129 8.52 33.76 -69.65
C GLN F 129 9.91 33.80 -70.26
N LEU F 130 10.86 34.26 -69.44
CA LEU F 130 12.24 34.42 -69.84
C LEU F 130 13.15 33.78 -68.81
N THR F 131 14.44 33.72 -69.13
CA THR F 131 15.41 33.04 -68.31
C THR F 131 16.67 33.88 -68.13
N PHE F 132 17.49 33.46 -67.18
CA PHE F 132 18.79 34.10 -66.97
C PHE F 132 19.67 33.92 -68.18
N SER F 133 20.48 34.94 -68.48
CA SER F 133 21.26 34.95 -69.71
C SER F 133 22.72 34.64 -69.44
N ARG F 134 23.36 33.99 -70.41
CA ARG F 134 24.76 33.61 -70.31
C ARG F 134 25.57 34.23 -71.43
N SER F 135 26.83 34.55 -71.11
CA SER F 135 27.78 34.95 -72.12
C SER F 135 28.26 33.73 -72.90
N ILE F 136 28.85 33.99 -74.06
CA ILE F 136 29.32 32.90 -74.90
C ILE F 136 30.53 32.22 -74.27
N ASP F 137 31.44 33.01 -73.71
CA ASP F 137 32.73 32.51 -73.25
C ASP F 137 33.16 33.21 -71.97
N PRO F 138 34.16 32.69 -71.24
CA PRO F 138 34.53 33.29 -69.95
C PRO F 138 35.00 34.73 -70.10
N ILE F 139 34.83 35.49 -69.03
CA ILE F 139 35.15 36.92 -69.01
C ILE F 139 36.06 37.23 -67.83
N MET F 140 36.90 38.24 -68.02
CA MET F 140 37.77 38.78 -67.00
C MET F 140 37.51 40.27 -66.85
N THR F 141 38.01 40.84 -65.75
CA THR F 141 37.80 42.26 -65.43
C THR F 141 39.11 43.02 -65.52
N LEU F 142 39.02 44.27 -65.98
CA LEU F 142 40.20 45.12 -66.03
C LEU F 142 40.59 45.61 -64.64
N GLU F 143 39.61 45.96 -63.81
CA GLU F 143 39.82 46.38 -62.43
C GLU F 143 40.65 47.66 -62.35
N HIS F 144 40.15 48.72 -62.98
CA HIS F 144 40.88 49.98 -63.04
C HIS F 144 40.53 50.87 -61.85
N SER F 145 41.35 51.91 -61.64
CA SER F 145 41.14 52.88 -60.58
C SER F 145 41.42 54.28 -61.11
N ILE F 146 40.59 55.24 -60.71
CA ILE F 146 40.78 56.65 -61.05
C ILE F 146 40.14 57.49 -59.96
N THR F 147 40.72 58.67 -59.73
CA THR F 147 40.25 59.54 -58.66
C THR F 147 38.86 60.09 -58.95
N ARG F 148 38.10 60.32 -57.90
CA ARG F 148 36.71 60.76 -57.98
C ARG F 148 36.55 62.12 -57.32
N MET F 149 35.88 63.04 -57.99
CA MET F 149 35.68 64.38 -57.44
C MET F 149 34.52 64.41 -56.45
N ALA F 150 33.31 64.10 -56.90
CA ALA F 150 32.12 64.19 -56.07
C ALA F 150 31.29 62.93 -56.23
N VAL F 151 30.68 62.50 -55.14
CA VAL F 151 29.89 61.27 -55.10
C VAL F 151 28.61 61.42 -55.90
N ARG F 164 34.39 61.68 -52.88
CA ARG F 164 35.79 61.99 -53.08
C ARG F 164 36.62 60.76 -52.71
N THR F 165 36.24 59.61 -53.25
CA THR F 165 36.95 58.36 -53.04
C THR F 165 37.42 57.83 -54.38
N MET F 166 38.74 57.69 -54.53
CA MET F 166 39.30 57.21 -55.79
C MET F 166 38.72 55.85 -56.18
N GLY F 167 38.79 54.90 -55.26
CA GLY F 167 38.18 53.60 -55.48
C GLY F 167 38.75 52.81 -56.64
N ARG F 168 38.26 51.57 -56.78
CA ARG F 168 38.69 50.67 -57.84
C ARG F 168 37.46 50.05 -58.47
N LYS F 169 37.39 50.12 -59.80
CA LYS F 169 36.22 49.65 -60.53
C LYS F 169 36.63 48.66 -61.61
N PHE F 170 35.78 47.66 -61.82
CA PHE F 170 36.07 46.52 -62.67
C PHE F 170 34.86 46.20 -63.54
N THR F 171 35.13 45.77 -64.77
CA THR F 171 34.09 45.32 -65.70
C THR F 171 34.78 44.70 -66.91
N VAL F 172 33.98 44.06 -67.74
CA VAL F 172 34.45 43.68 -69.07
C VAL F 172 33.99 44.77 -70.01
N PRO F 173 34.88 45.27 -70.87
CA PRO F 173 34.47 46.34 -71.79
C PRO F 173 33.34 45.94 -72.73
N TYR F 174 33.30 44.69 -73.17
CA TYR F 174 32.27 44.23 -74.09
C TYR F 174 31.81 42.83 -73.71
N GLY F 175 30.53 42.57 -73.93
CA GLY F 175 29.98 41.26 -73.66
C GLY F 175 28.80 40.94 -74.56
N LEU F 176 28.73 39.68 -74.99
CA LEU F 176 27.60 39.15 -75.75
C LEU F 176 26.96 38.04 -74.95
N TYR F 177 25.63 38.08 -74.83
CA TYR F 177 24.88 37.18 -73.95
C TYR F 177 23.84 36.42 -74.73
N ARG F 178 23.39 35.30 -74.14
CA ARG F 178 22.41 34.40 -74.75
C ARG F 178 21.23 34.20 -73.82
N CYS F 179 20.02 34.27 -74.36
CA CYS F 179 18.80 34.13 -73.57
C CYS F 179 17.73 33.40 -74.36
N HIS F 180 16.78 32.81 -73.64
CA HIS F 180 15.69 32.02 -74.23
C HIS F 180 14.36 32.52 -73.67
N GLY F 181 13.31 32.48 -74.48
CA GLY F 181 12.01 32.94 -74.04
C GLY F 181 10.89 32.14 -74.67
N PHE F 182 9.76 32.11 -73.98
CA PHE F 182 8.66 31.21 -74.34
C PHE F 182 7.32 31.91 -74.17
N ILE F 183 6.39 31.58 -75.06
CA ILE F 183 5.06 32.16 -75.08
C ILE F 183 4.05 31.05 -75.31
N SER F 184 3.05 30.97 -74.42
CA SER F 184 2.06 29.90 -74.43
C SER F 184 0.69 30.44 -74.82
N THR F 185 0.11 29.88 -75.88
CA THR F 185 -1.27 30.19 -76.24
C THR F 185 -2.23 29.69 -75.17
N HIS F 186 -1.97 28.50 -74.62
CA HIS F 186 -2.83 27.98 -73.55
C HIS F 186 -2.90 28.97 -72.40
N PHE F 187 -1.74 29.46 -71.95
CA PHE F 187 -1.73 30.46 -70.90
C PHE F 187 -2.31 31.78 -71.40
N ALA F 188 -2.06 32.11 -72.66
CA ALA F 188 -2.58 33.36 -73.22
C ALA F 188 -4.10 33.40 -73.10
N LYS F 189 -4.75 32.27 -73.33
CA LYS F 189 -6.20 32.20 -73.12
C LYS F 189 -6.55 32.56 -71.69
N GLN F 190 -5.75 32.08 -70.74
CA GLN F 190 -6.01 32.39 -69.35
C GLN F 190 -5.88 33.88 -69.09
N THR F 191 -4.85 34.49 -69.65
CA THR F 191 -4.44 35.85 -69.30
C THR F 191 -4.98 36.91 -70.24
N GLY F 192 -5.68 36.53 -71.30
CA GLY F 192 -6.21 37.51 -72.23
C GLY F 192 -5.13 38.29 -72.97
N PHE F 193 -4.13 37.60 -73.49
CA PHE F 193 -3.08 38.26 -74.25
C PHE F 193 -3.60 38.67 -75.63
N SER F 194 -2.91 39.63 -76.25
CA SER F 194 -3.31 40.17 -77.53
C SER F 194 -2.16 40.13 -78.52
N GLU F 195 -2.49 39.86 -79.79
CA GLU F 195 -1.46 39.77 -80.82
C GLU F 195 -0.78 41.11 -81.06
N ASN F 196 -1.55 42.20 -80.98
CA ASN F 196 -0.92 43.51 -81.09
C ASN F 196 0.03 43.75 -79.93
N ASP F 197 -0.33 43.29 -78.73
CA ASP F 197 0.60 43.29 -77.63
C ASP F 197 1.84 42.47 -77.96
N LEU F 198 1.65 41.36 -78.66
CA LEU F 198 2.81 40.56 -79.08
C LEU F 198 3.73 41.33 -79.99
N GLU F 199 3.18 42.02 -80.99
CA GLU F 199 4.01 42.79 -81.90
C GLU F 199 4.68 43.96 -81.19
N LEU F 200 3.95 44.60 -80.29
CA LEU F 200 4.54 45.66 -79.47
C LEU F 200 5.73 45.13 -78.71
N PHE F 201 5.59 43.95 -78.09
CA PHE F 201 6.71 43.35 -77.38
C PHE F 201 7.85 43.00 -78.34
N TRP F 202 7.52 42.53 -79.54
CA TRP F 202 8.56 42.13 -80.48
C TRP F 202 9.43 43.30 -80.87
N GLN F 203 8.82 44.43 -81.19
CA GLN F 203 9.62 45.62 -81.46
C GLN F 203 10.27 46.15 -80.19
N ALA F 204 9.59 45.95 -79.05
CA ALA F 204 10.04 46.52 -77.79
C ALA F 204 11.35 45.89 -77.34
N LEU F 205 11.48 44.58 -77.46
CA LEU F 205 12.70 43.91 -77.03
C LEU F 205 13.87 44.37 -77.90
N VAL F 206 13.57 44.81 -79.13
CA VAL F 206 14.63 45.34 -79.99
C VAL F 206 15.06 46.71 -79.52
N ASN F 207 14.10 47.64 -79.36
CA ASN F 207 14.42 49.04 -79.16
C ASN F 207 14.47 49.47 -77.69
N MET F 208 14.33 48.52 -76.75
CA MET F 208 14.65 48.79 -75.34
C MET F 208 15.86 49.69 -75.21
N PHE F 209 16.98 49.27 -75.78
CA PHE F 209 18.24 49.95 -75.58
C PHE F 209 18.26 51.30 -76.27
N ASP F 210 17.80 51.34 -77.53
CA ASP F 210 17.89 52.57 -78.31
C ASP F 210 17.05 53.68 -77.69
N HIS F 211 15.90 53.33 -77.11
CA HIS F 211 15.08 54.35 -76.46
C HIS F 211 15.80 55.01 -75.28
N ASP F 212 16.51 54.23 -74.47
CA ASP F 212 17.24 54.79 -73.33
C ASP F 212 18.55 54.04 -73.10
N HIS F 213 19.61 54.81 -72.88
CA HIS F 213 20.90 54.28 -72.46
C HIS F 213 21.21 54.81 -71.07
N SER F 214 21.79 53.96 -70.23
CA SER F 214 22.16 54.32 -68.87
C SER F 214 23.67 54.22 -68.70
N ALA F 215 24.26 55.15 -67.96
CA ALA F 215 25.69 55.12 -67.73
C ALA F 215 26.07 53.99 -66.78
N ALA F 216 25.19 53.64 -65.85
CA ALA F 216 25.49 52.59 -64.89
C ALA F 216 25.69 51.24 -65.58
N ARG F 217 24.85 50.93 -66.55
CA ARG F 217 24.96 49.67 -67.29
C ARG F 217 25.86 49.77 -68.51
N GLY F 218 26.29 50.97 -68.90
CA GLY F 218 27.08 51.12 -70.10
C GLY F 218 26.24 51.06 -71.36
N GLN F 219 26.93 50.92 -72.49
CA GLN F 219 26.26 50.81 -73.77
C GLN F 219 25.55 49.47 -73.90
N MET F 220 24.41 49.49 -74.60
CA MET F 220 23.44 48.40 -74.59
C MET F 220 22.67 48.42 -75.90
N ASN F 221 22.48 47.25 -76.52
CA ASN F 221 21.71 47.14 -77.76
C ASN F 221 21.27 45.69 -77.98
N ALA F 222 20.35 45.53 -78.95
CA ALA F 222 19.75 44.25 -79.30
C ALA F 222 20.37 43.74 -80.59
N ARG F 223 21.00 42.57 -80.53
CA ARG F 223 21.77 42.08 -81.67
C ARG F 223 20.99 41.08 -82.52
N GLY F 224 20.65 39.93 -81.95
CA GLY F 224 20.09 38.86 -82.75
C GLY F 224 18.90 38.22 -82.09
N LEU F 225 17.94 37.84 -82.92
CA LEU F 225 16.66 37.33 -82.46
C LEU F 225 16.11 36.38 -83.51
N TYR F 226 15.84 35.15 -83.09
CA TYR F 226 15.27 34.14 -83.96
C TYR F 226 14.01 33.61 -83.29
N VAL F 227 12.95 33.40 -84.07
CA VAL F 227 11.72 32.92 -83.47
C VAL F 227 11.16 31.74 -84.25
N PHE F 228 10.60 30.80 -83.49
CA PHE F 228 9.85 29.66 -84.00
C PHE F 228 8.40 29.80 -83.56
N GLU F 229 7.50 29.66 -84.51
CA GLU F 229 6.07 29.90 -84.33
C GLU F 229 5.35 28.56 -84.41
N HIS F 230 4.83 28.09 -83.28
CA HIS F 230 4.11 26.82 -83.20
C HIS F 230 2.66 27.06 -83.59
N SER F 231 2.32 26.71 -84.83
CA SER F 231 0.94 26.86 -85.29
C SER F 231 0.00 25.98 -84.49
N ASN F 232 0.32 24.71 -84.37
CA ASN F 232 -0.45 23.80 -83.53
C ASN F 232 -0.33 24.19 -82.07
N ASN F 233 -1.42 24.07 -81.33
CA ASN F 233 -1.38 24.32 -79.90
C ASN F 233 -0.50 23.31 -79.19
N LEU F 234 -0.44 22.09 -79.71
CA LEU F 234 0.40 21.06 -79.09
C LEU F 234 1.83 21.18 -79.59
N GLY F 235 2.77 20.90 -78.70
CA GLY F 235 4.18 20.98 -79.05
C GLY F 235 4.53 20.08 -80.21
N ASP F 236 4.78 20.68 -81.37
CA ASP F 236 4.96 19.90 -82.59
C ASP F 236 6.33 19.25 -82.64
N ALA F 237 7.33 19.88 -82.05
CA ALA F 237 8.70 19.39 -82.10
C ALA F 237 9.35 19.58 -80.74
N PRO F 238 10.39 18.81 -80.45
CA PRO F 238 11.15 19.04 -79.20
C PRO F 238 11.81 20.41 -79.21
N ALA F 239 11.53 21.19 -78.17
CA ALA F 239 12.04 22.55 -78.11
C ALA F 239 13.57 22.57 -78.09
N ASP F 240 14.17 21.61 -77.40
CA ASP F 240 15.63 21.56 -77.31
C ASP F 240 16.26 21.39 -78.68
N SER F 241 15.69 20.53 -79.52
CA SER F 241 16.23 20.33 -80.86
C SER F 241 16.14 21.60 -81.69
N LEU F 242 14.98 22.28 -81.65
CA LEU F 242 14.83 23.52 -82.39
C LEU F 242 15.83 24.56 -81.92
N PHE F 243 16.02 24.67 -80.60
CA PHE F 243 16.96 25.64 -80.08
C PHE F 243 18.39 25.28 -80.46
N LYS F 244 18.69 23.98 -80.52
CA LYS F 244 20.02 23.55 -80.93
C LYS F 244 20.27 23.91 -82.39
N ARG F 245 19.22 23.87 -83.22
CA ARG F 245 19.38 24.31 -84.61
C ARG F 245 19.84 25.76 -84.67
N ILE F 246 19.43 26.57 -83.69
CA ILE F 246 19.94 27.93 -83.56
C ILE F 246 21.29 27.86 -82.87
N GLN F 247 22.36 27.78 -83.65
CA GLN F 247 23.70 27.58 -83.13
C GLN F 247 24.48 28.88 -83.22
N VAL F 248 24.60 29.58 -82.10
CA VAL F 248 25.35 30.83 -82.00
C VAL F 248 26.56 30.58 -81.12
N VAL F 249 27.75 30.66 -81.70
CA VAL F 249 28.96 30.36 -80.94
C VAL F 249 30.06 31.33 -81.37
N LYS F 250 31.12 31.41 -80.59
CA LYS F 250 32.26 32.24 -80.94
C LYS F 250 32.89 31.74 -82.24
N LYS F 251 33.32 32.68 -83.08
CA LYS F 251 33.99 32.29 -84.31
C LYS F 251 35.34 31.68 -84.00
N ASP F 252 35.82 30.84 -84.90
CA ASP F 252 37.14 30.22 -84.71
C ASP F 252 38.26 31.25 -84.83
N GLY F 253 38.07 32.25 -85.71
CA GLY F 253 39.15 33.17 -85.99
C GLY F 253 39.53 34.03 -84.79
N VAL F 254 38.54 34.57 -84.10
CA VAL F 254 38.78 35.57 -83.05
C VAL F 254 38.56 34.91 -81.69
N GLU F 255 39.50 35.16 -80.78
CA GLU F 255 39.42 34.66 -79.41
C GLU F 255 39.24 35.78 -78.39
N VAL F 256 39.24 37.04 -78.82
CA VAL F 256 39.02 38.18 -77.94
C VAL F 256 37.55 38.55 -78.05
N VAL F 257 36.94 38.91 -76.92
CA VAL F 257 35.51 39.20 -76.89
C VAL F 257 35.28 40.67 -77.19
N ARG F 258 35.27 41.02 -78.48
CA ARG F 258 35.15 42.40 -78.89
C ARG F 258 34.07 42.66 -79.93
N SER F 259 33.94 41.80 -80.93
CA SER F 259 33.17 42.12 -82.13
C SER F 259 32.15 41.02 -82.38
N PHE F 260 31.20 41.31 -83.27
CA PHE F 260 30.09 40.39 -83.47
C PHE F 260 30.42 39.33 -84.51
N ASP F 261 31.30 39.67 -85.46
CA ASP F 261 31.87 38.65 -86.33
C ASP F 261 32.69 37.64 -85.55
N ASP F 262 33.21 38.03 -84.38
CA ASP F 262 33.85 37.10 -83.47
C ASP F 262 32.96 35.91 -83.13
N TYR F 263 31.68 36.00 -83.45
CA TYR F 263 30.74 34.90 -83.30
C TYR F 263 30.16 34.55 -84.67
N LEU F 264 29.96 33.26 -84.91
CA LEU F 264 29.25 32.80 -86.09
C LEU F 264 27.93 32.15 -85.66
N VAL F 265 26.93 32.30 -86.51
CA VAL F 265 25.60 31.75 -86.28
C VAL F 265 25.24 30.84 -87.44
N SER F 266 24.91 29.59 -87.12
CA SER F 266 24.36 28.66 -88.09
C SER F 266 22.91 28.37 -87.71
N VAL F 267 22.00 28.67 -88.62
CA VAL F 267 20.57 28.49 -88.40
C VAL F 267 19.95 27.92 -89.67
N ASP F 268 19.03 26.97 -89.48
CA ASP F 268 18.33 26.35 -90.60
C ASP F 268 16.95 25.90 -90.14
N ASP F 269 16.04 25.80 -91.09
CA ASP F 269 14.67 25.37 -90.82
C ASP F 269 14.15 24.46 -91.93
N LYS F 270 14.97 23.50 -92.37
CA LYS F 270 14.51 22.55 -93.38
C LYS F 270 13.35 21.71 -92.86
N ASN F 271 13.45 21.26 -91.62
CA ASN F 271 12.56 20.23 -91.11
C ASN F 271 11.63 20.69 -90.00
N LEU F 272 11.67 21.97 -89.61
CA LEU F 272 10.76 22.45 -88.58
C LEU F 272 9.65 23.31 -89.14
N GLU F 273 9.75 23.72 -90.40
CA GLU F 273 8.76 24.63 -90.98
C GLU F 273 7.43 23.93 -91.23
N GLU F 274 7.32 22.65 -90.89
CA GLU F 274 6.06 21.92 -91.08
C GLU F 274 4.94 22.54 -90.26
N THR F 275 5.25 22.91 -89.02
CA THR F 275 4.27 23.63 -88.20
C THR F 275 4.93 24.76 -87.42
N LYS F 276 6.26 24.89 -87.50
CA LYS F 276 6.99 25.92 -86.78
C LYS F 276 7.59 26.89 -87.78
N LEU F 277 7.18 28.15 -87.68
CA LEU F 277 7.60 29.19 -88.61
C LEU F 277 8.79 29.93 -88.02
N LEU F 278 9.93 29.91 -88.73
CA LEU F 278 11.10 30.61 -88.25
C LEU F 278 11.21 31.96 -88.94
N ARG F 279 11.36 33.03 -88.16
CA ARG F 279 11.69 34.32 -88.75
C ARG F 279 12.62 35.12 -87.85
N LYS F 280 13.05 36.27 -88.39
CA LYS F 280 14.16 37.05 -87.87
C LYS F 280 13.76 38.52 -87.82
N LEU F 281 13.16 38.95 -86.70
CA LEU F 281 12.95 40.38 -86.51
C LEU F 281 14.25 41.09 -86.17
N GLY F 282 15.04 40.51 -85.27
CA GLY F 282 16.33 41.10 -84.94
C GLY F 282 17.31 41.02 -86.10
N GLY F 283 17.25 39.95 -86.87
CA GLY F 283 18.17 39.75 -87.97
C GLY F 283 19.45 39.08 -87.55
N GLY G 1 17.21 27.88 -15.72
CA GLY G 1 18.57 27.46 -15.49
C GLY G 1 19.24 26.91 -16.74
N LEU G 2 20.57 26.83 -16.72
CA LEU G 2 21.31 26.32 -17.85
C LEU G 2 22.72 25.97 -17.38
N ASP G 3 23.50 25.44 -18.32
CA ASP G 3 24.92 25.22 -18.13
C ASP G 3 25.68 25.85 -19.28
N ARG G 4 26.74 26.58 -18.96
CA ARG G 4 27.55 27.19 -20.01
C ARG G 4 28.27 26.14 -20.82
N ASN G 5 28.70 25.05 -20.17
CA ASN G 5 29.63 24.10 -20.77
C ASN G 5 29.18 22.65 -20.48
N ARG G 6 27.90 22.37 -20.72
CA ARG G 6 27.46 20.97 -20.66
C ARG G 6 28.21 20.11 -21.68
N GLN G 7 28.70 20.72 -22.76
CA GLN G 7 29.62 20.07 -23.71
C GLN G 7 28.98 18.88 -24.42
N ASP G 8 27.87 19.13 -25.10
CA ASP G 8 27.30 18.19 -26.06
C ASP G 8 26.54 18.96 -27.13
N ILE G 9 26.41 18.34 -28.31
CA ILE G 9 26.04 19.09 -29.50
C ILE G 9 24.63 19.60 -29.42
N GLY G 10 23.69 18.75 -28.98
CA GLY G 10 22.30 19.16 -29.00
C GLY G 10 22.03 20.36 -28.12
N TYR G 11 22.53 20.32 -26.87
CA TYR G 11 22.27 21.41 -25.94
C TYR G 11 22.75 22.73 -26.51
N VAL G 12 24.00 22.75 -26.99
CA VAL G 12 24.62 23.98 -27.44
C VAL G 12 23.96 24.47 -28.72
N LEU G 13 23.62 23.57 -29.62
CA LEU G 13 23.01 24.01 -30.87
C LEU G 13 21.61 24.54 -30.65
N GLY G 14 20.87 23.96 -29.70
CA GLY G 14 19.57 24.51 -29.36
C GLY G 14 19.70 25.89 -28.75
N ARG G 15 20.68 26.06 -27.87
CA ARG G 15 21.01 27.39 -27.38
C ARG G 15 21.29 28.34 -28.52
N LEU G 16 22.07 27.88 -29.50
CA LEU G 16 22.38 28.69 -30.68
C LEU G 16 21.11 29.12 -31.40
N PHE G 17 20.21 28.16 -31.64
CA PHE G 17 19.02 28.44 -32.42
C PHE G 17 18.13 29.43 -31.71
N ALA G 18 17.95 29.25 -30.40
CA ALA G 18 17.12 30.20 -29.65
C ALA G 18 17.74 31.59 -29.68
N VAL G 19 19.07 31.66 -29.58
CA VAL G 19 19.75 32.95 -29.70
C VAL G 19 19.40 33.61 -31.03
N LEU G 20 19.51 32.85 -32.12
CA LEU G 20 19.20 33.40 -33.44
C LEU G 20 17.75 33.86 -33.50
N GLU G 21 16.84 33.06 -32.93
CA GLU G 21 15.43 33.39 -32.95
C GLU G 21 15.19 34.74 -32.29
N LYS G 22 15.75 34.93 -31.10
CA LYS G 22 15.47 36.18 -30.41
C LYS G 22 16.15 37.34 -31.11
N ILE G 23 17.32 37.11 -31.71
CA ILE G 23 17.96 38.18 -32.47
C ILE G 23 17.04 38.67 -33.57
N GLN G 24 16.54 37.75 -34.39
CA GLN G 24 15.72 38.17 -35.52
C GLN G 24 14.40 38.76 -35.04
N ALA G 25 13.82 38.19 -33.97
CA ALA G 25 12.56 38.70 -33.47
C ALA G 25 12.70 40.11 -32.93
N GLU G 26 13.77 40.37 -32.17
CA GLU G 26 13.94 41.69 -31.58
C GLU G 26 14.36 42.72 -32.62
N ALA G 27 15.14 42.31 -33.62
CA ALA G 27 15.61 43.26 -34.61
C ALA G 27 14.46 43.77 -35.47
N ASN G 28 13.40 42.98 -35.61
CA ASN G 28 12.20 43.43 -36.31
C ASN G 28 11.00 43.39 -35.37
N PRO G 29 10.59 44.53 -34.80
CA PRO G 29 9.29 44.53 -34.08
C PRO G 29 8.14 44.13 -34.98
N GLY G 30 8.20 44.50 -36.25
CA GLY G 30 7.23 44.04 -37.22
C GLY G 30 7.64 42.74 -37.87
N LEU G 31 7.83 41.71 -37.05
CA LEU G 31 8.16 40.37 -37.54
C LEU G 31 7.16 39.38 -36.94
N ASN G 32 6.01 39.23 -37.61
CA ASN G 32 4.98 38.33 -37.12
C ASN G 32 5.36 36.88 -37.38
N ALA G 33 6.06 36.62 -38.48
CA ALA G 33 6.38 35.25 -38.87
C ALA G 33 7.20 34.57 -37.79
N THR G 34 6.87 33.30 -37.54
CA THR G 34 7.53 32.49 -36.51
C THR G 34 8.60 31.65 -37.19
N ILE G 35 9.76 32.25 -37.44
CA ILE G 35 10.84 31.55 -38.12
C ILE G 35 11.30 30.35 -37.31
N ALA G 36 11.16 30.45 -35.98
CA ALA G 36 11.53 29.35 -35.10
C ALA G 36 10.97 28.02 -35.59
N ASP G 37 9.64 27.90 -35.61
CA ASP G 37 9.02 26.67 -36.06
C ASP G 37 9.35 26.37 -37.52
N ARG G 38 9.75 27.39 -38.28
CA ARG G 38 10.03 27.17 -39.69
C ARG G 38 11.20 26.21 -39.87
N TYR G 39 12.20 26.30 -39.00
CA TYR G 39 13.40 25.49 -39.12
C TYR G 39 13.58 24.53 -37.96
N PHE G 40 12.69 24.54 -36.97
CA PHE G 40 12.94 23.75 -35.77
C PHE G 40 12.99 22.25 -36.08
N GLY G 41 11.95 21.74 -36.75
CA GLY G 41 11.97 20.35 -37.13
C GLY G 41 13.11 20.02 -38.07
N SER G 42 13.44 20.97 -38.95
CA SER G 42 14.59 20.78 -39.83
C SER G 42 15.86 20.53 -39.04
N ALA G 43 16.16 21.41 -38.10
CA ALA G 43 17.38 21.28 -37.31
C ALA G 43 17.36 20.02 -36.47
N SER G 44 16.21 19.71 -35.86
CA SER G 44 16.10 18.48 -35.07
C SER G 44 16.40 17.27 -35.94
N SER G 45 15.93 17.29 -37.19
CA SER G 45 16.28 16.25 -38.12
C SER G 45 17.76 16.29 -38.47
N THR G 46 18.20 17.37 -39.11
CA THR G 46 19.60 17.53 -39.48
C THR G 46 19.92 19.00 -39.68
N PRO G 47 21.01 19.50 -39.09
CA PRO G 47 21.33 20.93 -39.15
C PRO G 47 22.24 21.33 -40.30
N ILE G 48 22.86 20.37 -40.97
CA ILE G 48 24.06 20.65 -41.76
C ILE G 48 23.76 21.66 -42.86
N ALA G 49 22.52 21.75 -43.28
CA ALA G 49 22.15 22.74 -44.28
C ALA G 49 21.58 24.00 -43.63
N VAL G 50 20.65 23.81 -42.70
CA VAL G 50 19.87 24.93 -42.19
C VAL G 50 20.76 25.92 -41.45
N PHE G 51 21.70 25.42 -40.64
CA PHE G 51 22.52 26.35 -39.87
C PHE G 51 23.49 27.09 -40.78
N GLY G 52 24.07 26.40 -41.76
CA GLY G 52 24.91 27.07 -42.72
C GLY G 52 24.18 28.19 -43.43
N THR G 53 22.94 27.94 -43.84
CA THR G 53 22.16 29.01 -44.48
C THR G 53 21.87 30.15 -43.51
N LEU G 54 21.52 29.81 -42.28
CA LEU G 54 21.20 30.85 -41.29
C LEU G 54 22.42 31.72 -41.03
N MET G 55 23.62 31.15 -41.14
CA MET G 55 24.82 31.94 -40.90
C MET G 55 24.95 33.06 -41.92
N ARG G 56 24.71 32.77 -43.20
CA ARG G 56 24.75 33.86 -44.15
C ARG G 56 23.53 34.78 -43.98
N LEU G 57 22.43 34.24 -43.46
CA LEU G 57 21.30 35.10 -43.14
C LEU G 57 21.66 36.13 -42.09
N LEU G 58 22.55 35.78 -41.17
CA LEU G 58 22.76 36.60 -39.97
C LEU G 58 23.09 38.06 -40.22
N PRO G 59 24.10 38.43 -41.03
CA PRO G 59 24.55 39.83 -41.02
C PRO G 59 23.48 40.85 -41.38
N HIS G 60 22.51 40.50 -42.21
CA HIS G 60 21.44 41.45 -42.49
C HIS G 60 20.63 41.77 -41.23
N HIS G 61 20.14 40.73 -40.56
CA HIS G 61 19.42 40.94 -39.31
C HIS G 61 20.31 41.64 -38.28
N LEU G 62 21.61 41.37 -38.34
CA LEU G 62 22.57 42.04 -37.49
C LEU G 62 22.54 43.55 -37.71
N ASN G 63 22.70 43.96 -38.96
CA ASN G 63 22.80 45.38 -39.26
C ASN G 63 21.48 46.10 -39.02
N LYS G 64 20.35 45.44 -39.35
CA LYS G 64 19.07 46.14 -39.25
C LYS G 64 18.56 46.17 -37.82
N LEU G 65 19.30 45.57 -36.89
CA LEU G 65 19.02 45.80 -35.48
C LEU G 65 19.12 47.29 -35.17
N GLU G 66 18.17 47.79 -34.38
CA GLU G 66 18.09 49.22 -34.14
C GLU G 66 19.17 49.68 -33.17
N PHE G 67 19.42 48.93 -32.11
CA PHE G 67 20.37 49.33 -31.09
C PHE G 67 21.65 48.52 -31.26
N GLU G 68 22.78 49.22 -31.33
CA GLU G 68 24.05 48.59 -31.71
C GLU G 68 24.71 47.89 -30.53
N GLY G 69 24.55 48.42 -29.32
CA GLY G 69 25.06 47.74 -28.16
C GLY G 69 24.47 46.35 -28.00
N ARG G 70 23.17 46.22 -28.27
CA ARG G 70 22.55 44.90 -28.30
C ARG G 70 23.28 44.01 -29.28
N ALA G 71 23.56 44.53 -30.48
CA ALA G 71 24.22 43.73 -31.50
C ALA G 71 25.58 43.25 -31.02
N VAL G 72 26.41 44.16 -30.51
CA VAL G 72 27.77 43.77 -30.13
C VAL G 72 27.74 42.77 -28.98
N GLN G 73 26.84 42.97 -28.02
CA GLN G 73 26.62 41.96 -26.99
C GLN G 73 26.26 40.62 -27.63
N LEU G 74 25.46 40.67 -28.70
CA LEU G 74 25.06 39.44 -29.36
C LEU G 74 26.25 38.71 -29.96
N GLN G 75 27.11 39.40 -30.71
CA GLN G 75 28.23 38.67 -31.31
C GLN G 75 29.19 38.18 -30.24
N TRP G 76 29.34 38.96 -29.17
CA TRP G 76 30.08 38.48 -28.00
C TRP G 76 29.58 37.12 -27.54
N GLU G 77 28.32 37.08 -27.10
CA GLU G 77 27.79 35.83 -26.57
C GLU G 77 27.90 34.72 -27.60
N ILE G 78 27.56 35.02 -28.86
CA ILE G 78 27.76 34.06 -29.94
C ILE G 78 29.16 33.48 -29.90
N ARG G 79 30.16 34.33 -29.66
CA ARG G 79 31.52 33.81 -29.58
C ARG G 79 31.64 32.77 -28.48
N GLN G 80 31.14 33.06 -27.28
CA GLN G 80 31.23 32.05 -26.22
C GLN G 80 30.48 30.77 -26.56
N ILE G 81 29.24 30.89 -27.06
CA ILE G 81 28.50 29.66 -27.38
C ILE G 81 29.23 28.83 -28.45
N LEU G 82 29.70 29.47 -29.51
CA LEU G 82 30.25 28.66 -30.59
C LEU G 82 31.63 28.13 -30.25
N GLU G 83 32.32 28.72 -29.28
CA GLU G 83 33.67 28.24 -28.97
C GLU G 83 33.67 26.78 -28.53
N HIS G 84 32.62 26.34 -27.85
CA HIS G 84 32.58 24.96 -27.38
C HIS G 84 32.54 23.97 -28.54
N CYS G 85 31.80 24.29 -29.59
CA CYS G 85 31.64 23.37 -30.70
C CYS G 85 32.93 23.24 -31.49
N GLN G 86 33.06 22.15 -32.23
CA GLN G 86 34.22 21.89 -33.06
C GLN G 86 33.90 21.38 -34.45
N ARG G 87 32.67 20.91 -34.70
CA ARG G 87 32.24 20.55 -36.04
C ARG G 87 30.73 20.39 -36.10
N PHE G 88 30.20 20.31 -37.32
CA PHE G 88 28.79 20.03 -37.57
C PHE G 88 28.62 18.57 -37.92
N PRO G 89 27.84 17.80 -37.17
CA PRO G 89 27.42 16.48 -37.64
C PRO G 89 26.11 16.55 -38.42
N ASN G 90 26.09 16.01 -39.63
CA ASN G 90 24.86 16.04 -40.42
C ASN G 90 23.78 15.18 -39.81
N HIS G 91 24.10 13.93 -39.48
CA HIS G 91 23.11 13.03 -38.89
C HIS G 91 22.94 13.36 -37.42
N LEU G 92 21.74 13.15 -36.91
CA LEU G 92 21.40 13.52 -35.54
C LEU G 92 20.58 12.39 -34.93
N ASN G 93 21.12 11.74 -33.91
CA ASN G 93 20.39 10.68 -33.23
C ASN G 93 19.40 11.28 -32.25
N LEU G 94 18.51 10.42 -31.73
CA LEU G 94 17.33 10.89 -31.02
C LEU G 94 17.68 11.56 -29.69
N GLU G 95 18.54 10.95 -28.89
CA GLU G 95 18.79 11.46 -27.55
C GLU G 95 19.35 12.88 -27.58
N GLN G 96 20.28 13.15 -28.49
CA GLN G 96 20.82 14.51 -28.55
C GLN G 96 19.84 15.47 -29.20
N GLN G 97 18.88 14.98 -29.98
CA GLN G 97 17.77 15.87 -30.35
C GLN G 97 16.96 16.25 -29.11
N GLY G 98 16.77 15.31 -28.20
CA GLY G 98 16.16 15.66 -26.93
C GLY G 98 16.94 16.73 -26.19
N LEU G 99 18.26 16.55 -26.11
CA LEU G 99 19.10 17.56 -25.47
C LEU G 99 19.07 18.87 -26.23
N PHE G 100 18.85 18.80 -27.55
CA PHE G 100 18.65 20.00 -28.36
C PHE G 100 17.48 20.81 -27.85
N ALA G 101 16.32 20.15 -27.72
CA ALA G 101 15.15 20.83 -27.19
C ALA G 101 15.40 21.35 -25.78
N ILE G 102 16.07 20.54 -24.96
CA ILE G 102 16.36 20.94 -23.59
C ILE G 102 17.17 22.23 -23.58
N GLY G 103 18.24 22.28 -24.37
CA GLY G 103 19.05 23.48 -24.40
C GLY G 103 18.27 24.68 -24.90
N TYR G 104 17.46 24.47 -25.94
CA TYR G 104 16.62 25.56 -26.43
C TYR G 104 15.81 26.16 -25.29
N TYR G 105 14.95 25.36 -24.67
CA TYR G 105 14.05 25.91 -23.66
C TYR G 105 14.83 26.49 -22.50
N HIS G 106 15.91 25.84 -22.07
CA HIS G 106 16.70 26.36 -20.97
C HIS G 106 17.19 27.76 -21.28
N GLU G 107 17.85 27.94 -22.42
CA GLU G 107 18.50 29.22 -22.65
C GLU G 107 17.49 30.28 -23.05
N THR G 108 16.28 29.89 -23.44
CA THR G 108 15.24 30.89 -23.63
C THR G 108 14.99 31.70 -22.38
N GLN G 109 14.95 31.06 -21.22
CA GLN G 109 14.70 31.79 -19.98
C GLN G 109 15.83 32.77 -19.70
N PHE G 110 17.07 32.35 -19.93
CA PHE G 110 18.19 33.28 -19.94
C PHE G 110 17.93 34.46 -20.86
N LEU G 111 17.38 34.19 -22.03
CA LEU G 111 17.07 35.28 -22.96
C LEU G 111 16.05 36.24 -22.38
N PHE G 112 15.08 35.70 -21.63
CA PHE G 112 13.99 36.55 -21.17
C PHE G 112 14.37 37.41 -19.98
N THR G 113 15.59 37.27 -19.46
CA THR G 113 16.03 38.08 -18.33
C THR G 113 16.10 39.56 -18.72
N LYS G 114 15.77 40.42 -17.76
CA LYS G 114 15.66 41.85 -18.05
C LYS G 114 17.02 42.47 -18.33
N ASP G 115 18.04 42.10 -17.56
CA ASP G 115 19.34 42.72 -17.71
C ASP G 115 20.53 41.78 -17.57
N ALA G 116 20.31 40.47 -17.54
CA ALA G 116 21.42 39.56 -17.28
C ALA G 116 22.47 39.63 -18.39
N LEU G 117 22.04 39.54 -19.65
CA LEU G 117 23.00 39.51 -20.75
C LEU G 117 23.85 40.76 -20.78
N LYS G 118 23.23 41.92 -20.54
CA LYS G 118 24.01 43.15 -20.43
C LYS G 118 25.08 43.02 -19.35
N ASN G 119 24.72 42.46 -18.19
CA ASN G 119 25.68 42.29 -17.12
C ASN G 119 26.83 41.40 -17.56
N LEU G 120 26.50 40.23 -18.13
CA LEU G 120 27.49 39.30 -18.61
C LEU G 120 28.46 39.98 -19.57
N PHE G 121 27.94 40.88 -20.41
CA PHE G 121 28.83 41.64 -21.26
C PHE G 121 29.63 42.65 -20.45
N ASN G 122 29.06 43.14 -19.34
CA ASN G 122 29.78 44.13 -18.54
C ASN G 122 31.06 43.56 -17.96
N GLU G 123 31.04 42.32 -17.46
CA GLU G 123 32.32 41.81 -16.93
C GLU G 123 33.26 41.44 -18.07
N ALA G 124 32.75 41.33 -19.29
CA ALA G 124 33.60 40.99 -20.44
C ALA G 124 34.61 42.09 -20.71
N GLY H 1 -2.29 21.88 -4.21
CA GLY H 1 -1.16 21.04 -3.89
C GLY H 1 -0.09 21.07 -4.96
N LEU H 2 -0.26 21.96 -5.93
CA LEU H 2 0.68 22.09 -7.02
C LEU H 2 1.91 22.85 -6.52
N ASP H 3 2.90 22.11 -6.06
CA ASP H 3 4.19 22.73 -5.78
C ASP H 3 4.77 23.25 -7.08
N ARG H 4 5.51 24.36 -6.99
CA ARG H 4 6.15 24.89 -8.18
C ARG H 4 7.52 24.27 -8.40
N ASN H 5 8.23 23.96 -7.32
CA ASN H 5 9.58 23.40 -7.41
C ASN H 5 9.72 22.23 -6.44
N ARG H 6 9.41 21.03 -6.91
CA ARG H 6 9.65 19.85 -6.09
C ARG H 6 11.02 19.26 -6.39
N GLN H 7 11.48 19.39 -7.63
CA GLN H 7 12.80 19.01 -8.13
C GLN H 7 12.96 17.51 -8.24
N ASP H 8 12.00 16.70 -7.79
CA ASP H 8 12.06 15.27 -8.01
C ASP H 8 11.75 14.97 -9.46
N ILE H 9 12.58 14.11 -10.07
CA ILE H 9 12.46 13.87 -11.50
C ILE H 9 11.07 13.36 -11.85
N GLY H 10 10.53 12.49 -11.00
CA GLY H 10 9.19 11.98 -11.28
C GLY H 10 8.15 13.07 -11.32
N TYR H 11 8.17 13.96 -10.33
CA TYR H 11 7.15 15.01 -10.28
C TYR H 11 7.23 15.90 -11.51
N VAL H 12 8.43 16.34 -11.86
CA VAL H 12 8.57 17.26 -12.99
C VAL H 12 8.21 16.56 -14.29
N LEU H 13 8.57 15.28 -14.40
CA LEU H 13 8.20 14.55 -15.60
C LEU H 13 6.70 14.40 -15.71
N GLY H 14 6.02 14.18 -14.58
CA GLY H 14 4.57 14.12 -14.61
C GLY H 14 3.96 15.43 -15.04
N ARG H 15 4.51 16.54 -14.55
CA ARG H 15 4.08 17.84 -15.02
C ARG H 15 4.25 17.95 -16.53
N LEU H 16 5.41 17.55 -17.03
CA LEU H 16 5.67 17.64 -18.46
C LEU H 16 4.68 16.81 -19.25
N PHE H 17 4.40 15.60 -18.78
CA PHE H 17 3.48 14.72 -19.48
C PHE H 17 2.07 15.30 -19.49
N ALA H 18 1.65 15.90 -18.38
CA ALA H 18 0.36 16.56 -18.35
C ALA H 18 0.30 17.68 -19.36
N VAL H 19 1.37 18.47 -19.44
CA VAL H 19 1.41 19.54 -20.41
C VAL H 19 1.26 18.99 -21.81
N LEU H 20 1.99 17.92 -22.11
CA LEU H 20 1.92 17.32 -23.43
C LEU H 20 0.51 16.86 -23.76
N GLU H 21 -0.12 16.15 -22.83
CA GLU H 21 -1.46 15.64 -23.07
C GLU H 21 -2.43 16.78 -23.32
N LYS H 22 -2.36 17.83 -22.49
CA LYS H 22 -3.30 18.94 -22.66
C LYS H 22 -3.07 19.65 -23.99
N ILE H 23 -1.81 19.84 -24.37
CA ILE H 23 -1.52 20.47 -25.65
C ILE H 23 -2.14 19.67 -26.78
N GLN H 24 -1.89 18.36 -26.80
CA GLN H 24 -2.43 17.54 -27.87
C GLN H 24 -3.95 17.58 -27.88
N ALA H 25 -4.57 17.52 -26.70
CA ALA H 25 -6.02 17.52 -26.65
C ALA H 25 -6.60 18.81 -27.20
N GLU H 26 -6.06 19.97 -26.79
CA GLU H 26 -6.56 21.23 -27.30
C GLU H 26 -6.27 21.38 -28.78
N ALA H 27 -5.22 20.72 -29.26
CA ALA H 27 -4.85 20.83 -30.67
C ALA H 27 -5.98 20.39 -31.58
N ASN H 28 -6.51 19.18 -31.36
CA ASN H 28 -7.59 18.66 -32.18
C ASN H 28 -8.73 18.13 -31.32
N PRO H 29 -9.95 18.64 -31.47
CA PRO H 29 -11.03 18.18 -30.59
C PRO H 29 -11.54 16.80 -30.92
N GLY H 30 -11.71 16.49 -32.20
CA GLY H 30 -12.34 15.24 -32.59
C GLY H 30 -11.47 14.02 -32.40
N LEU H 31 -11.09 13.74 -31.16
CA LEU H 31 -10.23 12.60 -30.86
C LEU H 31 -10.44 12.22 -29.40
N ASN H 32 -11.06 11.08 -29.16
CA ASN H 32 -11.22 10.58 -27.79
C ASN H 32 -9.92 9.96 -27.28
N ALA H 33 -9.16 9.30 -28.15
CA ALA H 33 -7.96 8.60 -27.74
C ALA H 33 -6.96 9.56 -27.11
N THR H 34 -6.30 9.09 -26.05
CA THR H 34 -5.37 9.90 -25.29
C THR H 34 -3.98 9.31 -25.39
N ILE H 35 -3.01 10.15 -25.77
CA ILE H 35 -1.62 9.72 -25.76
C ILE H 35 -1.21 9.27 -24.37
N ALA H 36 -1.84 9.85 -23.34
CA ALA H 36 -1.54 9.44 -21.98
C ALA H 36 -1.81 7.96 -21.77
N ASP H 37 -2.95 7.47 -22.24
CA ASP H 37 -3.23 6.05 -22.12
C ASP H 37 -2.19 5.21 -22.83
N ARG H 38 -1.81 5.61 -24.04
CA ARG H 38 -0.93 4.77 -24.85
C ARG H 38 0.50 4.79 -24.33
N TYR H 39 0.89 5.81 -23.57
CA TYR H 39 2.29 5.95 -23.19
C TYR H 39 2.56 5.94 -21.69
N PHE H 40 1.52 5.89 -20.85
CA PHE H 40 1.73 6.21 -19.45
C PHE H 40 2.64 5.20 -18.77
N GLY H 41 2.33 3.91 -18.92
CA GLY H 41 3.11 2.90 -18.22
C GLY H 41 4.57 2.89 -18.66
N SER H 42 4.80 2.92 -19.98
CA SER H 42 6.16 2.92 -20.47
C SER H 42 6.90 4.17 -20.03
N ALA H 43 6.23 5.32 -20.06
CA ALA H 43 6.89 6.55 -19.64
C ALA H 43 7.31 6.48 -18.18
N SER H 44 6.38 6.13 -17.29
CA SER H 44 6.70 6.10 -15.88
C SER H 44 7.76 5.05 -15.58
N SER H 45 7.76 3.96 -16.33
CA SER H 45 8.85 2.99 -16.22
C SER H 45 10.17 3.61 -16.64
N THR H 46 10.20 4.19 -17.83
CA THR H 46 11.43 4.71 -18.40
C THR H 46 11.10 5.83 -19.39
N PRO H 47 11.70 7.00 -19.23
CA PRO H 47 11.28 8.17 -20.01
C PRO H 47 11.99 8.35 -21.34
N ILE H 48 13.16 7.75 -21.55
CA ILE H 48 13.97 8.12 -22.70
C ILE H 48 13.24 7.82 -24.00
N ALA H 49 12.74 6.60 -24.14
CA ALA H 49 12.18 6.16 -25.42
C ALA H 49 10.94 6.97 -25.77
N VAL H 50 9.99 7.05 -24.85
CA VAL H 50 8.74 7.75 -25.13
C VAL H 50 9.00 9.25 -25.28
N PHE H 51 9.92 9.79 -24.49
CA PHE H 51 10.06 11.24 -24.45
C PHE H 51 10.75 11.76 -25.69
N GLY H 52 11.69 11.02 -26.25
CA GLY H 52 12.30 11.48 -27.48
C GLY H 52 11.28 11.66 -28.59
N THR H 53 10.43 10.66 -28.77
CA THR H 53 9.38 10.74 -29.78
C THR H 53 8.41 11.86 -29.47
N LEU H 54 8.06 12.03 -28.19
CA LEU H 54 7.14 13.10 -27.84
C LEU H 54 7.72 14.46 -28.19
N MET H 55 9.02 14.65 -27.92
CA MET H 55 9.67 15.89 -28.29
C MET H 55 9.62 16.10 -29.80
N ARG H 56 9.87 15.05 -30.57
CA ARG H 56 9.80 15.21 -32.01
C ARG H 56 8.39 15.57 -32.46
N LEU H 57 7.39 15.03 -31.77
CA LEU H 57 6.02 15.29 -32.18
C LEU H 57 5.53 16.67 -31.77
N LEU H 58 6.09 17.25 -30.71
CA LEU H 58 5.55 18.51 -30.18
C LEU H 58 5.41 19.63 -31.21
N PRO H 59 6.42 19.96 -32.02
CA PRO H 59 6.29 21.16 -32.87
C PRO H 59 5.08 21.15 -33.77
N HIS H 60 4.69 19.98 -34.28
CA HIS H 60 3.56 19.93 -35.19
C HIS H 60 2.31 20.44 -34.50
N HIS H 61 1.97 19.86 -33.35
CA HIS H 61 0.81 20.32 -32.60
C HIS H 61 0.96 21.78 -32.22
N LEU H 62 2.17 22.17 -31.82
CA LEU H 62 2.36 23.53 -31.34
C LEU H 62 2.01 24.54 -32.41
N ASN H 63 2.52 24.34 -33.63
CA ASN H 63 2.26 25.33 -34.67
C ASN H 63 0.83 25.22 -35.18
N LYS H 64 0.32 24.01 -35.37
CA LYS H 64 -0.94 23.90 -36.11
C LYS H 64 -2.11 24.30 -35.22
N LEU H 65 -1.86 24.53 -33.93
CA LEU H 65 -2.89 25.05 -33.06
C LEU H 65 -3.41 26.36 -33.60
N GLU H 66 -4.74 26.52 -33.59
CA GLU H 66 -5.37 27.62 -34.31
C GLU H 66 -5.08 28.97 -33.67
N PHE H 67 -5.09 29.05 -32.35
CA PHE H 67 -5.04 30.32 -31.66
C PHE H 67 -3.64 30.60 -31.14
N GLU H 68 -3.18 31.85 -31.32
CA GLU H 68 -1.80 32.19 -30.99
C GLU H 68 -1.57 32.29 -29.50
N GLY H 69 -2.52 32.88 -28.77
CA GLY H 69 -2.32 33.07 -27.34
C GLY H 69 -2.14 31.77 -26.59
N ARG H 70 -2.92 30.77 -26.94
CA ARG H 70 -2.73 29.45 -26.33
C ARG H 70 -1.34 28.92 -26.64
N ALA H 71 -0.89 29.10 -27.87
CA ALA H 71 0.44 28.61 -28.25
C ALA H 71 1.51 29.27 -27.39
N VAL H 72 1.46 30.59 -27.27
CA VAL H 72 2.52 31.28 -26.54
C VAL H 72 2.46 30.93 -25.06
N GLN H 73 1.26 30.80 -24.50
CA GLN H 73 1.15 30.45 -23.09
C GLN H 73 1.66 29.04 -22.83
N LEU H 74 1.36 28.11 -23.73
CA LEU H 74 1.84 26.75 -23.56
C LEU H 74 3.35 26.69 -23.65
N GLN H 75 3.93 27.40 -24.62
CA GLN H 75 5.38 27.45 -24.71
C GLN H 75 5.98 28.05 -23.44
N TRP H 76 5.35 29.09 -22.92
CA TRP H 76 5.85 29.71 -21.70
C TRP H 76 5.84 28.74 -20.53
N GLU H 77 4.75 27.98 -20.39
CA GLU H 77 4.70 26.99 -19.32
C GLU H 77 5.79 25.94 -19.50
N ILE H 78 6.00 25.51 -20.74
CA ILE H 78 7.10 24.59 -21.00
C ILE H 78 8.41 25.18 -20.50
N ARG H 79 8.64 26.45 -20.78
CA ARG H 79 9.85 27.09 -20.30
C ARG H 79 9.91 27.08 -18.78
N GLN H 80 8.77 27.37 -18.13
CA GLN H 80 8.74 27.43 -16.66
C GLN H 80 8.95 26.05 -16.06
N ILE H 81 8.77 25.00 -16.86
CA ILE H 81 8.96 23.66 -16.32
C ILE H 81 10.37 23.17 -16.55
N LEU H 82 10.90 23.36 -17.75
CA LEU H 82 12.06 22.59 -18.17
C LEU H 82 13.33 22.95 -17.40
N GLU H 83 13.35 24.08 -16.69
CA GLU H 83 14.61 24.52 -16.12
C GLU H 83 15.00 23.68 -14.91
N HIS H 84 14.05 23.02 -14.26
CA HIS H 84 14.41 22.13 -13.17
C HIS H 84 15.20 20.93 -13.67
N CYS H 85 14.67 20.24 -14.68
CA CYS H 85 15.31 19.01 -15.14
C CYS H 85 16.55 19.34 -15.96
N GLN H 86 17.40 18.32 -16.14
CA GLN H 86 18.63 18.49 -16.90
C GLN H 86 18.72 17.51 -18.07
N ARG H 87 18.42 16.24 -17.86
CA ARG H 87 18.66 15.24 -18.89
C ARG H 87 17.76 14.05 -18.60
N PHE H 88 17.26 13.43 -19.65
CA PHE H 88 16.28 12.35 -19.50
C PHE H 88 16.94 11.13 -18.88
N PRO H 89 16.45 10.65 -17.75
CA PRO H 89 17.08 9.50 -17.09
C PRO H 89 16.84 8.21 -17.86
N ASN H 90 17.69 7.24 -17.58
CA ASN H 90 17.58 5.94 -18.24
C ASN H 90 16.50 5.07 -17.59
N HIS H 91 16.23 5.29 -16.31
CA HIS H 91 15.33 4.40 -15.58
C HIS H 91 14.80 5.13 -14.35
N LEU H 92 13.73 4.60 -13.77
CA LEU H 92 13.06 5.22 -12.64
C LEU H 92 13.06 4.29 -11.42
N ASN H 93 12.90 4.88 -10.25
CA ASN H 93 12.70 4.15 -9.02
C ASN H 93 11.22 4.22 -8.59
N LEU H 94 10.86 3.37 -7.63
CA LEU H 94 9.45 3.18 -7.29
C LEU H 94 8.80 4.48 -6.82
N GLU H 95 9.40 5.13 -5.82
CA GLU H 95 8.85 6.39 -5.34
C GLU H 95 8.80 7.41 -6.47
N GLN H 96 9.77 7.36 -7.38
CA GLN H 96 9.70 8.21 -8.55
C GLN H 96 8.51 7.84 -9.42
N GLN H 97 8.24 6.54 -9.56
CA GLN H 97 7.08 6.12 -10.32
C GLN H 97 5.81 6.74 -9.77
N GLY H 98 5.63 6.68 -8.45
CA GLY H 98 4.45 7.30 -7.86
C GLY H 98 4.42 8.80 -8.04
N LEU H 99 5.55 9.46 -7.75
CA LEU H 99 5.58 10.92 -7.81
C LEU H 99 5.33 11.41 -9.23
N PHE H 100 5.64 10.59 -10.22
CA PHE H 100 5.33 10.95 -11.59
C PHE H 100 3.83 11.12 -11.78
N ALA H 101 3.06 10.13 -11.35
CA ALA H 101 1.61 10.24 -11.46
C ALA H 101 1.12 11.42 -10.65
N ILE H 102 1.72 11.66 -9.49
CA ILE H 102 1.26 12.76 -8.66
C ILE H 102 1.45 14.09 -9.39
N GLY H 103 2.62 14.30 -9.97
CA GLY H 103 2.85 15.54 -10.70
C GLY H 103 1.92 15.69 -11.89
N TYR H 104 1.69 14.59 -12.62
CA TYR H 104 0.78 14.66 -13.74
C TYR H 104 -0.59 15.11 -13.30
N TYR H 105 -1.11 14.52 -12.23
CA TYR H 105 -2.47 14.83 -11.82
C TYR H 105 -2.56 16.26 -11.31
N HIS H 106 -1.54 16.68 -10.56
CA HIS H 106 -1.54 18.05 -10.04
C HIS H 106 -1.57 19.06 -11.18
N GLU H 107 -0.73 18.85 -12.19
CA GLU H 107 -0.71 19.79 -13.30
C GLU H 107 -2.00 19.79 -14.07
N THR H 108 -2.63 18.62 -14.22
CA THR H 108 -3.94 18.60 -14.86
C THR H 108 -4.93 19.46 -14.09
N GLN H 109 -4.91 19.35 -12.77
CA GLN H 109 -5.83 20.15 -11.97
C GLN H 109 -5.56 21.63 -12.16
N PHE H 110 -4.30 22.03 -12.21
CA PHE H 110 -3.96 23.43 -12.43
C PHE H 110 -4.43 23.90 -13.79
N LEU H 111 -4.25 23.07 -14.82
CA LEU H 111 -4.62 23.48 -16.17
C LEU H 111 -6.11 23.67 -16.30
N PHE H 112 -6.91 22.81 -15.67
CA PHE H 112 -8.35 22.97 -15.81
C PHE H 112 -8.83 24.27 -15.16
N THR H 113 -8.06 24.82 -14.23
CA THR H 113 -8.38 26.13 -13.68
C THR H 113 -8.44 27.16 -14.81
N LYS H 114 -9.45 28.04 -14.74
CA LYS H 114 -9.89 28.74 -15.95
C LYS H 114 -8.90 29.81 -16.39
N ASP H 115 -8.39 30.61 -15.46
CA ASP H 115 -7.62 31.78 -15.84
C ASP H 115 -6.26 31.88 -15.17
N ALA H 116 -5.98 31.05 -14.16
CA ALA H 116 -4.75 31.20 -13.39
C ALA H 116 -3.53 31.15 -14.29
N LEU H 117 -3.54 30.27 -15.30
CA LEU H 117 -2.41 30.19 -16.21
C LEU H 117 -2.22 31.50 -16.97
N LYS H 118 -3.32 32.08 -17.44
CA LYS H 118 -3.25 33.37 -18.11
C LYS H 118 -2.64 34.41 -17.17
N ASN H 119 -3.05 34.38 -15.90
CA ASN H 119 -2.45 35.28 -14.94
C ASN H 119 -0.94 35.10 -14.88
N LEU H 120 -0.50 33.86 -14.64
CA LEU H 120 0.93 33.61 -14.48
C LEU H 120 1.71 34.02 -15.70
N PHE H 121 1.09 33.93 -16.88
CA PHE H 121 1.67 34.57 -18.05
C PHE H 121 1.74 36.08 -17.88
N ASN H 122 0.68 36.66 -17.32
CA ASN H 122 0.61 38.13 -17.23
C ASN H 122 1.72 38.68 -16.33
N GLU H 123 1.99 38.02 -15.20
CA GLU H 123 3.06 38.53 -14.34
C GLU H 123 4.42 38.36 -14.99
N ALA H 124 4.51 37.54 -16.04
CA ALA H 124 5.75 37.42 -16.79
C ALA H 124 5.93 38.64 -17.68
N GLY I 1 -22.05 9.45 6.64
CA GLY I 1 -21.60 10.35 5.59
C GLY I 1 -20.12 10.23 5.31
N LEU I 2 -19.60 11.14 4.49
CA LEU I 2 -18.20 11.12 4.08
C LEU I 2 -17.63 12.53 4.16
N ASP I 3 -16.49 12.66 4.85
CA ASP I 3 -15.80 13.94 4.91
C ASP I 3 -15.18 14.26 3.56
N ARG I 4 -15.43 15.48 3.08
CA ARG I 4 -14.81 15.89 1.83
C ARG I 4 -13.30 16.01 1.98
N ASN I 5 -12.83 16.59 3.09
CA ASN I 5 -11.43 16.97 3.23
C ASN I 5 -10.92 16.66 4.64
N ARG I 6 -11.19 15.44 5.12
CA ARG I 6 -10.69 15.05 6.43
C ARG I 6 -9.17 15.19 6.52
N GLN I 7 -8.48 14.96 5.42
CA GLN I 7 -7.07 15.27 5.18
C GLN I 7 -6.10 14.37 5.93
N ASP I 8 -6.55 13.48 6.80
CA ASP I 8 -5.64 12.50 7.38
C ASP I 8 -5.39 11.39 6.38
N ILE I 9 -4.13 10.95 6.31
CA ILE I 9 -3.65 10.21 5.15
C ILE I 9 -4.49 8.98 4.89
N GLY I 10 -4.83 8.25 5.95
CA GLY I 10 -5.53 6.99 5.78
C GLY I 10 -6.84 7.16 5.05
N TYR I 11 -7.60 8.18 5.41
CA TYR I 11 -8.92 8.37 4.82
C TYR I 11 -8.81 8.63 3.32
N VAL I 12 -7.89 9.52 2.93
CA VAL I 12 -7.79 9.85 1.51
C VAL I 12 -7.28 8.65 0.72
N LEU I 13 -6.33 7.90 1.29
CA LEU I 13 -5.85 6.73 0.58
C LEU I 13 -6.96 5.72 0.41
N GLY I 14 -7.81 5.56 1.43
CA GLY I 14 -8.92 4.64 1.32
C GLY I 14 -9.89 5.04 0.24
N ARG I 15 -10.22 6.33 0.18
CA ARG I 15 -11.09 6.78 -0.90
C ARG I 15 -10.47 6.49 -2.26
N LEU I 16 -9.17 6.76 -2.40
CA LEU I 16 -8.49 6.51 -3.66
C LEU I 16 -8.62 5.05 -4.05
N PHE I 17 -8.33 4.15 -3.10
CA PHE I 17 -8.38 2.73 -3.39
C PHE I 17 -9.78 2.30 -3.80
N ALA I 18 -10.80 2.81 -3.11
CA ALA I 18 -12.16 2.44 -3.47
C ALA I 18 -12.49 2.88 -4.89
N VAL I 19 -12.06 4.09 -5.27
CA VAL I 19 -12.35 4.55 -6.62
C VAL I 19 -11.66 3.67 -7.64
N LEU I 20 -10.40 3.33 -7.40
CA LEU I 20 -9.70 2.44 -8.32
C LEU I 20 -10.45 1.12 -8.47
N GLU I 21 -10.95 0.58 -7.36
CA GLU I 21 -11.67 -0.68 -7.42
C GLU I 21 -12.91 -0.55 -8.27
N LYS I 22 -13.67 0.53 -8.09
CA LYS I 22 -14.88 0.70 -8.87
C LYS I 22 -14.55 0.83 -10.35
N ILE I 23 -13.43 1.50 -10.66
CA ILE I 23 -12.97 1.59 -12.05
C ILE I 23 -12.70 0.20 -12.60
N GLN I 24 -11.99 -0.62 -11.83
CA GLN I 24 -11.72 -1.99 -12.25
C GLN I 24 -13.02 -2.75 -12.49
N ALA I 25 -14.03 -2.47 -11.67
CA ALA I 25 -15.31 -3.15 -11.81
C ALA I 25 -15.99 -2.81 -13.12
N GLU I 26 -16.23 -1.52 -13.36
CA GLU I 26 -16.95 -1.15 -14.58
C GLU I 26 -16.11 -1.39 -15.83
N ALA I 27 -14.79 -1.35 -15.70
CA ALA I 27 -13.94 -1.59 -16.86
C ALA I 27 -14.14 -3.00 -17.39
N ASN I 28 -14.23 -3.97 -16.51
CA ASN I 28 -14.49 -5.34 -16.92
C ASN I 28 -15.83 -5.80 -16.36
N PRO I 29 -16.92 -5.51 -17.06
CA PRO I 29 -18.25 -5.87 -16.54
C PRO I 29 -18.41 -7.37 -16.33
N GLY I 30 -18.08 -8.18 -17.33
CA GLY I 30 -18.22 -9.61 -17.18
C GLY I 30 -17.14 -10.17 -16.28
N LEU I 31 -17.18 -9.79 -15.01
CA LEU I 31 -16.15 -10.23 -14.08
C LEU I 31 -16.67 -10.08 -12.65
N ASN I 32 -16.14 -10.90 -11.75
CA ASN I 32 -16.37 -10.79 -10.33
C ASN I 32 -15.09 -10.52 -9.55
N ALA I 33 -13.94 -10.54 -10.22
CA ALA I 33 -12.66 -10.46 -9.51
C ALA I 33 -12.49 -9.10 -8.85
N THR I 34 -12.03 -9.13 -7.60
CA THR I 34 -11.88 -7.93 -6.78
C THR I 34 -10.41 -7.76 -6.42
N ILE I 35 -9.89 -6.56 -6.65
CA ILE I 35 -8.55 -6.22 -6.16
C ILE I 35 -8.49 -6.20 -4.65
N ALA I 36 -9.60 -6.51 -3.99
CA ALA I 36 -9.68 -6.42 -2.54
C ALA I 36 -8.66 -7.31 -1.88
N ASP I 37 -8.85 -8.62 -1.98
CA ASP I 37 -7.90 -9.58 -1.43
C ASP I 37 -6.52 -9.37 -2.04
N ARG I 38 -6.46 -8.75 -3.22
CA ARG I 38 -5.19 -8.48 -3.84
C ARG I 38 -4.37 -7.51 -3.01
N TYR I 39 -4.97 -6.39 -2.58
CA TYR I 39 -4.11 -5.34 -2.04
C TYR I 39 -4.56 -4.63 -0.77
N PHE I 40 -5.64 -5.03 -0.08
CA PHE I 40 -5.79 -4.45 1.26
C PHE I 40 -4.60 -4.76 2.15
N GLY I 41 -4.12 -5.99 2.14
CA GLY I 41 -2.99 -6.33 2.98
C GLY I 41 -1.77 -5.48 2.70
N SER I 42 -1.52 -5.18 1.42
CA SER I 42 -0.43 -4.29 1.08
C SER I 42 -0.71 -2.86 1.52
N ALA I 43 -1.96 -2.41 1.36
CA ALA I 43 -2.26 -1.00 1.51
C ALA I 43 -2.10 -0.53 2.94
N SER I 44 -2.27 -1.43 3.91
CA SER I 44 -2.34 -1.01 5.31
C SER I 44 -1.04 -0.36 5.77
N SER I 45 0.09 -0.95 5.42
CA SER I 45 1.37 -0.49 5.96
C SER I 45 2.19 0.30 4.96
N THR I 46 2.38 -0.22 3.76
CA THR I 46 3.31 0.33 2.77
C THR I 46 2.57 0.59 1.48
N PRO I 47 1.78 1.66 1.42
CA PRO I 47 1.13 2.01 0.15
C PRO I 47 2.13 2.37 -0.93
N ILE I 48 3.31 2.84 -0.54
CA ILE I 48 4.30 3.30 -1.51
C ILE I 48 4.65 2.18 -2.48
N ALA I 49 4.50 0.94 -2.03
CA ALA I 49 4.75 -0.18 -2.93
C ALA I 49 3.65 -0.31 -3.98
N VAL I 50 2.39 -0.20 -3.57
CA VAL I 50 1.32 -0.74 -4.37
C VAL I 50 0.60 0.34 -5.18
N PHE I 51 0.44 1.53 -4.60
CA PHE I 51 -0.41 2.53 -5.25
C PHE I 51 0.13 2.92 -6.61
N GLY I 52 1.42 3.23 -6.70
CA GLY I 52 2.00 3.61 -7.98
C GLY I 52 1.89 2.51 -9.00
N THR I 53 2.15 1.28 -8.58
CA THR I 53 2.04 0.15 -9.49
C THR I 53 0.64 0.05 -10.08
N LEU I 54 -0.39 0.21 -9.23
CA LEU I 54 -1.75 0.21 -9.75
C LEU I 54 -1.96 1.37 -10.71
N MET I 55 -1.48 2.56 -10.33
CA MET I 55 -1.66 3.73 -11.16
C MET I 55 -1.08 3.51 -12.54
N ARG I 56 -0.01 2.72 -12.63
CA ARG I 56 0.56 2.40 -13.94
C ARG I 56 -0.51 1.91 -14.90
N LEU I 57 -1.41 1.06 -14.42
CA LEU I 57 -2.34 0.37 -15.30
C LEU I 57 -3.76 0.89 -15.23
N LEU I 58 -4.05 1.85 -14.35
CA LEU I 58 -5.36 2.50 -14.46
C LEU I 58 -5.73 2.98 -15.86
N PRO I 59 -4.86 3.67 -16.62
CA PRO I 59 -5.32 4.21 -17.91
C PRO I 59 -5.88 3.15 -18.84
N HIS I 60 -5.31 1.95 -18.83
CA HIS I 60 -5.84 0.89 -19.67
C HIS I 60 -7.28 0.56 -19.32
N HIS I 61 -7.55 0.33 -18.04
CA HIS I 61 -8.91 0.10 -17.59
C HIS I 61 -9.81 1.25 -18.01
N LEU I 62 -9.34 2.48 -17.81
CA LEU I 62 -10.15 3.65 -18.12
C LEU I 62 -10.55 3.67 -19.58
N ASN I 63 -9.59 3.40 -20.47
CA ASN I 63 -9.90 3.39 -21.88
C ASN I 63 -10.84 2.24 -22.24
N LYS I 64 -10.67 1.10 -21.58
CA LYS I 64 -11.52 -0.05 -21.91
C LYS I 64 -12.94 0.19 -21.44
N LEU I 65 -13.15 1.16 -20.55
CA LEU I 65 -14.50 1.56 -20.19
C LEU I 65 -15.22 2.08 -21.43
N GLU I 66 -16.45 1.60 -21.63
CA GLU I 66 -17.14 1.88 -22.89
C GLU I 66 -17.67 3.32 -22.94
N PHE I 67 -18.24 3.80 -21.85
CA PHE I 67 -19.01 5.03 -21.92
C PHE I 67 -18.16 6.22 -21.49
N GLU I 68 -18.17 7.28 -22.29
CA GLU I 68 -17.28 8.40 -22.09
C GLU I 68 -17.61 9.17 -20.80
N GLY I 69 -18.89 9.33 -20.50
CA GLY I 69 -19.27 10.16 -19.37
C GLY I 69 -18.75 9.60 -18.06
N ARG I 70 -18.92 8.30 -17.84
CA ARG I 70 -18.41 7.70 -16.62
C ARG I 70 -16.91 7.87 -16.50
N ALA I 71 -16.20 7.66 -17.61
CA ALA I 71 -14.75 7.77 -17.58
C ALA I 71 -14.31 9.17 -17.21
N VAL I 72 -14.88 10.19 -17.85
CA VAL I 72 -14.43 11.55 -17.57
C VAL I 72 -14.84 11.97 -16.16
N GLN I 73 -16.03 11.54 -15.72
CA GLN I 73 -16.45 11.87 -14.36
C GLN I 73 -15.50 11.29 -13.34
N LEU I 74 -15.17 10.01 -13.47
CA LEU I 74 -14.28 9.38 -12.53
C LEU I 74 -12.89 10.01 -12.60
N GLN I 75 -12.48 10.41 -13.80
CA GLN I 75 -11.21 11.10 -13.96
C GLN I 75 -11.19 12.38 -13.13
N TRP I 76 -12.24 13.19 -13.26
CA TRP I 76 -12.29 14.42 -12.48
C TRP I 76 -12.33 14.13 -10.99
N GLU I 77 -13.06 13.08 -10.60
CA GLU I 77 -13.15 12.76 -9.19
C GLU I 77 -11.80 12.40 -8.61
N ILE I 78 -11.03 11.58 -9.31
CA ILE I 78 -9.72 11.19 -8.79
C ILE I 78 -8.77 12.38 -8.83
N ARG I 79 -8.94 13.27 -9.81
CA ARG I 79 -8.18 14.52 -9.77
C ARG I 79 -8.49 15.30 -8.51
N GLN I 80 -9.77 15.38 -8.14
CA GLN I 80 -10.13 16.07 -6.90
C GLN I 80 -9.49 15.41 -5.70
N ILE I 81 -9.62 14.09 -5.60
CA ILE I 81 -9.19 13.42 -4.38
C ILE I 81 -7.68 13.47 -4.24
N LEU I 82 -6.95 13.36 -5.34
CA LEU I 82 -5.50 13.32 -5.23
C LEU I 82 -4.92 14.68 -4.88
N GLU I 83 -5.74 15.73 -4.93
CA GLU I 83 -5.27 17.06 -4.58
C GLU I 83 -4.72 17.10 -3.16
N HIS I 84 -5.40 16.42 -2.22
CA HIS I 84 -5.02 16.52 -0.82
C HIS I 84 -3.63 15.97 -0.57
N CYS I 85 -3.28 14.85 -1.20
CA CYS I 85 -1.99 14.23 -0.92
C CYS I 85 -0.86 15.03 -1.56
N GLN I 86 0.35 14.76 -1.09
CA GLN I 86 1.57 15.32 -1.67
C GLN I 86 2.67 14.29 -1.87
N ARG I 87 2.60 13.16 -1.19
CA ARG I 87 3.69 12.19 -1.23
C ARG I 87 3.20 10.90 -0.60
N PHE I 88 3.47 9.79 -1.28
CA PHE I 88 3.08 8.47 -0.80
C PHE I 88 3.90 8.09 0.43
N PRO I 89 3.31 8.04 1.63
CA PRO I 89 4.07 7.63 2.80
C PRO I 89 4.44 6.16 2.72
N ASN I 90 5.49 5.78 3.43
CA ASN I 90 5.97 4.41 3.36
C ASN I 90 5.43 3.56 4.51
N HIS I 91 5.13 4.19 5.65
CA HIS I 91 4.64 3.47 6.82
C HIS I 91 3.46 4.21 7.43
N LEU I 92 2.61 3.46 8.12
CA LEU I 92 1.41 4.02 8.72
C LEU I 92 1.28 3.58 10.17
N ASN I 93 0.77 4.49 11.00
CA ASN I 93 0.44 4.16 12.35
C ASN I 93 -0.86 3.36 12.39
N LEU I 94 -1.14 2.75 13.54
CA LEU I 94 -2.28 1.86 13.67
C LEU I 94 -3.58 2.55 13.28
N GLU I 95 -3.84 3.71 13.89
CA GLU I 95 -5.05 4.44 13.61
C GLU I 95 -5.14 4.80 12.13
N GLN I 96 -3.99 5.07 11.51
CA GLN I 96 -3.98 5.31 10.08
C GLN I 96 -4.43 4.08 9.32
N GLN I 97 -3.95 2.91 9.74
CA GLN I 97 -4.30 1.68 9.04
C GLN I 97 -5.80 1.42 9.14
N GLY I 98 -6.39 1.65 10.31
CA GLY I 98 -7.84 1.51 10.42
C GLY I 98 -8.59 2.55 9.62
N LEU I 99 -8.23 3.82 9.78
CA LEU I 99 -8.94 4.89 9.11
C LEU I 99 -8.87 4.73 7.61
N PHE I 100 -7.83 4.05 7.11
CA PHE I 100 -7.80 3.69 5.70
C PHE I 100 -9.02 2.86 5.32
N ALA I 101 -9.35 1.86 6.14
CA ALA I 101 -10.51 1.05 5.85
C ALA I 101 -11.79 1.86 5.96
N ILE I 102 -11.89 2.70 6.98
CA ILE I 102 -13.10 3.53 7.10
C ILE I 102 -13.28 4.37 5.84
N GLY I 103 -12.19 4.99 5.38
CA GLY I 103 -12.28 5.79 4.17
C GLY I 103 -12.68 4.97 2.95
N TYR I 104 -12.12 3.77 2.83
CA TYR I 104 -12.49 2.92 1.71
C TYR I 104 -14.00 2.70 1.70
N TYR I 105 -14.56 2.34 2.85
CA TYR I 105 -15.97 1.99 2.84
C TYR I 105 -16.87 3.19 2.65
N HIS I 106 -16.50 4.33 3.25
CA HIS I 106 -17.28 5.53 2.99
C HIS I 106 -17.24 5.89 1.52
N GLU I 107 -16.08 5.77 0.89
CA GLU I 107 -15.97 6.10 -0.53
C GLU I 107 -16.80 5.17 -1.38
N THR I 108 -16.79 3.88 -1.07
CA THR I 108 -17.61 2.94 -1.81
C THR I 108 -19.09 3.28 -1.66
N GLN I 109 -19.51 3.59 -0.44
CA GLN I 109 -20.90 3.96 -0.25
C GLN I 109 -21.26 5.18 -1.09
N PHE I 110 -20.39 6.19 -1.09
CA PHE I 110 -20.68 7.39 -1.85
C PHE I 110 -20.75 7.11 -3.35
N LEU I 111 -19.78 6.35 -3.86
CA LEU I 111 -19.76 6.08 -5.30
C LEU I 111 -20.98 5.30 -5.72
N PHE I 112 -21.35 4.27 -4.97
CA PHE I 112 -22.48 3.45 -5.38
C PHE I 112 -23.79 4.23 -5.38
N THR I 113 -23.83 5.40 -4.73
CA THR I 113 -25.04 6.22 -4.77
C THR I 113 -25.41 6.56 -6.21
N LYS I 114 -26.69 6.90 -6.40
CA LYS I 114 -27.28 6.87 -7.74
C LYS I 114 -26.73 7.97 -8.63
N ASP I 115 -26.65 9.21 -8.14
CA ASP I 115 -26.31 10.29 -9.04
C ASP I 115 -25.38 11.35 -8.45
N ALA I 116 -24.81 11.11 -7.26
CA ALA I 116 -24.04 12.15 -6.60
C ALA I 116 -22.86 12.59 -7.47
N LEU I 117 -22.09 11.64 -7.97
CA LEU I 117 -20.95 11.98 -8.81
C LEU I 117 -21.40 12.77 -10.03
N LYS I 118 -22.56 12.43 -10.58
CA LYS I 118 -23.10 13.20 -11.69
C LYS I 118 -23.29 14.64 -11.31
N ASN I 119 -23.88 14.91 -10.15
CA ASN I 119 -24.09 16.28 -9.72
C ASN I 119 -22.77 17.01 -9.56
N LEU I 120 -21.81 16.38 -8.89
CA LEU I 120 -20.53 17.05 -8.65
C LEU I 120 -19.83 17.34 -9.96
N PHE I 121 -19.85 16.40 -10.90
CA PHE I 121 -19.27 16.63 -12.20
C PHE I 121 -19.97 17.77 -12.93
N ASN I 122 -21.30 17.78 -12.87
CA ASN I 122 -22.05 18.83 -13.54
C ASN I 122 -21.72 20.19 -12.97
N GLU I 123 -21.42 20.26 -11.68
CA GLU I 123 -20.90 21.51 -11.12
C GLU I 123 -19.60 21.90 -11.78
N ALA I 124 -18.72 20.92 -12.02
CA ALA I 124 -17.43 21.20 -12.63
C ALA I 124 -17.60 21.71 -14.05
N THR J 1 1.01 18.46 78.46
CA THR J 1 -0.24 17.83 78.08
C THR J 1 -0.98 18.73 77.11
N ILE J 2 -1.64 18.14 76.12
CA ILE J 2 -2.32 18.93 75.10
C ILE J 2 -3.48 19.68 75.75
N GLU J 3 -3.82 20.83 75.16
CA GLU J 3 -4.89 21.66 75.69
C GLU J 3 -5.74 22.30 74.61
N LYS J 4 -5.59 21.91 73.35
CA LYS J 4 -6.33 22.51 72.26
C LYS J 4 -6.90 21.43 71.37
N ARG J 5 -8.04 21.72 70.77
CA ARG J 5 -8.66 20.76 69.88
C ARG J 5 -7.86 20.68 68.58
N TYR J 6 -7.84 19.51 67.97
CA TYR J 6 -7.07 19.27 66.77
C TYR J 6 -7.93 18.57 65.73
N ASP J 7 -7.70 18.90 64.46
CA ASP J 7 -8.33 18.19 63.36
C ASP J 7 -7.29 17.93 62.28
N PHE J 8 -7.56 16.94 61.44
CA PHE J 8 -6.60 16.70 60.38
C PHE J 8 -7.24 15.92 59.25
N VAL J 9 -6.61 16.02 58.08
CA VAL J 9 -7.07 15.34 56.88
C VAL J 9 -5.89 14.60 56.28
N PHE J 10 -6.16 13.40 55.77
CA PHE J 10 -5.14 12.44 55.39
C PHE J 10 -5.45 11.91 54.00
N LEU J 11 -4.43 11.83 53.15
CA LEU J 11 -4.60 11.47 51.75
C LEU J 11 -3.65 10.33 51.41
N PHE J 12 -4.19 9.18 51.04
CA PHE J 12 -3.35 8.02 50.76
C PHE J 12 -3.96 7.16 49.66
N ASP J 13 -3.09 6.45 48.95
CA ASP J 13 -3.47 5.79 47.70
C ASP J 13 -2.86 4.40 47.64
N VAL J 14 -3.48 3.54 46.83
CA VAL J 14 -3.05 2.16 46.64
C VAL J 14 -2.58 1.98 45.21
N GLN J 15 -1.32 1.58 45.06
CA GLN J 15 -0.78 1.43 43.72
C GLN J 15 -1.42 0.25 43.01
N ASP J 16 -1.25 -0.95 43.54
CA ASP J 16 -1.76 -2.16 42.91
C ASP J 16 -1.95 -3.21 44.00
N GLY J 17 -3.19 -3.56 44.27
CA GLY J 17 -3.49 -4.55 45.28
C GLY J 17 -4.71 -4.16 46.08
N ASN J 18 -5.11 -5.06 46.95
CA ASN J 18 -6.42 -4.93 47.57
C ASN J 18 -6.30 -4.41 48.99
N PRO J 19 -6.77 -3.21 49.28
CA PRO J 19 -6.72 -2.71 50.66
C PRO J 19 -7.53 -3.51 51.66
N ASN J 20 -8.85 -3.63 51.48
CA ASN J 20 -9.69 -4.29 52.47
C ASN J 20 -10.77 -5.11 51.78
N GLY J 21 -10.47 -6.38 51.53
CA GLY J 21 -11.44 -7.24 50.87
C GLY J 21 -12.62 -7.55 51.77
N ASP J 22 -13.81 -7.46 51.20
CA ASP J 22 -15.03 -7.77 51.94
C ASP J 22 -14.98 -9.19 52.43
N PRO J 23 -15.18 -9.45 53.72
CA PRO J 23 -15.35 -10.82 54.21
C PRO J 23 -16.75 -11.37 54.05
N ASP J 24 -17.61 -10.72 53.26
CA ASP J 24 -18.93 -11.27 53.00
C ASP J 24 -19.11 -11.80 51.61
N ALA J 25 -18.47 -11.19 50.61
CA ALA J 25 -18.60 -11.60 49.22
C ALA J 25 -17.21 -11.95 48.72
N GLY J 26 -16.81 -13.19 48.92
CA GLY J 26 -15.48 -13.58 48.51
C GLY J 26 -14.45 -12.72 49.20
N ASN J 27 -13.63 -12.05 48.42
CA ASN J 27 -12.61 -11.19 49.00
C ASN J 27 -12.45 -9.90 48.20
N LEU J 28 -13.48 -9.51 47.46
CA LEU J 28 -13.38 -8.33 46.61
C LEU J 28 -13.17 -7.06 47.44
N PRO J 29 -12.47 -6.07 46.89
CA PRO J 29 -12.35 -4.80 47.60
C PRO J 29 -13.72 -4.21 47.84
N ARG J 30 -13.92 -3.70 49.05
CA ARG J 30 -15.22 -3.14 49.38
C ARG J 30 -15.53 -1.99 48.45
N ILE J 31 -16.78 -1.90 48.00
CA ILE J 31 -17.21 -0.79 47.16
C ILE J 31 -18.62 -0.39 47.55
N ASP J 32 -18.88 0.90 47.57
CA ASP J 32 -20.22 1.38 47.83
C ASP J 32 -21.13 0.94 46.70
N PRO J 33 -22.21 0.21 47.00
CA PRO J 33 -22.98 -0.43 45.92
C PRO J 33 -23.50 0.53 44.86
N GLN J 34 -24.01 1.69 45.25
CA GLN J 34 -24.74 2.52 44.30
C GLN J 34 -23.91 3.69 43.77
N THR J 35 -22.61 3.68 43.98
CA THR J 35 -21.83 4.77 43.41
C THR J 35 -20.53 4.34 42.75
N GLY J 36 -19.95 3.19 43.07
CA GLY J 36 -18.76 2.75 42.39
C GLY J 36 -17.45 3.14 43.02
N GLU J 37 -17.45 3.61 44.26
CA GLU J 37 -16.22 3.95 44.97
C GLU J 37 -16.01 3.01 46.14
N GLY J 38 -14.76 2.89 46.56
CA GLY J 38 -14.38 1.84 47.49
C GLY J 38 -13.99 2.27 48.88
N LEU J 39 -14.77 1.82 49.87
CA LEU J 39 -14.52 2.19 51.25
C LEU J 39 -13.28 1.49 51.78
N VAL J 40 -12.79 2.00 52.90
CA VAL J 40 -11.75 1.37 53.70
C VAL J 40 -12.09 1.66 55.15
N THR J 41 -12.51 0.63 55.88
CA THR J 41 -12.96 0.84 57.24
C THR J 41 -11.81 1.29 58.12
N ASP J 42 -12.12 2.16 59.09
CA ASP J 42 -11.11 2.76 59.93
C ASP J 42 -10.31 1.72 60.69
N VAL J 43 -10.98 0.66 61.15
CA VAL J 43 -10.34 -0.30 62.03
C VAL J 43 -9.09 -0.85 61.39
N CYS J 44 -9.05 -0.93 60.06
CA CYS J 44 -7.84 -1.36 59.38
C CYS J 44 -6.70 -0.40 59.65
N LEU J 45 -6.97 0.90 59.53
CA LEU J 45 -5.94 1.89 59.83
C LEU J 45 -5.51 1.80 61.29
N LYS J 46 -6.47 1.65 62.18
CA LYS J 46 -6.12 1.56 63.59
C LYS J 46 -5.22 0.36 63.85
N ARG J 47 -5.52 -0.76 63.20
CA ARG J 47 -4.68 -1.94 63.35
C ARG J 47 -3.28 -1.67 62.84
N LYS J 48 -3.17 -1.01 61.69
CA LYS J 48 -1.84 -0.74 61.19
C LYS J 48 -1.06 0.17 62.12
N VAL J 49 -1.74 1.10 62.77
CA VAL J 49 -1.09 1.95 63.76
C VAL J 49 -0.58 1.12 64.94
N ARG J 50 -1.45 0.27 65.48
CA ARG J 50 -1.06 -0.54 66.63
C ARG J 50 0.13 -1.43 66.28
N ASN J 51 0.11 -2.01 65.09
CA ASN J 51 1.25 -2.83 64.66
C ASN J 51 2.51 -2.01 64.53
N PHE J 52 2.42 -0.81 63.97
CA PHE J 52 3.61 0.01 63.84
C PHE J 52 4.20 0.30 65.20
N ILE J 53 3.36 0.70 66.15
CA ILE J 53 3.88 1.06 67.47
C ILE J 53 4.51 -0.15 68.13
N GLN J 54 3.85 -1.30 68.06
CA GLN J 54 4.44 -2.49 68.67
C GLN J 54 5.78 -2.82 68.03
N MET J 55 5.91 -2.62 66.72
CA MET J 55 7.14 -3.02 66.07
C MET J 55 8.26 -2.03 66.33
N THR J 56 7.95 -0.76 66.56
CA THR J 56 9.01 0.23 66.55
C THR J 56 9.65 0.43 67.92
N GLN J 57 8.83 0.59 68.96
CA GLN J 57 9.36 1.04 70.26
C GLN J 57 9.94 -0.12 71.07
N ASN J 58 9.11 -1.09 71.43
CA ASN J 58 9.54 -2.28 72.15
C ASN J 58 10.21 -1.92 73.48
N ASP J 59 9.40 -1.33 74.36
CA ASP J 59 9.80 -1.09 75.74
C ASP J 59 8.54 -0.86 76.56
N GLU J 60 8.71 -0.40 77.79
CA GLU J 60 7.54 -0.07 78.57
C GLU J 60 7.01 1.30 78.16
N HIS J 61 5.78 1.60 78.57
CA HIS J 61 4.97 2.75 78.18
C HIS J 61 4.47 2.63 76.76
N HIS J 62 4.88 1.60 76.03
CA HIS J 62 4.57 1.49 74.62
C HIS J 62 4.21 0.05 74.26
N ASP J 63 3.45 -0.60 75.13
CA ASP J 63 2.82 -1.86 74.77
C ASP J 63 1.43 -1.58 74.24
N ILE J 64 0.83 -2.59 73.61
CA ILE J 64 -0.35 -2.35 72.78
C ILE J 64 -1.59 -3.03 73.33
N PHE J 65 -1.41 -4.17 73.98
CA PHE J 65 -2.48 -4.87 74.65
C PHE J 65 -3.48 -5.50 73.68
N ILE J 66 -3.38 -5.21 72.39
CA ILE J 66 -4.16 -5.90 71.36
C ILE J 66 -3.17 -6.35 70.30
N ARG J 67 -2.63 -7.54 70.46
CA ARG J 67 -1.48 -7.97 69.68
C ARG J 67 -1.91 -8.90 68.55
N GLU J 68 -0.97 -9.16 67.64
CA GLU J 68 -1.12 -10.18 66.62
C GLU J 68 0.07 -11.11 66.68
N LYS J 69 -0.21 -12.41 66.73
CA LYS J 69 0.85 -13.38 67.01
C LYS J 69 1.97 -13.29 65.98
N GLY J 70 1.65 -12.87 64.76
CA GLY J 70 2.67 -12.87 63.71
C GLY J 70 3.84 -11.96 64.03
N ILE J 71 3.55 -10.75 64.53
CA ILE J 71 4.60 -9.76 64.73
C ILE J 71 5.55 -10.20 65.82
N LEU J 72 5.03 -10.73 66.92
CA LEU J 72 5.88 -11.16 68.02
C LEU J 72 5.12 -12.21 68.83
N ASN J 73 5.87 -12.98 69.61
CA ASN J 73 5.29 -14.03 70.44
C ASN J 73 6.10 -14.24 71.71
N LYS J 93 -9.84 2.66 94.51
CA LYS J 93 -9.49 1.26 94.35
C LYS J 93 -9.40 0.86 92.87
N THR J 94 -10.50 1.02 92.14
CA THR J 94 -10.47 0.77 90.70
C THR J 94 -9.57 1.76 89.99
N GLU J 95 -9.60 3.01 90.44
CA GLU J 95 -8.89 4.08 89.75
C GLU J 95 -7.39 3.84 89.74
N ALA J 96 -6.83 3.30 90.82
CA ALA J 96 -5.40 3.07 90.87
C ALA J 96 -4.96 2.09 89.78
N ALA J 97 -5.63 0.94 89.72
CA ALA J 97 -5.30 -0.04 88.69
C ALA J 97 -5.56 0.53 87.31
N ARG J 98 -6.67 1.24 87.13
CA ARG J 98 -6.97 1.80 85.82
C ARG J 98 -5.90 2.79 85.39
N GLN J 99 -5.43 3.62 86.31
CA GLN J 99 -4.40 4.59 85.95
C GLN J 99 -3.09 3.90 85.61
N TYR J 100 -2.71 2.89 86.40
CA TYR J 100 -1.50 2.16 86.06
C TYR J 100 -1.60 1.56 84.66
N MET J 101 -2.73 0.92 84.38
CA MET J 101 -2.91 0.25 83.11
C MET J 101 -2.87 1.25 81.96
N CYS J 102 -3.69 2.31 82.05
CA CYS J 102 -3.68 3.37 81.06
C CYS J 102 -2.37 4.13 81.04
N SER J 103 -1.46 3.86 81.97
CA SER J 103 -0.10 4.38 81.86
C SER J 103 0.83 3.38 81.19
N ARG J 104 0.47 2.11 81.16
CA ARG J 104 1.38 1.11 80.63
C ARG J 104 1.30 0.95 79.12
N TYR J 105 0.11 0.92 78.54
CA TYR J 105 -0.05 0.59 77.12
C TYR J 105 -0.37 1.86 76.34
N TYR J 106 0.43 2.14 75.32
CA TYR J 106 0.17 3.31 74.49
C TYR J 106 -1.19 3.21 73.83
N ASP J 107 -1.50 2.05 73.25
CA ASP J 107 -2.78 1.88 72.59
C ASP J 107 -3.93 2.17 73.53
N ILE J 108 -3.87 1.62 74.74
CA ILE J 108 -5.04 1.68 75.59
C ILE J 108 -5.33 3.12 75.99
N ARG J 109 -4.30 3.94 76.18
CA ARG J 109 -4.56 5.32 76.54
C ARG J 109 -4.82 6.19 75.34
N THR J 110 -4.45 5.76 74.14
CA THR J 110 -4.70 6.59 72.98
C THR J 110 -6.15 6.48 72.50
N PHE J 111 -6.53 5.29 72.05
CA PHE J 111 -7.88 5.07 71.57
C PHE J 111 -8.83 4.63 72.66
N GLY J 112 -8.33 4.37 73.86
CA GLY J 112 -9.17 3.97 74.96
C GLY J 112 -9.25 2.47 75.14
N ALA J 113 -10.29 2.05 75.85
CA ALA J 113 -10.64 0.65 76.02
C ALA J 113 -11.96 0.56 76.76
N VAL J 114 -12.46 -0.66 76.98
CA VAL J 114 -13.61 -0.89 77.83
C VAL J 114 -13.24 -1.96 78.85
N MET J 115 -13.36 -1.63 80.13
CA MET J 115 -12.95 -2.52 81.20
C MET J 115 -14.02 -3.55 81.49
N THR J 116 -13.61 -4.67 82.06
CA THR J 116 -14.59 -5.64 82.53
C THR J 116 -15.45 -5.03 83.63
N THR J 117 -14.90 -4.12 84.42
CA THR J 117 -15.65 -3.40 85.43
C THR J 117 -14.91 -2.12 85.77
N GLY J 118 -15.66 -1.14 86.26
CA GLY J 118 -15.09 0.18 86.48
C GLY J 118 -16.18 1.17 86.83
N LYS J 119 -15.93 2.44 86.50
CA LYS J 119 -16.81 3.51 86.93
C LYS J 119 -18.23 3.29 86.43
N ASN J 120 -18.38 3.04 85.13
CA ASN J 120 -19.71 2.87 84.52
C ASN J 120 -19.60 1.94 83.32
N ALA J 121 -19.76 0.64 83.58
CA ALA J 121 -19.60 -0.42 82.61
C ALA J 121 -18.21 -0.42 81.98
N GLY J 122 -17.25 0.27 82.58
CA GLY J 122 -15.87 0.21 82.15
C GLY J 122 -15.51 1.15 81.03
N GLN J 123 -16.40 2.04 80.62
CA GLN J 123 -16.11 2.91 79.49
C GLN J 123 -14.92 3.80 79.78
N VAL J 124 -13.91 3.72 78.91
CA VAL J 124 -12.73 4.58 78.98
C VAL J 124 -12.38 5.00 77.56
N ARG J 125 -12.65 6.25 77.22
CA ARG J 125 -12.78 6.63 75.81
C ARG J 125 -11.47 6.97 75.14
N GLY J 126 -10.78 7.98 75.63
CA GLY J 126 -9.54 8.40 74.99
C GLY J 126 -9.80 9.35 73.84
N PRO J 127 -8.81 10.16 73.53
CA PRO J 127 -9.01 11.24 72.56
C PRO J 127 -9.32 10.82 71.14
N VAL J 128 -8.42 10.05 70.52
CA VAL J 128 -8.39 9.98 69.05
C VAL J 128 -9.67 9.36 68.51
N GLN J 129 -9.99 9.72 67.28
CA GLN J 129 -11.12 9.15 66.57
C GLN J 129 -10.76 9.08 65.09
N LEU J 130 -11.52 8.31 64.33
CA LEU J 130 -11.27 8.19 62.90
C LEU J 130 -12.59 8.01 62.17
N THR J 131 -12.51 7.76 60.86
CA THR J 131 -13.71 7.74 60.03
C THR J 131 -13.41 6.96 58.76
N PHE J 132 -14.47 6.38 58.19
CA PHE J 132 -14.35 5.64 56.93
C PHE J 132 -13.76 6.54 55.85
N SER J 133 -12.88 5.96 55.05
CA SER J 133 -12.07 6.71 54.10
C SER J 133 -12.47 6.35 52.67
N ARG J 134 -13.36 7.12 52.08
CA ARG J 134 -13.84 6.81 50.74
C ARG J 134 -12.77 7.15 49.71
N SER J 135 -13.14 7.03 48.43
CA SER J 135 -12.24 7.31 47.34
C SER J 135 -12.78 8.47 46.54
N ILE J 136 -11.86 9.22 45.93
CA ILE J 136 -12.25 10.43 45.21
C ILE J 136 -13.13 10.09 44.02
N ASP J 137 -12.78 9.04 43.28
CA ASP J 137 -13.44 8.75 42.02
C ASP J 137 -13.86 7.29 41.98
N PRO J 138 -14.89 6.97 41.20
CA PRO J 138 -15.34 5.59 41.10
C PRO J 138 -14.22 4.68 40.61
N ILE J 139 -14.22 3.45 41.10
CA ILE J 139 -13.08 2.57 40.94
C ILE J 139 -13.54 1.24 40.35
N MET J 140 -12.61 0.56 39.69
CA MET J 140 -12.86 -0.68 38.96
C MET J 140 -11.85 -1.74 39.38
N THR J 141 -12.28 -3.00 39.34
CA THR J 141 -11.49 -4.11 39.86
C THR J 141 -11.15 -5.10 38.76
N LEU J 142 -10.04 -5.82 38.95
CA LEU J 142 -9.60 -6.86 38.05
C LEU J 142 -9.51 -8.17 38.82
N GLU J 143 -9.86 -9.27 38.16
CA GLU J 143 -9.93 -10.58 38.80
C GLU J 143 -8.97 -11.52 38.09
N HIS J 144 -7.71 -11.54 38.52
CA HIS J 144 -6.78 -12.46 37.90
C HIS J 144 -7.09 -13.88 38.32
N SER J 145 -6.81 -14.81 37.42
CA SER J 145 -6.99 -16.23 37.67
C SER J 145 -5.62 -16.86 37.89
N ILE J 146 -5.51 -17.68 38.93
CA ILE J 146 -4.21 -18.04 39.46
C ILE J 146 -4.20 -19.54 39.77
N THR J 147 -3.03 -20.17 39.58
CA THR J 147 -2.89 -21.62 39.68
C THR J 147 -1.63 -21.98 40.46
N ARG J 148 -1.40 -23.29 40.66
CA ARG J 148 -0.22 -23.69 41.41
C ARG J 148 0.20 -25.12 41.10
N MET J 149 1.48 -25.39 41.40
CA MET J 149 2.10 -26.69 41.09
C MET J 149 1.39 -27.87 41.74
N ALA J 150 1.45 -27.96 43.05
CA ALA J 150 1.18 -29.23 43.71
C ALA J 150 -0.24 -29.27 44.25
N VAL J 151 -0.79 -30.47 44.30
CA VAL J 151 -2.12 -30.64 44.85
C VAL J 151 -2.07 -30.45 46.36
N THR J 152 -3.19 -30.00 46.91
CA THR J 152 -3.23 -29.73 48.35
C THR J 152 -3.00 -31.00 49.16
N ASN J 153 -3.76 -32.04 48.86
CA ASN J 153 -3.73 -33.26 49.66
C ASN J 153 -3.77 -34.46 48.76
N GLU J 154 -3.25 -35.58 49.27
CA GLU J 154 -3.31 -36.83 48.53
C GLU J 154 -4.72 -37.36 48.38
N LYS J 155 -5.71 -36.73 49.01
CA LYS J 155 -7.08 -37.21 48.88
C LYS J 155 -7.50 -37.17 47.43
N ASP J 156 -7.58 -38.35 46.83
CA ASP J 156 -7.79 -38.57 45.40
C ASP J 156 -6.54 -38.13 44.64
N ALA J 157 -5.65 -37.42 45.33
CA ALA J 157 -4.28 -37.07 44.95
C ALA J 157 -4.24 -36.29 43.64
N SER J 158 -5.36 -36.07 42.96
CA SER J 158 -5.42 -35.42 41.65
C SER J 158 -4.27 -35.86 40.75
N GLU J 159 -3.93 -37.16 40.83
CA GLU J 159 -2.74 -37.65 40.13
C GLU J 159 -2.90 -37.54 38.62
N THR J 160 -4.08 -37.88 38.10
CA THR J 160 -4.30 -37.94 36.65
C THR J 160 -4.50 -36.55 36.07
N GLY J 161 -3.52 -35.68 36.32
CA GLY J 161 -3.57 -34.33 35.79
C GLY J 161 -4.76 -33.52 36.24
N ASP J 162 -5.35 -33.86 37.38
CA ASP J 162 -6.53 -33.18 37.89
C ASP J 162 -6.19 -32.08 38.88
N ASN J 163 -4.91 -31.72 39.01
CA ASN J 163 -4.51 -30.59 39.85
C ASN J 163 -5.13 -29.28 39.41
N ARG J 164 -5.87 -29.29 38.30
CA ARG J 164 -6.50 -28.09 37.76
C ARG J 164 -7.38 -27.43 38.82
N THR J 165 -6.93 -26.27 39.29
CA THR J 165 -7.59 -25.49 40.32
C THR J 165 -7.28 -24.02 40.06
N MET J 166 -8.23 -23.16 40.39
CA MET J 166 -8.11 -21.74 40.09
C MET J 166 -8.30 -20.93 41.36
N GLY J 167 -7.68 -19.75 41.39
CA GLY J 167 -7.62 -19.01 42.63
C GLY J 167 -8.29 -17.66 42.72
N ARG J 168 -8.36 -16.92 41.62
CA ARG J 168 -9.12 -15.67 41.57
C ARG J 168 -8.62 -14.66 42.62
N LYS J 169 -7.40 -14.18 42.38
CA LYS J 169 -6.87 -13.09 43.19
C LYS J 169 -7.27 -11.75 42.61
N PHE J 170 -7.64 -10.81 43.48
CA PHE J 170 -8.24 -9.55 43.08
C PHE J 170 -7.21 -8.42 43.09
N THR J 171 -7.52 -7.35 42.34
CA THR J 171 -6.64 -6.18 42.36
C THR J 171 -7.42 -4.95 41.89
N VAL J 172 -6.88 -3.77 42.20
CA VAL J 172 -7.39 -2.50 41.69
C VAL J 172 -6.24 -1.74 41.02
N PRO J 173 -6.50 -0.97 39.97
CA PRO J 173 -5.41 -0.34 39.22
C PRO J 173 -4.79 0.86 39.90
N TYR J 174 -5.62 1.75 40.44
CA TYR J 174 -5.13 2.93 41.17
C TYR J 174 -6.29 3.72 41.76
N GLY J 175 -6.03 4.47 42.82
CA GLY J 175 -7.06 5.30 43.41
C GLY J 175 -6.49 6.35 44.31
N LEU J 176 -7.37 6.95 45.11
CA LEU J 176 -6.98 7.93 46.10
C LEU J 176 -7.97 7.85 47.26
N TYR J 177 -7.57 8.37 48.41
CA TYR J 177 -8.40 8.18 49.60
C TYR J 177 -8.26 9.35 50.56
N ARG J 178 -9.41 9.84 51.03
CA ARG J 178 -9.52 10.96 51.97
C ARG J 178 -9.99 10.43 53.31
N CYS J 179 -9.30 10.85 54.36
CA CYS J 179 -9.64 10.43 55.72
C CYS J 179 -9.70 11.64 56.63
N HIS J 180 -10.65 11.63 57.56
CA HIS J 180 -10.89 12.75 58.46
C HIS J 180 -10.69 12.30 59.89
N GLY J 181 -9.86 13.02 60.65
CA GLY J 181 -9.54 12.62 62.01
C GLY J 181 -9.62 13.76 63.00
N PHE J 182 -10.10 13.45 64.20
CA PHE J 182 -10.34 14.41 65.26
C PHE J 182 -9.45 14.12 66.47
N ILE J 183 -9.41 15.09 67.40
CA ILE J 183 -8.95 14.83 68.76
C ILE J 183 -9.90 15.57 69.71
N SER J 184 -9.74 15.34 71.02
CA SER J 184 -10.57 16.02 72.02
C SER J 184 -9.78 16.08 73.32
N THR J 185 -9.25 17.26 73.65
CA THR J 185 -8.23 17.34 74.69
C THR J 185 -8.76 16.96 76.06
N HIS J 186 -10.05 17.11 76.30
CA HIS J 186 -10.58 16.81 77.63
C HIS J 186 -10.33 15.36 78.00
N PHE J 187 -10.53 14.46 77.05
CA PHE J 187 -10.23 13.06 77.32
C PHE J 187 -8.74 12.86 77.55
N ALA J 188 -7.91 13.58 76.80
CA ALA J 188 -6.47 13.52 77.02
C ALA J 188 -6.11 13.91 78.45
N LYS J 189 -6.90 14.77 79.07
CA LYS J 189 -6.67 15.10 80.47
C LYS J 189 -6.66 13.84 81.33
N GLN J 190 -7.78 13.13 81.38
CA GLN J 190 -7.86 11.96 82.24
C GLN J 190 -7.09 10.78 81.70
N THR J 191 -6.59 10.84 80.48
CA THR J 191 -5.69 9.80 80.01
C THR J 191 -4.24 10.24 80.00
N GLY J 192 -3.96 11.52 80.23
CA GLY J 192 -2.59 11.97 80.26
C GLY J 192 -1.87 11.83 78.93
N PHE J 193 -2.54 12.16 77.84
CA PHE J 193 -1.94 12.08 76.53
C PHE J 193 -0.90 13.20 76.41
N SER J 194 0.35 12.87 76.65
CA SER J 194 1.40 13.87 76.54
C SER J 194 1.62 14.25 75.08
N GLU J 195 2.00 15.51 74.87
CA GLU J 195 2.16 16.01 73.51
C GLU J 195 3.20 15.21 72.73
N ASN J 196 4.24 14.71 73.40
CA ASN J 196 5.21 13.89 72.69
C ASN J 196 4.54 12.64 72.13
N ASP J 197 3.55 12.11 72.83
CA ASP J 197 2.79 11.01 72.26
C ASP J 197 2.09 11.44 70.98
N LEU J 198 1.59 12.67 70.95
CA LEU J 198 0.96 13.18 69.72
C LEU J 198 1.98 13.29 68.59
N GLU J 199 3.20 13.75 68.92
CA GLU J 199 4.26 13.78 67.92
C GLU J 199 4.55 12.38 67.40
N LEU J 200 4.59 11.41 68.30
CA LEU J 200 4.77 10.03 67.91
C LEU J 200 3.68 9.59 66.96
N PHE J 201 2.44 9.96 67.25
CA PHE J 201 1.31 9.63 66.41
C PHE J 201 1.49 10.20 65.01
N TRP J 202 1.88 11.47 64.92
CA TRP J 202 2.14 12.06 63.61
C TRP J 202 3.18 11.28 62.85
N GLN J 203 4.32 11.01 63.49
CA GLN J 203 5.38 10.26 62.83
C GLN J 203 4.87 8.91 62.38
N ALA J 204 4.04 8.28 63.21
CA ALA J 204 3.48 6.99 62.87
C ALA J 204 2.73 7.06 61.55
N LEU J 205 1.66 7.86 61.52
CA LEU J 205 0.88 7.91 60.29
C LEU J 205 1.70 8.37 59.10
N VAL J 206 2.77 9.14 59.34
CA VAL J 206 3.65 9.47 58.23
C VAL J 206 4.33 8.23 57.71
N ASN J 207 4.82 7.37 58.60
CA ASN J 207 5.56 6.18 58.20
C ASN J 207 4.79 4.90 58.50
N MET J 208 3.47 4.95 58.43
CA MET J 208 2.71 3.78 58.85
C MET J 208 2.75 2.68 57.81
N PHE J 209 3.19 2.97 56.59
CA PHE J 209 3.03 2.00 55.51
C PHE J 209 4.30 1.25 55.16
N ASP J 210 5.48 1.82 55.44
CA ASP J 210 6.70 1.13 55.06
C ASP J 210 6.92 -0.14 55.86
N HIS J 211 6.17 -0.32 56.94
CA HIS J 211 6.25 -1.56 57.72
C HIS J 211 5.01 -2.40 57.56
N ASP J 212 4.44 -2.43 56.36
CA ASP J 212 3.32 -3.30 56.04
C ASP J 212 3.38 -3.66 54.56
N HIS J 213 3.89 -4.85 54.27
CA HIS J 213 3.93 -5.34 52.91
C HIS J 213 3.56 -6.81 52.93
N SER J 214 2.49 -7.16 52.24
CA SER J 214 2.03 -8.52 52.12
C SER J 214 1.54 -8.72 50.70
N ALA J 215 1.62 -9.97 50.22
CA ALA J 215 1.33 -10.23 48.82
C ALA J 215 -0.05 -9.69 48.44
N ALA J 216 -1.04 -9.88 49.31
CA ALA J 216 -2.41 -9.51 48.95
C ALA J 216 -2.52 -8.01 48.70
N ARG J 217 -2.06 -7.20 49.64
CA ARG J 217 -2.28 -5.76 49.54
C ARG J 217 -1.45 -5.14 48.43
N GLY J 218 -0.25 -5.63 48.22
CA GLY J 218 0.57 -4.92 47.26
C GLY J 218 1.03 -3.60 47.85
N GLN J 219 1.45 -2.71 46.96
CA GLN J 219 2.06 -1.45 47.36
C GLN J 219 0.98 -0.45 47.71
N MET J 220 0.87 -0.10 48.99
CA MET J 220 -0.01 0.95 49.45
C MET J 220 0.86 2.10 49.94
N ASN J 221 0.49 3.33 49.59
CA ASN J 221 1.36 4.47 49.83
C ASN J 221 0.57 5.65 50.37
N ALA J 222 1.27 6.51 51.13
CA ALA J 222 0.68 7.64 51.83
C ALA J 222 1.11 8.94 51.18
N ARG J 223 0.15 9.77 50.78
CA ARG J 223 0.45 10.94 49.98
C ARG J 223 0.62 12.22 50.80
N GLY J 224 -0.41 12.64 51.51
CA GLY J 224 -0.37 13.94 52.13
C GLY J 224 -1.13 14.09 53.44
N LEU J 225 -0.53 14.80 54.39
CA LEU J 225 -1.13 14.98 55.70
C LEU J 225 -1.25 16.48 55.97
N TYR J 226 -2.41 16.91 56.44
CA TYR J 226 -2.63 18.32 56.72
C TYR J 226 -3.29 18.48 58.07
N VAL J 227 -2.66 19.25 58.95
CA VAL J 227 -3.02 19.33 60.35
C VAL J 227 -3.52 20.73 60.67
N PHE J 228 -4.74 20.80 61.20
CA PHE J 228 -5.39 22.01 61.67
C PHE J 228 -5.30 22.04 63.19
N GLU J 229 -4.78 23.13 63.73
CA GLU J 229 -4.64 23.30 65.17
C GLU J 229 -5.42 24.53 65.60
N HIS J 230 -6.16 24.41 66.68
CA HIS J 230 -6.89 25.56 67.17
C HIS J 230 -6.07 26.29 68.23
N SER J 231 -6.66 27.36 68.76
CA SER J 231 -6.03 28.17 69.79
C SER J 231 -6.55 27.87 71.19
N ASN J 232 -7.86 27.84 71.36
CA ASN J 232 -8.46 27.59 72.66
C ASN J 232 -8.73 26.09 72.82
N ASN J 233 -9.26 25.73 73.98
CA ASN J 233 -9.65 24.34 74.21
C ASN J 233 -10.82 23.95 73.32
N LEU J 234 -11.87 24.78 73.33
CA LEU J 234 -13.13 24.39 72.75
C LEU J 234 -13.22 24.71 71.27
N GLY J 235 -12.19 25.34 70.69
CA GLY J 235 -12.20 25.65 69.28
C GLY J 235 -12.88 26.98 68.98
N ASP J 236 -12.72 27.40 67.74
CA ASP J 236 -13.25 28.67 67.28
C ASP J 236 -14.08 28.57 66.01
N ALA J 237 -13.69 27.71 65.07
CA ALA J 237 -14.41 27.67 63.81
C ALA J 237 -14.96 26.28 63.56
N PRO J 238 -16.22 26.16 63.14
CA PRO J 238 -16.79 24.83 62.87
C PRO J 238 -16.00 24.10 61.79
N ALA J 239 -15.68 22.84 62.07
CA ALA J 239 -14.67 22.12 61.29
C ALA J 239 -15.10 21.88 59.86
N ASP J 240 -16.36 22.07 59.53
CA ASP J 240 -16.81 21.78 58.17
C ASP J 240 -16.06 22.65 57.16
N SER J 241 -16.01 23.95 57.41
CA SER J 241 -15.20 24.81 56.55
C SER J 241 -13.74 24.41 56.60
N LEU J 242 -13.27 24.05 57.79
CA LEU J 242 -11.88 23.62 57.96
C LEU J 242 -11.54 22.50 56.99
N PHE J 243 -12.47 21.58 56.78
CA PHE J 243 -12.26 20.53 55.80
C PHE J 243 -12.40 21.06 54.38
N LYS J 244 -13.41 21.90 54.15
CA LYS J 244 -13.66 22.40 52.81
C LYS J 244 -12.49 23.18 52.25
N ARG J 245 -11.60 23.70 53.11
CA ARG J 245 -10.47 24.47 52.62
C ARG J 245 -9.59 23.64 51.69
N ILE J 246 -9.36 22.38 52.02
CA ILE J 246 -8.58 21.50 51.17
C ILE J 246 -9.48 20.95 50.08
N GLN J 247 -9.03 21.04 48.83
CA GLN J 247 -9.78 20.49 47.72
C GLN J 247 -8.87 19.61 46.87
N VAL J 248 -9.42 18.49 46.43
CA VAL J 248 -8.74 17.58 45.52
C VAL J 248 -9.66 17.32 44.35
N VAL J 249 -9.15 17.48 43.14
CA VAL J 249 -9.97 17.35 41.95
C VAL J 249 -9.23 16.52 40.92
N LYS J 250 -10.01 15.87 40.06
CA LYS J 250 -9.45 15.23 38.89
C LYS J 250 -8.96 16.28 37.91
N LYS J 251 -7.80 16.03 37.31
CA LYS J 251 -7.40 16.86 36.18
C LYS J 251 -8.41 16.72 35.06
N ASP J 252 -8.64 17.81 34.36
CA ASP J 252 -9.66 17.83 33.32
C ASP J 252 -9.31 16.90 32.16
N GLY J 253 -8.04 16.87 31.76
CA GLY J 253 -7.68 16.25 30.51
C GLY J 253 -7.98 14.77 30.45
N VAL J 254 -7.62 14.03 31.49
CA VAL J 254 -7.69 12.57 31.46
C VAL J 254 -9.08 12.12 31.86
N GLU J 255 -9.53 11.01 31.27
CA GLU J 255 -10.79 10.39 31.64
C GLU J 255 -10.59 9.08 32.38
N VAL J 256 -9.38 8.55 32.43
CA VAL J 256 -9.06 7.34 33.17
C VAL J 256 -7.85 7.62 34.06
N VAL J 257 -8.06 7.52 35.36
CA VAL J 257 -7.07 7.91 36.35
C VAL J 257 -6.10 6.75 36.57
N ARG J 258 -4.81 7.04 36.62
CA ARG J 258 -3.81 6.00 36.71
C ARG J 258 -2.66 6.31 37.65
N SER J 259 -2.62 7.48 38.27
CA SER J 259 -1.48 7.86 39.08
C SER J 259 -1.84 9.06 39.94
N PHE J 260 -0.87 9.54 40.70
CA PHE J 260 -1.07 10.75 41.47
C PHE J 260 -1.02 12.00 40.59
N ASP J 261 -0.41 11.88 39.42
CA ASP J 261 -0.26 13.03 38.53
C ASP J 261 -1.61 13.52 38.04
N ASP J 262 -2.63 12.66 38.08
CA ASP J 262 -3.90 13.02 37.48
C ASP J 262 -4.74 13.86 38.42
N TYR J 263 -4.23 14.16 39.61
CA TYR J 263 -5.04 14.91 40.55
C TYR J 263 -4.44 16.27 40.86
N LEU J 264 -5.26 17.11 41.47
CA LEU J 264 -4.85 18.44 41.88
C LEU J 264 -5.28 18.68 43.32
N VAL J 265 -4.35 19.21 44.12
CA VAL J 265 -4.56 19.48 45.53
C VAL J 265 -4.40 20.97 45.77
N SER J 266 -5.37 21.56 46.46
CA SER J 266 -5.40 23.00 46.70
C SER J 266 -5.66 23.24 48.17
N VAL J 267 -4.85 24.11 48.76
CA VAL J 267 -4.93 24.45 50.17
C VAL J 267 -5.22 25.93 50.30
N ASP J 268 -6.10 26.30 51.23
CA ASP J 268 -6.55 27.67 51.41
C ASP J 268 -6.17 28.14 52.81
N ASP J 269 -5.14 28.96 52.89
CA ASP J 269 -4.68 29.53 54.15
C ASP J 269 -4.98 31.02 54.25
N LYS J 270 -5.98 31.50 53.52
CA LYS J 270 -6.25 32.92 53.46
C LYS J 270 -6.92 33.45 54.72
N ASN J 271 -7.71 32.64 55.40
CA ASN J 271 -8.48 33.10 56.56
C ASN J 271 -8.17 32.36 57.84
N LEU J 272 -7.69 31.11 57.76
CA LEU J 272 -7.49 30.28 58.93
C LEU J 272 -6.50 30.90 59.92
N GLU J 273 -5.63 31.79 59.44
CA GLU J 273 -4.54 32.32 60.24
C GLU J 273 -5.00 33.12 61.44
N GLU J 274 -6.31 33.26 61.62
CA GLU J 274 -6.82 34.02 62.76
C GLU J 274 -6.37 33.40 64.09
N THR J 275 -6.82 32.19 64.38
CA THR J 275 -6.41 31.51 65.60
C THR J 275 -6.16 30.02 65.38
N LYS J 276 -6.21 29.55 64.14
CA LYS J 276 -5.97 28.14 63.82
C LYS J 276 -4.78 28.07 62.89
N LEU J 277 -3.76 27.32 63.29
CA LEU J 277 -2.56 27.19 62.48
C LEU J 277 -2.63 25.93 61.64
N LEU J 278 -2.00 25.99 60.47
CA LEU J 278 -1.99 24.90 59.51
C LEU J 278 -0.57 24.42 59.28
N ARG J 279 -0.37 23.11 59.31
CA ARG J 279 0.93 22.58 58.95
C ARG J 279 0.85 21.73 57.69
N LYS J 280 2.02 21.37 57.19
CA LYS J 280 2.19 20.59 55.98
C LYS J 280 3.14 19.44 56.22
N LEU J 281 2.89 18.70 57.31
CA LEU J 281 3.76 17.58 57.65
C LEU J 281 3.80 16.56 56.53
N GLY J 282 2.65 16.27 55.92
CA GLY J 282 2.60 15.25 54.89
C GLY J 282 3.46 15.59 53.68
N GLY J 283 3.41 16.84 53.24
CA GLY J 283 4.19 17.28 52.09
C GLY J 283 3.53 18.40 51.31
N ARG K 1 -36.86 27.68 73.26
CA ARG K 1 -36.49 26.42 72.61
C ARG K 1 -35.29 26.61 71.70
N PHE K 2 -34.90 25.54 71.01
CA PHE K 2 -33.78 25.59 70.09
C PHE K 2 -34.05 24.64 68.95
N ILE K 3 -33.57 25.04 67.76
CA ILE K 3 -33.72 24.26 66.55
C ILE K 3 -32.34 24.06 65.93
N LEU K 4 -31.99 22.80 65.68
CA LEU K 4 -30.66 22.44 65.21
C LEU K 4 -30.81 21.40 64.10
N GLU K 5 -29.80 21.31 63.24
CA GLU K 5 -29.80 20.28 62.21
C GLU K 5 -28.46 19.57 62.14
N ILE K 6 -28.55 18.25 62.01
CA ILE K 6 -27.44 17.31 62.04
C ILE K 6 -27.34 16.68 60.67
N SER K 7 -26.13 16.39 60.23
CA SER K 7 -25.92 15.80 58.92
C SER K 7 -24.76 14.83 58.96
N GLY K 8 -24.79 13.83 58.09
CA GLY K 8 -23.72 12.87 58.04
C GLY K 8 -24.03 11.78 57.02
N ASP K 9 -22.97 11.03 56.70
CA ASP K 9 -23.07 10.01 55.66
C ASP K 9 -23.75 8.76 56.18
N LEU K 10 -23.32 8.27 57.35
CA LEU K 10 -23.66 6.94 57.82
C LEU K 10 -24.14 7.01 59.26
N ALA K 11 -25.03 6.12 59.63
CA ALA K 11 -25.53 6.11 61.00
C ALA K 11 -26.31 4.85 61.33
N CYS K 12 -25.98 4.21 62.46
CA CYS K 12 -26.75 3.07 62.95
C CYS K 12 -27.16 3.30 64.38
N PHE K 13 -28.40 2.94 64.70
CA PHE K 13 -28.88 2.90 66.08
C PHE K 13 -29.49 1.52 66.27
N THR K 14 -28.76 0.64 66.94
CA THR K 14 -29.09 -0.77 66.94
C THR K 14 -30.29 -1.04 67.85
N ARG K 15 -31.26 -1.76 67.32
CA ARG K 15 -32.30 -2.31 68.18
C ARG K 15 -31.64 -3.21 69.21
N SER K 16 -32.37 -3.50 70.28
CA SER K 16 -31.85 -4.41 71.28
C SER K 16 -31.92 -5.85 70.79
N GLU K 17 -33.12 -6.31 70.41
CA GLU K 17 -33.38 -7.71 70.13
C GLU K 17 -32.53 -8.29 69.02
N LEU K 18 -31.71 -7.49 68.34
CA LEU K 18 -30.78 -8.01 67.36
C LEU K 18 -29.35 -7.58 67.62
N LYS K 19 -29.04 -7.06 68.81
CA LYS K 19 -27.74 -6.47 69.08
C LYS K 19 -26.57 -7.32 68.61
N VAL K 20 -26.76 -8.63 68.51
CA VAL K 20 -25.67 -9.52 68.13
C VAL K 20 -25.20 -9.23 66.71
N GLU K 21 -26.14 -9.10 65.78
CA GLU K 21 -25.82 -8.72 64.41
C GLU K 21 -26.66 -7.51 64.07
N ARG K 22 -25.99 -6.38 63.80
CA ARG K 22 -26.62 -5.09 63.93
C ARG K 22 -27.78 -4.91 62.96
N VAL K 23 -28.89 -4.41 63.48
CA VAL K 23 -30.08 -4.10 62.71
C VAL K 23 -30.51 -2.70 63.14
N SER K 24 -30.08 -1.68 62.41
CA SER K 24 -30.29 -0.33 62.91
C SER K 24 -31.75 0.08 62.78
N TYR K 25 -32.13 1.05 63.59
CA TYR K 25 -33.45 1.63 63.49
C TYR K 25 -33.66 2.31 62.15
N PRO K 26 -34.89 2.52 61.75
CA PRO K 26 -35.15 3.43 60.63
C PRO K 26 -34.93 4.88 61.01
N VAL K 27 -35.43 5.29 62.18
CA VAL K 27 -35.37 6.68 62.60
C VAL K 27 -34.33 6.83 63.69
N ILE K 28 -34.05 8.08 64.05
CA ILE K 28 -33.09 8.38 65.11
C ILE K 28 -33.73 8.05 66.44
N THR K 29 -32.94 7.98 67.50
CA THR K 29 -33.46 7.60 68.80
C THR K 29 -33.68 8.81 69.68
N PRO K 30 -34.86 8.96 70.26
CA PRO K 30 -35.07 10.07 71.21
C PRO K 30 -34.04 10.07 72.33
N ALA K 31 -33.62 8.90 72.79
CA ALA K 31 -32.52 8.85 73.74
C ALA K 31 -31.26 9.43 73.11
N ALA K 32 -31.01 9.13 71.84
CA ALA K 32 -29.76 9.56 71.23
C ALA K 32 -29.66 11.08 71.20
N ALA K 33 -30.76 11.78 70.91
CA ALA K 33 -30.71 13.22 70.81
C ALA K 33 -30.27 13.86 72.11
N ARG K 34 -30.77 13.36 73.24
CA ARG K 34 -30.32 13.82 74.54
C ARG K 34 -28.80 13.87 74.58
N ASN K 35 -28.16 12.73 74.33
CA ASN K 35 -26.72 12.68 74.41
C ASN K 35 -26.06 13.54 73.35
N ILE K 36 -26.67 13.68 72.17
CA ILE K 36 -26.04 14.52 71.15
C ILE K 36 -25.97 15.95 71.64
N LEU K 37 -27.04 16.44 72.24
CA LEU K 37 -26.99 17.77 72.84
C LEU K 37 -25.95 17.84 73.95
N MET K 38 -25.95 16.85 74.84
CA MET K 38 -25.00 16.86 75.94
C MET K 38 -23.57 16.84 75.45
N ALA K 39 -23.33 16.33 74.24
CA ALA K 39 -21.97 16.29 73.72
C ALA K 39 -21.40 17.69 73.56
N ILE K 40 -22.21 18.63 73.11
CA ILE K 40 -21.72 19.99 72.89
C ILE K 40 -21.33 20.62 74.21
N LEU K 41 -22.19 20.51 75.22
CA LEU K 41 -21.97 21.21 76.49
C LEU K 41 -22.59 20.39 77.61
N TRP K 42 -21.74 19.70 78.36
CA TRP K 42 -22.17 18.95 79.54
C TRP K 42 -21.86 19.75 80.80
N LYS K 43 -22.89 20.10 81.55
CA LYS K 43 -22.78 20.52 82.93
C LYS K 43 -23.50 19.52 83.81
N PRO K 44 -23.11 19.40 85.08
CA PRO K 44 -23.79 18.48 85.98
C PRO K 44 -25.11 19.01 86.54
N ALA K 45 -25.60 20.13 86.03
CA ALA K 45 -26.81 20.76 86.56
C ALA K 45 -27.90 20.91 85.51
N ILE K 46 -27.67 20.45 84.29
CA ILE K 46 -28.60 20.66 83.19
C ILE K 46 -29.28 19.33 82.84
N ARG K 47 -30.58 19.40 82.62
CA ARG K 47 -31.36 18.25 82.17
C ARG K 47 -31.97 18.60 80.82
N TRP K 48 -31.58 17.88 79.78
CA TRP K 48 -32.08 18.14 78.45
C TRP K 48 -33.46 17.52 78.26
N LYS K 49 -34.11 17.90 77.17
CA LYS K 49 -35.45 17.39 76.87
C LYS K 49 -35.73 17.68 75.41
N VAL K 50 -36.03 16.64 74.65
CA VAL K 50 -36.25 16.73 73.20
C VAL K 50 -37.74 16.82 72.94
N LEU K 51 -38.12 17.70 72.01
CA LEU K 51 -39.53 17.90 71.71
C LEU K 51 -39.93 17.41 70.32
N LYS K 52 -39.24 17.86 69.28
CA LYS K 52 -39.63 17.52 67.91
C LYS K 52 -38.43 17.01 67.13
N ILE K 53 -38.65 16.01 66.30
CA ILE K 53 -37.62 15.49 65.41
C ILE K 53 -38.19 15.39 64.00
N GLU K 54 -37.41 15.82 63.02
CA GLU K 54 -37.84 15.93 61.64
C GLU K 54 -36.88 15.18 60.74
N ILE K 55 -37.41 14.27 59.93
CA ILE K 55 -36.62 13.61 58.89
C ILE K 55 -36.36 14.58 57.75
N LEU K 56 -35.34 14.29 56.98
CA LEU K 56 -35.11 15.20 55.86
C LEU K 56 -35.04 14.51 54.52
N LYS K 57 -34.40 13.35 54.44
CA LYS K 57 -34.25 12.67 53.17
C LYS K 57 -34.72 11.23 53.31
N PRO K 58 -35.16 10.61 52.22
CA PRO K 58 -35.72 9.26 52.32
C PRO K 58 -34.71 8.25 52.86
N ILE K 59 -35.22 7.31 53.64
CA ILE K 59 -34.39 6.28 54.26
C ILE K 59 -33.73 5.41 53.21
N GLN K 60 -32.54 4.91 53.53
CA GLN K 60 -31.77 4.17 52.55
C GLN K 60 -30.79 3.25 53.26
N TRP K 61 -30.77 1.99 52.88
CA TRP K 61 -30.00 0.95 53.54
C TRP K 61 -28.70 0.66 52.82
N THR K 62 -27.76 0.08 53.55
CA THR K 62 -26.67 -0.68 52.97
C THR K 62 -26.21 -1.67 54.02
N ASN K 63 -25.40 -2.63 53.61
CA ASN K 63 -25.00 -3.70 54.51
C ASN K 63 -23.51 -3.89 54.47
N ILE K 64 -22.95 -4.38 55.58
CA ILE K 64 -21.50 -4.43 55.73
C ILE K 64 -21.15 -5.48 56.77
N ARG K 65 -19.91 -5.97 56.73
CA ARG K 65 -19.41 -6.88 57.76
C ARG K 65 -17.95 -6.57 58.02
N ARG K 66 -17.51 -6.88 59.25
CA ARG K 66 -16.11 -6.74 59.60
C ARG K 66 -15.82 -7.65 60.79
N ASN K 67 -14.54 -7.75 61.12
CA ASN K 67 -14.06 -8.75 62.07
C ASN K 67 -13.98 -8.19 63.49
N GLU K 68 -14.52 -8.94 64.44
CA GLU K 68 -14.65 -8.46 65.80
C GLU K 68 -14.13 -9.49 66.80
N VAL K 69 -13.93 -9.01 68.02
CA VAL K 69 -13.60 -9.82 69.17
C VAL K 69 -14.67 -9.58 70.22
N GLY K 70 -15.02 -10.63 70.96
CA GLY K 70 -16.12 -10.52 71.90
C GLY K 70 -15.79 -10.78 73.35
N THR K 71 -14.57 -10.48 73.77
CA THR K 71 -14.12 -10.75 75.13
C THR K 71 -13.71 -9.44 75.80
N LYS K 72 -14.55 -8.95 76.70
CA LYS K 72 -14.21 -7.74 77.44
C LYS K 72 -12.90 -7.94 78.18
N MET K 73 -11.98 -7.01 78.02
CA MET K 73 -10.66 -7.15 78.63
C MET K 73 -10.73 -7.01 80.14
N SER K 74 -9.85 -7.74 80.82
CA SER K 74 -9.84 -7.84 82.28
C SER K 74 -8.42 -7.65 82.80
N GLU K 75 -8.33 -7.21 84.05
CA GLU K 75 -7.04 -6.86 84.64
C GLU K 75 -6.13 -8.07 84.73
N ARG K 76 -6.67 -9.22 85.15
CA ARG K 76 -5.86 -10.41 85.35
C ARG K 76 -5.16 -10.84 84.06
N SER K 77 -5.71 -10.50 82.91
CA SER K 77 -5.12 -10.91 81.65
C SER K 77 -3.94 -10.01 81.29
N GLY K 78 -3.15 -10.48 80.33
CA GLY K 78 -2.05 -9.69 79.79
C GLY K 78 -2.39 -9.02 78.49
N SER K 79 -2.99 -9.77 77.56
CA SER K 79 -3.35 -9.26 76.25
C SER K 79 -4.56 -10.03 75.76
N LEU K 80 -4.84 -9.95 74.47
CA LEU K 80 -5.95 -10.68 73.88
C LEU K 80 -5.55 -11.68 72.81
N TYR K 81 -4.63 -11.33 71.92
CA TYR K 81 -4.26 -12.20 70.81
C TYR K 81 -5.51 -12.58 70.00
N ILE K 82 -6.06 -11.56 69.35
CA ILE K 82 -7.37 -11.61 68.72
C ILE K 82 -7.56 -12.81 67.80
N GLU K 83 -6.47 -13.40 67.33
CA GLU K 83 -6.59 -14.50 66.38
C GLU K 83 -7.42 -15.64 66.94
N ASP K 84 -7.45 -15.78 68.27
CA ASP K 84 -8.17 -16.85 68.93
C ASP K 84 -9.57 -16.43 69.35
N ASN K 85 -10.07 -15.33 68.83
CA ASN K 85 -11.34 -14.80 69.34
C ASN K 85 -12.29 -14.29 68.28
N ARG K 86 -11.88 -14.17 67.01
CA ARG K 86 -12.62 -13.36 66.07
C ARG K 86 -14.05 -13.85 65.87
N GLN K 87 -14.99 -12.91 65.84
CA GLN K 87 -16.39 -13.19 65.53
C GLN K 87 -16.83 -12.19 64.47
N GLN K 88 -16.92 -12.64 63.22
CA GLN K 88 -17.35 -11.76 62.16
C GLN K 88 -18.73 -11.22 62.46
N ARG K 89 -18.94 -9.94 62.19
CA ARG K 89 -20.20 -9.29 62.51
C ARG K 89 -20.69 -8.49 61.31
N ALA K 90 -22.01 -8.45 61.18
CA ALA K 90 -22.70 -7.77 60.09
C ALA K 90 -23.45 -6.56 60.63
N SER K 91 -23.82 -5.67 59.71
CA SER K 91 -24.40 -4.40 60.09
C SER K 91 -25.26 -3.88 58.96
N MET K 92 -26.32 -3.18 59.34
CA MET K 92 -27.35 -2.63 58.46
C MET K 92 -27.32 -1.11 58.61
N LEU K 93 -26.46 -0.46 57.83
CA LEU K 93 -26.18 0.96 58.03
C LEU K 93 -27.16 1.83 57.25
N LEU K 94 -27.70 2.84 57.92
CA LEU K 94 -28.40 3.90 57.23
C LEU K 94 -27.39 4.77 56.49
N LYS K 95 -27.85 5.37 55.40
CA LYS K 95 -26.97 6.10 54.50
C LYS K 95 -27.52 7.50 54.23
N ASP K 96 -26.65 8.50 54.29
CA ASP K 96 -26.99 9.87 53.89
C ASP K 96 -28.16 10.42 54.71
N VAL K 97 -27.90 10.66 55.99
CA VAL K 97 -28.95 11.14 56.88
C VAL K 97 -28.64 12.55 57.38
N ALA K 98 -29.66 13.39 57.38
CA ALA K 98 -29.64 14.68 58.05
C ALA K 98 -30.97 14.85 58.76
N TYR K 99 -30.93 15.27 60.00
CA TYR K 99 -32.12 15.36 60.84
C TYR K 99 -32.24 16.76 61.42
N ARG K 100 -33.46 17.13 61.79
CA ARG K 100 -33.73 18.41 62.43
C ARG K 100 -34.34 18.16 63.80
N ILE K 101 -33.96 18.98 64.77
CA ILE K 101 -34.37 18.79 66.15
C ILE K 101 -34.84 20.11 66.74
N HIS K 102 -35.95 20.04 67.47
CA HIS K 102 -36.42 21.10 68.35
C HIS K 102 -36.35 20.56 69.77
N ALA K 103 -35.60 21.26 70.62
CA ALA K 103 -35.40 20.79 71.99
C ALA K 103 -35.07 21.95 72.91
N ASP K 104 -35.21 21.69 74.21
CA ASP K 104 -34.95 22.67 75.25
C ASP K 104 -34.31 21.96 76.42
N PHE K 105 -34.25 22.64 77.56
CA PHE K 105 -33.66 22.05 78.76
C PHE K 105 -34.22 22.71 80.00
N ASP K 106 -34.02 22.04 81.13
CA ASP K 106 -34.37 22.58 82.43
C ASP K 106 -33.25 22.30 83.43
N MET K 107 -33.49 22.60 84.71
CA MET K 107 -32.46 22.53 85.73
C MET K 107 -32.63 21.28 86.59
N THR K 108 -31.51 20.70 86.98
CA THR K 108 -31.52 19.60 87.94
C THR K 108 -31.71 20.15 89.35
N SER K 109 -31.74 19.25 90.33
CA SER K 109 -31.86 19.66 91.72
C SER K 109 -30.64 20.47 92.14
N GLU K 110 -29.44 19.99 91.81
CA GLU K 110 -28.21 20.69 92.15
C GLU K 110 -28.06 21.86 91.18
N ALA K 111 -28.76 22.94 91.49
CA ALA K 111 -28.67 24.13 90.65
C ALA K 111 -27.28 24.75 90.69
N GLY K 112 -26.64 24.74 91.84
CA GLY K 112 -25.33 25.35 91.99
C GLY K 112 -25.42 26.86 92.14
N GLU K 113 -24.25 27.48 92.18
CA GLU K 113 -24.19 28.93 92.32
C GLU K 113 -24.60 29.62 91.03
N SER K 114 -23.85 29.41 89.96
CA SER K 114 -24.11 30.07 88.68
C SER K 114 -25.17 29.26 87.94
N ASP K 115 -26.38 29.33 88.47
CA ASP K 115 -27.54 28.59 87.95
C ASP K 115 -28.40 29.47 87.06
N ASN K 116 -27.77 30.38 86.32
CA ASN K 116 -28.49 31.32 85.48
C ASN K 116 -28.91 30.63 84.18
N TYR K 117 -30.22 30.52 83.99
CA TYR K 117 -30.77 30.02 82.74
C TYR K 117 -30.18 30.77 81.56
N VAL K 118 -30.11 32.09 81.67
CA VAL K 118 -29.71 32.93 80.54
C VAL K 118 -28.27 32.65 80.14
N LYS K 119 -27.38 32.50 81.12
CA LYS K 119 -25.97 32.34 80.77
C LYS K 119 -25.73 31.00 80.10
N PHE K 120 -26.40 29.94 80.58
CA PHE K 120 -26.29 28.65 79.90
C PHE K 120 -26.81 28.75 78.47
N ALA K 121 -27.97 29.38 78.28
CA ALA K 121 -28.49 29.52 76.94
C ALA K 121 -27.53 30.29 76.05
N GLU K 122 -26.97 31.37 76.57
CA GLU K 122 -26.06 32.20 75.79
C GLU K 122 -24.81 31.43 75.39
N MET K 123 -24.19 30.75 76.35
CA MET K 123 -22.99 30.00 76.02
C MET K 123 -23.28 28.83 75.11
N PHE K 124 -24.49 28.26 75.18
CA PHE K 124 -24.88 27.24 74.22
C PHE K 124 -24.93 27.82 72.81
N LYS K 125 -25.54 29.01 72.68
CA LYS K 125 -25.56 29.65 71.37
C LYS K 125 -24.14 29.91 70.88
N ARG K 126 -23.28 30.36 71.77
CA ARG K 126 -21.89 30.61 71.40
C ARG K 126 -21.22 29.35 70.89
N ARG K 127 -21.29 28.27 71.66
CA ARG K 127 -20.62 27.04 71.25
C ARG K 127 -21.21 26.48 69.97
N ALA K 128 -22.52 26.64 69.78
CA ALA K 128 -23.13 26.20 68.53
C ALA K 128 -22.60 27.01 67.35
N LYS K 129 -22.40 28.31 67.54
CA LYS K 129 -21.91 29.12 66.43
C LYS K 129 -20.44 28.85 66.13
N LYS K 130 -19.59 28.77 67.15
CA LYS K 130 -18.17 28.61 66.91
C LYS K 130 -17.76 27.16 66.64
N GLY K 131 -18.58 26.19 67.01
CA GLY K 131 -18.16 24.82 66.86
C GLY K 131 -17.37 24.30 68.04
N GLN K 132 -17.98 24.29 69.23
CA GLN K 132 -17.31 23.90 70.45
C GLN K 132 -18.03 22.71 71.11
N TYR K 133 -17.26 21.83 71.74
CA TYR K 133 -17.78 20.60 72.31
C TYR K 133 -16.69 19.92 73.12
N PHE K 134 -17.10 19.06 74.06
CA PHE K 134 -16.17 18.07 74.59
C PHE K 134 -15.63 17.19 73.47
N HIS K 135 -16.54 16.61 72.69
CA HIS K 135 -16.18 15.66 71.65
C HIS K 135 -17.21 15.71 70.54
N GLN K 136 -16.78 15.34 69.35
CA GLN K 136 -17.68 15.31 68.21
C GLN K 136 -18.82 14.32 68.48
N PRO K 137 -20.06 14.74 68.40
CA PRO K 137 -21.16 13.79 68.57
C PRO K 137 -21.09 12.66 67.56
N TYR K 138 -21.43 11.46 68.01
CA TYR K 138 -21.47 10.32 67.11
C TYR K 138 -22.77 10.37 66.33
N LEU K 139 -23.07 9.27 65.65
CA LEU K 139 -24.37 9.02 65.09
C LEU K 139 -24.80 7.60 65.41
N GLY K 140 -24.58 7.18 66.66
CA GLY K 140 -24.80 5.82 67.08
C GLY K 140 -23.53 5.00 67.16
N CYS K 141 -22.42 5.50 66.63
CA CYS K 141 -21.15 4.81 66.70
C CYS K 141 -20.05 5.85 66.49
N ARG K 142 -18.91 5.63 67.13
CA ARG K 142 -17.85 6.63 67.09
C ARG K 142 -17.39 6.95 65.69
N GLU K 143 -17.56 6.04 64.74
CA GLU K 143 -16.94 6.22 63.44
C GLU K 143 -17.77 7.07 62.50
N PHE K 144 -18.99 7.41 62.87
CA PHE K 144 -19.80 8.22 61.97
C PHE K 144 -19.94 9.64 62.51
N PRO K 145 -18.97 10.51 62.27
CA PRO K 145 -19.07 11.86 62.79
C PRO K 145 -20.19 12.62 62.12
N CYS K 146 -20.80 13.52 62.88
CA CYS K 146 -21.93 14.30 62.40
C CYS K 146 -21.55 15.76 62.39
N ASP K 147 -22.38 16.57 61.72
CA ASP K 147 -22.13 18.00 61.60
C ASP K 147 -23.42 18.75 61.84
N PHE K 148 -23.36 19.77 62.69
CA PHE K 148 -24.55 20.44 63.21
C PHE K 148 -24.47 21.91 62.92
N ARG K 149 -25.52 22.46 62.31
CA ARG K 149 -25.56 23.89 62.00
C ARG K 149 -26.72 24.52 62.74
N LEU K 150 -26.43 25.53 63.54
CA LEU K 150 -27.46 26.19 64.33
C LEU K 150 -28.27 27.11 63.41
N LEU K 151 -29.55 26.79 63.23
CA LEU K 151 -30.40 27.50 62.30
C LEU K 151 -31.69 27.88 63.01
N GLU K 152 -32.47 28.75 62.36
CA GLU K 152 -33.70 29.25 62.98
C GLU K 152 -34.93 28.44 62.58
N LYS K 153 -35.25 28.42 61.30
CA LYS K 153 -36.32 27.56 60.79
C LYS K 153 -36.28 27.57 59.27
N ALA K 154 -36.41 26.37 58.69
CA ALA K 154 -36.43 26.20 57.24
C ALA K 154 -35.18 26.77 56.58
N GLU K 155 -34.04 26.18 56.93
CA GLU K 155 -32.77 26.54 56.31
C GLU K 155 -32.03 25.29 55.83
N ASP K 156 -32.77 24.36 55.26
CA ASP K 156 -32.19 23.19 54.60
C ASP K 156 -33.20 22.71 53.56
N GLY K 157 -32.94 21.54 52.99
CA GLY K 157 -33.89 20.92 52.08
C GLY K 157 -35.24 20.83 52.74
N LEU K 158 -36.29 21.03 51.96
CA LEU K 158 -37.62 21.01 52.52
C LEU K 158 -37.88 19.67 53.20
N PRO K 159 -38.45 19.66 54.40
CA PRO K 159 -38.69 18.40 55.09
C PRO K 159 -39.60 17.48 54.29
N LEU K 160 -39.32 16.19 54.38
CA LEU K 160 -40.08 15.17 53.66
C LEU K 160 -41.35 14.88 54.45
N GLU K 161 -42.39 15.67 54.18
CA GLU K 161 -43.63 15.57 54.94
C GLU K 161 -44.45 14.34 54.60
N ASP K 162 -44.02 13.56 53.61
CA ASP K 162 -44.79 12.41 53.18
C ASP K 162 -45.11 11.50 54.36
N ILE K 163 -46.38 11.09 54.45
CA ILE K 163 -46.76 10.15 55.48
C ILE K 163 -46.01 8.86 55.28
N THR K 164 -45.40 8.37 56.34
CA THR K 164 -44.57 7.18 56.26
C THR K 164 -45.13 6.10 57.17
N GLN K 165 -44.44 4.97 57.18
CA GLN K 165 -44.95 3.76 57.79
C GLN K 165 -44.88 3.83 59.31
N ASP K 166 -45.56 2.89 59.95
CA ASP K 166 -45.53 2.75 61.40
C ASP K 166 -44.20 2.13 61.84
N PHE K 167 -43.98 2.13 63.15
CA PHE K 167 -42.81 1.45 63.69
C PHE K 167 -43.08 0.75 65.02
N GLY K 168 -44.33 0.75 65.50
CA GLY K 168 -44.59 0.07 66.75
C GLY K 168 -43.94 0.80 67.93
N PHE K 169 -43.58 0.03 68.94
CA PHE K 169 -42.96 0.61 70.12
C PHE K 169 -41.47 0.78 69.91
N MET K 170 -40.92 1.82 70.53
CA MET K 170 -39.58 2.25 70.23
C MET K 170 -38.86 2.64 71.52
N LEU K 171 -37.53 2.46 71.51
CA LEU K 171 -36.71 2.84 72.64
C LEU K 171 -36.84 4.32 72.93
N TYR K 172 -36.94 4.67 74.21
CA TYR K 172 -37.06 6.06 74.62
C TYR K 172 -35.82 6.58 75.33
N ASP K 173 -35.42 5.94 76.41
CA ASP K 173 -34.28 6.39 77.21
C ASP K 173 -33.96 5.28 78.19
N MET K 174 -33.09 5.57 79.16
CA MET K 174 -32.69 4.60 80.17
C MET K 174 -32.64 5.33 81.52
N ASP K 175 -33.49 4.92 82.45
CA ASP K 175 -33.64 5.63 83.71
C ASP K 175 -32.33 5.62 84.51
N PHE K 176 -32.08 6.71 85.22
CA PHE K 176 -30.88 6.90 86.01
C PHE K 176 -31.18 6.78 87.50
N SER K 177 -32.46 6.69 87.88
CA SER K 177 -32.88 6.93 89.25
C SER K 177 -32.26 5.93 90.22
N LYS K 178 -32.65 4.66 90.10
CA LYS K 178 -32.18 3.64 91.03
C LYS K 178 -30.67 3.51 91.05
N SER K 179 -29.97 4.23 90.18
CA SER K 179 -28.53 4.28 90.18
C SER K 179 -28.03 5.54 90.89
N ASP K 180 -26.97 5.38 91.64
CA ASP K 180 -26.26 6.50 92.26
C ASP K 180 -25.44 7.20 91.17
N PRO K 181 -24.67 8.24 91.53
CA PRO K 181 -23.63 8.72 90.61
C PRO K 181 -22.90 7.58 89.90
N ARG K 182 -22.65 7.76 88.60
CA ARG K 182 -22.00 6.80 87.72
C ARG K 182 -22.88 5.60 87.39
N ASP K 183 -24.19 5.80 87.26
CA ASP K 183 -25.16 4.86 86.68
C ASP K 183 -24.92 3.40 87.05
N SER K 184 -25.05 3.09 88.33
CA SER K 184 -24.81 1.71 88.79
C SER K 184 -25.66 0.71 88.01
N ASN K 185 -26.97 0.95 87.94
CA ASN K 185 -27.86 0.02 87.27
C ASN K 185 -29.09 0.79 86.79
N ASN K 186 -29.66 0.32 85.69
CA ASN K 186 -30.69 1.11 85.01
C ASN K 186 -31.73 0.18 84.38
N ALA K 187 -32.93 0.71 84.21
CA ALA K 187 -34.00 0.07 83.46
C ALA K 187 -34.18 0.80 82.13
N GLU K 188 -35.19 0.40 81.36
CA GLU K 188 -35.36 0.91 80.00
C GLU K 188 -36.77 1.42 79.76
N PRO K 189 -37.00 2.72 79.88
CA PRO K 189 -38.29 3.28 79.44
C PRO K 189 -38.46 3.14 77.94
N MET K 190 -39.71 2.96 77.54
CA MET K 190 -40.08 2.79 76.14
C MET K 190 -41.05 3.90 75.75
N PHE K 191 -41.45 3.94 74.48
CA PHE K 191 -42.63 4.71 74.13
C PHE K 191 -43.22 4.13 72.85
N TYR K 192 -44.22 4.81 72.30
CA TYR K 192 -44.84 4.42 71.05
C TYR K 192 -44.49 5.47 69.99
N GLN K 193 -43.84 5.03 68.92
CA GLN K 193 -43.43 5.97 67.87
C GLN K 193 -44.63 6.48 67.09
N CYS K 194 -45.54 5.59 66.72
CA CYS K 194 -46.84 5.95 66.14
C CYS K 194 -46.69 6.87 64.93
N LYS K 195 -45.70 6.57 64.09
CA LYS K 195 -45.62 7.00 62.68
C LYS K 195 -46.11 8.43 62.47
N ALA K 196 -45.41 9.38 63.09
CA ALA K 196 -45.76 10.77 62.87
C ALA K 196 -45.67 11.11 61.39
N VAL K 197 -46.55 11.99 60.93
CA VAL K 197 -46.67 12.27 59.51
C VAL K 197 -45.35 12.76 58.95
N ASN K 198 -44.80 13.80 59.57
CA ASN K 198 -43.38 14.10 59.36
C ASN K 198 -42.65 14.44 60.65
N GLY K 199 -43.31 15.00 61.65
CA GLY K 199 -42.61 15.42 62.85
C GLY K 199 -42.88 14.51 64.03
N VAL K 200 -41.92 13.68 64.37
CA VAL K 200 -42.10 12.81 65.52
C VAL K 200 -41.97 13.63 66.79
N ILE K 201 -42.94 13.45 67.68
CA ILE K 201 -43.10 14.30 68.85
C ILE K 201 -42.89 13.44 70.09
N THR K 202 -41.94 13.85 70.93
CA THR K 202 -41.59 13.09 72.12
C THR K 202 -42.47 13.54 73.27
N VAL K 203 -43.34 12.66 73.72
CA VAL K 203 -44.22 12.99 74.84
C VAL K 203 -43.49 12.73 76.15
N PRO K 204 -43.53 13.66 77.11
CA PRO K 204 -42.95 13.40 78.42
C PRO K 204 -43.85 12.50 79.24
N PRO K 205 -43.33 11.91 80.34
CA PRO K 205 -44.10 11.03 81.22
C PRO K 205 -45.46 11.59 81.63
N MET M 1 -40.36 -4.06 63.79
CA MET M 1 -41.75 -4.48 63.82
C MET M 1 -41.81 -5.98 63.58
N ILE M 2 -40.63 -6.54 63.29
CA ILE M 2 -40.50 -7.96 62.98
C ILE M 2 -41.26 -8.79 64.01
N LEU M 3 -40.92 -8.61 65.28
CA LEU M 3 -41.58 -9.38 66.33
C LEU M 3 -43.07 -9.07 66.36
N HIS M 4 -43.43 -7.79 66.20
CA HIS M 4 -44.84 -7.44 66.15
C HIS M 4 -45.53 -8.06 64.95
N ALA M 5 -44.83 -8.16 63.82
CA ALA M 5 -45.44 -8.75 62.63
C ALA M 5 -45.73 -10.23 62.86
N LEU M 6 -44.73 -10.98 63.33
CA LEU M 6 -44.96 -12.39 63.63
C LEU M 6 -46.05 -12.55 64.68
N THR M 7 -46.13 -11.61 65.61
CA THR M 7 -47.21 -11.61 66.59
C THR M 7 -48.56 -11.53 65.89
N GLN M 8 -48.69 -10.56 64.99
CA GLN M 8 -49.96 -10.41 64.28
C GLN M 8 -50.30 -11.66 63.51
N TYR M 9 -49.28 -12.33 62.96
CA TYR M 9 -49.53 -13.61 62.30
C TYR M 9 -50.06 -14.63 63.30
N TYR M 10 -49.50 -14.64 64.51
CA TYR M 10 -50.02 -15.55 65.53
C TYR M 10 -51.50 -15.30 65.79
N GLN M 11 -51.88 -14.03 65.97
CA GLN M 11 -53.29 -13.76 66.25
C GLN M 11 -54.16 -14.16 65.06
N ARG M 12 -53.72 -13.86 63.84
CA ARG M 12 -54.58 -14.13 62.70
C ARG M 12 -54.76 -15.63 62.51
N LYS M 13 -53.73 -16.43 62.78
CA LYS M 13 -53.92 -17.87 62.66
C LYS M 13 -54.73 -18.41 63.84
N ALA M 14 -54.54 -17.85 65.02
CA ALA M 14 -55.25 -18.32 66.19
C ALA M 14 -56.75 -18.06 66.07
N GLU M 15 -57.10 -16.98 65.37
CA GLU M 15 -58.51 -16.75 65.06
C GLU M 15 -59.07 -17.90 64.24
N SER M 16 -58.29 -18.42 63.30
CA SER M 16 -58.68 -19.57 62.51
C SER M 16 -58.76 -20.81 63.38
N ALA M 17 -42.62 -14.35 88.92
CA ALA M 17 -41.20 -14.09 88.70
C ALA M 17 -40.96 -12.63 88.42
N GLN M 18 -39.93 -12.33 87.63
CA GLN M 18 -39.64 -10.95 87.28
C GLN M 18 -40.60 -10.46 86.21
N LYS M 19 -41.26 -9.33 86.48
CA LYS M 19 -42.21 -8.74 85.54
C LYS M 19 -41.66 -7.40 85.08
N GLY M 20 -41.50 -7.27 83.76
CA GLY M 20 -41.03 -6.03 83.18
C GLY M 20 -41.82 -5.69 81.93
N ILE M 21 -41.66 -4.46 81.47
CA ILE M 21 -42.37 -4.02 80.27
C ILE M 21 -41.87 -4.81 79.07
N CYS M 22 -42.80 -5.28 78.26
CA CYS M 22 -42.47 -6.10 77.09
C CYS M 22 -42.11 -5.23 75.90
N LEU M 23 -41.06 -5.63 75.18
CA LEU M 23 -40.70 -4.95 73.95
C LEU M 23 -41.83 -5.01 72.94
N VAL M 24 -42.33 -6.20 72.66
CA VAL M 24 -43.30 -6.34 71.59
C VAL M 24 -44.67 -5.87 72.05
N THR M 25 -45.24 -6.54 73.05
CA THR M 25 -46.60 -6.21 73.46
C THR M 25 -46.67 -4.81 74.04
N GLY M 26 -45.60 -4.37 74.71
CA GLY M 26 -45.62 -3.09 75.37
C GLY M 26 -46.22 -3.08 76.76
N LYS M 27 -46.44 -4.25 77.35
CA LYS M 27 -47.06 -4.37 78.66
C LYS M 27 -46.11 -5.03 79.63
N ALA M 28 -46.47 -5.00 80.91
CA ALA M 28 -45.71 -5.71 81.92
C ALA M 28 -46.00 -7.20 81.85
N ALA M 29 -44.96 -8.01 81.91
CA ALA M 29 -45.07 -9.44 81.70
C ALA M 29 -43.79 -10.15 82.13
N PRO M 30 -43.81 -11.47 82.28
CA PRO M 30 -42.58 -12.21 82.54
C PRO M 30 -41.58 -12.07 81.40
N ILE M 31 -40.30 -12.11 81.74
CA ILE M 31 -39.23 -12.06 80.76
C ILE M 31 -38.66 -13.46 80.61
N ALA M 32 -38.11 -13.78 79.44
CA ALA M 32 -37.63 -15.12 79.13
C ALA M 32 -36.12 -15.16 79.25
N ARG M 33 -35.62 -16.11 80.04
CA ARG M 33 -34.18 -16.27 80.17
C ARG M 33 -33.55 -16.65 78.84
N LEU M 34 -34.16 -17.57 78.11
CA LEU M 34 -33.67 -17.98 76.80
C LEU M 34 -34.81 -17.96 75.80
N HIS M 35 -34.58 -17.29 74.67
CA HIS M 35 -35.54 -17.33 73.58
C HIS M 35 -35.58 -18.73 72.98
N ASN M 36 -36.79 -19.19 72.66
CA ASN M 36 -36.93 -20.51 72.08
C ASN M 36 -36.29 -20.56 70.70
N ALA M 37 -35.59 -21.67 70.42
CA ALA M 37 -34.83 -21.78 69.20
C ALA M 37 -35.73 -22.07 68.01
N VAL M 38 -35.18 -21.85 66.82
CA VAL M 38 -35.85 -22.17 65.56
C VAL M 38 -34.89 -22.96 64.71
N LYS M 39 -35.44 -23.69 63.74
CA LYS M 39 -34.71 -24.78 63.10
C LYS M 39 -34.46 -24.61 61.61
N GLY M 40 -35.32 -23.93 60.88
CA GLY M 40 -35.36 -24.10 59.43
C GLY M 40 -34.09 -23.66 58.72
N VAL M 41 -33.65 -22.43 58.97
CA VAL M 41 -32.62 -21.83 58.13
C VAL M 41 -31.28 -22.53 58.32
N ASN M 42 -30.86 -22.74 59.56
CA ASN M 42 -29.55 -23.30 59.84
C ASN M 42 -29.64 -24.81 60.01
N ALA M 43 -28.49 -25.47 59.91
CA ALA M 43 -28.45 -26.92 60.01
C ALA M 43 -28.91 -27.39 61.38
N LYS M 44 -28.31 -26.86 62.43
CA LYS M 44 -28.87 -27.24 63.71
C LYS M 44 -29.84 -26.16 64.18
N PRO M 45 -30.87 -26.52 64.94
CA PRO M 45 -31.80 -25.50 65.43
C PRO M 45 -31.06 -24.45 66.24
N ALA M 46 -31.42 -23.19 66.02
CA ALA M 46 -30.70 -22.11 66.66
C ALA M 46 -31.66 -21.11 67.27
N PRO M 47 -31.27 -20.46 68.35
CA PRO M 47 -32.09 -19.37 68.89
C PRO M 47 -32.07 -18.19 67.93
N PHE M 48 -33.17 -17.43 67.95
CA PHE M 48 -33.25 -16.27 67.05
C PHE M 48 -32.32 -15.16 67.50
N ALA M 49 -32.14 -15.02 68.81
CA ALA M 49 -31.26 -13.99 69.33
C ALA M 49 -30.90 -14.31 70.77
N SER M 50 -29.61 -14.43 71.04
CA SER M 50 -29.14 -14.76 72.38
C SER M 50 -27.70 -14.32 72.54
N VAL M 51 -27.46 -13.42 73.50
CA VAL M 51 -26.11 -12.96 73.76
C VAL M 51 -25.42 -13.97 74.67
N ASN M 52 -24.63 -14.86 74.06
CA ASN M 52 -23.92 -15.85 74.86
C ASN M 52 -22.61 -15.29 75.39
N LEU M 53 -21.82 -14.67 74.51
CA LEU M 53 -20.48 -14.29 74.89
C LEU M 53 -20.51 -13.00 75.72
N SER M 54 -19.31 -12.50 76.07
CA SER M 54 -19.22 -11.45 77.07
C SER M 54 -19.47 -10.06 76.47
N ALA M 55 -18.64 -9.66 75.49
CA ALA M 55 -18.58 -8.25 75.12
C ALA M 55 -19.86 -7.75 74.51
N PHE M 56 -20.78 -8.64 74.18
CA PHE M 56 -22.04 -8.19 73.61
C PHE M 56 -23.00 -7.74 74.69
N GLU M 57 -22.60 -7.88 75.96
CA GLU M 57 -23.37 -7.31 77.05
C GLU M 57 -23.08 -5.82 77.18
N SER M 58 -24.12 -5.02 77.38
CA SER M 58 -23.98 -3.58 77.27
C SER M 58 -24.17 -2.85 78.59
N TYR M 59 -25.30 -3.03 79.27
CA TYR M 59 -25.66 -2.19 80.41
C TYR M 59 -25.85 -2.99 81.69
N GLY M 60 -24.91 -3.88 82.00
CA GLY M 60 -24.95 -4.66 83.21
C GLY M 60 -25.99 -5.77 83.19
N LYS M 61 -26.96 -5.71 82.31
CA LYS M 61 -27.89 -6.81 82.13
C LYS M 61 -27.13 -8.01 81.57
N GLU M 62 -27.23 -9.15 82.25
CA GLU M 62 -26.40 -10.29 81.91
C GLU M 62 -26.82 -10.91 80.58
N GLN M 63 -28.03 -11.45 80.54
CA GLN M 63 -28.45 -12.19 79.36
C GLN M 63 -29.97 -12.31 79.38
N GLY M 64 -30.55 -12.44 78.20
CA GLY M 64 -31.99 -12.57 78.12
C GLY M 64 -32.68 -11.27 78.44
N PHE M 65 -32.41 -10.73 79.63
CA PHE M 65 -32.96 -9.45 80.02
C PHE M 65 -32.44 -8.31 79.16
N ALA M 66 -31.32 -8.50 78.46
CA ALA M 66 -30.93 -7.54 77.44
C ALA M 66 -31.94 -7.55 76.30
N PHE M 67 -32.81 -8.57 76.26
CA PHE M 67 -33.80 -8.70 75.21
C PHE M 67 -35.18 -8.69 75.85
N PRO M 68 -35.61 -7.61 76.50
CA PRO M 68 -36.91 -7.65 77.18
C PRO M 68 -38.01 -8.03 76.20
N ILE M 69 -38.92 -8.87 76.66
CA ILE M 69 -39.88 -9.51 75.75
C ILE M 69 -40.99 -10.14 76.57
N GLY M 70 -42.21 -10.08 76.05
CA GLY M 70 -43.31 -10.81 76.65
C GLY M 70 -43.12 -12.30 76.47
N GLU M 71 -43.33 -13.06 77.55
CA GLU M 71 -43.19 -14.50 77.49
C GLU M 71 -44.14 -15.10 76.46
N GLN M 72 -45.41 -14.74 76.55
CA GLN M 72 -46.38 -15.17 75.55
C GLN M 72 -45.92 -14.77 74.16
N ALA M 73 -45.34 -13.58 74.04
CA ALA M 73 -44.82 -13.12 72.76
C ALA M 73 -43.69 -14.00 72.27
N MET M 74 -42.76 -14.35 73.16
CA MET M 74 -41.66 -15.22 72.75
C MET M 74 -42.20 -16.53 72.19
N PHE M 75 -43.06 -17.18 72.97
CA PHE M 75 -43.67 -18.43 72.52
C PHE M 75 -44.34 -18.26 71.16
N GLU M 76 -45.17 -17.22 71.04
CA GLU M 76 -45.95 -17.09 69.82
C GLU M 76 -45.06 -16.87 68.61
N TYR M 77 -44.03 -16.03 68.71
CA TYR M 77 -43.35 -15.73 67.45
C TYR M 77 -42.48 -16.91 67.08
N THR M 78 -41.95 -17.62 68.08
CA THR M 78 -41.25 -18.85 67.74
C THR M 78 -42.16 -19.78 66.96
N THR M 79 -43.39 -19.98 67.45
CA THR M 79 -44.30 -20.88 66.76
C THR M 79 -44.62 -20.38 65.36
N ALA M 80 -44.88 -19.09 65.22
CA ALA M 80 -45.29 -18.55 63.93
C ALA M 80 -44.17 -18.67 62.91
N LEU M 81 -42.95 -18.32 63.30
CA LEU M 81 -41.82 -18.46 62.39
C LEU M 81 -41.63 -19.93 62.02
N ASN M 82 -41.72 -20.83 62.99
CA ASN M 82 -41.52 -22.24 62.67
C ASN M 82 -42.56 -22.72 61.67
N THR M 83 -43.81 -22.33 61.87
CA THR M 83 -44.87 -22.75 60.94
C THR M 83 -44.62 -22.17 59.55
N LEU M 84 -44.40 -20.86 59.46
CA LEU M 84 -44.29 -20.23 58.15
C LEU M 84 -43.10 -20.75 57.38
N LEU M 85 -41.95 -20.89 58.05
CA LEU M 85 -40.80 -21.47 57.36
C LEU M 85 -41.09 -22.92 57.01
N ALA M 86 -41.81 -23.62 57.88
CA ALA M 86 -42.16 -25.02 57.61
C ALA M 86 -43.02 -25.14 56.36
N GLY M 87 -43.70 -24.06 55.99
CA GLY M 87 -44.53 -24.10 54.80
C GLY M 87 -43.70 -24.30 53.54
N GLU M 88 -44.41 -24.51 52.44
CA GLU M 88 -43.78 -24.69 51.14
C GLU M 88 -43.60 -23.38 50.38
N ASN M 89 -44.04 -22.26 50.97
CA ASN M 89 -44.05 -21.01 50.21
C ASN M 89 -42.66 -20.38 50.13
N ARG M 90 -41.72 -20.87 50.91
CA ARG M 90 -40.37 -20.33 50.84
C ARG M 90 -39.70 -20.69 49.52
N PHE M 91 -38.82 -19.83 49.05
CA PHE M 91 -37.92 -20.14 47.95
C PHE M 91 -36.52 -19.69 48.31
N ARG M 92 -35.56 -20.57 48.15
CA ARG M 92 -34.16 -20.25 48.42
C ARG M 92 -33.55 -19.70 47.14
N ILE M 93 -32.58 -18.82 47.30
CA ILE M 93 -31.80 -18.30 46.19
C ILE M 93 -30.35 -18.29 46.65
N GLY M 94 -29.61 -19.35 46.36
CA GLY M 94 -28.28 -19.41 46.94
C GLY M 94 -28.39 -19.56 48.44
N ASP M 95 -28.12 -18.46 49.16
CA ASP M 95 -28.11 -18.55 50.61
C ASP M 95 -29.45 -18.13 51.22
N VAL M 96 -30.01 -17.01 50.78
CA VAL M 96 -31.14 -16.42 51.49
C VAL M 96 -32.38 -17.29 51.38
N THR M 97 -33.38 -16.97 52.19
CA THR M 97 -34.71 -17.55 52.11
C THR M 97 -35.72 -16.43 52.26
N THR M 98 -36.97 -16.71 51.93
CA THR M 98 -37.99 -15.67 51.90
C THR M 98 -39.26 -16.11 52.62
N VAL M 99 -39.30 -15.94 53.93
CA VAL M 99 -40.57 -16.13 54.63
C VAL M 99 -41.41 -14.88 54.44
N CYS M 100 -42.39 -14.94 53.56
CA CYS M 100 -43.16 -13.76 53.21
C CYS M 100 -44.63 -14.01 53.41
N TRP M 101 -45.32 -13.02 53.94
CA TRP M 101 -46.73 -13.15 54.26
C TRP M 101 -47.40 -11.79 54.23
N GLY M 102 -48.73 -11.81 54.15
CA GLY M 102 -49.52 -10.61 54.22
C GLY M 102 -50.15 -10.48 55.59
N ALA M 103 -50.59 -9.27 55.92
CA ALA M 103 -51.27 -9.05 57.18
C ALA M 103 -52.58 -9.80 57.23
N LYS M 104 -53.34 -9.75 56.15
CA LYS M 104 -54.58 -10.50 56.08
C LYS M 104 -54.38 -11.78 55.28
N ARG M 105 -55.48 -12.48 55.02
CA ARG M 105 -55.42 -13.69 54.22
C ARG M 105 -55.65 -13.31 52.76
N THR M 106 -54.54 -13.14 52.04
CA THR M 106 -54.59 -12.77 50.63
C THR M 106 -54.09 -13.91 49.75
N PRO M 107 -54.98 -14.72 49.18
CA PRO M 107 -54.56 -15.90 48.42
C PRO M 107 -54.05 -15.52 47.03
N LEU M 108 -53.24 -14.48 46.96
CA LEU M 108 -52.76 -14.04 45.66
C LEU M 108 -51.25 -14.16 45.60
N GLU M 109 -50.56 -13.47 46.51
CA GLU M 109 -49.10 -13.58 46.56
C GLU M 109 -48.69 -14.62 47.59
N GLU M 110 -49.42 -14.67 48.71
CA GLU M 110 -49.21 -15.74 49.68
C GLU M 110 -49.24 -17.09 48.99
N SER M 111 -50.16 -17.27 48.04
CA SER M 111 -50.19 -18.48 47.24
C SER M 111 -49.06 -18.51 46.22
N LEU M 112 -48.85 -17.41 45.51
CA LEU M 112 -48.12 -17.46 44.26
C LEU M 112 -46.79 -16.71 44.27
N ALA M 113 -46.63 -15.68 45.09
CA ALA M 113 -45.40 -14.87 45.04
C ALA M 113 -44.18 -15.73 45.30
N SER M 114 -44.38 -16.90 45.90
CA SER M 114 -43.36 -17.93 45.88
C SER M 114 -42.96 -18.28 44.46
N MET M 115 -43.94 -18.62 43.63
CA MET M 115 -43.64 -19.20 42.33
C MET M 115 -43.15 -18.16 41.34
N ILE M 116 -43.75 -16.97 41.35
CA ILE M 116 -43.68 -16.08 40.20
C ILE M 116 -42.23 -15.80 39.81
N ASN M 117 -41.40 -15.44 40.76
CA ASN M 117 -39.97 -15.45 40.56
C ASN M 117 -39.41 -16.68 41.24
N GLY M 118 -38.34 -17.24 40.69
CA GLY M 118 -37.96 -18.57 41.13
C GLY M 118 -39.15 -19.48 40.92
N GLY M 119 -39.43 -20.30 41.92
CA GLY M 119 -40.68 -21.05 41.93
C GLY M 119 -40.92 -21.86 40.68
N GLY M 120 -39.85 -22.39 40.08
CA GLY M 120 -39.99 -23.19 38.88
C GLY M 120 -39.91 -24.68 39.15
N LYS M 121 -38.93 -25.08 39.97
CA LYS M 121 -38.68 -26.43 40.45
C LYS M 121 -38.13 -27.33 39.35
N ASP M 122 -38.14 -26.87 38.10
CA ASP M 122 -37.48 -27.51 36.95
C ASP M 122 -38.15 -28.82 36.54
N LYS M 123 -39.06 -29.35 37.35
CA LYS M 123 -39.87 -30.47 36.89
C LYS M 123 -41.12 -30.04 36.13
N PRO M 124 -41.94 -29.09 36.60
CA PRO M 124 -43.14 -28.75 35.82
C PRO M 124 -42.83 -27.90 34.61
N ASP M 125 -41.98 -26.88 34.78
CA ASP M 125 -41.73 -25.87 33.76
C ASP M 125 -43.03 -25.19 33.34
N GLU M 126 -43.94 -25.00 34.28
CA GLU M 126 -45.23 -24.38 33.99
C GLU M 126 -45.51 -23.21 34.91
N HIS M 127 -45.02 -23.29 36.14
CA HIS M 127 -45.35 -22.27 37.13
C HIS M 127 -44.82 -20.90 36.71
N ILE M 128 -43.56 -20.85 36.29
CA ILE M 128 -43.02 -19.59 35.78
C ILE M 128 -43.91 -19.04 34.68
N ASP M 129 -44.62 -19.93 33.99
CA ASP M 129 -45.56 -19.54 32.96
C ASP M 129 -46.97 -19.42 33.48
N ALA M 130 -47.17 -19.44 34.80
CA ALA M 130 -48.42 -18.97 35.37
C ALA M 130 -48.41 -17.47 35.63
N VAL M 131 -47.28 -16.81 35.38
CA VAL M 131 -47.17 -15.37 35.57
C VAL M 131 -48.16 -14.61 34.72
N LYS M 132 -48.60 -15.21 33.61
CA LYS M 132 -49.59 -14.55 32.77
C LYS M 132 -50.83 -14.20 33.57
N THR M 133 -51.11 -14.97 34.62
CA THR M 133 -52.17 -14.61 35.54
C THR M 133 -51.99 -13.20 36.08
N LEU M 134 -50.75 -12.77 36.24
CA LEU M 134 -50.51 -11.44 36.81
C LEU M 134 -50.79 -10.34 35.80
N TYR M 135 -50.34 -10.50 34.55
CA TYR M 135 -50.66 -9.50 33.54
C TYR M 135 -52.15 -9.33 33.36
N LYS M 136 -52.90 -10.43 33.31
CA LYS M 136 -54.34 -10.29 33.09
C LYS M 136 -54.99 -9.57 34.26
N SER M 137 -54.34 -9.58 35.43
CA SER M 137 -54.89 -8.94 36.60
C SER M 137 -54.76 -7.42 36.59
N LEU M 138 -53.63 -6.89 36.13
CA LEU M 138 -53.38 -5.46 36.22
C LEU M 138 -54.43 -4.63 35.49
N TYR M 139 -54.67 -4.96 34.22
CA TYR M 139 -55.76 -4.45 33.39
C TYR M 139 -55.48 -3.02 32.94
N ASN M 140 -54.70 -2.22 33.67
CA ASN M 140 -54.04 -1.01 33.16
C ASN M 140 -52.89 -0.68 34.10
N GLY M 141 -51.71 -1.24 33.85
CA GLY M 141 -50.50 -0.79 34.52
C GLY M 141 -50.59 -0.65 36.03
N GLN M 142 -51.69 -1.06 36.65
CA GLN M 142 -51.95 -0.81 38.06
C GLN M 142 -52.92 -1.85 38.59
N TYR M 143 -52.61 -2.40 39.76
CA TYR M 143 -53.51 -3.34 40.41
C TYR M 143 -54.82 -2.67 40.76
N GLN M 144 -55.92 -3.39 40.56
CA GLN M 144 -57.26 -2.81 40.67
C GLN M 144 -58.16 -3.53 41.67
N LYS M 145 -57.79 -4.73 42.09
CA LYS M 145 -58.64 -5.48 43.00
C LYS M 145 -58.63 -4.83 44.39
N PRO M 146 -59.68 -5.00 45.20
CA PRO M 146 -59.78 -4.23 46.44
C PRO M 146 -58.64 -4.45 47.41
N ASP M 147 -58.02 -5.62 47.42
CA ASP M 147 -57.03 -5.97 48.43
C ASP M 147 -55.63 -5.50 48.09
N GLY M 148 -55.47 -4.70 47.02
CA GLY M 148 -54.16 -4.15 46.73
C GLY M 148 -53.62 -3.31 47.87
N LYS M 149 -54.52 -2.73 48.67
CA LYS M 149 -54.10 -1.89 49.80
C LYS M 149 -53.43 -2.71 50.88
N GLU M 150 -53.82 -3.97 51.02
CA GLU M 150 -53.28 -4.80 52.09
C GLU M 150 -51.77 -4.93 51.97
N LYS M 151 -51.10 -4.86 53.10
CA LYS M 151 -49.65 -4.78 53.14
C LYS M 151 -49.03 -6.17 53.14
N PHE M 152 -47.72 -6.20 52.98
CA PHE M 152 -46.97 -7.45 52.90
C PHE M 152 -45.61 -7.19 53.53
N TYR M 153 -44.77 -8.22 53.63
CA TYR M 153 -43.56 -8.00 54.42
C TYR M 153 -42.24 -8.45 53.79
N LEU M 154 -42.21 -9.51 52.99
CA LEU M 154 -40.99 -9.87 52.25
C LEU M 154 -39.76 -9.97 53.14
N LEU M 155 -39.90 -10.56 54.32
CA LEU M 155 -38.77 -10.72 55.21
C LEU M 155 -37.69 -11.58 54.58
N GLY M 156 -36.43 -11.23 54.82
CA GLY M 156 -35.31 -12.06 54.41
C GLY M 156 -34.65 -12.71 55.60
N LEU M 157 -33.72 -13.62 55.33
CA LEU M 157 -32.93 -14.31 56.34
C LEU M 157 -31.64 -14.82 55.70
N SER M 158 -30.79 -15.39 56.54
CA SER M 158 -29.54 -15.99 56.09
C SER M 158 -28.90 -16.70 57.26
N PRO M 159 -28.24 -17.82 57.03
CA PRO M 159 -27.64 -18.57 58.13
C PRO M 159 -26.20 -18.18 58.42
N ASN M 160 -25.91 -17.87 59.68
CA ASN M 160 -24.53 -17.82 60.16
C ASN M 160 -24.30 -18.99 61.11
N SER M 161 -23.09 -19.04 61.69
CA SER M 161 -22.64 -20.24 62.37
C SER M 161 -23.66 -20.73 63.39
N ALA M 162 -24.12 -19.84 64.25
CA ALA M 162 -25.19 -20.20 65.17
C ALA M 162 -26.19 -19.06 65.36
N ARG M 163 -26.10 -18.00 64.56
CA ARG M 163 -26.99 -16.85 64.68
C ARG M 163 -27.59 -16.53 63.33
N ILE M 164 -28.74 -15.89 63.35
CA ILE M 164 -29.54 -15.67 62.15
C ILE M 164 -29.29 -14.25 61.66
N VAL M 165 -28.37 -14.11 60.69
CA VAL M 165 -28.22 -12.83 60.01
C VAL M 165 -29.53 -12.50 59.31
N VAL M 166 -29.85 -11.22 59.22
CA VAL M 166 -31.03 -10.76 58.50
C VAL M 166 -30.59 -9.77 57.43
N ARG M 167 -31.17 -9.88 56.24
CA ARG M 167 -30.69 -9.15 55.07
C ARG M 167 -31.61 -8.01 54.65
N PHE M 168 -32.88 -8.28 54.39
CA PHE M 168 -33.75 -7.20 53.97
C PHE M 168 -35.11 -7.35 54.60
N TRP M 169 -35.81 -6.24 54.70
CA TRP M 169 -37.09 -6.18 55.39
C TRP M 169 -37.85 -4.95 54.91
N HIS M 170 -38.91 -5.15 54.11
CA HIS M 170 -39.62 -4.04 53.49
C HIS M 170 -41.12 -4.27 53.60
N GLU M 171 -41.83 -3.28 54.09
CA GLU M 171 -43.27 -3.36 54.27
C GLU M 171 -43.96 -2.70 53.09
N THR M 172 -44.68 -3.48 52.29
CA THR M 172 -45.32 -2.95 51.10
C THR M 172 -46.73 -3.51 50.99
N THR M 173 -47.60 -2.74 50.32
CA THR M 173 -48.95 -3.21 50.05
C THR M 173 -48.95 -4.14 48.85
N VAL M 174 -50.08 -4.81 48.63
CA VAL M 174 -50.20 -5.75 47.52
C VAL M 174 -49.97 -5.05 46.20
N ALA M 175 -50.61 -3.90 46.02
CA ALA M 175 -50.53 -3.21 44.74
C ALA M 175 -49.10 -2.83 44.40
N ALA M 176 -48.35 -2.33 45.38
CA ALA M 176 -46.98 -1.90 45.12
C ALA M 176 -46.14 -3.08 44.65
N LEU M 177 -46.28 -4.22 45.33
CA LEU M 177 -45.51 -5.38 44.91
C LEU M 177 -45.89 -5.81 43.50
N SER M 178 -47.18 -5.88 43.21
CA SER M 178 -47.59 -6.37 41.89
C SER M 178 -47.05 -5.46 40.79
N GLU M 179 -47.17 -4.14 40.99
CA GLU M 179 -46.70 -3.22 39.96
C GLU M 179 -45.19 -3.31 39.81
N SER M 180 -44.46 -3.44 40.92
CA SER M 180 -43.03 -3.57 40.81
C SER M 180 -42.66 -4.81 40.01
N ILE M 181 -43.34 -5.92 40.25
CA ILE M 181 -43.07 -7.13 39.49
C ILE M 181 -43.34 -6.91 38.01
N ALA M 182 -44.45 -6.25 37.71
CA ALA M 182 -44.81 -6.03 36.32
C ALA M 182 -43.75 -5.19 35.63
N ALA M 183 -43.30 -4.12 36.27
CA ALA M 183 -42.26 -3.30 35.68
C ALA M 183 -40.98 -4.09 35.50
N TRP M 184 -40.66 -4.95 36.48
CA TRP M 184 -39.46 -5.77 36.37
C TRP M 184 -39.50 -6.65 35.13
N TYR M 185 -40.58 -7.42 34.98
CA TYR M 185 -40.62 -8.33 33.84
C TYR M 185 -40.73 -7.59 32.53
N ASP M 186 -41.31 -6.38 32.55
CA ASP M 186 -41.29 -5.54 31.36
C ASP M 186 -39.86 -5.14 31.01
N ASP M 187 -39.07 -4.79 32.01
CA ASP M 187 -37.69 -4.39 31.73
C ASP M 187 -36.87 -5.57 31.25
N LEU M 188 -37.28 -6.79 31.59
CA LEU M 188 -36.49 -7.94 31.16
C LEU M 188 -36.67 -8.25 29.67
N GLN M 189 -37.82 -7.95 29.09
CA GLN M 189 -38.15 -8.47 27.76
C GLN M 189 -37.12 -8.04 26.73
N MET M 190 -36.60 -9.04 26.01
CA MET M 190 -35.71 -8.78 24.88
C MET M 190 -35.94 -9.87 23.85
N VAL M 191 -35.57 -9.56 22.59
CA VAL M 191 -35.93 -10.42 21.47
C VAL M 191 -35.38 -11.82 21.65
N ARG M 192 -36.25 -12.80 21.46
CA ARG M 192 -35.85 -14.19 21.56
C ARG M 192 -35.22 -14.66 20.26
N GLY M 193 -34.35 -15.65 20.38
CA GLY M 193 -33.79 -16.27 19.19
C GLY M 193 -34.83 -17.05 18.42
N GLU M 194 -34.55 -17.28 17.14
CA GLU M 194 -35.49 -18.00 16.30
C GLU M 194 -35.58 -19.46 16.75
N ASN M 195 -36.75 -19.83 17.28
CA ASN M 195 -36.97 -21.16 17.82
C ASN M 195 -35.93 -21.52 18.87
N SER M 196 -35.46 -20.51 19.60
CA SER M 196 -34.45 -20.75 20.61
C SER M 196 -35.08 -21.50 21.80
N PRO M 197 -34.31 -22.35 22.47
CA PRO M 197 -34.88 -23.10 23.60
C PRO M 197 -35.35 -22.22 24.75
N TYR M 198 -34.72 -21.07 24.96
CA TYR M 198 -35.01 -20.26 26.13
C TYR M 198 -36.43 -19.73 26.07
N PRO M 199 -37.20 -19.82 27.15
CA PRO M 199 -38.57 -19.33 27.12
C PRO M 199 -38.61 -17.81 27.13
N GLU M 200 -39.83 -17.28 27.14
CA GLU M 200 -40.00 -15.83 27.11
C GLU M 200 -39.58 -15.21 28.43
N TYR M 201 -39.94 -15.84 29.54
CA TYR M 201 -39.71 -15.29 30.86
C TYR M 201 -38.73 -16.19 31.61
N MET M 202 -37.79 -15.59 32.28
CA MET M 202 -36.81 -16.42 32.95
C MET M 202 -37.00 -16.32 34.46
N PRO M 203 -37.04 -17.45 35.16
CA PRO M 203 -37.09 -17.40 36.61
C PRO M 203 -35.79 -16.85 37.18
N LEU M 204 -35.91 -16.30 38.37
CA LEU M 204 -34.80 -15.57 38.98
C LEU M 204 -33.54 -16.41 39.17
N PRO M 205 -33.59 -17.62 39.73
CA PRO M 205 -32.34 -18.34 40.00
C PRO M 205 -31.50 -18.58 38.78
N ARG M 206 -32.12 -18.91 37.64
CA ARG M 206 -31.32 -19.10 36.44
C ARG M 206 -30.63 -17.80 36.04
N LEU M 207 -31.36 -16.69 36.11
CA LEU M 207 -30.77 -15.39 35.83
C LEU M 207 -29.53 -15.19 36.67
N LEU M 208 -29.66 -15.37 37.98
CA LEU M 208 -28.51 -15.12 38.84
C LEU M 208 -27.37 -16.08 38.52
N GLY M 209 -27.70 -17.36 38.30
CA GLY M 209 -26.67 -18.32 37.96
C GLY M 209 -25.90 -17.92 36.73
N ASN M 210 -26.53 -17.16 35.84
CA ASN M 210 -25.79 -16.64 34.70
C ASN M 210 -24.61 -15.79 35.12
N LEU M 211 -24.67 -15.19 36.31
CA LEU M 211 -23.68 -14.20 36.72
C LEU M 211 -22.39 -14.79 37.25
N VAL M 212 -22.30 -16.10 37.44
CA VAL M 212 -21.11 -16.71 38.01
C VAL M 212 -21.04 -18.15 37.52
N LEU M 213 -19.87 -18.77 37.67
CA LEU M 213 -19.61 -20.09 37.11
C LEU M 213 -20.37 -21.15 37.91
N ASP M 214 -21.70 -21.07 37.79
CA ASP M 214 -22.58 -22.20 38.07
C ASP M 214 -22.66 -22.52 39.56
N GLY M 215 -22.07 -21.67 40.40
CA GLY M 215 -22.08 -21.98 41.81
C GLY M 215 -22.76 -20.92 42.65
N LYS M 216 -23.93 -21.27 43.20
CA LYS M 216 -24.68 -20.29 43.96
C LYS M 216 -24.03 -20.02 45.31
N MET M 217 -23.29 -20.99 45.84
CA MET M 217 -22.49 -20.70 47.02
C MET M 217 -21.37 -19.73 46.67
N GLU M 218 -20.80 -19.89 45.47
CA GLU M 218 -19.70 -19.03 45.05
C GLU M 218 -20.17 -17.60 44.83
N ASN M 219 -21.49 -17.42 44.71
CA ASN M 219 -22.07 -16.12 44.44
C ASN M 219 -21.85 -15.15 45.59
N LEU M 220 -21.61 -13.89 45.26
CA LEU M 220 -21.47 -12.85 46.26
C LEU M 220 -22.83 -12.68 46.93
N PRO M 221 -23.01 -13.17 48.13
CA PRO M 221 -24.37 -13.39 48.64
C PRO M 221 -25.17 -12.11 48.87
N SER M 222 -24.67 -11.20 49.70
CA SER M 222 -25.53 -10.12 50.15
C SER M 222 -25.77 -9.10 49.06
N ASP M 223 -24.72 -8.41 48.63
CA ASP M 223 -24.89 -7.25 47.76
C ASP M 223 -25.52 -7.63 46.43
N LEU M 224 -25.07 -8.72 45.82
CA LEU M 224 -25.66 -9.12 44.56
C LEU M 224 -27.11 -9.52 44.73
N ILE M 225 -27.39 -10.42 45.66
CA ILE M 225 -28.72 -11.02 45.71
C ILE M 225 -29.72 -10.14 46.43
N ALA M 226 -29.39 -9.71 47.66
CA ALA M 226 -30.36 -8.94 48.42
C ALA M 226 -30.75 -7.67 47.68
N GLN M 227 -29.76 -6.95 47.15
CA GLN M 227 -30.06 -5.69 46.46
C GLN M 227 -30.89 -5.91 45.22
N ILE M 228 -30.55 -6.93 44.42
CA ILE M 228 -31.27 -7.17 43.18
C ILE M 228 -32.72 -7.54 43.45
N THR M 229 -32.95 -8.47 44.37
CA THR M 229 -34.32 -8.84 44.70
C THR M 229 -35.08 -7.66 45.25
N ASP M 230 -34.42 -6.85 46.09
CA ASP M 230 -35.10 -5.68 46.65
C ASP M 230 -35.51 -4.71 45.55
N ALA M 231 -34.62 -4.45 44.61
CA ALA M 231 -34.94 -3.53 43.52
C ALA M 231 -36.07 -4.07 42.66
N ALA M 232 -36.03 -5.36 42.35
CA ALA M 232 -37.08 -5.93 41.52
C ALA M 232 -38.41 -5.90 42.24
N LEU M 233 -38.45 -6.37 43.48
CA LEU M 233 -39.71 -6.47 44.20
C LEU M 233 -40.25 -5.11 44.59
N ASN M 234 -39.40 -4.08 44.63
CA ASN M 234 -39.80 -2.76 45.09
C ASN M 234 -39.56 -1.68 44.06
N ASN M 235 -39.24 -2.04 42.83
CA ASN M 235 -39.10 -1.08 41.74
C ASN M 235 -38.03 -0.03 42.04
N ARG M 236 -36.79 -0.48 42.13
CA ARG M 236 -35.68 0.43 42.37
C ARG M 236 -34.62 0.27 41.29
N VAL M 237 -33.73 1.25 41.25
CA VAL M 237 -32.57 1.17 40.37
C VAL M 237 -31.68 0.02 40.80
N LEU M 238 -30.90 -0.50 39.87
CA LEU M 238 -29.97 -1.57 40.17
C LEU M 238 -28.60 -1.01 40.49
N PRO M 239 -27.78 -1.76 41.22
CA PRO M 239 -26.48 -1.24 41.63
C PRO M 239 -25.41 -1.43 40.56
N VAL M 240 -24.35 -0.64 40.71
CA VAL M 240 -23.22 -0.68 39.79
C VAL M 240 -22.50 -2.01 39.85
N SER M 241 -22.45 -2.63 41.02
CA SER M 241 -21.78 -3.91 41.14
C SER M 241 -22.35 -4.92 40.17
N LEU M 242 -23.65 -4.84 39.90
CA LEU M 242 -24.25 -5.71 38.90
C LEU M 242 -23.57 -5.55 37.55
N LEU M 243 -23.47 -4.31 37.08
CA LEU M 243 -22.83 -4.06 35.80
C LEU M 243 -21.39 -4.53 35.80
N GLN M 244 -20.67 -4.25 36.88
CA GLN M 244 -19.27 -4.65 36.93
C GLN M 244 -19.13 -6.16 36.85
N ALA M 245 -19.94 -6.89 37.62
CA ALA M 245 -19.85 -8.34 37.64
C ALA M 245 -20.21 -8.91 36.28
N ALA M 246 -21.28 -8.42 35.66
CA ALA M 246 -21.65 -8.92 34.35
C ALA M 246 -20.55 -8.69 33.34
N LEU M 247 -19.92 -7.50 33.39
CA LEU M 247 -18.83 -7.22 32.46
C LEU M 247 -17.67 -8.18 32.67
N ARG M 248 -17.30 -8.41 33.93
CA ARG M 248 -16.20 -9.35 34.19
C ARG M 248 -16.53 -10.71 33.63
N ARG M 249 -17.75 -11.18 33.86
CA ARG M 249 -18.11 -12.51 33.38
C ARG M 249 -18.09 -12.58 31.86
N ASN M 250 -18.56 -11.53 31.20
CA ASN M 250 -18.53 -11.52 29.75
C ASN M 250 -17.10 -11.57 29.24
N LYS M 251 -16.21 -10.80 29.86
CA LYS M 251 -14.81 -10.90 29.50
C LYS M 251 -14.27 -12.28 29.81
N ALA M 252 -14.88 -12.97 30.78
CA ALA M 252 -14.39 -14.29 31.16
C ALA M 252 -14.75 -15.33 30.12
N GLU M 253 -16.05 -15.56 29.92
CA GLU M 253 -16.49 -16.62 29.02
C GLU M 253 -16.42 -16.24 27.56
N GLN M 254 -16.11 -14.97 27.25
CA GLN M 254 -15.92 -14.53 25.88
C GLN M 254 -17.15 -14.82 25.03
N LYS M 255 -18.33 -14.71 25.63
CA LYS M 255 -19.55 -15.04 24.93
C LYS M 255 -20.72 -14.49 25.71
N ILE M 256 -21.80 -14.17 25.00
CA ILE M 256 -23.00 -13.61 25.59
C ILE M 256 -24.13 -14.61 25.46
N THR M 257 -24.78 -14.90 26.56
CA THR M 257 -25.90 -15.83 26.60
C THR M 257 -27.18 -15.05 26.79
N TYR M 258 -28.26 -15.54 26.21
CA TYR M 258 -29.56 -14.94 26.49
C TYR M 258 -29.84 -15.02 27.97
N GLY M 259 -30.20 -13.90 28.56
CA GLY M 259 -30.49 -13.83 29.97
C GLY M 259 -29.51 -12.92 30.68
N ARG M 260 -28.22 -13.09 30.38
CA ARG M 260 -27.26 -12.09 30.83
C ARG M 260 -27.58 -10.75 30.21
N ALA M 261 -27.73 -10.74 28.89
CA ALA M 261 -28.03 -9.51 28.20
C ALA M 261 -29.38 -8.95 28.65
N SER M 262 -30.31 -9.81 29.06
CA SER M 262 -31.58 -9.29 29.54
C SER M 262 -31.38 -8.43 30.79
N LEU M 263 -30.64 -8.96 31.77
CA LEU M 263 -30.36 -8.17 32.95
C LEU M 263 -29.62 -6.90 32.60
N LEU M 264 -28.62 -6.98 31.74
CA LEU M 264 -27.84 -5.80 31.44
C LEU M 264 -28.71 -4.73 30.80
N LYS M 265 -29.61 -5.13 29.90
CA LYS M 265 -30.52 -4.18 29.28
C LYS M 265 -31.43 -3.55 30.32
N ALA M 266 -31.97 -4.35 31.23
CA ALA M 266 -32.85 -3.79 32.24
C ALA M 266 -32.11 -2.78 33.10
N TYR M 267 -30.85 -3.08 33.44
CA TYR M 267 -30.04 -2.14 34.19
C TYR M 267 -29.84 -0.83 33.45
N ILE M 268 -29.43 -0.90 32.18
CA ILE M 268 -29.17 0.34 31.44
C ILE M 268 -30.43 1.18 31.37
N ASN M 269 -31.55 0.55 31.04
CA ASN M 269 -32.79 1.30 30.92
C ASN M 269 -33.17 1.95 32.24
N ARG M 270 -33.19 1.18 33.32
CA ARG M 270 -33.60 1.72 34.60
C ARG M 270 -32.65 2.82 35.05
N ALA M 271 -31.36 2.66 34.81
CA ALA M 271 -30.40 3.68 35.22
C ALA M 271 -30.64 4.99 34.50
N ILE M 272 -30.73 4.96 33.18
CA ILE M 272 -30.91 6.22 32.46
C ILE M 272 -32.26 6.83 32.80
N ARG M 273 -33.27 6.00 33.06
CA ARG M 273 -34.55 6.53 33.49
C ARG M 273 -34.42 7.24 34.84
N ALA M 274 -33.63 6.67 35.75
CA ALA M 274 -33.46 7.31 37.05
C ALA M 274 -32.66 8.59 36.93
N GLY M 275 -31.74 8.65 35.97
CA GLY M 275 -30.97 9.86 35.75
C GLY M 275 -29.52 9.79 36.16
N ARG M 276 -29.00 8.60 36.47
CA ARG M 276 -27.58 8.51 36.80
C ARG M 276 -26.72 8.56 35.55
N LEU M 277 -27.24 8.10 34.42
CA LEU M 277 -26.50 8.05 33.17
C LEU M 277 -26.98 9.15 32.24
N LYS M 278 -26.05 9.94 31.73
CA LYS M 278 -26.35 11.11 30.92
C LYS M 278 -26.17 10.81 29.44
N ASN M 279 -26.98 11.47 28.62
CA ASN M 279 -26.85 11.44 27.16
C ASN M 279 -27.06 10.03 26.61
N MET M 280 -28.22 9.46 26.90
CA MET M 280 -28.56 8.13 26.42
C MET M 280 -30.05 8.05 26.15
N LYS M 281 -30.43 7.04 25.37
CA LYS M 281 -31.84 6.75 25.12
C LYS M 281 -32.07 5.27 25.35
N GLU M 282 -33.26 4.96 25.85
CA GLU M 282 -33.56 3.59 26.24
C GLU M 282 -33.54 2.68 25.02
N LEU M 283 -33.39 1.39 25.28
CA LEU M 283 -33.26 0.38 24.23
C LEU M 283 -34.45 -0.55 24.31
N THR M 284 -34.97 -0.96 23.16
CA THR M 284 -36.03 -1.94 23.13
C THR M 284 -35.52 -3.27 22.57
N MET M 285 -36.42 -4.26 22.58
CA MET M 285 -36.02 -5.62 22.26
C MET M 285 -35.45 -5.73 20.85
N GLY M 286 -36.12 -5.13 19.87
CA GLY M 286 -35.71 -5.30 18.49
C GLY M 286 -34.42 -4.57 18.18
N LEU M 287 -33.89 -4.83 16.99
CA LEU M 287 -32.74 -4.10 16.51
C LEU M 287 -33.13 -2.67 16.20
N ASP M 288 -32.28 -1.72 16.58
CA ASP M 288 -32.45 -0.34 16.15
C ASP M 288 -31.58 -0.08 14.93
N ARG M 289 -32.19 0.46 13.87
CA ARG M 289 -31.43 0.69 12.64
C ARG M 289 -30.42 1.81 12.81
N ASN M 290 -30.78 2.86 13.53
CA ASN M 290 -29.94 4.04 13.66
C ASN M 290 -29.85 4.44 15.12
N ARG M 291 -28.63 4.47 15.66
CA ARG M 291 -28.44 4.91 17.03
C ARG M 291 -27.34 5.96 17.11
N GLN M 292 -26.30 5.78 16.31
CA GLN M 292 -25.11 6.63 16.23
C GLN M 292 -24.26 6.54 17.49
N ASP M 293 -24.65 5.79 18.50
CA ASP M 293 -23.80 5.57 19.65
C ASP M 293 -22.57 4.76 19.25
N ILE M 294 -21.43 5.11 19.81
CA ILE M 294 -20.21 4.40 19.45
C ILE M 294 -20.28 2.96 19.88
N GLY M 295 -20.92 2.70 21.03
CA GLY M 295 -20.98 1.33 21.53
C GLY M 295 -21.84 0.43 20.67
N TYR M 296 -23.05 0.88 20.35
CA TYR M 296 -24.02 0.04 19.68
C TYR M 296 -23.52 -0.39 18.30
N VAL M 297 -23.13 0.58 17.49
CA VAL M 297 -22.77 0.29 16.11
C VAL M 297 -21.54 -0.58 16.06
N LEU M 298 -20.62 -0.38 17.00
CA LEU M 298 -19.42 -1.18 17.01
C LEU M 298 -19.76 -2.63 17.32
N GLY M 299 -20.75 -2.85 18.18
CA GLY M 299 -21.22 -4.20 18.45
C GLY M 299 -21.86 -4.85 17.23
N ARG M 300 -22.67 -4.10 16.51
CA ARG M 300 -23.23 -4.66 15.27
C ARG M 300 -22.12 -5.03 14.30
N LEU M 301 -21.10 -4.18 14.21
CA LEU M 301 -19.95 -4.50 13.38
C LEU M 301 -19.32 -5.82 13.79
N PHE M 302 -19.12 -6.02 15.08
CA PHE M 302 -18.50 -7.26 15.54
C PHE M 302 -19.36 -8.46 15.18
N ALA M 303 -20.68 -8.34 15.36
CA ALA M 303 -21.56 -9.46 15.06
C ALA M 303 -21.51 -9.82 13.59
N VAL M 304 -21.55 -8.81 12.72
CA VAL M 304 -21.48 -9.09 11.27
C VAL M 304 -20.17 -9.75 10.93
N LEU M 305 -19.08 -9.29 11.52
CA LEU M 305 -17.79 -9.90 11.22
C LEU M 305 -17.77 -11.37 11.64
N GLU M 306 -18.30 -11.65 12.83
CA GLU M 306 -18.41 -13.04 13.26
C GLU M 306 -19.21 -13.86 12.26
N LYS M 307 -20.36 -13.35 11.84
CA LYS M 307 -21.23 -14.12 10.94
C LYS M 307 -20.54 -14.39 9.62
N ILE M 308 -19.86 -13.41 9.06
CA ILE M 308 -19.24 -13.63 7.76
C ILE M 308 -18.13 -14.66 7.88
N GLN M 309 -17.35 -14.60 8.96
CA GLN M 309 -16.33 -15.63 9.14
C GLN M 309 -16.98 -17.00 9.24
N ALA M 310 -18.09 -17.09 9.97
CA ALA M 310 -18.76 -18.38 10.15
C ALA M 310 -19.26 -18.93 8.82
N GLU M 311 -20.03 -18.14 8.08
CA GLU M 311 -20.61 -18.62 6.83
C GLU M 311 -19.53 -18.94 5.81
N ALA M 312 -18.39 -18.24 5.90
CA ALA M 312 -17.30 -18.52 4.97
C ALA M 312 -16.79 -19.95 5.13
N ASN M 313 -16.63 -20.41 6.38
CA ASN M 313 -16.15 -21.76 6.66
C ASN M 313 -17.13 -22.47 7.57
N PRO M 314 -17.96 -23.38 7.05
CA PRO M 314 -18.98 -24.01 7.90
C PRO M 314 -18.42 -24.80 9.07
N GLY M 315 -17.21 -25.34 8.96
CA GLY M 315 -16.59 -26.07 10.03
C GLY M 315 -15.77 -25.13 10.90
N LEU M 316 -16.20 -24.96 12.15
CA LEU M 316 -15.59 -23.99 13.06
C LEU M 316 -15.18 -24.69 14.35
N ASN M 317 -13.90 -25.04 14.45
CA ASN M 317 -13.39 -25.52 15.73
C ASN M 317 -13.34 -24.39 16.75
N ALA M 318 -13.07 -23.17 16.29
CA ALA M 318 -13.03 -22.00 17.16
C ALA M 318 -13.45 -20.78 16.36
N THR M 319 -13.83 -19.72 17.08
CA THR M 319 -14.25 -18.48 16.46
C THR M 319 -13.47 -17.31 17.06
N ILE M 320 -13.37 -16.24 16.27
CA ILE M 320 -12.65 -15.05 16.69
C ILE M 320 -13.25 -14.48 17.96
N ALA M 321 -14.58 -14.51 18.04
CA ALA M 321 -15.25 -13.99 19.23
C ALA M 321 -14.71 -14.66 20.48
N ASP M 322 -14.65 -15.98 20.48
CA ASP M 322 -14.16 -16.71 21.64
C ASP M 322 -12.77 -16.24 22.03
N ARG M 323 -11.91 -15.97 21.04
CA ARG M 323 -10.54 -15.58 21.34
C ARG M 323 -10.48 -14.22 22.00
N TYR M 324 -11.10 -13.20 21.39
CA TYR M 324 -10.79 -11.82 21.78
C TYR M 324 -12.01 -10.90 21.82
N PHE M 325 -13.18 -11.41 22.18
CA PHE M 325 -14.35 -10.56 22.32
C PHE M 325 -14.12 -9.46 23.37
N GLY M 326 -13.69 -9.85 24.56
CA GLY M 326 -13.48 -8.87 25.60
C GLY M 326 -12.39 -7.88 25.25
N SER M 327 -11.32 -8.36 24.61
CA SER M 327 -10.26 -7.46 24.21
C SER M 327 -10.77 -6.41 23.23
N ALA M 328 -11.59 -6.83 22.26
CA ALA M 328 -12.19 -5.86 21.36
C ALA M 328 -13.07 -4.89 22.14
N SER M 329 -13.81 -5.39 23.12
CA SER M 329 -14.64 -4.52 23.93
C SER M 329 -13.79 -3.53 24.73
N SER M 330 -12.52 -3.85 24.92
CA SER M 330 -11.68 -2.98 25.74
C SER M 330 -11.15 -1.81 24.93
N THR M 331 -10.33 -2.10 23.92
CA THR M 331 -9.58 -1.09 23.18
C THR M 331 -9.75 -1.35 21.69
N PRO M 332 -10.75 -0.73 21.08
CA PRO M 332 -11.05 -1.04 19.67
C PRO M 332 -9.86 -0.85 18.74
N ILE M 333 -9.09 0.22 18.92
CA ILE M 333 -8.05 0.55 17.95
C ILE M 333 -7.06 -0.60 17.82
N ALA M 334 -6.86 -1.35 18.91
CA ALA M 334 -5.93 -2.46 18.87
C ALA M 334 -6.40 -3.55 17.92
N VAL M 335 -7.71 -3.78 17.88
CA VAL M 335 -8.21 -5.02 17.27
C VAL M 335 -8.79 -4.75 15.89
N PHE M 336 -9.58 -3.69 15.76
CA PHE M 336 -10.43 -3.53 14.58
C PHE M 336 -9.61 -3.35 13.32
N GLY M 337 -8.46 -2.69 13.41
CA GLY M 337 -7.62 -2.55 12.23
C GLY M 337 -7.20 -3.90 11.68
N THR M 338 -6.71 -4.77 12.56
CA THR M 338 -6.36 -6.12 12.14
C THR M 338 -7.56 -6.85 11.58
N LEU M 339 -8.72 -6.70 12.22
CA LEU M 339 -9.89 -7.43 11.76
C LEU M 339 -10.28 -7.02 10.35
N MET M 340 -10.30 -5.72 10.09
CA MET M 340 -10.61 -5.23 8.76
C MET M 340 -9.55 -5.68 7.78
N ARG M 341 -8.31 -5.77 8.24
CA ARG M 341 -7.25 -6.32 7.38
C ARG M 341 -7.60 -7.73 6.95
N LEU M 342 -8.12 -8.53 7.89
CA LEU M 342 -8.38 -9.93 7.59
C LEU M 342 -9.72 -10.18 6.90
N LEU M 343 -10.62 -9.20 6.90
CA LEU M 343 -11.93 -9.41 6.29
C LEU M 343 -11.91 -9.88 4.83
N PRO M 344 -11.09 -9.31 3.93
CA PRO M 344 -11.25 -9.66 2.50
C PRO M 344 -11.10 -11.13 2.19
N HIS M 345 -10.32 -11.86 2.99
CA HIS M 345 -10.12 -13.28 2.71
C HIS M 345 -11.41 -14.05 2.98
N HIS M 346 -12.04 -13.80 4.13
CA HIS M 346 -13.37 -14.35 4.34
C HIS M 346 -14.30 -13.95 3.22
N LEU M 347 -14.22 -12.69 2.79
CA LEU M 347 -15.08 -12.22 1.70
C LEU M 347 -14.93 -13.09 0.48
N ASN M 348 -13.71 -13.33 0.03
CA ASN M 348 -13.51 -14.11 -1.17
C ASN M 348 -13.89 -15.57 -0.95
N LYS M 349 -13.75 -16.06 0.29
CA LYS M 349 -13.98 -17.48 0.52
C LYS M 349 -15.46 -17.83 0.41
N LEU M 350 -16.34 -16.84 0.45
CA LEU M 350 -17.77 -17.13 0.28
C LEU M 350 -18.04 -17.50 -1.17
N GLU M 351 -19.00 -18.42 -1.37
CA GLU M 351 -19.23 -18.95 -2.71
C GLU M 351 -20.43 -18.28 -3.38
N PHE M 352 -21.52 -18.08 -2.65
CA PHE M 352 -22.74 -17.53 -3.24
C PHE M 352 -22.60 -16.02 -3.34
N GLU M 353 -22.53 -15.54 -4.59
CA GLU M 353 -22.14 -14.16 -4.81
C GLU M 353 -23.19 -13.18 -4.29
N GLY M 354 -24.47 -13.53 -4.43
CA GLY M 354 -25.51 -12.69 -3.86
C GLY M 354 -25.37 -12.52 -2.37
N ARG M 355 -25.03 -13.62 -1.67
CA ARG M 355 -24.80 -13.55 -0.23
C ARG M 355 -23.67 -12.58 0.09
N ALA M 356 -22.57 -12.68 -0.65
CA ALA M 356 -21.43 -11.81 -0.41
C ALA M 356 -21.79 -10.35 -0.65
N VAL M 357 -22.52 -10.07 -1.73
CA VAL M 357 -22.90 -8.70 -2.02
C VAL M 357 -23.83 -8.17 -0.93
N GLN M 358 -24.74 -9.01 -0.46
CA GLN M 358 -25.63 -8.59 0.61
C GLN M 358 -24.85 -8.24 1.87
N LEU M 359 -23.89 -9.09 2.25
CA LEU M 359 -23.10 -8.77 3.42
C LEU M 359 -22.28 -7.51 3.21
N GLN M 360 -21.75 -7.33 2.00
CA GLN M 360 -20.98 -6.13 1.71
C GLN M 360 -21.82 -4.88 1.90
N TRP M 361 -23.04 -4.90 1.37
CA TRP M 361 -23.93 -3.76 1.53
C TRP M 361 -24.27 -3.55 3.00
N GLU M 362 -24.50 -4.62 3.75
CA GLU M 362 -24.83 -4.47 5.15
C GLU M 362 -23.70 -3.81 5.93
N ILE M 363 -22.47 -4.26 5.69
CA ILE M 363 -21.34 -3.70 6.42
C ILE M 363 -21.14 -2.25 6.02
N ARG M 364 -21.41 -1.92 4.75
CA ARG M 364 -21.40 -0.52 4.35
C ARG M 364 -22.43 0.26 5.13
N GLN M 365 -23.64 -0.30 5.29
CA GLN M 365 -24.69 0.42 6.00
C GLN M 365 -24.29 0.68 7.45
N ILE M 366 -23.71 -0.32 8.11
CA ILE M 366 -23.29 -0.14 9.49
C ILE M 366 -22.19 0.91 9.59
N LEU M 367 -21.14 0.78 8.77
CA LEU M 367 -19.93 1.55 9.03
C LEU M 367 -20.10 3.05 8.78
N GLU M 368 -21.19 3.47 8.15
CA GLU M 368 -21.30 4.87 7.80
C GLU M 368 -21.48 5.76 9.03
N HIS M 369 -22.08 5.22 10.10
CA HIS M 369 -22.38 6.05 11.27
C HIS M 369 -21.11 6.53 11.96
N CYS M 370 -20.17 5.63 12.21
CA CYS M 370 -18.97 5.99 12.94
C CYS M 370 -18.02 6.80 12.05
N GLN M 371 -17.04 7.42 12.70
CA GLN M 371 -15.98 8.14 12.00
C GLN M 371 -14.60 7.59 12.31
N ARG M 372 -14.27 7.49 13.59
CA ARG M 372 -12.93 7.15 14.06
C ARG M 372 -13.01 6.10 15.14
N PHE M 373 -11.94 5.34 15.30
CA PHE M 373 -11.92 4.24 16.24
C PHE M 373 -11.47 4.75 17.59
N PRO M 374 -12.32 4.68 18.61
CA PRO M 374 -11.91 5.18 19.93
C PRO M 374 -10.79 4.34 20.51
N ASN M 375 -9.94 5.01 21.28
CA ASN M 375 -8.80 4.34 21.90
C ASN M 375 -9.24 3.39 23.00
N HIS M 376 -10.30 3.73 23.72
CA HIS M 376 -10.79 2.87 24.80
C HIS M 376 -12.21 3.30 25.12
N LEU M 377 -12.81 2.58 26.06
CA LEU M 377 -14.20 2.79 26.43
C LEU M 377 -14.36 2.78 27.94
N ASN M 378 -15.31 3.56 28.43
CA ASN M 378 -15.78 3.32 29.78
C ASN M 378 -16.88 2.27 29.76
N LEU M 379 -17.36 1.92 30.95
CA LEU M 379 -18.09 0.67 31.10
C LEU M 379 -19.39 0.65 30.30
N GLU M 380 -20.23 1.68 30.47
CA GLU M 380 -21.54 1.66 29.85
C GLU M 380 -21.42 1.50 28.34
N GLN M 381 -20.37 2.05 27.74
CA GLN M 381 -20.13 1.79 26.33
C GLN M 381 -19.93 0.31 26.08
N GLN M 382 -19.19 -0.36 26.96
CA GLN M 382 -18.97 -1.79 26.76
C GLN M 382 -20.26 -2.57 26.93
N GLY M 383 -21.13 -2.15 27.85
CA GLY M 383 -22.42 -2.80 27.94
C GLY M 383 -23.23 -2.65 26.66
N LEU M 384 -23.26 -1.43 26.13
CA LEU M 384 -23.97 -1.19 24.88
C LEU M 384 -23.36 -2.03 23.76
N PHE M 385 -22.04 -2.23 23.81
CA PHE M 385 -21.36 -3.06 22.82
C PHE M 385 -21.96 -4.46 22.78
N ALA M 386 -22.09 -5.08 23.95
CA ALA M 386 -22.67 -6.41 24.01
C ALA M 386 -24.11 -6.40 23.52
N ILE M 387 -24.88 -5.40 23.92
CA ILE M 387 -26.28 -5.39 23.51
C ILE M 387 -26.40 -5.33 22.00
N GLY M 388 -25.57 -4.48 21.38
CA GLY M 388 -25.57 -4.41 19.94
C GLY M 388 -25.16 -5.73 19.31
N TYR M 389 -24.16 -6.38 19.88
CA TYR M 389 -23.76 -7.69 19.38
C TYR M 389 -24.95 -8.64 19.36
N TYR M 390 -25.69 -8.70 20.46
CA TYR M 390 -26.77 -9.67 20.54
C TYR M 390 -27.89 -9.34 19.57
N HIS M 391 -28.35 -8.09 19.54
CA HIS M 391 -29.34 -7.72 18.54
C HIS M 391 -28.89 -8.06 17.14
N GLU M 392 -27.67 -7.69 16.78
CA GLU M 392 -27.25 -7.87 15.40
C GLU M 392 -27.16 -9.34 15.03
N THR M 393 -26.64 -10.17 15.94
CA THR M 393 -26.59 -11.60 15.66
C THR M 393 -27.99 -12.18 15.47
N GLN M 394 -28.92 -11.83 16.37
CA GLN M 394 -30.26 -12.38 16.23
C GLN M 394 -30.94 -11.84 14.98
N PHE M 395 -30.47 -10.70 14.48
CA PHE M 395 -30.99 -10.20 13.21
C PHE M 395 -30.45 -11.00 12.04
N LEU M 396 -29.17 -11.36 12.08
CA LEU M 396 -28.58 -12.01 10.92
C LEU M 396 -29.13 -13.42 10.72
N PHE M 397 -29.28 -14.18 11.81
CA PHE M 397 -29.91 -15.49 11.67
C PHE M 397 -31.35 -15.43 11.21
N THR M 398 -32.00 -14.27 11.28
CA THR M 398 -33.35 -14.15 10.77
C THR M 398 -33.38 -14.59 9.31
N LYS M 399 -34.45 -15.28 8.93
CA LYS M 399 -34.41 -16.15 7.76
C LYS M 399 -34.10 -15.38 6.49
N ASP M 400 -34.75 -14.24 6.28
CA ASP M 400 -34.68 -13.56 4.99
C ASP M 400 -34.49 -12.06 5.10
N ALA M 401 -34.60 -11.49 6.30
CA ALA M 401 -34.60 -10.04 6.44
C ALA M 401 -33.39 -9.42 5.79
N LEU M 402 -32.24 -10.11 5.86
CA LEU M 402 -31.05 -9.61 5.19
C LEU M 402 -31.29 -9.41 3.71
N LYS M 403 -31.82 -10.44 3.04
CA LYS M 403 -32.00 -10.38 1.60
C LYS M 403 -33.05 -9.34 1.23
N ASN M 404 -34.10 -9.20 2.05
CA ASN M 404 -35.12 -8.21 1.77
C ASN M 404 -34.55 -6.80 1.88
N LEU M 405 -33.84 -6.54 2.98
CA LEU M 405 -33.19 -5.24 3.17
C LEU M 405 -32.25 -4.94 2.01
N PHE M 406 -31.48 -5.92 1.58
CA PHE M 406 -30.60 -5.72 0.44
C PHE M 406 -31.40 -5.40 -0.82
N ASN M 407 -32.49 -6.12 -1.05
CA ASN M 407 -33.31 -5.87 -2.22
C ASN M 407 -33.85 -4.46 -2.21
N GLU M 408 -34.10 -3.92 -1.02
CA GLU M 408 -34.60 -2.56 -0.91
C GLU M 408 -33.65 -1.56 -1.56
N ALA M 409 -32.36 -1.86 -1.58
CA ALA M 409 -31.37 -0.98 -2.18
C ALA M 409 -31.18 -1.28 -3.65
N GLY N 1 38.76 24.73 -28.14
CA GLY N 1 38.56 26.14 -28.45
C GLY N 1 38.89 26.46 -29.89
N LEU N 2 40.13 26.86 -30.14
CA LEU N 2 40.59 27.15 -31.49
C LEU N 2 41.74 26.22 -31.81
N ASP N 3 41.57 25.39 -32.83
CA ASP N 3 42.61 24.47 -33.26
C ASP N 3 43.22 25.01 -34.55
N ARG N 4 44.47 25.47 -34.46
CA ARG N 4 45.11 26.07 -35.62
C ARG N 4 45.39 25.02 -36.69
N ASN N 5 45.73 23.80 -36.28
CA ASN N 5 46.05 22.72 -37.21
C ASN N 5 44.84 21.80 -37.43
N ARG N 6 43.81 22.37 -38.07
CA ARG N 6 42.64 21.56 -38.38
C ARG N 6 42.82 20.76 -39.67
N GLN N 7 43.68 21.24 -40.57
CA GLN N 7 43.89 20.62 -41.87
C GLN N 7 42.58 20.52 -42.65
N ASP N 8 41.75 21.55 -42.55
CA ASP N 8 40.49 21.63 -43.26
C ASP N 8 40.53 22.85 -44.18
N ILE N 9 40.17 22.64 -45.44
CA ILE N 9 40.22 23.74 -46.40
C ILE N 9 39.27 24.85 -45.99
N GLY N 10 38.03 24.51 -45.69
CA GLY N 10 37.07 25.52 -45.25
C GLY N 10 37.53 26.21 -43.99
N TYR N 11 38.10 25.46 -43.05
CA TYR N 11 38.56 26.05 -41.80
C TYR N 11 39.59 27.13 -42.07
N VAL N 12 40.59 26.82 -42.90
CA VAL N 12 41.69 27.75 -43.13
C VAL N 12 41.21 28.94 -43.97
N LEU N 13 40.27 28.71 -44.89
CA LEU N 13 39.71 29.85 -45.61
C LEU N 13 38.99 30.79 -44.66
N GLY N 14 38.24 30.24 -43.71
CA GLY N 14 37.63 31.06 -42.69
C GLY N 14 38.67 31.80 -41.85
N ARG N 15 39.79 31.14 -41.58
CA ARG N 15 40.89 31.81 -40.90
C ARG N 15 41.36 33.02 -41.69
N LEU N 16 41.52 32.86 -43.01
CA LEU N 16 41.98 33.96 -43.84
C LEU N 16 40.98 35.11 -43.84
N PHE N 17 39.69 34.81 -43.92
CA PHE N 17 38.70 35.88 -43.83
C PHE N 17 38.70 36.53 -42.46
N ALA N 18 39.00 35.77 -41.41
CA ALA N 18 39.09 36.38 -40.09
C ALA N 18 40.23 37.38 -40.02
N VAL N 19 41.40 37.01 -40.55
CA VAL N 19 42.53 37.93 -40.51
C VAL N 19 42.28 39.14 -41.40
N LEU N 20 41.60 38.93 -42.53
CA LEU N 20 41.28 40.06 -43.39
C LEU N 20 40.28 40.99 -42.73
N GLU N 21 39.32 40.43 -41.99
CA GLU N 21 38.40 41.25 -41.22
C GLU N 21 39.15 42.04 -40.16
N LYS N 22 40.14 41.43 -39.53
CA LYS N 22 41.01 42.18 -38.62
C LYS N 22 41.66 43.35 -39.33
N ILE N 23 42.20 43.10 -40.52
CA ILE N 23 42.90 44.15 -41.26
C ILE N 23 41.96 45.31 -41.53
N GLN N 24 40.76 45.01 -42.02
CA GLN N 24 39.81 46.08 -42.32
C GLN N 24 39.37 46.80 -41.06
N ALA N 25 39.12 46.06 -39.98
CA ALA N 25 38.65 46.68 -38.75
C ALA N 25 39.70 47.64 -38.19
N GLU N 26 40.96 47.24 -38.22
CA GLU N 26 42.02 48.10 -37.72
C GLU N 26 42.48 49.13 -38.75
N ALA N 27 42.01 49.04 -39.99
CA ALA N 27 42.35 50.07 -40.97
C ALA N 27 41.80 51.43 -40.57
N ASN N 28 40.55 51.47 -40.11
CA ASN N 28 39.94 52.71 -39.66
C ASN N 28 38.79 52.39 -38.71
N PRO N 29 38.87 52.82 -37.45
CA PRO N 29 37.74 52.62 -36.53
C PRO N 29 36.48 53.36 -36.94
N GLY N 30 36.58 54.39 -37.80
CA GLY N 30 35.44 55.13 -38.26
C GLY N 30 34.77 54.60 -39.51
N LEU N 31 35.28 53.51 -40.09
CA LEU N 31 34.72 52.95 -41.31
C LEU N 31 33.86 51.74 -40.95
N ASN N 32 32.57 51.81 -41.29
CA ASN N 32 31.63 50.74 -40.99
C ASN N 32 31.34 49.83 -42.19
N ALA N 33 31.92 50.13 -43.36
CA ALA N 33 31.68 49.35 -44.56
C ALA N 33 32.44 48.02 -44.47
N THR N 34 31.93 47.15 -43.61
CA THR N 34 32.58 45.87 -43.37
C THR N 34 32.51 44.99 -44.60
N ILE N 35 33.68 44.64 -45.14
CA ILE N 35 33.75 43.85 -46.36
C ILE N 35 33.16 42.46 -46.15
N ALA N 36 33.25 41.94 -44.92
CA ALA N 36 32.60 40.68 -44.62
C ALA N 36 31.11 40.75 -44.90
N ASP N 37 30.44 41.77 -44.35
CA ASP N 37 29.01 41.91 -44.59
C ASP N 37 28.70 42.06 -46.07
N ARG N 38 29.71 42.46 -46.86
CA ARG N 38 29.50 42.58 -48.30
C ARG N 38 29.60 41.23 -49.00
N TYR N 39 30.61 40.43 -48.64
CA TYR N 39 31.06 39.35 -49.52
C TYR N 39 31.06 37.99 -48.84
N PHE N 40 30.50 37.88 -47.64
CA PHE N 40 30.69 36.68 -46.84
C PHE N 40 30.04 35.46 -47.48
N GLY N 41 28.80 35.59 -47.96
CA GLY N 41 28.11 34.43 -48.51
C GLY N 41 28.75 33.92 -49.78
N SER N 42 29.07 34.84 -50.70
CA SER N 42 29.75 34.46 -51.92
C SER N 42 31.10 33.86 -51.62
N ALA N 43 31.82 34.43 -50.67
CA ALA N 43 33.13 33.90 -50.30
C ALA N 43 33.01 32.48 -49.76
N SER N 44 32.03 32.24 -48.90
CA SER N 44 31.80 30.90 -48.38
C SER N 44 31.51 29.94 -49.53
N SER N 45 30.59 30.31 -50.41
CA SER N 45 30.25 29.44 -51.53
C SER N 45 31.39 29.38 -52.55
N THR N 46 31.92 30.52 -52.94
CA THR N 46 32.90 30.62 -54.03
C THR N 46 34.07 31.48 -53.60
N PRO N 47 35.00 30.90 -52.84
CA PRO N 47 36.21 31.66 -52.46
C PRO N 47 37.05 32.09 -53.65
N ILE N 48 36.98 31.33 -54.74
CA ILE N 48 37.87 31.58 -55.89
C ILE N 48 37.63 32.97 -56.45
N ALA N 49 36.37 33.41 -56.46
CA ALA N 49 36.06 34.73 -56.99
C ALA N 49 36.70 35.84 -56.16
N VAL N 50 36.67 35.70 -54.84
CA VAL N 50 36.93 36.83 -53.95
C VAL N 50 38.40 36.89 -53.54
N PHE N 51 39.08 35.73 -53.61
CA PHE N 51 40.45 35.67 -53.12
C PHE N 51 41.37 36.62 -53.86
N GLY N 52 41.25 36.69 -55.19
CA GLY N 52 42.14 37.55 -55.95
C GLY N 52 42.02 39.01 -55.57
N THR N 53 40.78 39.51 -55.52
CA THR N 53 40.58 40.91 -55.18
C THR N 53 40.99 41.20 -53.75
N LEU N 54 40.70 40.28 -52.81
CA LEU N 54 41.10 40.49 -51.44
C LEU N 54 42.62 40.57 -51.32
N MET N 55 43.34 39.69 -52.01
CA MET N 55 44.80 39.73 -51.97
C MET N 55 45.33 41.00 -52.61
N ARG N 56 44.72 41.44 -53.72
CA ARG N 56 45.20 42.66 -54.38
C ARG N 56 44.99 43.88 -53.49
N LEU N 57 43.90 43.92 -52.74
CA LEU N 57 43.62 45.07 -51.88
C LEU N 57 44.23 44.94 -50.49
N LEU N 58 44.77 43.78 -50.14
CA LEU N 58 45.39 43.61 -48.82
C LEU N 58 46.55 44.57 -48.57
N PRO N 59 47.56 44.69 -49.44
CA PRO N 59 48.65 45.61 -49.14
C PRO N 59 48.21 47.05 -49.01
N HIS N 60 47.19 47.46 -49.78
CA HIS N 60 46.71 48.83 -49.68
C HIS N 60 46.09 49.10 -48.31
N HIS N 61 45.30 48.16 -47.81
CA HIS N 61 44.73 48.30 -46.47
C HIS N 61 45.82 48.24 -45.42
N LEU N 62 46.89 47.49 -45.68
CA LEU N 62 48.06 47.54 -44.80
C LEU N 62 48.67 48.94 -44.80
N ASN N 63 48.72 49.58 -45.97
CA ASN N 63 49.24 50.93 -46.06
C ASN N 63 48.37 51.91 -45.27
N LYS N 64 47.06 51.71 -45.30
CA LYS N 64 46.16 52.60 -44.58
C LYS N 64 46.43 52.57 -43.08
N LEU N 65 47.10 51.52 -42.60
CA LEU N 65 47.42 51.39 -41.19
C LEU N 65 48.46 52.42 -40.76
N GLU N 68 52.86 49.79 -34.66
CA GLU N 68 52.88 49.15 -35.96
C GLU N 68 53.20 47.67 -35.83
N GLY N 69 53.37 47.23 -34.59
CA GLY N 69 53.64 45.81 -34.35
C GLY N 69 52.48 44.93 -34.75
N ARG N 70 51.25 45.41 -34.55
CA ARG N 70 50.08 44.58 -34.83
C ARG N 70 50.02 44.18 -36.29
N ALA N 71 50.28 45.13 -37.20
CA ALA N 71 50.20 44.85 -38.62
C ALA N 71 51.16 43.74 -39.01
N VAL N 72 52.39 43.81 -38.51
CA VAL N 72 53.40 42.87 -38.99
C VAL N 72 53.25 41.51 -38.32
N GLN N 73 52.83 41.48 -37.04
CA GLN N 73 52.58 40.17 -36.44
C GLN N 73 51.39 39.49 -37.09
N LEU N 74 50.36 40.27 -37.45
CA LEU N 74 49.27 39.69 -38.23
C LEU N 74 49.75 39.25 -39.59
N GLN N 75 50.77 39.93 -40.14
CA GLN N 75 51.35 39.48 -41.39
C GLN N 75 51.99 38.10 -41.24
N TRP N 76 52.76 37.88 -40.17
CA TRP N 76 53.28 36.53 -39.95
C TRP N 76 52.17 35.53 -39.71
N GLU N 77 51.09 35.94 -39.06
CA GLU N 77 49.96 35.04 -38.88
C GLU N 77 49.36 34.64 -40.22
N ILE N 78 49.22 35.61 -41.13
CA ILE N 78 48.71 35.33 -42.46
C ILE N 78 49.63 34.38 -43.20
N ARG N 79 50.94 34.60 -43.09
CA ARG N 79 51.89 33.71 -43.73
C ARG N 79 51.76 32.29 -43.19
N GLN N 80 51.63 32.17 -41.86
CA GLN N 80 51.53 30.86 -41.23
C GLN N 80 50.29 30.12 -41.71
N ILE N 81 49.16 30.84 -41.80
CA ILE N 81 47.94 30.20 -42.26
C ILE N 81 48.04 29.81 -43.73
N LEU N 82 48.57 30.72 -44.57
CA LEU N 82 48.66 30.43 -46.00
C LEU N 82 49.63 29.29 -46.27
N GLU N 83 50.57 29.04 -45.36
CA GLU N 83 51.56 27.98 -45.57
C GLU N 83 50.90 26.65 -45.90
N HIS N 84 49.78 26.34 -45.26
CA HIS N 84 49.05 25.12 -45.56
C HIS N 84 48.28 25.26 -46.87
N ASN N 93 32.24 21.93 -51.22
CA ASN N 93 30.81 21.66 -51.22
C ASN N 93 30.13 22.22 -49.97
N LEU N 94 29.32 21.38 -49.30
CA LEU N 94 28.45 21.85 -48.23
C LEU N 94 29.07 21.71 -46.84
N GLU N 95 29.65 20.55 -46.50
CA GLU N 95 30.31 20.42 -45.20
C GLU N 95 31.49 21.36 -45.11
N GLN N 96 32.08 21.68 -46.26
CA GLN N 96 33.11 22.71 -46.29
C GLN N 96 32.57 24.03 -45.81
N GLN N 97 31.28 24.31 -46.09
CA GLN N 97 30.68 25.54 -45.60
C GLN N 97 30.64 25.58 -44.08
N GLY N 98 30.26 24.47 -43.45
CA GLY N 98 30.26 24.42 -42.00
C GLY N 98 31.65 24.59 -41.42
N LEU N 99 32.64 23.90 -42.01
CA LEU N 99 34.01 24.07 -41.56
C LEU N 99 34.46 25.52 -41.72
N PHE N 100 34.10 26.15 -42.83
CA PHE N 100 34.45 27.55 -43.07
C PHE N 100 33.89 28.45 -41.98
N ALA N 101 32.58 28.31 -41.70
CA ALA N 101 31.97 29.18 -40.71
C ALA N 101 32.59 28.97 -39.34
N ILE N 102 32.78 27.71 -38.95
CA ILE N 102 33.25 27.44 -37.59
C ILE N 102 34.69 27.90 -37.43
N GLY N 103 35.52 27.73 -38.47
CA GLY N 103 36.88 28.22 -38.40
C GLY N 103 36.96 29.72 -38.36
N TYR N 104 36.17 30.39 -39.22
CA TYR N 104 36.12 31.85 -39.20
C TYR N 104 35.79 32.37 -37.82
N TYR N 105 34.77 31.79 -37.18
CA TYR N 105 34.39 32.27 -35.85
C TYR N 105 35.36 31.85 -34.76
N HIS N 106 35.98 30.68 -34.84
CA HIS N 106 36.97 30.34 -33.84
C HIS N 106 38.15 31.31 -33.89
N GLU N 107 38.62 31.61 -35.10
CA GLU N 107 39.65 32.64 -35.24
C GLU N 107 39.16 33.99 -34.74
N THR N 108 37.91 34.34 -35.03
CA THR N 108 37.41 35.66 -34.62
C THR N 108 37.42 35.80 -33.11
N GLN N 109 36.92 34.80 -32.40
CA GLN N 109 36.97 34.84 -30.94
C GLN N 109 38.40 34.86 -30.44
N PHE N 110 39.28 34.07 -31.07
CA PHE N 110 40.68 34.06 -30.68
C PHE N 110 41.30 35.44 -30.81
N LEU N 111 41.05 36.12 -31.92
CA LEU N 111 41.66 37.42 -32.19
C LEU N 111 40.98 38.56 -31.45
N PHE N 112 39.77 38.34 -30.94
CA PHE N 112 39.12 39.33 -30.10
C PHE N 112 39.75 39.39 -28.71
N THR N 113 40.74 38.55 -28.44
CA THR N 113 41.38 38.50 -27.13
C THR N 113 42.14 39.80 -26.89
N LYS N 114 42.30 40.14 -25.61
CA LYS N 114 42.92 41.41 -25.24
C LYS N 114 44.35 41.51 -25.75
N ASP N 115 45.25 40.63 -25.28
CA ASP N 115 46.65 40.76 -25.67
C ASP N 115 47.33 39.42 -25.94
N ALA N 116 46.58 38.33 -26.13
CA ALA N 116 47.22 37.04 -26.38
C ALA N 116 48.06 37.07 -27.65
N LEU N 117 47.71 37.95 -28.59
CA LEU N 117 48.47 38.07 -29.82
C LEU N 117 49.92 38.43 -29.54
N LYS N 118 50.14 39.37 -28.63
CA LYS N 118 51.50 39.73 -28.26
C LYS N 118 52.24 38.55 -27.63
N ASN N 119 51.53 37.78 -26.79
CA ASN N 119 52.16 36.64 -26.13
C ASN N 119 52.62 35.60 -27.15
N LEU N 120 51.73 35.24 -28.08
CA LEU N 120 52.09 34.24 -29.08
C LEU N 120 53.17 34.78 -30.03
N PHE N 121 53.13 36.08 -30.33
CA PHE N 121 54.16 36.67 -31.17
C PHE N 121 55.52 36.61 -30.50
N ASN N 122 55.56 36.89 -29.19
CA ASN N 122 56.81 36.75 -28.45
C ASN N 122 57.28 35.30 -28.44
N GLU N 123 56.35 34.36 -28.25
CA GLU N 123 56.71 32.95 -28.35
C GLU N 123 57.10 32.59 -29.78
N ALA N 124 56.42 33.15 -30.76
CA ALA N 124 56.73 32.92 -32.17
C ALA N 124 56.13 34.01 -33.05
N SER O 1 -32.49 -47.79 50.65
CA SER O 1 -33.58 -46.83 50.76
C SER O 1 -33.37 -45.69 49.78
N MET O 2 -33.01 -44.52 50.30
CA MET O 2 -32.71 -43.35 49.49
C MET O 2 -31.20 -43.16 49.44
N TYR O 3 -30.62 -43.39 48.27
CA TYR O 3 -29.17 -43.22 48.12
C TYR O 3 -28.84 -41.79 47.72
N ALA O 4 -27.77 -41.27 48.32
CA ALA O 4 -27.37 -39.88 48.08
C ALA O 4 -25.88 -39.73 48.41
N ILE O 5 -25.43 -38.49 48.43
CA ILE O 5 -24.01 -38.17 48.57
C ILE O 5 -23.80 -37.22 49.74
N ARG O 6 -22.81 -37.53 50.56
CA ARG O 6 -22.35 -36.66 51.63
C ARG O 6 -21.27 -35.76 51.06
N LYS O 7 -21.29 -34.48 51.46
CA LYS O 7 -20.36 -33.49 50.96
C LYS O 7 -19.55 -32.92 52.11
N ILE O 8 -18.24 -32.90 51.96
CA ILE O 8 -17.34 -32.33 52.95
C ILE O 8 -16.48 -31.29 52.25
N GLN O 9 -16.14 -30.22 52.96
CA GLN O 9 -15.34 -29.13 52.41
C GLN O 9 -14.30 -28.72 53.42
N PHE O 10 -13.04 -28.72 53.01
CA PHE O 10 -11.91 -28.42 53.87
C PHE O 10 -11.43 -27.02 53.58
N PHE O 11 -11.36 -26.19 54.63
CA PHE O 11 -10.83 -24.86 54.45
C PHE O 11 -9.44 -24.74 55.08
N TYR O 12 -8.70 -23.74 54.64
CA TYR O 12 -7.46 -23.46 55.33
C TYR O 12 -7.77 -22.98 56.74
N GLY O 13 -6.89 -23.36 57.67
CA GLY O 13 -7.26 -23.38 59.06
C GLY O 13 -8.01 -24.68 59.29
N PRO O 14 -7.67 -25.39 60.36
CA PRO O 14 -8.10 -26.80 60.45
C PRO O 14 -9.60 -27.01 60.34
N THR O 15 -10.39 -25.95 60.42
CA THR O 15 -11.83 -26.08 60.33
C THR O 15 -12.26 -26.61 58.96
N ASP O 16 -13.50 -27.09 58.90
CA ASP O 16 -14.08 -27.66 57.69
C ASP O 16 -15.54 -27.97 57.99
N LYS O 17 -16.38 -28.01 56.95
CA LYS O 17 -17.80 -28.19 57.21
C LYS O 17 -18.42 -29.19 56.24
N LYS O 18 -19.61 -29.66 56.61
CA LYS O 18 -20.29 -30.74 55.91
C LYS O 18 -21.69 -30.31 55.47
N SER O 19 -22.06 -30.74 54.28
CA SER O 19 -23.42 -30.61 53.77
C SER O 19 -23.60 -31.59 52.63
N TYR O 20 -24.85 -31.98 52.38
CA TYR O 20 -25.14 -32.90 51.29
C TYR O 20 -25.01 -32.22 49.94
N VAL O 21 -25.41 -32.96 48.90
CA VAL O 21 -25.52 -32.39 47.57
C VAL O 21 -26.98 -32.03 47.30
N GLY O 22 -27.19 -31.03 46.45
CA GLY O 22 -28.53 -30.61 46.10
C GLY O 22 -29.15 -29.57 47.01
N GLU O 23 -28.36 -28.95 47.89
CA GLU O 23 -28.83 -27.87 48.75
C GLU O 23 -28.64 -26.50 48.11
N GLU O 24 -28.28 -26.46 46.82
CA GLU O 24 -28.05 -25.19 46.16
C GLU O 24 -29.34 -24.44 45.91
N ALA O 25 -30.35 -25.13 45.39
CA ALA O 25 -31.52 -24.45 44.81
C ALA O 25 -32.81 -24.79 45.54
N GLY O 26 -33.94 -24.36 44.97
CA GLY O 26 -35.22 -24.57 45.61
C GLY O 26 -35.51 -26.04 45.88
N GLY O 27 -35.08 -26.91 44.96
CA GLY O 27 -35.17 -28.33 45.23
C GLY O 27 -34.34 -28.71 46.45
N ARG O 28 -34.90 -29.60 47.27
CA ARG O 28 -34.19 -30.12 48.42
C ARG O 28 -33.03 -31.00 47.97
N ARG O 29 -32.35 -31.61 48.96
CA ARG O 29 -31.29 -32.55 48.66
C ARG O 29 -31.82 -33.66 47.76
N GLU O 30 -31.03 -34.04 46.77
CA GLU O 30 -31.54 -34.92 45.73
C GLU O 30 -31.38 -36.38 46.13
N LEU O 31 -32.33 -37.20 45.71
CA LEU O 31 -32.40 -38.61 46.10
C LEU O 31 -32.26 -39.50 44.88
N PHE O 32 -31.36 -40.46 44.95
CA PHE O 32 -31.19 -41.48 43.92
C PHE O 32 -31.58 -42.83 44.52
N LYS O 33 -32.35 -43.61 43.77
CA LYS O 33 -32.68 -44.96 44.22
C LYS O 33 -31.46 -45.87 44.21
N THR O 34 -30.74 -45.91 43.09
CA THR O 34 -29.67 -46.88 42.95
C THR O 34 -28.31 -46.23 43.18
N ARG O 35 -27.39 -47.03 43.73
CA ARG O 35 -26.04 -46.53 43.95
C ARG O 35 -25.33 -46.23 42.64
N ALA O 36 -25.79 -46.83 41.54
CA ALA O 36 -25.18 -46.57 40.24
C ALA O 36 -25.37 -45.11 39.81
N GLU O 37 -26.58 -44.58 40.03
CA GLU O 37 -26.80 -43.17 39.74
C GLU O 37 -25.89 -42.29 40.58
N ALA O 38 -25.71 -42.65 41.85
CA ALA O 38 -24.81 -41.89 42.71
C ALA O 38 -23.38 -41.97 42.20
N GLN O 39 -22.94 -43.15 41.75
CA GLN O 39 -21.59 -43.28 41.23
C GLN O 39 -21.39 -42.42 40.00
N ALA O 40 -22.35 -42.45 39.08
CA ALA O 40 -22.27 -41.59 37.90
C ALA O 40 -22.24 -40.12 38.29
N ARG O 41 -23.04 -39.76 39.29
CA ARG O 41 -23.11 -38.38 39.76
C ARG O 41 -21.76 -37.94 40.31
N ILE O 42 -21.13 -38.80 41.11
CA ILE O 42 -19.79 -38.54 41.60
C ILE O 42 -18.83 -38.34 40.45
N GLU O 43 -18.91 -39.21 39.45
CA GLU O 43 -18.01 -39.09 38.32
C GLU O 43 -18.18 -37.74 37.62
N ASP O 44 -19.43 -37.34 37.36
CA ASP O 44 -19.62 -36.13 36.57
C ASP O 44 -19.25 -34.87 37.36
N LEU O 45 -19.37 -34.91 38.69
CA LEU O 45 -18.77 -33.82 39.47
C LEU O 45 -17.25 -33.86 39.43
N GLU O 46 -16.67 -35.04 39.42
CA GLU O 46 -15.21 -35.09 39.36
C GLU O 46 -14.69 -34.64 38.00
N GLU O 47 -15.54 -34.66 36.97
CA GLU O 47 -15.08 -34.42 35.59
C GLU O 47 -14.42 -33.06 35.44
N GLY O 48 -15.13 -31.99 35.80
CA GLY O 48 -14.72 -30.67 35.38
C GLY O 48 -13.59 -30.09 36.21
N VAL O 49 -13.10 -28.95 35.74
CA VAL O 49 -12.15 -28.17 36.52
C VAL O 49 -12.87 -27.67 37.76
N TYR O 50 -12.14 -27.57 38.87
CA TYR O 50 -12.70 -27.09 40.12
C TYR O 50 -12.14 -25.70 40.44
N TYR O 51 -13.04 -24.75 40.68
CA TYR O 51 -12.66 -23.37 40.93
C TYR O 51 -12.75 -23.11 42.43
N LEU O 52 -11.60 -22.92 43.06
CA LEU O 52 -11.57 -22.74 44.50
C LEU O 52 -12.33 -21.48 44.90
N ALA O 53 -12.89 -21.50 46.09
CA ALA O 53 -13.42 -20.30 46.70
C ALA O 53 -12.32 -19.61 47.50
N HIS O 54 -12.69 -18.65 48.33
CA HIS O 54 -11.71 -18.04 49.21
C HIS O 54 -11.42 -18.94 50.40
N ASN O 55 -10.16 -18.94 50.83
CA ASN O 55 -9.74 -19.65 52.04
C ASN O 55 -10.10 -21.13 51.97
N GLU O 56 -9.94 -21.73 50.80
CA GLU O 56 -10.27 -23.13 50.58
C GLU O 56 -8.98 -23.90 50.41
N SER O 57 -8.89 -25.08 51.03
CA SER O 57 -7.62 -25.81 51.05
C SER O 57 -7.43 -26.63 49.78
N GLY O 58 -8.30 -27.62 49.56
CA GLY O 58 -8.10 -28.56 48.46
C GLY O 58 -9.42 -29.04 47.90
N ARG O 59 -9.31 -29.87 46.86
CA ARG O 59 -10.50 -30.36 46.18
C ARG O 59 -11.36 -31.16 47.13
N PRO O 60 -12.69 -31.00 47.09
CA PRO O 60 -13.54 -31.64 48.08
C PRO O 60 -13.53 -33.15 47.94
N ASP O 61 -14.04 -33.82 48.97
CA ASP O 61 -14.19 -35.26 48.96
C ASP O 61 -15.67 -35.60 49.02
N TYR O 62 -16.12 -36.46 48.11
CA TYR O 62 -17.47 -36.99 48.14
C TYR O 62 -17.42 -38.43 48.62
N LYS O 63 -18.37 -38.82 49.46
CA LYS O 63 -18.57 -40.23 49.74
C LYS O 63 -20.05 -40.55 49.58
N ILE O 64 -20.34 -41.82 49.36
CA ILE O 64 -21.67 -42.29 48.98
C ILE O 64 -22.38 -42.75 50.25
N VAL O 65 -23.69 -42.54 50.31
CA VAL O 65 -24.48 -42.88 51.48
C VAL O 65 -25.91 -43.17 51.04
N TRP O 66 -26.54 -44.17 51.67
CA TRP O 66 -27.97 -44.38 51.51
C TRP O 66 -28.65 -43.83 52.76
N VAL O 67 -29.63 -42.95 52.52
CA VAL O 67 -30.41 -42.42 53.63
C VAL O 67 -31.73 -43.16 53.71
N ARG O 68 -32.20 -43.39 54.93
CA ARG O 68 -33.49 -44.03 55.12
C ARG O 68 -34.59 -43.23 54.45
N GLY O 69 -35.49 -43.92 53.75
CA GLY O 69 -36.52 -43.28 52.95
C GLY O 69 -37.38 -42.31 53.73
N GLU O 70 -37.41 -41.06 53.28
CA GLU O 70 -38.15 -40.01 53.96
C GLU O 70 -39.65 -40.21 53.86
#